data_2NVA
#
_entry.id   2NVA
#
_cell.length_a   116.206
_cell.length_b   117.275
_cell.length_c   268.650
_cell.angle_alpha   90.00
_cell.angle_beta   90.00
_cell.angle_gamma   90.00
#
_symmetry.space_group_name_H-M   'P 21 21 21'
#
loop_
_entity.id
_entity.type
_entity.pdbx_description
1 polymer 'arginine decarboxylase, A207R protein'
2 non-polymer '(4-{[(4-{[AMINO(IMINO)METHYL]AMINO}BUTYL)AMINO]METHYL}-5-HYDROXY-6-METHYLPYRIDIN-3-YL)METHYL DIHYDROGEN PHOSPHATE'
3 water water
#
_entity_poly.entity_id   1
_entity_poly.type   'polypeptide(L)'
_entity_poly.pdbx_seq_one_letter_code
;MNSVVNNILKAHPHQTKSFYVSSPKIVEDLIDQWTILFPRVTPHYAVKCNNDEVLLKTMCDKNVNFDCASSSEIKKVIQI
GVSPSRIIFAHTMKTIDDLIFAKDQGVDIATFDSSFELDKIHTYHPNCKMILRIRCDDPNATVQLGNKFGANEDEIRHLL
EYAKQLDIEVIGISFHVGSGSRNPEAYYRAIKSSKEAFNEAISVGHKPYILDIGGGLHADIDEGELSTYMSDYINDAIKD
FFPEDTVTIVAEPGRFFAEHYSVLATQVIGKRVRDGLYEYFFNESTYGGFSNVIFEKSVPTPQLLRDVPDDEEYVPSVLY
GCTCDGVDVINHNVALPELHIGDWVYFPSWGAYTNVLTTSFNGFGEYDVYYI
;
_entity_poly.pdbx_strand_id   A,B,C,D,E,F,G,H
#
loop_
_chem_comp.id
_chem_comp.type
_chem_comp.name
_chem_comp.formula
PL2 non-polymer '(4-{[(4-{[AMINO(IMINO)METHYL]AMINO}BUTYL)AMINO]METHYL}-5-HYDROXY-6-METHYLPYRIDIN-3-YL)METHYL DIHYDROGEN PHOSPHATE' 'C13 H24 N5 O5 P'
#
# COMPACT_ATOMS: atom_id res chain seq x y z
N MET A 1 -9.01 23.73 -60.51
CA MET A 1 -9.26 22.62 -59.54
C MET A 1 -10.20 23.05 -58.41
N ASN A 2 -10.02 24.28 -57.93
CA ASN A 2 -10.92 24.84 -56.92
C ASN A 2 -12.38 24.82 -57.42
N SER A 3 -12.57 25.20 -58.68
CA SER A 3 -13.89 25.19 -59.32
C SER A 3 -14.49 23.77 -59.47
N VAL A 4 -13.68 22.84 -59.97
CA VAL A 4 -14.08 21.44 -60.16
C VAL A 4 -14.52 20.78 -58.85
N VAL A 5 -13.70 20.92 -57.79
CA VAL A 5 -14.04 20.32 -56.50
C VAL A 5 -15.32 20.93 -55.93
N ASN A 6 -15.42 22.26 -56.03
CA ASN A 6 -16.63 22.95 -55.61
C ASN A 6 -17.85 22.46 -56.38
N ASN A 7 -17.70 22.20 -57.68
CA ASN A 7 -18.81 21.68 -58.46
C ASN A 7 -19.22 20.27 -58.04
N ILE A 8 -18.24 19.44 -57.70
CA ILE A 8 -18.51 18.09 -57.19
C ILE A 8 -19.32 18.16 -55.89
N LEU A 9 -18.93 19.06 -55.00
CA LEU A 9 -19.61 19.21 -53.72
C LEU A 9 -21.06 19.68 -53.91
N LYS A 10 -21.28 20.57 -54.88
CA LYS A 10 -22.64 21.06 -55.15
C LYS A 10 -23.51 19.99 -55.79
N ALA A 11 -22.90 19.16 -56.62
CA ALA A 11 -23.59 18.07 -57.31
C ALA A 11 -23.84 16.86 -56.39
N HIS A 12 -23.00 16.73 -55.35
CA HIS A 12 -23.11 15.64 -54.37
C HIS A 12 -23.21 16.25 -52.96
N PRO A 13 -24.34 16.92 -52.66
CA PRO A 13 -24.44 17.64 -51.40
C PRO A 13 -24.42 16.74 -50.16
N HIS A 14 -24.58 15.44 -50.35
CA HIS A 14 -24.54 14.53 -49.20
C HIS A 14 -23.22 13.80 -49.07
N GLN A 15 -22.21 14.32 -49.77
CA GLN A 15 -20.85 13.81 -49.62
C GLN A 15 -20.40 13.90 -48.16
N THR A 16 -19.94 12.79 -47.58
CA THR A 16 -19.41 12.85 -46.22
C THR A 16 -17.96 12.40 -46.12
N LYS A 17 -17.62 11.30 -46.79
CA LYS A 17 -16.24 10.78 -46.79
C LYS A 17 -15.29 11.75 -47.50
N SER A 18 -14.01 11.69 -47.12
CA SER A 18 -12.99 12.39 -47.90
C SER A 18 -12.97 11.78 -49.30
N PHE A 19 -12.46 12.52 -50.28
CA PHE A 19 -12.49 12.01 -51.66
C PHE A 19 -11.31 12.50 -52.50
N TYR A 20 -10.80 11.60 -53.32
CA TYR A 20 -9.78 11.93 -54.31
C TYR A 20 -10.47 12.42 -55.56
N VAL A 21 -9.92 13.47 -56.17
CA VAL A 21 -10.36 13.89 -57.52
C VAL A 21 -9.19 13.63 -58.44
N SER A 22 -9.37 12.68 -59.35
CA SER A 22 -8.27 12.16 -60.16
C SER A 22 -8.46 12.51 -61.62
N SER A 23 -7.37 12.88 -62.29
CA SER A 23 -7.45 13.28 -63.70
C SER A 23 -6.51 12.51 -64.61
N PRO A 24 -7.05 11.54 -65.35
CA PRO A 24 -6.26 10.81 -66.34
C PRO A 24 -5.54 11.72 -67.35
N LYS A 25 -6.18 12.84 -67.71
CA LYS A 25 -5.58 13.76 -68.71
C LYS A 25 -4.26 14.35 -68.23
N ILE A 26 -4.16 14.63 -66.93
CA ILE A 26 -2.91 15.09 -66.35
C ILE A 26 -1.79 14.07 -66.61
N VAL A 27 -2.09 12.81 -66.36
CA VAL A 27 -1.11 11.74 -66.52
C VAL A 27 -0.76 11.53 -68.00
N GLU A 28 -1.78 11.59 -68.87
CA GLU A 28 -1.53 11.54 -70.32
C GLU A 28 -0.55 12.62 -70.79
N ASP A 29 -0.77 13.85 -70.35
CA ASP A 29 0.14 14.95 -70.67
C ASP A 29 1.54 14.69 -70.14
N LEU A 30 1.64 14.13 -68.93
CA LEU A 30 2.94 13.82 -68.34
C LEU A 30 3.65 12.67 -69.05
N ILE A 31 2.88 11.71 -69.56
CA ILE A 31 3.47 10.62 -70.36
C ILE A 31 4.06 11.21 -71.64
N ASP A 32 3.34 12.16 -72.23
CA ASP A 32 3.87 12.85 -73.42
C ASP A 32 5.14 13.63 -73.11
N GLN A 33 5.18 14.24 -71.92
CA GLN A 33 6.36 14.96 -71.45
C GLN A 33 7.52 14.02 -71.21
N TRP A 34 7.24 12.85 -70.63
CA TRP A 34 8.28 11.86 -70.40
C TRP A 34 8.97 11.52 -71.73
N THR A 35 8.16 11.28 -72.77
CA THR A 35 8.64 10.93 -74.10
C THR A 35 9.60 11.99 -74.64
N ILE A 36 9.31 13.25 -74.37
CA ILE A 36 10.17 14.34 -74.78
C ILE A 36 11.42 14.50 -73.88
N LEU A 37 11.25 14.39 -72.57
CA LEU A 37 12.36 14.54 -71.63
C LEU A 37 13.38 13.40 -71.76
N PHE A 38 12.87 12.19 -71.97
CA PHE A 38 13.67 10.97 -71.95
C PHE A 38 13.42 10.19 -73.23
N PRO A 39 13.90 10.70 -74.37
CA PRO A 39 13.48 10.03 -75.61
C PRO A 39 13.99 8.60 -75.78
N ARG A 40 14.98 8.18 -74.99
CA ARG A 40 15.53 6.82 -75.09
C ARG A 40 15.01 5.87 -74.01
N VAL A 41 14.23 6.39 -73.07
CA VAL A 41 13.90 5.62 -71.87
C VAL A 41 12.43 5.18 -71.82
N THR A 42 12.22 3.86 -71.83
CA THR A 42 10.88 3.29 -71.72
C THR A 42 10.49 3.23 -70.25
N PRO A 43 9.40 3.93 -69.88
CA PRO A 43 8.98 3.91 -68.48
C PRO A 43 8.22 2.63 -68.13
N HIS A 44 8.61 2.00 -67.04
CA HIS A 44 7.86 0.92 -66.44
C HIS A 44 7.25 1.46 -65.15
N TYR A 45 6.00 1.89 -65.22
CA TYR A 45 5.36 2.56 -64.08
C TYR A 45 5.34 1.65 -62.84
N ALA A 46 5.78 2.20 -61.71
CA ALA A 46 5.80 1.48 -60.43
C ALA A 46 4.40 1.48 -59.82
N VAL A 47 3.69 0.38 -60.06
CA VAL A 47 2.30 0.20 -59.67
C VAL A 47 2.08 0.48 -58.15
N LYS A 48 3.09 0.14 -57.35
CA LYS A 48 3.02 0.32 -55.90
C LYS A 48 2.74 1.75 -55.47
N CYS A 49 3.11 2.71 -56.31
CA CYS A 49 2.96 4.12 -55.96
C CYS A 49 1.48 4.55 -55.94
N ASN A 50 0.70 4.00 -56.88
CA ASN A 50 -0.73 4.25 -56.98
C ASN A 50 -1.29 3.24 -57.94
N ASN A 51 -2.11 2.34 -57.43
CA ASN A 51 -2.67 1.24 -58.23
C ASN A 51 -4.11 1.47 -58.67
N ASP A 52 -4.55 2.73 -58.62
CA ASP A 52 -5.86 3.13 -59.10
C ASP A 52 -6.10 2.53 -60.50
N GLU A 53 -7.20 1.82 -60.67
CA GLU A 53 -7.41 1.09 -61.92
C GLU A 53 -7.58 1.95 -63.17
N VAL A 54 -8.08 3.18 -62.99
CA VAL A 54 -8.17 4.12 -64.12
C VAL A 54 -6.77 4.63 -64.51
N LEU A 55 -5.93 4.88 -63.51
CA LEU A 55 -4.54 5.28 -63.76
C LEU A 55 -3.81 4.19 -64.54
N LEU A 56 -3.98 2.94 -64.12
CA LEU A 56 -3.30 1.83 -64.76
C LEU A 56 -3.78 1.65 -66.19
N LYS A 57 -5.09 1.79 -66.42
CA LYS A 57 -5.63 1.70 -67.78
C LYS A 57 -5.11 2.83 -68.67
N THR A 58 -4.99 4.02 -68.09
CA THR A 58 -4.45 5.18 -68.80
C THR A 58 -3.01 4.95 -69.24
N MET A 59 -2.21 4.39 -68.32
CA MET A 59 -0.83 3.97 -68.59
C MET A 59 -0.82 2.96 -69.75
N CYS A 60 -1.65 1.93 -69.61
CA CYS A 60 -1.71 0.83 -70.58
C CYS A 60 -1.96 1.37 -72.00
N ASP A 61 -2.97 2.22 -72.14
CA ASP A 61 -3.36 2.80 -73.43
C ASP A 61 -2.33 3.75 -74.04
N LYS A 62 -1.45 4.31 -73.20
CA LYS A 62 -0.42 5.23 -73.65
C LYS A 62 0.89 4.50 -73.89
N ASN A 63 0.82 3.17 -73.89
CA ASN A 63 1.96 2.30 -74.16
C ASN A 63 3.07 2.35 -73.10
N VAL A 64 2.69 2.73 -71.90
CA VAL A 64 3.61 2.70 -70.75
C VAL A 64 3.65 1.26 -70.23
N ASN A 65 4.82 0.80 -69.78
CA ASN A 65 4.97 -0.55 -69.25
C ASN A 65 4.91 -0.54 -67.73
N PHE A 66 5.19 -1.67 -67.08
CA PHE A 66 4.92 -1.78 -65.65
C PHE A 66 6.02 -2.42 -64.85
N ASP A 67 6.19 -1.89 -63.65
CA ASP A 67 7.06 -2.45 -62.61
C ASP A 67 6.14 -2.98 -61.52
N CYS A 68 6.09 -4.30 -61.38
CA CYS A 68 5.25 -4.92 -60.35
C CYS A 68 6.12 -5.50 -59.25
N ALA A 69 5.66 -5.36 -58.00
CA ALA A 69 6.45 -5.75 -56.83
C ALA A 69 6.04 -7.10 -56.25
N SER A 70 4.89 -7.62 -56.69
CA SER A 70 4.32 -8.82 -56.10
C SER A 70 3.37 -9.49 -57.10
N SER A 71 2.92 -10.69 -56.78
CA SER A 71 1.92 -11.39 -57.61
C SER A 71 0.60 -10.63 -57.65
N SER A 72 0.22 -10.00 -56.54
CA SER A 72 -1.01 -9.18 -56.50
C SER A 72 -0.98 -8.03 -57.52
N GLU A 73 0.17 -7.36 -57.63
CA GLU A 73 0.31 -6.27 -58.60
C GLU A 73 0.34 -6.78 -60.04
N ILE A 74 0.99 -7.92 -60.24
CA ILE A 74 0.98 -8.57 -61.56
C ILE A 74 -0.48 -8.84 -61.98
N LYS A 75 -1.25 -9.45 -61.08
CA LYS A 75 -2.68 -9.73 -61.34
C LYS A 75 -3.46 -8.47 -61.72
N LYS A 76 -3.22 -7.37 -60.98
CA LYS A 76 -3.89 -6.08 -61.22
C LYS A 76 -3.64 -5.60 -62.65
N VAL A 77 -2.38 -5.68 -63.08
CA VAL A 77 -1.96 -5.21 -64.41
C VAL A 77 -2.54 -6.11 -65.52
N ILE A 78 -2.48 -7.42 -65.30
CA ILE A 78 -3.06 -8.38 -66.24
C ILE A 78 -4.57 -8.18 -66.42
N GLN A 79 -5.25 -7.95 -65.30
CA GLN A 79 -6.69 -7.69 -65.32
C GLN A 79 -7.10 -6.44 -66.11
N ILE A 80 -6.19 -5.47 -66.20
CA ILE A 80 -6.36 -4.25 -67.01
C ILE A 80 -6.30 -4.57 -68.53
N GLY A 81 -5.65 -5.71 -68.85
CA GLY A 81 -5.50 -6.15 -70.25
C GLY A 81 -4.09 -5.98 -70.81
N VAL A 82 -3.12 -5.71 -69.95
CA VAL A 82 -1.74 -5.53 -70.38
C VAL A 82 -1.12 -6.91 -70.55
N SER A 83 -0.32 -7.08 -71.59
CA SER A 83 0.47 -8.30 -71.75
C SER A 83 1.49 -8.45 -70.63
N PRO A 84 1.59 -9.65 -70.03
CA PRO A 84 2.65 -9.89 -69.04
C PRO A 84 4.07 -9.64 -69.59
N SER A 85 4.21 -9.63 -70.93
CA SER A 85 5.52 -9.29 -71.56
C SER A 85 5.97 -7.84 -71.25
N ARG A 86 5.00 -7.00 -70.88
CA ARG A 86 5.25 -5.57 -70.55
C ARG A 86 5.62 -5.31 -69.08
N ILE A 87 5.72 -6.37 -68.27
CA ILE A 87 5.97 -6.28 -66.82
C ILE A 87 7.42 -6.66 -66.49
N ILE A 88 8.08 -5.84 -65.67
CA ILE A 88 9.33 -6.25 -65.01
C ILE A 88 8.94 -6.53 -63.56
N PHE A 89 9.28 -7.72 -63.08
CA PHE A 89 9.08 -8.07 -61.68
C PHE A 89 10.26 -7.46 -60.92
N ALA A 90 10.16 -6.16 -60.63
CA ALA A 90 11.33 -5.39 -60.17
C ALA A 90 11.45 -5.37 -58.65
N HIS A 91 11.48 -6.56 -58.04
CA HIS A 91 11.66 -6.68 -56.61
C HIS A 91 12.71 -7.79 -56.45
N THR A 92 13.80 -7.48 -55.77
CA THR A 92 14.91 -8.44 -55.72
C THR A 92 14.64 -9.64 -54.82
N MET A 93 13.54 -9.58 -54.05
CA MET A 93 13.18 -10.68 -53.14
C MET A 93 11.74 -11.12 -53.39
N LYS A 94 11.59 -12.24 -54.10
CA LYS A 94 10.30 -12.69 -54.60
C LYS A 94 9.99 -14.05 -54.00
N THR A 95 8.76 -14.27 -53.55
CA THR A 95 8.43 -15.57 -52.99
C THR A 95 8.46 -16.63 -54.08
N ILE A 96 8.75 -17.86 -53.69
CA ILE A 96 8.73 -19.00 -54.59
C ILE A 96 7.37 -19.10 -55.30
N ASP A 97 6.27 -18.97 -54.54
CA ASP A 97 4.96 -19.06 -55.20
C ASP A 97 4.69 -17.92 -56.18
N ASP A 98 5.23 -16.72 -55.89
CA ASP A 98 5.10 -15.60 -56.81
C ASP A 98 5.92 -15.81 -58.07
N LEU A 99 7.06 -16.49 -57.94
CA LEU A 99 7.91 -16.82 -59.08
C LEU A 99 7.24 -17.83 -60.00
N ILE A 100 6.63 -18.85 -59.40
CA ILE A 100 5.88 -19.86 -60.16
C ILE A 100 4.73 -19.21 -60.91
N PHE A 101 4.01 -18.32 -60.23
CA PHE A 101 2.93 -17.54 -60.84
C PHE A 101 3.44 -16.67 -62.00
N ALA A 102 4.53 -15.92 -61.77
CA ALA A 102 5.13 -15.11 -62.83
C ALA A 102 5.51 -15.93 -64.05
N LYS A 103 6.15 -17.08 -63.81
CA LYS A 103 6.57 -17.96 -64.91
C LYS A 103 5.34 -18.41 -65.70
N ASP A 104 4.29 -18.79 -64.98
CA ASP A 104 3.09 -19.27 -65.62
C ASP A 104 2.41 -18.20 -66.47
N GLN A 105 2.32 -16.99 -65.93
CA GLN A 105 1.62 -15.93 -66.64
C GLN A 105 2.42 -15.32 -67.78
N GLY A 106 3.75 -15.41 -67.70
CA GLY A 106 4.57 -14.79 -68.74
C GLY A 106 5.36 -13.57 -68.29
N VAL A 107 5.43 -13.35 -66.98
CA VAL A 107 6.32 -12.32 -66.44
C VAL A 107 7.69 -12.94 -66.27
N ASP A 108 8.61 -12.61 -67.19
CA ASP A 108 9.88 -13.32 -67.28
C ASP A 108 11.07 -12.39 -67.38
N ILE A 109 10.93 -11.21 -66.77
CA ILE A 109 12.04 -10.30 -66.54
C ILE A 109 11.95 -9.91 -65.07
N ALA A 110 13.03 -10.08 -64.32
CA ALA A 110 13.04 -9.79 -62.88
C ALA A 110 14.41 -9.35 -62.40
N THR A 111 14.45 -8.76 -61.21
CA THR A 111 15.71 -8.29 -60.62
C THR A 111 16.19 -9.24 -59.52
N PHE A 112 17.49 -9.14 -59.19
CA PHE A 112 18.07 -9.88 -58.07
C PHE A 112 19.26 -9.12 -57.51
N ASP A 113 19.63 -9.47 -56.27
CA ASP A 113 20.83 -8.93 -55.64
C ASP A 113 21.49 -9.93 -54.68
N SER A 114 21.10 -11.20 -54.78
CA SER A 114 21.63 -12.24 -53.90
C SER A 114 21.77 -13.59 -54.59
N SER A 115 22.68 -14.41 -54.08
CA SER A 115 22.88 -15.76 -54.63
C SER A 115 21.66 -16.65 -54.34
N PHE A 116 21.04 -16.48 -53.17
CA PHE A 116 19.85 -17.27 -52.82
C PHE A 116 18.65 -17.00 -53.72
N GLU A 117 18.57 -15.77 -54.21
CA GLU A 117 17.52 -15.44 -55.18
C GLU A 117 17.77 -16.17 -56.52
N LEU A 118 19.05 -16.27 -56.91
CA LEU A 118 19.41 -17.02 -58.13
C LEU A 118 19.08 -18.50 -57.99
N ASP A 119 19.29 -19.06 -56.79
CA ASP A 119 18.88 -20.44 -56.52
C ASP A 119 17.39 -20.62 -56.76
N LYS A 120 16.59 -19.69 -56.26
CA LYS A 120 15.12 -19.73 -56.44
C LYS A 120 14.77 -19.70 -57.91
N ILE A 121 15.41 -18.80 -58.65
CA ILE A 121 15.19 -18.66 -60.10
C ILE A 121 15.50 -19.96 -60.82
N HIS A 122 16.67 -20.51 -60.52
CA HIS A 122 17.12 -21.76 -61.13
C HIS A 122 16.07 -22.87 -60.96
N THR A 123 15.54 -22.99 -59.73
CA THR A 123 14.61 -24.06 -59.41
C THR A 123 13.20 -23.82 -59.97
N TYR A 124 12.73 -22.57 -59.93
CA TYR A 124 11.30 -22.26 -60.14
C TYR A 124 10.94 -21.43 -61.37
N HIS A 125 11.91 -20.70 -61.90
CA HIS A 125 11.67 -19.86 -63.05
C HIS A 125 12.98 -19.77 -63.86
N PRO A 126 13.52 -20.93 -64.29
CA PRO A 126 14.88 -21.02 -64.82
C PRO A 126 15.19 -20.18 -66.08
N ASN A 127 14.18 -19.81 -66.84
CA ASN A 127 14.39 -19.00 -68.03
C ASN A 127 14.00 -17.52 -67.86
N CYS A 128 13.75 -17.12 -66.63
CA CYS A 128 13.50 -15.71 -66.33
C CYS A 128 14.75 -14.91 -66.69
N LYS A 129 14.58 -13.82 -67.43
CA LYS A 129 15.70 -12.95 -67.77
C LYS A 129 15.97 -12.04 -66.58
N MET A 130 17.21 -12.04 -66.10
CA MET A 130 17.55 -11.40 -64.83
C MET A 130 18.29 -10.09 -64.98
N ILE A 131 17.95 -9.13 -64.11
CA ILE A 131 18.60 -7.84 -64.07
C ILE A 131 19.25 -7.69 -62.70
N LEU A 132 20.58 -7.50 -62.70
CA LEU A 132 21.27 -7.35 -61.43
C LEU A 132 21.07 -5.94 -60.90
N ARG A 133 20.49 -5.83 -59.71
CA ARG A 133 20.34 -4.54 -59.06
C ARG A 133 21.58 -4.24 -58.22
N ILE A 134 22.23 -3.11 -58.51
CA ILE A 134 23.39 -2.67 -57.75
C ILE A 134 23.02 -1.51 -56.82
N ARG A 135 23.70 -1.43 -55.69
CA ARG A 135 23.44 -0.33 -54.76
C ARG A 135 24.19 0.92 -55.19
N CYS A 136 23.45 2.01 -55.37
CA CYS A 136 24.03 3.33 -55.70
C CYS A 136 23.14 4.40 -55.09
N ASP A 137 23.50 4.91 -53.92
CA ASP A 137 22.57 5.77 -53.19
C ASP A 137 22.66 7.25 -53.56
N ASP A 138 21.51 7.93 -53.49
CA ASP A 138 21.50 9.38 -53.42
C ASP A 138 21.38 9.69 -51.93
N PRO A 139 22.43 10.27 -51.33
CA PRO A 139 22.34 10.53 -49.89
C PRO A 139 21.30 11.58 -49.49
N ASN A 140 20.82 12.37 -50.45
CA ASN A 140 19.78 13.36 -50.18
C ASN A 140 18.38 12.92 -50.58
N ALA A 141 18.21 11.67 -51.00
CA ALA A 141 16.89 11.16 -51.39
C ALA A 141 15.94 11.15 -50.18
N THR A 142 14.66 11.43 -50.42
CA THR A 142 13.69 11.45 -49.33
C THR A 142 13.57 10.09 -48.60
N VAL A 143 13.43 9.02 -49.37
CA VAL A 143 13.33 7.67 -48.79
C VAL A 143 14.53 6.83 -49.25
N GLN A 144 15.39 6.48 -48.29
CA GLN A 144 16.60 5.68 -48.54
C GLN A 144 16.29 4.20 -48.72
N LEU A 145 16.96 3.54 -49.68
CA LEU A 145 16.66 2.14 -50.07
C LEU A 145 17.88 1.22 -50.07
N GLY A 146 19.04 1.88 -49.97
CA GLY A 146 20.35 1.24 -50.11
C GLY A 146 20.71 0.12 -49.14
N ASN A 147 20.47 0.33 -47.85
CA ASN A 147 20.78 -0.73 -46.88
C ASN A 147 20.11 -2.07 -47.23
N LYS A 148 18.87 -1.99 -47.69
CA LYS A 148 18.04 -3.17 -47.84
C LYS A 148 18.17 -3.86 -49.19
N PHE A 149 18.43 -3.08 -50.24
CA PHE A 149 18.44 -3.60 -51.60
C PHE A 149 19.68 -3.23 -52.37
N GLY A 150 20.10 -4.11 -53.29
CA GLY A 150 21.19 -3.81 -54.20
C GLY A 150 22.49 -4.46 -53.79
N ALA A 151 23.21 -5.00 -54.77
CA ALA A 151 24.50 -5.64 -54.53
C ALA A 151 25.59 -4.59 -54.34
N ASN A 152 26.52 -4.89 -53.42
CA ASN A 152 27.68 -4.05 -53.21
C ASN A 152 28.69 -4.27 -54.33
N GLU A 153 29.56 -3.27 -54.55
CA GLU A 153 30.50 -3.37 -55.67
C GLU A 153 31.33 -4.66 -55.60
N ASP A 154 31.68 -5.08 -54.38
CA ASP A 154 32.57 -6.21 -54.22
C ASP A 154 31.93 -7.59 -54.49
N GLU A 155 30.62 -7.66 -54.65
CA GLU A 155 30.00 -8.93 -54.95
C GLU A 155 29.43 -9.02 -56.37
N ILE A 156 29.57 -7.95 -57.15
CA ILE A 156 29.04 -7.92 -58.51
C ILE A 156 29.54 -9.09 -59.35
N ARG A 157 30.87 -9.26 -59.44
CA ARG A 157 31.43 -10.34 -60.26
C ARG A 157 30.98 -11.73 -59.79
N HIS A 158 31.02 -11.95 -58.48
CA HIS A 158 30.59 -13.21 -57.89
C HIS A 158 29.16 -13.56 -58.28
N LEU A 159 28.24 -12.60 -58.14
CA LEU A 159 26.83 -12.83 -58.44
C LEU A 159 26.61 -13.14 -59.92
N LEU A 160 27.35 -12.46 -60.78
CA LEU A 160 27.26 -12.68 -62.21
C LEU A 160 27.80 -14.05 -62.59
N GLU A 161 28.86 -14.47 -61.91
CA GLU A 161 29.45 -15.79 -62.14
C GLU A 161 28.53 -16.89 -61.67
N TYR A 162 27.87 -16.66 -60.54
CA TYR A 162 26.92 -17.61 -60.00
C TYR A 162 25.72 -17.77 -60.93
N ALA A 163 25.25 -16.67 -61.48
CA ALA A 163 24.17 -16.72 -62.46
C ALA A 163 24.60 -17.56 -63.67
N LYS A 164 25.80 -17.28 -64.20
CA LYS A 164 26.35 -18.03 -65.36
C LYS A 164 26.40 -19.54 -65.06
N GLN A 165 26.90 -19.88 -63.87
CA GLN A 165 27.02 -21.27 -63.44
C GLN A 165 25.66 -21.99 -63.42
N LEU A 166 24.60 -21.26 -63.04
CA LEU A 166 23.25 -21.81 -62.99
C LEU A 166 22.47 -21.66 -64.31
N ASP A 167 23.15 -21.28 -65.38
CA ASP A 167 22.53 -21.12 -66.69
C ASP A 167 21.40 -20.10 -66.65
N ILE A 168 21.60 -19.06 -65.84
CA ILE A 168 20.67 -17.92 -65.71
C ILE A 168 21.14 -16.77 -66.59
N GLU A 169 20.25 -16.30 -67.47
CA GLU A 169 20.57 -15.23 -68.41
C GLU A 169 20.46 -13.88 -67.71
N VAL A 170 21.60 -13.21 -67.51
CA VAL A 170 21.59 -11.84 -66.98
C VAL A 170 21.57 -10.87 -68.17
N ILE A 171 20.48 -10.10 -68.29
CA ILE A 171 20.29 -9.24 -69.46
C ILE A 171 20.54 -7.74 -69.20
N GLY A 172 20.85 -7.39 -67.94
CA GLY A 172 21.09 -5.99 -67.64
C GLY A 172 21.35 -5.65 -66.19
N ILE A 173 21.43 -4.35 -65.95
CA ILE A 173 21.80 -3.81 -64.63
C ILE A 173 20.77 -2.74 -64.28
N SER A 174 20.34 -2.73 -63.02
CA SER A 174 19.46 -1.70 -62.51
C SER A 174 20.02 -1.08 -61.23
N PHE A 175 19.45 0.05 -60.84
CA PHE A 175 19.73 0.66 -59.56
C PHE A 175 18.50 1.49 -59.20
N HIS A 176 18.38 1.83 -57.92
CA HIS A 176 17.44 2.84 -57.51
C HIS A 176 18.17 3.72 -56.51
N VAL A 177 18.33 5.01 -56.86
CA VAL A 177 19.09 5.91 -56.01
C VAL A 177 18.36 6.24 -54.71
N GLY A 178 17.06 5.99 -54.68
CA GLY A 178 16.24 6.36 -53.54
C GLY A 178 14.98 7.05 -54.02
N SER A 179 13.92 6.92 -53.22
CA SER A 179 12.63 7.50 -53.59
C SER A 179 12.59 8.99 -53.23
N GLY A 180 12.24 9.83 -54.21
CA GLY A 180 12.17 11.27 -54.03
C GLY A 180 13.56 11.87 -54.13
N SER A 181 14.15 11.80 -55.32
CA SER A 181 15.51 12.27 -55.55
C SER A 181 15.51 13.53 -56.41
N ARG A 182 16.28 14.52 -55.96
CA ARG A 182 16.49 15.77 -56.69
C ARG A 182 17.99 16.02 -56.84
N ASN A 183 18.76 14.93 -56.92
CA ASN A 183 20.20 15.00 -57.02
C ASN A 183 20.66 14.41 -58.36
N PRO A 184 20.89 15.26 -59.39
CA PRO A 184 21.25 14.71 -60.71
C PRO A 184 22.59 13.96 -60.74
N GLU A 185 23.55 14.37 -59.91
CA GLU A 185 24.86 13.71 -59.81
C GLU A 185 24.75 12.26 -59.33
N ALA A 186 23.77 11.98 -58.48
CA ALA A 186 23.52 10.63 -58.02
C ALA A 186 23.20 9.70 -59.20
N TYR A 187 22.39 10.16 -60.15
CA TYR A 187 22.04 9.37 -61.33
C TYR A 187 23.23 9.19 -62.26
N TYR A 188 24.00 10.27 -62.44
CA TYR A 188 25.19 10.22 -63.25
C TYR A 188 26.16 9.14 -62.72
N ARG A 189 26.47 9.20 -61.43
CA ARG A 189 27.37 8.22 -60.79
C ARG A 189 26.81 6.80 -60.82
N ALA A 190 25.50 6.68 -60.69
CA ALA A 190 24.82 5.38 -60.74
C ALA A 190 24.92 4.77 -62.14
N ILE A 191 24.76 5.60 -63.17
CA ILE A 191 24.81 5.12 -64.55
C ILE A 191 26.26 4.72 -64.92
N LYS A 192 27.23 5.48 -64.41
CA LYS A 192 28.63 5.13 -64.59
C LYS A 192 28.95 3.78 -63.93
N SER A 193 28.50 3.60 -62.69
CA SER A 193 28.72 2.33 -61.98
C SER A 193 28.03 1.17 -62.69
N SER A 194 26.88 1.46 -63.30
CA SER A 194 26.12 0.45 -64.03
C SER A 194 26.87 -0.01 -65.27
N LYS A 195 27.54 0.92 -65.96
CA LYS A 195 28.36 0.56 -67.11
C LYS A 195 29.50 -0.35 -66.69
N GLU A 196 30.08 -0.08 -65.53
CA GLU A 196 31.15 -0.92 -64.99
C GLU A 196 30.63 -2.32 -64.68
N ALA A 197 29.41 -2.40 -64.14
CA ALA A 197 28.79 -3.71 -63.90
C ALA A 197 28.43 -4.43 -65.21
N PHE A 198 27.95 -3.66 -66.18
CA PHE A 198 27.63 -4.16 -67.52
C PHE A 198 28.87 -4.83 -68.12
N ASN A 199 30.02 -4.17 -67.96
CA ASN A 199 31.29 -4.67 -68.47
C ASN A 199 31.79 -5.93 -67.75
N GLU A 200 31.47 -6.06 -66.46
CA GLU A 200 31.75 -7.28 -65.70
C GLU A 200 30.90 -8.44 -66.21
N ALA A 201 29.63 -8.16 -66.50
CA ALA A 201 28.71 -9.17 -67.01
C ALA A 201 29.17 -9.71 -68.37
N ILE A 202 29.62 -8.81 -69.24
CA ILE A 202 30.17 -9.22 -70.54
C ILE A 202 31.42 -10.10 -70.32
N SER A 203 32.27 -9.69 -69.36
CA SER A 203 33.49 -10.41 -69.02
C SER A 203 33.22 -11.85 -68.57
N VAL A 204 32.15 -12.01 -67.79
CA VAL A 204 31.71 -13.31 -67.28
C VAL A 204 31.12 -14.20 -68.41
N GLY A 205 30.58 -13.57 -69.45
CA GLY A 205 30.01 -14.31 -70.58
C GLY A 205 28.53 -14.05 -70.85
N HIS A 206 27.95 -13.11 -70.10
CA HIS A 206 26.58 -12.68 -70.35
C HIS A 206 26.57 -11.72 -71.52
N LYS A 207 25.39 -11.53 -72.10
CA LYS A 207 25.18 -10.61 -73.22
C LYS A 207 24.10 -9.60 -72.83
N PRO A 208 24.43 -8.71 -71.88
CA PRO A 208 23.41 -7.78 -71.38
C PRO A 208 23.09 -6.68 -72.39
N TYR A 209 21.87 -6.14 -72.31
CA TYR A 209 21.43 -5.10 -73.21
C TYR A 209 20.48 -4.09 -72.56
N ILE A 210 20.17 -4.27 -71.28
CA ILE A 210 19.23 -3.35 -70.62
C ILE A 210 19.90 -2.55 -69.51
N LEU A 211 19.71 -1.23 -69.55
CA LEU A 211 20.02 -0.39 -68.40
C LEU A 211 18.69 0.02 -67.80
N ASP A 212 18.54 -0.16 -66.50
CA ASP A 212 17.32 0.21 -65.81
C ASP A 212 17.69 1.26 -64.77
N ILE A 213 17.26 2.50 -64.98
CA ILE A 213 17.69 3.59 -64.09
C ILE A 213 16.78 3.78 -62.87
N GLY A 214 15.84 2.86 -62.67
CA GLY A 214 15.00 2.86 -61.45
C GLY A 214 14.05 4.05 -61.38
N GLY A 215 13.71 4.45 -60.16
CA GLY A 215 12.75 5.56 -59.95
C GLY A 215 13.33 6.77 -59.25
N GLY A 216 12.49 7.50 -58.53
CA GLY A 216 12.94 8.59 -57.68
C GLY A 216 12.63 10.00 -58.18
N LEU A 217 12.44 10.14 -59.49
CA LEU A 217 12.26 11.47 -60.09
C LEU A 217 10.91 12.10 -59.80
N HIS A 218 10.93 13.40 -59.51
CA HIS A 218 9.70 14.18 -59.38
C HIS A 218 9.38 14.86 -60.70
N ALA A 219 8.10 15.04 -60.96
CA ALA A 219 7.68 15.93 -62.03
C ALA A 219 7.52 17.32 -61.42
N ASP A 220 8.62 18.06 -61.27
CA ASP A 220 8.60 19.38 -60.64
C ASP A 220 8.15 20.45 -61.63
N ILE A 221 7.03 21.09 -61.36
CA ILE A 221 6.43 22.07 -62.27
C ILE A 221 6.56 23.46 -61.67
N ASP A 222 7.12 24.39 -62.43
CA ASP A 222 7.15 25.81 -62.01
C ASP A 222 6.48 26.68 -63.07
N LEU A 226 7.69 22.38 -66.66
CA LEU A 226 8.32 21.13 -66.14
C LEU A 226 9.83 21.19 -66.25
N SER A 227 10.51 21.04 -65.11
CA SER A 227 11.96 21.27 -65.04
C SER A 227 12.76 20.14 -65.69
N THR A 228 13.88 20.49 -66.31
CA THR A 228 14.71 19.47 -66.98
C THR A 228 16.06 19.24 -66.33
N TYR A 229 16.23 19.72 -65.09
CA TYR A 229 17.52 19.54 -64.40
C TYR A 229 17.89 18.07 -64.30
N MET A 230 16.94 17.21 -63.90
CA MET A 230 17.23 15.80 -63.72
C MET A 230 17.45 15.13 -65.09
N SER A 231 16.52 15.34 -66.00
CA SER A 231 16.50 14.63 -67.28
C SER A 231 17.70 14.95 -68.18
N ASP A 232 18.07 16.23 -68.28
CA ASP A 232 19.25 16.62 -69.07
C ASP A 232 20.51 15.91 -68.61
N TYR A 233 20.68 15.84 -67.29
CA TYR A 233 21.88 15.22 -66.76
C TYR A 233 21.86 13.70 -66.88
N ILE A 234 20.70 13.09 -66.67
CA ILE A 234 20.53 11.65 -66.89
C ILE A 234 20.83 11.31 -68.35
N ASN A 235 20.30 12.11 -69.28
CA ASN A 235 20.58 11.91 -70.71
C ASN A 235 22.04 12.09 -71.08
N ASP A 236 22.74 13.00 -70.39
CA ASP A 236 24.20 13.16 -70.58
C ASP A 236 24.93 11.90 -70.15
N ALA A 237 24.50 11.32 -69.03
CA ALA A 237 25.11 10.09 -68.55
C ALA A 237 24.83 8.91 -69.48
N ILE A 238 23.61 8.85 -70.04
CA ILE A 238 23.24 7.81 -71.01
C ILE A 238 24.16 7.93 -72.23
N LYS A 239 24.35 9.17 -72.71
CA LYS A 239 25.25 9.43 -73.83
C LYS A 239 26.71 9.07 -73.54
N ASP A 240 27.17 9.35 -72.33
CA ASP A 240 28.58 9.15 -71.97
C ASP A 240 28.92 7.67 -71.80
N PHE A 241 27.98 6.90 -71.28
CA PHE A 241 28.25 5.50 -70.89
C PHE A 241 27.53 4.43 -71.67
N PHE A 242 26.36 4.77 -72.23
CA PHE A 242 25.58 3.84 -73.02
C PHE A 242 25.15 4.46 -74.35
N PRO A 243 26.13 4.97 -75.15
CA PRO A 243 25.79 5.60 -76.43
C PRO A 243 25.16 4.68 -77.51
N GLU A 244 25.39 3.36 -77.39
CA GLU A 244 25.04 2.39 -78.45
C GLU A 244 23.53 2.21 -78.58
N ASP A 245 23.07 2.11 -79.82
CA ASP A 245 21.67 1.85 -80.08
C ASP A 245 21.32 0.41 -79.75
N THR A 246 22.31 -0.41 -79.41
CA THR A 246 22.02 -1.80 -79.04
C THR A 246 21.53 -1.97 -77.61
N VAL A 247 21.67 -0.91 -76.79
CA VAL A 247 21.25 -0.95 -75.38
C VAL A 247 19.83 -0.39 -75.26
N THR A 248 18.96 -1.12 -74.55
CA THR A 248 17.62 -0.61 -74.25
C THR A 248 17.67 0.03 -72.88
N ILE A 249 17.09 1.22 -72.73
CA ILE A 249 17.09 1.88 -71.43
C ILE A 249 15.65 1.91 -70.93
N VAL A 250 15.46 1.51 -69.68
CA VAL A 250 14.14 1.58 -69.06
C VAL A 250 14.27 2.30 -67.71
N ALA A 251 13.13 2.68 -67.15
CA ALA A 251 13.08 3.31 -65.84
C ALA A 251 11.87 2.75 -65.07
N GLU A 252 11.85 3.00 -63.75
CA GLU A 252 10.77 2.50 -62.92
C GLU A 252 10.12 3.68 -62.16
N PRO A 253 9.63 4.69 -62.90
CA PRO A 253 9.08 5.83 -62.18
C PRO A 253 7.74 5.52 -61.52
N GLY A 254 7.56 6.01 -60.29
CA GLY A 254 6.26 5.93 -59.63
C GLY A 254 5.71 7.33 -59.49
N ARG A 255 6.33 8.10 -58.59
CA ARG A 255 5.82 9.43 -58.25
C ARG A 255 5.81 10.44 -59.41
N PHE A 256 6.67 10.24 -60.42
CA PHE A 256 6.70 11.16 -61.56
C PHE A 256 5.31 11.28 -62.18
N PHE A 257 4.63 10.15 -62.35
CA PHE A 257 3.29 10.14 -62.95
C PHE A 257 2.17 10.26 -61.93
N ALA A 258 2.36 9.66 -60.76
CA ALA A 258 1.27 9.54 -59.78
C ALA A 258 1.05 10.80 -58.96
N GLU A 259 2.11 11.56 -58.69
CA GLU A 259 1.98 12.71 -57.76
C GLU A 259 0.81 13.63 -58.11
N HIS A 260 0.78 14.11 -59.36
CA HIS A 260 -0.16 15.15 -59.75
C HIS A 260 -1.49 14.60 -60.24
N TYR A 261 -1.61 13.29 -60.23
CA TYR A 261 -2.81 12.62 -60.71
C TYR A 261 -4.07 13.01 -59.93
N SER A 262 -3.92 13.21 -58.63
CA SER A 262 -5.05 13.39 -57.73
C SER A 262 -4.86 14.57 -56.78
N VAL A 263 -5.99 15.15 -56.35
CA VAL A 263 -6.02 15.99 -55.15
C VAL A 263 -6.85 15.23 -54.12
N LEU A 264 -6.67 15.53 -52.84
CA LEU A 264 -7.48 14.87 -51.79
C LEU A 264 -8.27 15.92 -51.02
N ALA A 265 -9.60 15.82 -51.11
CA ALA A 265 -10.51 16.74 -50.43
C ALA A 265 -10.95 16.14 -49.10
N THR A 266 -10.91 16.96 -48.06
CA THR A 266 -11.25 16.52 -46.71
C THR A 266 -11.96 17.64 -45.96
N GLN A 267 -12.80 17.25 -45.01
CA GLN A 267 -13.67 18.20 -44.31
C GLN A 267 -13.23 18.41 -42.86
N VAL A 268 -13.38 19.66 -42.39
CA VAL A 268 -13.21 19.98 -40.98
C VAL A 268 -14.39 19.39 -40.21
N ILE A 269 -14.11 18.45 -39.33
CA ILE A 269 -15.14 17.79 -38.55
C ILE A 269 -15.14 18.15 -37.07
N GLY A 270 -14.04 18.74 -36.60
CA GLY A 270 -13.92 19.17 -35.21
C GLY A 270 -13.00 20.38 -35.11
N LYS A 271 -13.12 21.12 -34.02
CA LYS A 271 -12.40 22.38 -33.89
C LYS A 271 -12.21 22.70 -32.42
N ARG A 272 -11.08 23.31 -32.09
CA ARG A 272 -10.80 23.71 -30.72
C ARG A 272 -9.92 24.95 -30.83
N VAL A 273 -10.29 26.06 -30.18
CA VAL A 273 -9.48 27.27 -30.19
C VAL A 273 -8.99 27.56 -28.78
N ARG A 274 -7.69 27.56 -28.60
CA ARG A 274 -7.11 27.75 -27.28
C ARG A 274 -5.98 28.76 -27.34
N ASP A 275 -6.14 29.86 -26.59
CA ASP A 275 -5.11 30.89 -26.49
C ASP A 275 -4.54 31.27 -27.87
N GLY A 276 -5.44 31.51 -28.82
CA GLY A 276 -5.05 32.03 -30.13
C GLY A 276 -4.57 30.99 -31.11
N LEU A 277 -4.56 29.72 -30.69
CA LEU A 277 -4.16 28.63 -31.59
C LEU A 277 -5.42 27.89 -32.06
N TYR A 278 -5.53 27.69 -33.37
CA TYR A 278 -6.73 27.11 -33.97
C TYR A 278 -6.47 25.67 -34.37
N GLU A 279 -7.09 24.75 -33.65
CA GLU A 279 -6.87 23.33 -33.87
C GLU A 279 -8.06 22.70 -34.58
N TYR A 280 -7.78 21.99 -35.67
CA TYR A 280 -8.85 21.39 -36.49
C TYR A 280 -8.64 19.90 -36.64
N PHE A 281 -9.75 19.17 -36.69
CA PHE A 281 -9.71 17.74 -36.92
C PHE A 281 -10.43 17.47 -38.22
N PHE A 282 -9.80 16.64 -39.06
CA PHE A 282 -10.31 16.33 -40.41
C PHE A 282 -10.79 14.89 -40.52
N ASN A 283 -11.64 14.61 -41.50
CA ASN A 283 -12.06 13.22 -41.73
C ASN A 283 -11.04 12.42 -42.55
N GLU A 284 -9.78 12.76 -42.35
CA GLU A 284 -8.62 12.07 -42.91
C GLU A 284 -7.56 11.91 -41.83
N SER A 285 -6.50 11.17 -42.11
CA SER A 285 -5.47 10.94 -41.11
C SER A 285 -4.16 10.43 -41.72
N THR A 286 -3.10 10.44 -40.91
CA THR A 286 -1.81 9.85 -41.31
C THR A 286 -1.92 8.33 -41.48
N TYR A 287 -2.98 7.74 -40.90
CA TYR A 287 -3.30 6.32 -41.09
C TYR A 287 -4.24 6.10 -42.27
N GLY A 288 -4.70 7.20 -42.86
CA GLY A 288 -5.54 7.13 -44.06
C GLY A 288 -4.70 7.52 -45.25
N GLY A 289 -4.96 8.71 -45.78
CA GLY A 289 -4.28 9.19 -46.99
C GLY A 289 -2.99 9.97 -46.75
N PHE A 290 -2.67 10.23 -45.49
CA PHE A 290 -1.55 11.13 -45.15
C PHE A 290 -0.32 10.45 -44.55
N SER A 291 -0.05 9.22 -44.95
CA SER A 291 1.14 8.53 -44.42
C SER A 291 2.44 9.20 -44.81
N ASN A 292 2.43 9.97 -45.91
CA ASN A 292 3.63 10.72 -46.33
C ASN A 292 4.13 11.75 -45.30
N VAL A 293 3.22 12.21 -44.44
CA VAL A 293 3.61 13.08 -43.33
C VAL A 293 4.59 12.34 -42.41
N ILE A 294 4.36 11.04 -42.26
CA ILE A 294 5.21 10.20 -41.41
C ILE A 294 6.46 9.74 -42.16
N PHE A 295 6.27 9.17 -43.35
CA PHE A 295 7.34 8.46 -44.07
C PHE A 295 8.17 9.33 -45.01
N GLU A 296 7.63 10.46 -45.45
CA GLU A 296 8.37 11.33 -46.38
C GLU A 296 8.55 12.74 -45.85
N LYS A 297 8.22 12.93 -44.56
CA LYS A 297 8.31 14.22 -43.87
C LYS A 297 7.53 15.32 -44.58
N SER A 298 6.40 14.95 -45.19
CA SER A 298 5.56 15.91 -45.87
C SER A 298 4.97 16.92 -44.89
N VAL A 299 4.96 18.19 -45.28
CA VAL A 299 4.31 19.25 -44.50
C VAL A 299 3.37 19.97 -45.47
N PRO A 300 2.17 19.38 -45.68
CA PRO A 300 1.31 19.88 -46.75
C PRO A 300 0.40 21.02 -46.31
N THR A 301 0.19 21.99 -47.20
CA THR A 301 -0.75 23.08 -46.94
C THR A 301 -2.02 22.88 -47.80
N PRO A 302 -3.20 22.93 -47.16
CA PRO A 302 -4.45 22.78 -47.91
C PRO A 302 -4.88 24.05 -48.63
N GLN A 303 -5.74 23.86 -49.64
CA GLN A 303 -6.44 24.95 -50.32
C GLN A 303 -7.87 24.99 -49.79
N LEU A 304 -8.32 26.17 -49.36
CA LEU A 304 -9.71 26.34 -48.93
C LEU A 304 -10.64 26.36 -50.12
N LEU A 305 -11.77 25.67 -50.01
CA LEU A 305 -12.78 25.70 -51.07
C LEU A 305 -13.72 26.90 -50.94
N ARG A 306 -13.94 27.35 -49.70
CA ARG A 306 -14.69 28.58 -49.43
C ARG A 306 -13.85 29.81 -49.80
N ASP A 307 -14.43 30.69 -50.62
CA ASP A 307 -13.75 31.94 -51.02
C ASP A 307 -13.64 32.91 -49.84
N VAL A 308 -12.44 33.47 -49.65
CA VAL A 308 -12.23 34.49 -48.63
C VAL A 308 -11.70 35.75 -49.32
N PRO A 309 -12.00 36.93 -48.74
CA PRO A 309 -11.42 38.17 -49.29
C PRO A 309 -9.90 38.18 -49.22
N ASP A 310 -9.29 39.00 -50.08
CA ASP A 310 -7.85 39.16 -50.17
C ASP A 310 -7.23 39.56 -48.84
N ASP A 311 -7.97 40.29 -48.04
CA ASP A 311 -7.44 40.82 -46.79
C ASP A 311 -7.78 39.94 -45.58
N GLU A 312 -8.34 38.76 -45.83
CA GLU A 312 -8.71 37.81 -44.76
C GLU A 312 -7.52 37.60 -43.81
N GLU A 313 -7.79 37.61 -42.51
CA GLU A 313 -6.74 37.45 -41.50
C GLU A 313 -6.34 35.96 -41.44
N TYR A 314 -5.04 35.65 -41.52
CA TYR A 314 -4.61 34.26 -41.33
C TYR A 314 -4.32 34.05 -39.85
N VAL A 315 -4.61 32.85 -39.36
CA VAL A 315 -4.42 32.54 -37.94
C VAL A 315 -3.55 31.29 -37.80
N PRO A 316 -2.85 31.13 -36.65
CA PRO A 316 -2.00 29.94 -36.55
C PRO A 316 -2.85 28.69 -36.32
N SER A 317 -2.66 27.70 -37.19
CA SER A 317 -3.54 26.53 -37.26
C SER A 317 -2.77 25.24 -37.06
N VAL A 318 -3.45 24.24 -36.51
CA VAL A 318 -2.89 22.89 -36.39
C VAL A 318 -3.88 21.95 -37.07
N LEU A 319 -3.41 21.12 -37.99
CA LEU A 319 -4.28 20.20 -38.71
C LEU A 319 -4.10 18.77 -38.20
N TYR A 320 -5.09 18.30 -37.44
CA TYR A 320 -5.06 16.95 -36.85
C TYR A 320 -5.80 15.91 -37.68
N GLY A 321 -5.29 14.68 -37.67
CA GLY A 321 -6.01 13.56 -38.27
C GLY A 321 -7.11 13.07 -37.32
N CYS A 322 -8.02 12.26 -37.83
CA CYS A 322 -9.20 11.86 -37.06
C CYS A 322 -8.97 10.76 -36.03
N THR A 323 -7.79 10.11 -36.04
CA THR A 323 -7.59 8.97 -35.13
C THR A 323 -7.24 9.38 -33.70
N CYS A 324 -7.30 8.39 -32.81
N CYS A 324 -7.30 8.43 -32.77
CA CYS A 324 -6.95 8.46 -31.38
CA CYS A 324 -7.00 8.69 -31.37
C CYS A 324 -5.50 8.87 -31.07
C CYS A 324 -5.49 8.82 -31.04
N ASP A 325 -4.63 8.69 -32.05
CA ASP A 325 -3.18 8.72 -31.84
C ASP A 325 -2.58 10.12 -31.91
N GLY A 326 -1.66 10.43 -31.00
CA GLY A 326 -0.99 11.73 -30.99
C GLY A 326 0.00 11.94 -32.13
N VAL A 327 0.42 10.84 -32.75
CA VAL A 327 1.34 10.90 -33.92
C VAL A 327 0.62 11.39 -35.19
N ASP A 328 -0.71 11.25 -35.16
CA ASP A 328 -1.54 11.53 -36.32
C ASP A 328 -1.86 13.02 -36.40
N VAL A 329 -0.88 13.78 -36.89
CA VAL A 329 -0.99 15.20 -37.07
C VAL A 329 -0.63 15.45 -38.54
N ILE A 330 -1.57 16.02 -39.28
CA ILE A 330 -1.38 16.30 -40.71
C ILE A 330 -0.39 17.43 -40.93
N ASN A 331 -0.56 18.51 -40.15
CA ASN A 331 0.35 19.66 -40.20
C ASN A 331 0.41 20.34 -38.83
N HIS A 332 1.59 20.35 -38.21
CA HIS A 332 1.73 20.86 -36.84
C HIS A 332 1.49 22.36 -36.71
N ASN A 333 1.84 23.10 -37.76
CA ASN A 333 1.73 24.56 -37.74
C ASN A 333 1.59 25.11 -39.13
N VAL A 334 0.47 25.75 -39.42
CA VAL A 334 0.31 26.42 -40.71
C VAL A 334 -0.61 27.63 -40.56
N ALA A 335 -0.26 28.74 -41.21
CA ALA A 335 -1.11 29.93 -41.19
C ALA A 335 -2.21 29.78 -42.24
N LEU A 336 -3.46 29.96 -41.80
CA LEU A 336 -4.62 29.80 -42.69
C LEU A 336 -5.72 30.78 -42.27
N PRO A 337 -6.64 31.12 -43.20
CA PRO A 337 -7.86 31.78 -42.79
C PRO A 337 -8.56 30.90 -41.75
N GLU A 338 -9.29 31.49 -40.83
CA GLU A 338 -10.05 30.70 -39.87
C GLU A 338 -10.98 29.72 -40.59
N LEU A 339 -11.00 28.47 -40.13
CA LEU A 339 -11.88 27.46 -40.71
C LEU A 339 -13.03 27.15 -39.74
N HIS A 340 -14.08 26.52 -40.26
CA HIS A 340 -15.25 26.17 -39.46
C HIS A 340 -15.65 24.73 -39.70
N ILE A 341 -16.25 24.09 -38.69
CA ILE A 341 -16.74 22.73 -38.89
C ILE A 341 -17.66 22.70 -40.10
N GLY A 342 -17.39 21.79 -41.04
CA GLY A 342 -18.13 21.73 -42.30
C GLY A 342 -17.40 22.28 -43.53
N ASP A 343 -16.38 23.11 -43.31
CA ASP A 343 -15.51 23.60 -44.41
C ASP A 343 -14.81 22.44 -45.07
N TRP A 344 -14.70 22.49 -46.39
CA TRP A 344 -13.89 21.52 -47.11
C TRP A 344 -12.61 22.19 -47.55
N VAL A 345 -11.54 21.40 -47.56
CA VAL A 345 -10.28 21.84 -48.15
C VAL A 345 -9.80 20.75 -49.09
N TYR A 346 -8.84 21.06 -49.95
CA TYR A 346 -8.16 19.99 -50.65
C TYR A 346 -6.65 20.16 -50.62
N PHE A 347 -5.95 19.03 -50.72
CA PHE A 347 -4.50 19.00 -50.77
C PHE A 347 -4.07 18.68 -52.20
N PRO A 348 -3.36 19.63 -52.83
CA PRO A 348 -2.92 19.43 -54.21
C PRO A 348 -1.88 18.31 -54.33
N SER A 349 -1.77 17.72 -55.53
CA SER A 349 -0.69 16.78 -55.85
C SER A 349 -0.60 15.66 -54.82
N TRP A 350 -1.73 14.99 -54.62
CA TRP A 350 -1.83 13.98 -53.56
C TRP A 350 -2.07 12.58 -54.11
N GLY A 351 -1.31 12.22 -55.16
CA GLY A 351 -1.50 10.95 -55.83
C GLY A 351 -0.41 9.91 -55.62
N ALA A 352 0.70 10.28 -54.99
CA ALA A 352 1.86 9.38 -54.87
C ALA A 352 2.05 8.90 -53.43
N TYR A 353 1.90 7.58 -53.24
CA TYR A 353 2.04 6.94 -51.92
C TYR A 353 1.02 7.54 -50.94
N THR A 354 -0.22 7.66 -51.41
CA THR A 354 -1.29 8.25 -50.61
C THR A 354 -2.39 7.22 -50.39
N ASN A 355 -3.24 7.03 -51.40
CA ASN A 355 -4.34 6.06 -51.31
C ASN A 355 -3.87 4.60 -51.11
N VAL A 356 -2.71 4.24 -51.68
CA VAL A 356 -2.20 2.86 -51.55
C VAL A 356 -1.84 2.48 -50.11
N LEU A 357 -1.65 3.49 -49.27
CA LEU A 357 -1.19 3.22 -47.90
C LEU A 357 -2.28 3.36 -46.83
N THR A 358 -3.53 3.33 -47.27
CA THR A 358 -4.69 3.50 -46.39
C THR A 358 -4.80 2.34 -45.41
N THR A 359 -5.14 2.65 -44.15
CA THR A 359 -5.56 1.63 -43.18
C THR A 359 -6.97 1.90 -42.68
N SER A 360 -7.56 0.90 -42.03
CA SER A 360 -8.85 1.09 -41.38
C SER A 360 -8.70 1.27 -39.86
N PHE A 361 -7.53 1.72 -39.43
CA PHE A 361 -7.26 1.94 -38.00
C PHE A 361 -8.33 2.87 -37.41
N ASN A 362 -8.84 2.53 -36.24
CA ASN A 362 -9.92 3.27 -35.55
C ASN A 362 -11.29 3.20 -36.26
N GLY A 363 -11.37 2.48 -37.36
CA GLY A 363 -12.62 2.39 -38.13
C GLY A 363 -12.76 3.53 -39.13
N PHE A 364 -11.69 4.30 -39.34
CA PHE A 364 -11.71 5.35 -40.38
C PHE A 364 -11.04 4.82 -41.65
N GLY A 365 -10.54 5.71 -42.51
CA GLY A 365 -9.81 5.26 -43.71
C GLY A 365 -10.64 5.17 -44.98
N GLU A 366 -11.95 5.40 -44.89
CA GLU A 366 -12.81 5.32 -46.08
C GLU A 366 -12.66 6.58 -46.91
N TYR A 367 -12.80 6.40 -48.22
CA TYR A 367 -12.76 7.54 -49.14
C TYR A 367 -13.48 7.18 -50.42
N ASP A 368 -13.95 8.21 -51.11
CA ASP A 368 -14.48 8.06 -52.47
C ASP A 368 -13.46 8.53 -53.51
N VAL A 369 -13.72 8.20 -54.77
CA VAL A 369 -12.86 8.68 -55.86
C VAL A 369 -13.74 9.21 -56.98
N TYR A 370 -13.47 10.44 -57.41
CA TYR A 370 -14.18 11.03 -58.56
C TYR A 370 -13.18 11.25 -59.67
N TYR A 371 -13.52 10.83 -60.88
CA TYR A 371 -12.65 11.03 -62.03
C TYR A 371 -13.18 12.18 -62.88
N ILE A 372 -12.27 13.04 -63.31
CA ILE A 372 -12.64 14.18 -64.17
C ILE A 372 -11.87 14.10 -65.48
N MET B 1 2.93 -23.24 -27.43
CA MET B 1 2.64 -22.46 -28.67
C MET B 1 3.44 -22.96 -29.85
N ASN B 2 4.69 -23.33 -29.59
CA ASN B 2 5.54 -23.90 -30.60
C ASN B 2 4.92 -25.14 -31.23
N SER B 3 4.40 -26.05 -30.41
CA SER B 3 3.79 -27.26 -30.96
C SER B 3 2.46 -26.97 -31.63
N VAL B 4 1.68 -26.05 -31.08
CA VAL B 4 0.41 -25.61 -31.67
C VAL B 4 0.60 -25.05 -33.09
N VAL B 5 1.59 -24.18 -33.26
CA VAL B 5 1.84 -23.59 -34.57
C VAL B 5 2.34 -24.63 -35.56
N ASN B 6 3.28 -25.47 -35.12
CA ASN B 6 3.72 -26.62 -35.93
C ASN B 6 2.57 -27.53 -36.33
N ASN B 7 1.61 -27.73 -35.43
CA ASN B 7 0.42 -28.52 -35.72
C ASN B 7 -0.46 -27.90 -36.81
N ILE B 8 -0.64 -26.58 -36.76
CA ILE B 8 -1.38 -25.84 -37.78
C ILE B 8 -0.70 -26.00 -39.15
N LEU B 9 0.62 -25.88 -39.18
CA LEU B 9 1.38 -26.01 -40.42
C LEU B 9 1.27 -27.41 -41.01
N LYS B 10 1.31 -28.43 -40.16
CA LYS B 10 1.13 -29.81 -40.58
C LYS B 10 -0.29 -30.07 -41.07
N ALA B 11 -1.27 -29.46 -40.41
CA ALA B 11 -2.68 -29.58 -40.78
C ALA B 11 -3.04 -28.81 -42.04
N HIS B 12 -2.28 -27.77 -42.36
CA HIS B 12 -2.56 -26.92 -43.52
C HIS B 12 -1.32 -26.81 -44.39
N PRO B 13 -1.02 -27.87 -45.17
CA PRO B 13 0.20 -27.83 -45.95
C PRO B 13 0.10 -26.88 -47.16
N GLN B 15 -0.55 -23.82 -46.55
CA GLN B 15 -0.43 -22.48 -45.94
C GLN B 15 0.70 -21.69 -46.59
N THR B 16 0.39 -20.49 -47.07
CA THR B 16 1.36 -19.66 -47.79
C THR B 16 1.52 -18.30 -47.10
N LYS B 17 0.39 -17.65 -46.84
CA LYS B 17 0.35 -16.35 -46.17
C LYS B 17 0.87 -16.43 -44.74
N SER B 18 1.34 -15.30 -44.22
CA SER B 18 1.57 -15.19 -42.78
C SER B 18 0.22 -15.37 -42.09
N PHE B 19 0.22 -15.76 -40.82
CA PHE B 19 -1.03 -16.00 -40.11
C PHE B 19 -0.94 -15.75 -38.62
N TYR B 20 -2.03 -15.22 -38.08
CA TYR B 20 -2.20 -15.07 -36.64
C TYR B 20 -2.76 -16.36 -36.05
N VAL B 21 -2.27 -16.73 -34.88
CA VAL B 21 -2.86 -17.82 -34.08
C VAL B 21 -3.43 -17.16 -32.83
N SER B 22 -4.76 -17.16 -32.73
CA SER B 22 -5.46 -16.35 -31.71
C SER B 22 -6.17 -17.26 -30.72
N SER B 23 -6.07 -16.91 -29.44
CA SER B 23 -6.61 -17.76 -28.38
C SER B 23 -7.61 -17.01 -27.50
N PRO B 24 -8.92 -17.26 -27.72
CA PRO B 24 -9.93 -16.64 -26.85
C PRO B 24 -9.77 -16.98 -25.35
N LYS B 25 -9.33 -18.19 -25.04
CA LYS B 25 -9.12 -18.60 -23.66
C LYS B 25 -8.20 -17.63 -22.93
N ILE B 26 -7.08 -17.29 -23.55
CA ILE B 26 -6.12 -16.38 -22.96
C ILE B 26 -6.84 -15.09 -22.51
N VAL B 27 -7.68 -14.57 -23.39
CA VAL B 27 -8.42 -13.33 -23.11
C VAL B 27 -9.47 -13.54 -22.00
N GLU B 28 -10.16 -14.66 -22.04
CA GLU B 28 -11.11 -15.02 -20.97
C GLU B 28 -10.41 -15.03 -19.61
N ASP B 29 -9.23 -15.64 -19.56
CA ASP B 29 -8.44 -15.69 -18.33
C ASP B 29 -8.03 -14.29 -17.88
N LEU B 30 -7.61 -13.45 -18.82
CA LEU B 30 -7.24 -12.08 -18.51
C LEU B 30 -8.42 -11.23 -18.02
N ILE B 31 -9.61 -11.51 -18.56
CA ILE B 31 -10.82 -10.84 -18.07
C ILE B 31 -11.04 -11.22 -16.59
N ASP B 32 -10.87 -12.50 -16.28
CA ASP B 32 -11.03 -12.97 -14.90
C ASP B 32 -10.00 -12.33 -13.99
N GLN B 33 -8.79 -12.12 -14.51
CA GLN B 33 -7.76 -11.43 -13.76
C GLN B 33 -8.05 -9.94 -13.58
N TRP B 34 -8.63 -9.31 -14.61
CA TRP B 34 -9.00 -7.91 -14.50
C TRP B 34 -9.94 -7.70 -13.30
N THR B 35 -10.91 -8.59 -13.17
CA THR B 35 -11.90 -8.47 -12.09
C THR B 35 -11.26 -8.57 -10.69
N ILE B 36 -10.16 -9.32 -10.58
CA ILE B 36 -9.39 -9.44 -9.34
C ILE B 36 -8.51 -8.21 -9.12
N LEU B 37 -7.81 -7.79 -10.16
CA LEU B 37 -6.90 -6.65 -10.07
C LEU B 37 -7.67 -5.34 -9.84
N PHE B 38 -8.84 -5.22 -10.47
CA PHE B 38 -9.63 -3.99 -10.44
C PHE B 38 -11.09 -4.28 -10.09
N PRO B 39 -11.35 -4.70 -8.84
CA PRO B 39 -12.73 -5.12 -8.54
C PRO B 39 -13.80 -4.03 -8.70
N ARG B 40 -13.41 -2.76 -8.70
CA ARG B 40 -14.38 -1.66 -8.83
C ARG B 40 -14.52 -1.11 -10.24
N VAL B 41 -13.67 -1.56 -11.16
CA VAL B 41 -13.55 -0.90 -12.48
C VAL B 41 -14.13 -1.76 -13.61
N THR B 42 -15.13 -1.23 -14.31
CA THR B 42 -15.72 -1.95 -15.43
C THR B 42 -14.93 -1.64 -16.70
N PRO B 43 -14.39 -2.68 -17.36
CA PRO B 43 -13.59 -2.41 -18.55
C PRO B 43 -14.45 -2.18 -19.78
N HIS B 44 -14.15 -1.10 -20.50
CA HIS B 44 -14.72 -0.86 -21.81
C HIS B 44 -13.60 -1.10 -22.82
N TYR B 45 -13.60 -2.28 -23.44
CA TYR B 45 -12.48 -2.66 -24.33
C TYR B 45 -12.36 -1.69 -25.51
N ALA B 46 -11.14 -1.20 -25.76
CA ALA B 46 -10.86 -0.31 -26.90
C ALA B 46 -10.79 -1.13 -28.19
N VAL B 47 -11.91 -1.15 -28.91
CA VAL B 47 -12.05 -1.93 -30.15
C VAL B 47 -10.90 -1.63 -31.14
N LYS B 48 -10.44 -0.38 -31.17
CA LYS B 48 -9.40 0.06 -32.10
C LYS B 48 -8.10 -0.76 -32.00
N CYS B 49 -7.86 -1.34 -30.83
CA CYS B 49 -6.61 -2.05 -30.56
C CYS B 49 -6.56 -3.35 -31.35
N ASN B 50 -7.70 -4.02 -31.42
CA ASN B 50 -7.86 -5.27 -32.15
C ASN B 50 -9.35 -5.54 -32.29
N ASN B 51 -9.83 -5.49 -33.54
CA ASN B 51 -11.25 -5.61 -33.80
C ASN B 51 -11.67 -6.96 -34.31
N ASP B 52 -10.79 -7.95 -34.15
CA ASP B 52 -11.10 -9.33 -34.52
C ASP B 52 -12.48 -9.76 -33.99
N GLU B 53 -13.31 -10.37 -34.84
CA GLU B 53 -14.70 -10.64 -34.49
C GLU B 53 -14.84 -11.66 -33.35
N VAL B 54 -13.95 -12.66 -33.32
CA VAL B 54 -13.95 -13.66 -32.25
C VAL B 54 -13.57 -13.00 -30.92
N LEU B 55 -12.62 -12.08 -30.98
CA LEU B 55 -12.20 -11.34 -29.77
C LEU B 55 -13.36 -10.52 -29.23
N LEU B 56 -14.05 -9.79 -30.10
CA LEU B 56 -15.21 -8.97 -29.68
C LEU B 56 -16.33 -9.81 -29.10
N LYS B 57 -16.58 -10.97 -29.71
CA LYS B 57 -17.59 -11.88 -29.19
C LYS B 57 -17.20 -12.44 -27.82
N THR B 58 -15.91 -12.75 -27.65
CA THR B 58 -15.37 -13.21 -26.35
C THR B 58 -15.60 -12.16 -25.26
N MET B 59 -15.32 -10.89 -25.59
CA MET B 59 -15.57 -9.75 -24.72
C MET B 59 -17.05 -9.68 -24.36
N CYS B 60 -17.90 -9.79 -25.37
CA CYS B 60 -19.35 -9.68 -25.20
C CYS B 60 -19.86 -10.73 -24.22
N ASP B 61 -19.44 -11.97 -24.43
CA ASP B 61 -19.93 -13.08 -23.62
C ASP B 61 -19.42 -13.05 -22.19
N LYS B 62 -18.29 -12.38 -21.97
CA LYS B 62 -17.71 -12.27 -20.64
C LYS B 62 -18.13 -10.98 -19.93
N ASN B 63 -19.14 -10.30 -20.46
CA ASN B 63 -19.71 -9.09 -19.84
C ASN B 63 -18.79 -7.87 -19.80
N VAL B 64 -17.87 -7.84 -20.75
CA VAL B 64 -16.99 -6.69 -20.91
C VAL B 64 -17.71 -5.68 -21.81
N ASN B 65 -17.54 -4.39 -21.53
CA ASN B 65 -18.17 -3.33 -22.32
C ASN B 65 -17.19 -2.83 -23.38
N PHE B 66 -17.57 -1.76 -24.07
CA PHE B 66 -16.83 -1.33 -25.27
C PHE B 66 -16.57 0.17 -25.35
N ASP B 67 -15.38 0.50 -25.84
CA ASP B 67 -14.99 1.85 -26.16
C ASP B 67 -14.87 1.87 -27.68
N CYS B 68 -15.74 2.65 -28.34
CA CYS B 68 -15.78 2.74 -29.81
C CYS B 68 -15.34 4.13 -30.25
N ALA B 69 -14.53 4.20 -31.30
CA ALA B 69 -13.89 5.45 -31.70
C ALA B 69 -14.59 6.10 -32.90
N SER B 70 -15.49 5.35 -33.53
CA SER B 70 -16.11 5.80 -34.79
C SER B 70 -17.43 5.06 -35.01
N SER B 71 -18.16 5.46 -36.05
CA SER B 71 -19.38 4.75 -36.39
C SER B 71 -19.11 3.32 -36.84
N SER B 72 -18.00 3.12 -37.57
CA SER B 72 -17.64 1.76 -38.01
C SER B 72 -17.47 0.82 -36.83
N GLU B 73 -16.81 1.32 -35.78
CA GLU B 73 -16.55 0.52 -34.60
C GLU B 73 -17.83 0.24 -33.81
N ILE B 74 -18.71 1.23 -33.74
CA ILE B 74 -20.04 1.04 -33.12
C ILE B 74 -20.79 -0.09 -33.85
N LYS B 75 -20.76 -0.06 -35.18
CA LYS B 75 -21.38 -1.09 -36.01
C LYS B 75 -20.90 -2.48 -35.69
N LYS B 76 -19.57 -2.62 -35.58
CA LYS B 76 -18.95 -3.91 -35.29
C LYS B 76 -19.47 -4.49 -33.98
N VAL B 77 -19.65 -3.62 -32.98
CA VAL B 77 -20.10 -4.05 -31.66
C VAL B 77 -21.61 -4.36 -31.65
N ILE B 78 -22.40 -3.46 -32.24
CA ILE B 78 -23.85 -3.64 -32.34
C ILE B 78 -24.21 -4.93 -33.07
N GLN B 79 -23.49 -5.20 -34.16
CA GLN B 79 -23.82 -6.33 -35.01
C GLN B 79 -23.54 -7.70 -34.36
N ILE B 80 -22.85 -7.73 -33.23
CA ILE B 80 -22.69 -9.01 -32.51
C ILE B 80 -23.68 -9.16 -31.34
N GLY B 81 -24.66 -8.27 -31.27
CA GLY B 81 -25.75 -8.38 -30.31
C GLY B 81 -25.55 -7.62 -29.01
N VAL B 82 -24.48 -6.84 -28.92
CA VAL B 82 -24.18 -6.04 -27.72
C VAL B 82 -25.16 -4.88 -27.57
N SER B 83 -25.74 -4.74 -26.38
CA SER B 83 -26.60 -3.59 -26.06
C SER B 83 -25.84 -2.28 -26.23
N PRO B 84 -26.47 -1.29 -26.89
CA PRO B 84 -25.82 0.01 -27.06
C PRO B 84 -25.48 0.66 -25.71
N SER B 85 -26.15 0.23 -24.64
CA SER B 85 -25.87 0.74 -23.29
C SER B 85 -24.48 0.37 -22.77
N ARG B 86 -23.83 -0.58 -23.44
CA ARG B 86 -22.49 -1.05 -23.06
C ARG B 86 -21.37 -0.34 -23.84
N ILE B 87 -21.76 0.64 -24.67
CA ILE B 87 -20.79 1.36 -25.51
C ILE B 87 -20.59 2.78 -25.02
N ILE B 88 -19.33 3.20 -24.91
CA ILE B 88 -19.02 4.61 -24.72
C ILE B 88 -18.36 5.03 -26.03
N PHE B 89 -18.83 6.14 -26.59
CA PHE B 89 -18.21 6.73 -27.78
C PHE B 89 -17.06 7.58 -27.27
N ALA B 90 -15.92 6.93 -27.02
CA ALA B 90 -14.82 7.59 -26.29
C ALA B 90 -13.83 8.25 -27.24
N HIS B 91 -14.34 9.12 -28.09
CA HIS B 91 -13.50 9.90 -28.97
C HIS B 91 -13.96 11.33 -28.79
N THR B 92 -13.05 12.24 -28.47
CA THR B 92 -13.49 13.61 -28.16
C THR B 92 -13.84 14.41 -29.40
N MET B 93 -13.51 13.88 -30.59
CA MET B 93 -13.81 14.57 -31.84
C MET B 93 -14.56 13.64 -32.79
N LYS B 94 -15.87 13.84 -32.88
CA LYS B 94 -16.77 12.93 -33.59
C LYS B 94 -17.46 13.69 -34.71
N THR B 95 -17.51 13.09 -35.90
CA THR B 95 -18.18 13.78 -37.02
C THR B 95 -19.67 13.91 -36.70
N ILE B 96 -20.29 14.97 -37.20
CA ILE B 96 -21.73 15.15 -37.07
C ILE B 96 -22.47 13.88 -37.51
N ASP B 97 -22.08 13.30 -38.65
CA ASP B 97 -22.79 12.12 -39.12
C ASP B 97 -22.58 10.88 -38.22
N ASP B 98 -21.41 10.78 -37.57
CA ASP B 98 -21.22 9.70 -36.60
C ASP B 98 -22.07 9.89 -35.35
N LEU B 99 -22.28 11.14 -34.95
CA LEU B 99 -23.14 11.45 -33.80
C LEU B 99 -24.59 11.13 -34.12
N ILE B 100 -24.99 11.49 -35.34
CA ILE B 100 -26.31 11.12 -35.84
C ILE B 100 -26.52 9.60 -35.78
N PHE B 101 -25.51 8.86 -36.24
CA PHE B 101 -25.52 7.40 -36.21
C PHE B 101 -25.59 6.87 -34.77
N ALA B 102 -24.76 7.43 -33.89
CA ALA B 102 -24.73 7.01 -32.48
C ALA B 102 -26.10 7.20 -31.83
N LYS B 103 -26.72 8.35 -32.12
CA LYS B 103 -28.06 8.63 -31.63
C LYS B 103 -29.08 7.59 -32.15
N ASP B 104 -29.01 7.28 -33.45
CA ASP B 104 -29.85 6.22 -34.04
C ASP B 104 -29.68 4.90 -33.30
N GLN B 105 -28.43 4.54 -33.00
CA GLN B 105 -28.15 3.22 -32.44
C GLN B 105 -28.39 3.15 -30.92
N GLY B 106 -28.51 4.28 -30.25
CA GLY B 106 -28.67 4.28 -28.78
C GLY B 106 -27.35 4.40 -28.01
N VAL B 107 -26.30 4.81 -28.72
CA VAL B 107 -25.02 5.09 -28.07
C VAL B 107 -25.09 6.50 -27.53
N ASP B 108 -25.29 6.59 -26.21
CA ASP B 108 -25.74 7.82 -25.57
C ASP B 108 -24.76 8.33 -24.50
N ILE B 109 -23.52 7.85 -24.56
CA ILE B 109 -22.45 8.34 -23.69
C ILE B 109 -21.23 8.62 -24.57
N ALA B 110 -20.64 9.80 -24.43
CA ALA B 110 -19.47 10.19 -25.23
C ALA B 110 -18.57 11.15 -24.49
N THR B 111 -17.34 11.31 -24.98
CA THR B 111 -16.38 12.22 -24.36
C THR B 111 -16.27 13.49 -25.17
N PHE B 112 -15.72 14.54 -24.56
CA PHE B 112 -15.46 15.79 -25.26
C PHE B 112 -14.31 16.52 -24.58
N ASP B 113 -13.72 17.48 -25.30
CA ASP B 113 -12.69 18.33 -24.72
C ASP B 113 -12.67 19.75 -25.32
N SER B 114 -13.76 20.12 -26.00
CA SER B 114 -13.84 21.40 -26.72
C SER B 114 -15.26 21.99 -26.64
N SER B 115 -15.37 23.32 -26.70
CA SER B 115 -16.67 23.99 -26.78
C SER B 115 -17.42 23.69 -28.09
N PHE B 116 -16.70 23.58 -29.20
CA PHE B 116 -17.31 23.25 -30.49
C PHE B 116 -17.89 21.84 -30.50
N GLU B 117 -17.26 20.94 -29.75
CA GLU B 117 -17.83 19.59 -29.61
C GLU B 117 -19.18 19.63 -28.89
N LEU B 118 -19.26 20.47 -27.86
CA LEU B 118 -20.51 20.66 -27.13
C LEU B 118 -21.59 21.28 -28.03
N ASP B 119 -21.20 22.20 -28.91
CA ASP B 119 -22.11 22.75 -29.92
C ASP B 119 -22.70 21.64 -30.79
N LYS B 120 -21.84 20.72 -31.27
CA LYS B 120 -22.29 19.60 -32.10
C LYS B 120 -23.26 18.71 -31.33
N ILE B 121 -22.93 18.40 -30.08
CA ILE B 121 -23.79 17.58 -29.22
C ILE B 121 -25.17 18.23 -29.06
N HIS B 122 -25.17 19.52 -28.76
CA HIS B 122 -26.43 20.25 -28.54
C HIS B 122 -27.32 20.20 -29.79
N THR B 123 -26.71 20.32 -30.96
CA THR B 123 -27.46 20.35 -32.21
C THR B 123 -27.90 18.96 -32.68
N TYR B 124 -27.03 17.95 -32.51
CA TYR B 124 -27.23 16.64 -33.14
C TYR B 124 -27.51 15.45 -32.22
N HIS B 125 -27.11 15.56 -30.94
CA HIS B 125 -27.33 14.45 -29.99
C HIS B 125 -27.52 15.03 -28.58
N PRO B 126 -28.55 15.89 -28.43
CA PRO B 126 -28.67 16.69 -27.20
C PRO B 126 -28.90 15.85 -25.92
N ASN B 127 -29.33 14.59 -26.07
CA ASN B 127 -29.57 13.69 -24.94
C ASN B 127 -28.31 12.94 -24.51
N CYS B 128 -27.25 13.04 -25.30
CA CYS B 128 -25.99 12.34 -25.03
C CYS B 128 -25.41 12.79 -23.68
N LYS B 129 -25.06 11.83 -22.82
CA LYS B 129 -24.42 12.12 -21.55
C LYS B 129 -22.93 12.24 -21.80
N MET B 130 -22.33 13.32 -21.31
CA MET B 130 -20.97 13.66 -21.70
C MET B 130 -19.95 13.44 -20.59
N ILE B 131 -18.79 12.97 -20.99
CA ILE B 131 -17.65 12.80 -20.09
C ILE B 131 -16.56 13.76 -20.55
N LEU B 132 -16.12 14.65 -19.66
CA LEU B 132 -15.06 15.58 -19.99
C LEU B 132 -13.72 14.88 -19.88
N ARG B 133 -12.97 14.87 -20.99
CA ARG B 133 -11.63 14.30 -20.96
C ARG B 133 -10.61 15.38 -20.64
N ILE B 134 -9.85 15.19 -19.56
CA ILE B 134 -8.81 16.15 -19.18
C ILE B 134 -7.44 15.60 -19.58
N ARG B 135 -6.50 16.51 -19.85
CA ARG B 135 -5.15 16.10 -20.21
C ARG B 135 -4.34 15.82 -18.95
N CYS B 136 -3.76 14.63 -18.89
CA CYS B 136 -2.91 14.23 -17.78
C CYS B 136 -1.88 13.25 -18.32
N ASP B 137 -0.64 13.66 -18.56
CA ASP B 137 0.27 12.80 -19.35
C ASP B 137 1.14 11.88 -18.50
N ASP B 138 1.43 10.71 -19.05
CA ASP B 138 2.56 9.91 -18.62
C ASP B 138 3.69 10.25 -19.59
N PRO B 139 4.72 10.99 -19.14
CA PRO B 139 5.79 11.35 -20.10
C PRO B 139 6.62 10.14 -20.58
N ASN B 140 6.50 9.00 -19.90
CA ASN B 140 7.18 7.77 -20.31
C ASN B 140 6.32 6.76 -21.09
N ALA B 141 5.08 7.15 -21.39
CA ALA B 141 4.22 6.27 -22.20
C ALA B 141 4.80 6.09 -23.59
N THR B 142 4.56 4.92 -24.16
CA THR B 142 5.05 4.59 -25.50
C THR B 142 4.51 5.55 -26.57
N VAL B 143 3.19 5.78 -26.56
CA VAL B 143 2.54 6.65 -27.54
C VAL B 143 1.89 7.81 -26.79
N GLN B 144 2.37 9.04 -27.06
CA GLN B 144 1.86 10.22 -26.37
C GLN B 144 0.54 10.67 -27.00
N LEU B 145 -0.39 11.15 -26.16
CA LEU B 145 -1.73 11.54 -26.59
C LEU B 145 -2.11 12.96 -26.19
N GLY B 146 -1.39 13.49 -25.19
CA GLY B 146 -1.67 14.78 -24.55
C GLY B 146 -1.72 16.00 -25.46
N ASN B 147 -0.76 16.10 -26.37
CA ASN B 147 -0.74 17.18 -27.34
C ASN B 147 -2.08 17.38 -28.03
N LYS B 148 -2.73 16.28 -28.37
CA LYS B 148 -3.84 16.28 -29.30
C LYS B 148 -5.21 16.24 -28.61
N PHE B 149 -5.27 15.60 -27.44
CA PHE B 149 -6.55 15.37 -26.76
C PHE B 149 -6.50 15.74 -25.28
N GLY B 150 -7.65 16.16 -24.75
CA GLY B 150 -7.78 16.44 -23.34
C GLY B 150 -7.78 17.93 -23.04
N ALA B 151 -8.68 18.34 -22.15
CA ALA B 151 -8.78 19.75 -21.78
C ALA B 151 -7.64 20.12 -20.83
N ASN B 152 -7.09 21.31 -21.00
CA ASN B 152 -6.13 21.86 -20.04
C ASN B 152 -6.83 22.26 -18.75
N GLU B 153 -6.08 22.27 -17.65
CA GLU B 153 -6.65 22.60 -16.33
C GLU B 153 -7.38 23.94 -16.34
N ASP B 154 -6.81 24.93 -17.01
CA ASP B 154 -7.38 26.29 -17.03
C ASP B 154 -8.70 26.41 -17.80
N GLU B 155 -9.05 25.41 -18.60
CA GLU B 155 -10.31 25.51 -19.33
C GLU B 155 -11.41 24.58 -18.82
N ILE B 156 -11.11 23.81 -17.79
CA ILE B 156 -12.07 22.83 -17.26
C ILE B 156 -13.36 23.52 -16.79
N ARG B 157 -13.22 24.57 -15.98
CA ARG B 157 -14.42 25.25 -15.49
C ARG B 157 -15.25 25.85 -16.63
N HIS B 158 -14.58 26.52 -17.56
CA HIS B 158 -15.28 27.10 -18.72
C HIS B 158 -16.06 26.03 -19.50
N LEU B 159 -15.44 24.89 -19.75
CA LEU B 159 -16.07 23.81 -20.52
C LEU B 159 -17.30 23.26 -19.81
N LEU B 160 -17.22 23.13 -18.49
CA LEU B 160 -18.34 22.62 -17.70
C LEU B 160 -19.50 23.63 -17.67
N GLU B 161 -19.16 24.90 -17.56
CA GLU B 161 -20.19 25.95 -17.55
C GLU B 161 -20.88 26.04 -18.90
N TYR B 162 -20.10 25.84 -19.95
CA TYR B 162 -20.62 25.89 -21.32
C TYR B 162 -21.59 24.74 -21.56
N ALA B 163 -21.25 23.55 -21.05
CA ALA B 163 -22.16 22.42 -21.15
C ALA B 163 -23.48 22.70 -20.39
N LYS B 164 -23.35 23.30 -19.21
CA LYS B 164 -24.50 23.65 -18.39
C LYS B 164 -25.40 24.66 -19.08
N GLN B 165 -24.80 25.66 -19.72
CA GLN B 165 -25.53 26.67 -20.48
C GLN B 165 -26.34 26.06 -21.64
N LEU B 166 -25.80 24.99 -22.22
CA LEU B 166 -26.43 24.31 -23.35
C LEU B 166 -27.38 23.19 -22.91
N ASP B 167 -27.58 23.06 -21.60
CA ASP B 167 -28.42 22.00 -21.04
C ASP B 167 -27.89 20.61 -21.37
N ILE B 168 -26.56 20.48 -21.39
CA ILE B 168 -25.90 19.20 -21.67
C ILE B 168 -25.46 18.58 -20.35
N GLU B 169 -25.80 17.31 -20.15
CA GLU B 169 -25.48 16.63 -18.89
C GLU B 169 -24.04 16.13 -18.92
N VAL B 170 -23.19 16.65 -18.03
CA VAL B 170 -21.85 16.09 -17.87
C VAL B 170 -21.92 15.09 -16.72
N ILE B 171 -21.61 13.83 -17.02
CA ILE B 171 -21.78 12.75 -16.04
C ILE B 171 -20.47 12.24 -15.49
N GLY B 172 -19.35 12.80 -15.95
CA GLY B 172 -18.07 12.32 -15.45
C GLY B 172 -16.83 12.91 -16.07
N ILE B 173 -15.70 12.38 -15.65
CA ILE B 173 -14.38 12.85 -16.05
C ILE B 173 -13.56 11.64 -16.54
N SER B 174 -12.81 11.84 -17.63
CA SER B 174 -11.91 10.80 -18.12
C SER B 174 -10.52 11.38 -18.40
N PHE B 175 -9.54 10.49 -18.51
CA PHE B 175 -8.21 10.85 -18.99
C PHE B 175 -7.62 9.63 -19.70
N HIS B 176 -6.56 9.87 -20.48
CA HIS B 176 -5.74 8.78 -20.95
C HIS B 176 -4.31 9.26 -20.82
N VAL B 177 -3.52 8.58 -19.99
CA VAL B 177 -2.16 9.06 -19.70
C VAL B 177 -1.22 8.84 -20.92
N GLY B 178 -1.66 7.98 -21.84
CA GLY B 178 -0.88 7.63 -23.02
C GLY B 178 -0.92 6.13 -23.22
N SER B 179 -0.75 5.70 -24.45
CA SER B 179 -0.86 4.29 -24.80
C SER B 179 0.47 3.57 -24.50
N GLY B 180 0.40 2.45 -23.80
CA GLY B 180 1.61 1.73 -23.37
C GLY B 180 2.30 2.44 -22.22
N SER B 181 1.64 2.41 -21.07
CA SER B 181 2.11 3.07 -19.86
C SER B 181 2.57 2.08 -18.80
N ARG B 182 3.76 2.33 -18.24
CA ARG B 182 4.27 1.54 -17.12
C ARG B 182 4.68 2.45 -15.95
N ASN B 183 3.95 3.56 -15.78
CA ASN B 183 4.24 4.60 -14.80
C ASN B 183 3.05 4.76 -13.85
N PRO B 184 3.10 4.09 -12.68
CA PRO B 184 1.95 4.11 -11.76
C PRO B 184 1.68 5.51 -11.22
N GLU B 185 2.74 6.31 -11.06
CA GLU B 185 2.58 7.69 -10.57
C GLU B 185 1.70 8.56 -11.48
N ALA B 186 1.77 8.33 -12.80
CA ALA B 186 0.98 9.08 -13.77
C ALA B 186 -0.52 8.91 -13.51
N TYR B 187 -0.93 7.68 -13.18
CA TYR B 187 -2.35 7.38 -12.93
C TYR B 187 -2.81 7.97 -11.63
N TYR B 188 -1.96 7.88 -10.60
CA TYR B 188 -2.28 8.48 -9.31
C TYR B 188 -2.57 9.98 -9.47
N ARG B 189 -1.70 10.68 -10.18
CA ARG B 189 -1.86 12.13 -10.39
C ARG B 189 -3.07 12.44 -11.24
N ALA B 190 -3.31 11.61 -12.23
CA ALA B 190 -4.44 11.80 -13.15
C ALA B 190 -5.76 11.62 -12.41
N ILE B 191 -5.81 10.65 -11.50
CA ILE B 191 -7.03 10.39 -10.72
C ILE B 191 -7.24 11.52 -9.69
N LYS B 192 -6.15 12.04 -9.15
CA LYS B 192 -6.21 13.22 -8.27
C LYS B 192 -6.76 14.43 -9.02
N SER B 193 -6.22 14.67 -10.22
CA SER B 193 -6.70 15.75 -11.09
C SER B 193 -8.16 15.54 -11.49
N SER B 194 -8.54 14.28 -11.71
CA SER B 194 -9.91 13.95 -12.10
C SER B 194 -10.90 14.29 -10.99
N LYS B 195 -10.50 14.08 -9.73
CA LYS B 195 -11.38 14.44 -8.61
C LYS B 195 -11.56 15.94 -8.51
N GLU B 196 -10.49 16.70 -8.79
CA GLU B 196 -10.61 18.16 -8.80
C GLU B 196 -11.59 18.63 -9.88
N ALA B 197 -11.50 18.02 -11.06
CA ALA B 197 -12.42 18.35 -12.17
C ALA B 197 -13.86 17.95 -11.82
N PHE B 198 -13.97 16.79 -11.19
CA PHE B 198 -15.24 16.23 -10.71
C PHE B 198 -15.93 17.22 -9.78
N ASN B 199 -15.15 17.82 -8.88
CA ASN B 199 -15.67 18.80 -7.94
C ASN B 199 -16.05 20.11 -8.61
N GLU B 200 -15.28 20.52 -9.62
CA GLU B 200 -15.66 21.67 -10.44
C GLU B 200 -17.00 21.43 -11.10
N ALA B 201 -17.20 20.21 -11.61
CA ALA B 201 -18.47 19.86 -12.26
C ALA B 201 -19.65 19.98 -11.30
N ILE B 202 -19.46 19.48 -10.09
CA ILE B 202 -20.46 19.61 -9.03
C ILE B 202 -20.73 21.08 -8.71
N SER B 203 -19.67 21.86 -8.57
CA SER B 203 -19.77 23.29 -8.29
C SER B 203 -20.57 24.03 -9.37
N VAL B 204 -20.44 23.60 -10.62
CA VAL B 204 -21.13 24.24 -11.75
C VAL B 204 -22.62 23.87 -11.77
N GLY B 205 -22.97 22.70 -11.22
CA GLY B 205 -24.36 22.25 -11.14
C GLY B 205 -24.66 20.92 -11.82
N HIS B 206 -23.61 20.27 -12.33
CA HIS B 206 -23.71 18.93 -12.88
C HIS B 206 -23.76 17.94 -11.73
N LYS B 207 -24.19 16.72 -12.03
CA LYS B 207 -24.23 15.64 -11.05
C LYS B 207 -23.41 14.44 -11.54
N PRO B 208 -22.09 14.60 -11.61
CA PRO B 208 -21.26 13.53 -12.18
C PRO B 208 -21.22 12.29 -11.32
N TYR B 209 -21.00 11.13 -11.94
CA TYR B 209 -20.87 9.91 -11.18
C TYR B 209 -19.89 8.91 -11.80
N ILE B 210 -19.22 9.29 -12.89
CA ILE B 210 -18.30 8.36 -13.58
C ILE B 210 -16.88 8.89 -13.54
N LEU B 211 -15.95 8.02 -13.16
CA LEU B 211 -14.53 8.23 -13.38
C LEU B 211 -14.09 7.23 -14.43
N ASP B 212 -13.43 7.69 -15.49
CA ASP B 212 -12.97 6.84 -16.56
C ASP B 212 -11.44 6.97 -16.61
N ILE B 213 -10.74 5.90 -16.23
CA ILE B 213 -9.28 6.02 -16.10
C ILE B 213 -8.55 5.74 -17.41
N GLY B 214 -9.30 5.63 -18.50
CA GLY B 214 -8.72 5.42 -19.82
C GLY B 214 -7.97 4.11 -19.98
N GLY B 215 -6.99 4.09 -20.86
CA GLY B 215 -6.23 2.86 -21.14
C GLY B 215 -4.76 2.99 -20.77
N GLY B 216 -3.91 2.26 -21.49
CA GLY B 216 -2.47 2.38 -21.33
C GLY B 216 -1.79 1.15 -20.74
N LEU B 217 -2.53 0.38 -19.95
CA LEU B 217 -1.91 -0.68 -19.15
C LEU B 217 -1.56 -1.94 -19.92
N HIS B 218 -0.42 -2.53 -19.57
CA HIS B 218 -0.01 -3.83 -20.08
C HIS B 218 -0.39 -4.93 -19.10
N ALA B 219 -0.67 -6.12 -19.64
CA ALA B 219 -0.78 -7.31 -18.82
C ALA B 219 0.64 -7.88 -18.76
N ASP B 220 1.43 -7.36 -17.83
CA ASP B 220 2.82 -7.81 -17.67
C ASP B 220 2.89 -9.04 -16.79
N ILE B 221 3.30 -10.15 -17.37
CA ILE B 221 3.29 -11.45 -16.71
C ILE B 221 4.71 -11.97 -16.54
N ASP B 222 5.01 -12.50 -15.36
CA ASP B 222 6.28 -13.17 -15.09
C ASP B 222 6.09 -14.47 -14.28
N GLY B 224 4.05 -17.01 -14.63
CA GLY B 224 2.61 -17.00 -15.02
C GLY B 224 1.74 -16.15 -14.10
N GLU B 225 2.34 -15.16 -13.44
CA GLU B 225 1.61 -14.28 -12.54
C GLU B 225 1.62 -12.86 -13.08
N LEU B 226 0.45 -12.23 -13.08
CA LEU B 226 0.29 -10.87 -13.54
C LEU B 226 0.83 -9.94 -12.46
N SER B 227 1.62 -8.95 -12.86
CA SER B 227 2.14 -7.99 -11.91
C SER B 227 1.09 -6.94 -11.53
N THR B 228 1.06 -6.57 -10.26
CA THR B 228 0.11 -5.59 -9.75
C THR B 228 0.75 -4.23 -9.53
N TYR B 229 1.94 -4.02 -10.14
CA TYR B 229 2.68 -2.76 -9.95
C TYR B 229 1.83 -1.54 -10.31
N MET B 230 0.96 -1.67 -11.32
CA MET B 230 0.09 -0.56 -11.72
C MET B 230 -1.23 -0.59 -10.95
N SER B 231 -1.87 -1.76 -10.90
CA SER B 231 -3.20 -1.87 -10.31
C SER B 231 -3.24 -1.50 -8.84
N ASP B 232 -2.22 -1.86 -8.08
CA ASP B 232 -2.21 -1.54 -6.64
C ASP B 232 -2.26 -0.03 -6.42
N TYR B 233 -1.47 0.72 -7.18
CA TYR B 233 -1.41 2.17 -6.99
C TYR B 233 -2.62 2.87 -7.57
N ILE B 234 -3.15 2.33 -8.68
CA ILE B 234 -4.40 2.84 -9.23
C ILE B 234 -5.50 2.67 -8.17
N ASN B 235 -5.60 1.48 -7.59
CA ASN B 235 -6.58 1.24 -6.53
C ASN B 235 -6.37 2.11 -5.30
N ASP B 236 -5.10 2.40 -4.98
CA ASP B 236 -4.75 3.34 -3.89
C ASP B 236 -5.32 4.72 -4.20
N ALA B 237 -5.17 5.17 -5.45
CA ALA B 237 -5.67 6.47 -5.88
C ALA B 237 -7.20 6.52 -5.84
N ILE B 238 -7.83 5.42 -6.26
CA ILE B 238 -9.28 5.29 -6.21
C ILE B 238 -9.75 5.46 -4.75
N LYS B 239 -9.07 4.78 -3.83
CA LYS B 239 -9.39 4.88 -2.40
C LYS B 239 -9.27 6.31 -1.84
N ASP B 240 -8.18 6.99 -2.22
CA ASP B 240 -7.88 8.34 -1.77
C ASP B 240 -8.88 9.36 -2.28
N PHE B 241 -9.27 9.23 -3.54
CA PHE B 241 -9.98 10.32 -4.23
C PHE B 241 -11.42 10.01 -4.60
N PHE B 242 -11.73 8.73 -4.84
CA PHE B 242 -13.08 8.31 -5.22
C PHE B 242 -13.56 7.12 -4.38
N PRO B 243 -13.47 7.22 -3.03
CA PRO B 243 -13.85 6.05 -2.23
C PRO B 243 -15.37 5.79 -2.24
N GLU B 244 -16.15 6.82 -2.60
CA GLU B 244 -17.61 6.74 -2.51
C GLU B 244 -18.18 5.66 -3.44
N ASP B 245 -19.09 4.84 -2.89
CA ASP B 245 -19.73 3.76 -3.66
C ASP B 245 -20.73 4.29 -4.69
N THR B 246 -21.10 5.57 -4.57
CA THR B 246 -21.97 6.22 -5.53
C THR B 246 -21.26 6.58 -6.86
N VAL B 247 -19.94 6.39 -6.92
CA VAL B 247 -19.17 6.65 -8.13
C VAL B 247 -18.99 5.34 -8.90
N THR B 248 -19.27 5.38 -10.21
CA THR B 248 -19.01 4.27 -11.10
C THR B 248 -17.64 4.49 -11.74
N ILE B 249 -16.78 3.48 -11.70
CA ILE B 249 -15.45 3.63 -12.30
C ILE B 249 -15.36 2.71 -13.51
N VAL B 250 -14.92 3.29 -14.64
CA VAL B 250 -14.69 2.53 -15.87
C VAL B 250 -13.25 2.74 -16.35
N ALA B 251 -12.83 1.90 -17.30
CA ALA B 251 -11.54 2.08 -17.96
C ALA B 251 -11.72 1.77 -19.44
N GLU B 252 -10.73 2.13 -20.26
CA GLU B 252 -10.79 1.85 -21.69
C GLU B 252 -9.54 1.06 -22.13
N PRO B 253 -9.33 -0.16 -21.57
CA PRO B 253 -8.11 -0.91 -21.91
C PRO B 253 -8.15 -1.46 -23.34
N GLY B 254 -7.04 -1.32 -24.07
CA GLY B 254 -6.92 -2.00 -25.34
C GLY B 254 -5.90 -3.12 -25.21
N ARG B 255 -4.64 -2.73 -25.09
CA ARG B 255 -3.53 -3.70 -25.15
C ARG B 255 -3.51 -4.68 -23.99
N PHE B 256 -4.12 -4.31 -22.86
CA PHE B 256 -4.15 -5.20 -21.70
C PHE B 256 -4.74 -6.56 -22.12
N PHE B 257 -5.82 -6.52 -22.89
CA PHE B 257 -6.46 -7.76 -23.35
C PHE B 257 -5.97 -8.23 -24.69
N ALA B 258 -5.66 -7.30 -25.60
CA ALA B 258 -5.29 -7.71 -26.97
C ALA B 258 -3.86 -8.23 -27.13
N GLU B 259 -2.90 -7.70 -26.38
CA GLU B 259 -1.49 -8.00 -26.65
C GLU B 259 -1.22 -9.50 -26.77
N HIS B 260 -1.64 -10.25 -25.76
CA HIS B 260 -1.34 -11.69 -25.67
C HIS B 260 -2.34 -12.59 -26.38
N TYR B 261 -3.33 -11.99 -27.04
CA TYR B 261 -4.38 -12.75 -27.71
C TYR B 261 -3.84 -13.56 -28.88
N SER B 262 -2.82 -13.02 -29.55
CA SER B 262 -2.32 -13.62 -30.80
C SER B 262 -0.80 -13.75 -30.84
N VAL B 263 -0.34 -14.71 -31.63
CA VAL B 263 1.04 -14.70 -32.14
C VAL B 263 0.95 -14.55 -33.66
N LEU B 264 2.00 -14.04 -34.28
CA LEU B 264 1.99 -13.88 -35.74
C LEU B 264 3.09 -14.75 -36.36
N ALA B 265 2.71 -15.73 -37.18
CA ALA B 265 3.65 -16.60 -37.84
C ALA B 265 3.95 -16.07 -39.23
N THR B 266 5.23 -16.08 -39.60
CA THR B 266 5.68 -15.60 -40.90
C THR B 266 6.86 -16.43 -41.39
N GLN B 267 7.00 -16.50 -42.72
CA GLN B 267 7.96 -17.39 -43.34
C GLN B 267 9.11 -16.61 -43.97
N VAL B 268 10.31 -17.19 -43.90
CA VAL B 268 11.46 -16.66 -44.60
C VAL B 268 11.28 -16.92 -46.09
N ILE B 269 11.22 -15.84 -46.87
CA ILE B 269 11.02 -15.97 -48.32
C ILE B 269 12.25 -15.58 -49.14
N GLY B 270 13.21 -14.92 -48.49
CA GLY B 270 14.44 -14.46 -49.15
C GLY B 270 15.59 -14.43 -48.17
N LYS B 271 16.81 -14.46 -48.70
CA LYS B 271 18.00 -14.57 -47.86
C LYS B 271 19.20 -14.00 -48.60
N ARG B 272 20.12 -13.39 -47.86
CA ARG B 272 21.35 -12.83 -48.43
C ARG B 272 22.33 -12.89 -47.29
N VAL B 273 23.50 -13.48 -47.51
CA VAL B 273 24.54 -13.54 -46.47
C VAL B 273 25.76 -12.80 -46.99
N ARG B 274 26.16 -11.75 -46.27
CA ARG B 274 27.24 -10.89 -46.73
C ARG B 274 28.17 -10.63 -45.57
N ASP B 275 29.42 -11.03 -45.74
CA ASP B 275 30.46 -10.82 -44.73
C ASP B 275 30.01 -11.17 -43.32
N GLY B 276 29.39 -12.35 -43.18
CA GLY B 276 29.01 -12.88 -41.88
C GLY B 276 27.73 -12.30 -41.32
N LEU B 277 27.05 -11.45 -42.08
CA LEU B 277 25.77 -10.91 -41.65
C LEU B 277 24.64 -11.63 -42.41
N TYR B 278 23.65 -12.14 -41.68
CA TYR B 278 22.60 -12.96 -42.27
C TYR B 278 21.31 -12.16 -42.41
N GLU B 279 20.98 -11.80 -43.65
CA GLU B 279 19.83 -10.95 -43.92
C GLU B 279 18.66 -11.78 -44.46
N TYR B 280 17.49 -11.60 -43.87
CA TYR B 280 16.33 -12.40 -44.24
C TYR B 280 15.15 -11.51 -44.61
N PHE B 281 14.34 -11.98 -45.56
CA PHE B 281 13.14 -11.28 -45.96
C PHE B 281 11.96 -12.18 -45.66
N PHE B 282 10.94 -11.60 -45.03
CA PHE B 282 9.77 -12.35 -44.57
C PHE B 282 8.56 -11.98 -45.38
N ASN B 283 7.53 -12.84 -45.39
CA ASN B 283 6.28 -12.49 -46.03
C ASN B 283 5.37 -11.66 -45.13
N GLU B 284 6.01 -10.78 -44.36
CA GLU B 284 5.33 -9.78 -43.53
C GLU B 284 6.15 -8.49 -43.60
N SER B 285 5.60 -7.40 -43.06
CA SER B 285 6.32 -6.12 -43.14
C SER B 285 5.78 -5.12 -42.12
N THR B 286 6.51 -4.02 -41.96
CA THR B 286 6.06 -2.91 -41.13
C THR B 286 4.82 -2.24 -41.73
N TYR B 287 4.52 -2.53 -43.00
CA TYR B 287 3.26 -2.07 -43.60
C TYR B 287 2.15 -3.13 -43.52
N GLY B 288 2.51 -4.30 -43.02
CA GLY B 288 1.58 -5.38 -42.75
C GLY B 288 1.26 -5.38 -41.26
N GLY B 289 1.71 -6.41 -40.56
CA GLY B 289 1.41 -6.57 -39.13
C GLY B 289 2.46 -6.00 -38.17
N PHE B 290 3.53 -5.42 -38.71
CA PHE B 290 4.63 -4.92 -37.87
C PHE B 290 4.74 -3.38 -37.77
N SER B 291 3.59 -2.68 -37.83
CA SER B 291 3.63 -1.22 -37.70
C SER B 291 4.16 -0.77 -36.34
N ASN B 292 4.05 -1.61 -35.32
CA ASN B 292 4.60 -1.29 -33.99
C ASN B 292 6.10 -1.07 -33.97
N VAL B 293 6.80 -1.63 -34.96
CA VAL B 293 8.22 -1.35 -35.13
C VAL B 293 8.43 0.15 -35.40
N ILE B 294 7.54 0.75 -36.19
CA ILE B 294 7.61 2.19 -36.46
C ILE B 294 7.02 3.02 -35.32
N PHE B 295 5.79 2.72 -34.92
CA PHE B 295 5.03 3.62 -34.05
C PHE B 295 5.24 3.41 -32.55
N GLU B 296 5.73 2.24 -32.18
CA GLU B 296 5.96 1.95 -30.75
C GLU B 296 7.39 1.56 -30.48
N LYS B 297 8.24 1.74 -31.49
CA LYS B 297 9.65 1.39 -31.41
C LYS B 297 9.88 -0.05 -30.88
N SER B 298 9.05 -0.98 -31.37
CA SER B 298 9.16 -2.39 -31.00
C SER B 298 10.40 -3.02 -31.65
N VAL B 299 11.09 -3.88 -30.90
CA VAL B 299 12.24 -4.62 -31.39
C VAL B 299 11.96 -6.10 -31.10
N PRO B 300 11.12 -6.73 -31.92
CA PRO B 300 10.63 -8.07 -31.62
C PRO B 300 11.60 -9.20 -32.03
N THR B 301 11.72 -10.21 -31.17
CA THR B 301 12.54 -11.39 -31.48
C THR B 301 11.62 -12.56 -31.81
N PRO B 302 11.85 -13.22 -32.96
CA PRO B 302 10.97 -14.34 -33.30
C PRO B 302 11.39 -15.64 -32.62
N GLN B 303 10.46 -16.58 -32.56
CA GLN B 303 10.69 -17.95 -32.11
C GLN B 303 10.74 -18.84 -33.34
N LEU B 304 11.79 -19.66 -33.47
CA LEU B 304 11.92 -20.61 -34.59
C LEU B 304 11.01 -21.81 -34.39
N LEU B 305 10.37 -22.27 -35.47
CA LEU B 305 9.52 -23.45 -35.37
C LEU B 305 10.28 -24.75 -35.58
N ARG B 306 11.34 -24.68 -36.39
CA ARG B 306 12.27 -25.79 -36.59
C ARG B 306 13.08 -26.03 -35.30
N ASP B 307 13.12 -27.27 -34.85
CA ASP B 307 13.85 -27.64 -33.63
C ASP B 307 15.37 -27.56 -33.88
N VAL B 308 16.12 -26.88 -33.01
CA VAL B 308 17.59 -26.77 -33.18
C VAL B 308 18.30 -27.37 -31.96
N PRO B 309 19.48 -27.98 -32.16
CA PRO B 309 20.17 -28.52 -31.00
C PRO B 309 20.59 -27.43 -30.04
N ASP B 310 20.59 -27.76 -28.75
CA ASP B 310 21.22 -26.91 -27.74
C ASP B 310 22.65 -26.61 -28.22
N GLU B 312 23.88 -25.26 -30.92
CA GLU B 312 23.63 -24.60 -32.22
C GLU B 312 24.10 -23.15 -32.10
N GLU B 313 24.95 -22.77 -33.04
CA GLU B 313 25.53 -21.43 -33.14
C GLU B 313 24.50 -20.38 -33.55
N TYR B 314 24.45 -19.26 -32.84
CA TYR B 314 23.63 -18.11 -33.24
C TYR B 314 24.49 -17.16 -34.09
N VAL B 315 23.86 -16.52 -35.09
CA VAL B 315 24.59 -15.65 -36.01
C VAL B 315 23.88 -14.28 -36.07
N PRO B 316 24.61 -13.21 -36.42
CA PRO B 316 23.94 -11.91 -36.44
C PRO B 316 23.00 -11.81 -37.64
N SER B 317 21.75 -11.49 -37.36
CA SER B 317 20.68 -11.57 -38.33
C SER B 317 19.99 -10.22 -38.45
N VAL B 318 19.46 -9.94 -39.64
CA VAL B 318 18.66 -8.74 -39.88
C VAL B 318 17.36 -9.25 -40.47
N LEU B 319 16.23 -8.80 -39.92
CA LEU B 319 14.92 -9.26 -40.36
C LEU B 319 14.23 -8.14 -41.12
N TYR B 320 14.14 -8.32 -42.44
CA TYR B 320 13.52 -7.36 -43.34
C TYR B 320 12.07 -7.68 -43.66
N GLY B 321 11.25 -6.65 -43.83
CA GLY B 321 9.90 -6.84 -44.35
C GLY B 321 9.94 -6.98 -45.87
N CYS B 322 8.81 -7.41 -46.43
CA CYS B 322 8.75 -7.79 -47.85
C CYS B 322 8.60 -6.62 -48.82
N THR B 323 8.33 -5.41 -48.33
CA THR B 323 8.15 -4.28 -49.26
C THR B 323 9.45 -3.70 -49.84
N CYS B 324 9.32 -2.83 -50.83
N CYS B 324 9.32 -2.80 -50.82
CA CYS B 324 10.47 -2.19 -51.47
CA CYS B 324 10.48 -2.18 -51.44
C CYS B 324 11.03 -0.99 -50.69
C CYS B 324 11.18 -1.17 -50.52
N ASP B 325 10.43 -0.68 -49.53
CA ASP B 325 10.87 0.44 -48.71
C ASP B 325 12.02 0.13 -47.77
N GLY B 326 13.01 1.03 -47.69
CA GLY B 326 14.14 0.85 -46.77
C GLY B 326 13.77 1.00 -45.29
N VAL B 327 12.64 1.68 -45.01
CA VAL B 327 12.15 1.85 -43.65
C VAL B 327 11.62 0.54 -43.10
N ASP B 328 11.26 -0.36 -44.00
CA ASP B 328 10.55 -1.57 -43.65
C ASP B 328 11.53 -2.66 -43.18
N VAL B 329 11.96 -2.53 -41.94
CA VAL B 329 12.88 -3.48 -41.32
C VAL B 329 12.22 -3.93 -40.03
N ILE B 330 11.96 -5.22 -39.90
CA ILE B 330 11.28 -5.75 -38.70
C ILE B 330 12.23 -5.71 -37.48
N ASN B 331 13.49 -6.09 -37.69
CA ASN B 331 14.49 -6.06 -36.63
C ASN B 331 15.87 -5.87 -37.25
N HIS B 332 16.53 -4.77 -36.92
CA HIS B 332 17.81 -4.41 -37.52
C HIS B 332 18.96 -5.35 -37.15
N ASN B 333 18.91 -5.91 -35.95
CA ASN B 333 19.97 -6.78 -35.44
C ASN B 333 19.45 -7.70 -34.36
N VAL B 334 19.52 -8.99 -34.62
CA VAL B 334 19.13 -9.99 -33.63
C VAL B 334 19.98 -11.26 -33.81
N ALA B 335 20.39 -11.86 -32.69
CA ALA B 335 21.16 -13.10 -32.73
C ALA B 335 20.17 -14.27 -32.83
N LEU B 336 20.34 -15.10 -33.86
CA LEU B 336 19.45 -16.24 -34.12
C LEU B 336 20.23 -17.40 -34.74
N PRO B 337 19.71 -18.65 -34.60
CA PRO B 337 20.30 -19.75 -35.38
C PRO B 337 20.12 -19.41 -36.87
N GLU B 338 20.97 -19.93 -37.74
CA GLU B 338 20.82 -19.69 -39.17
C GLU B 338 19.44 -20.15 -39.64
N LEU B 339 18.78 -19.32 -40.45
CA LEU B 339 17.48 -19.64 -41.02
C LEU B 339 17.65 -19.93 -42.50
N HIS B 340 16.65 -20.57 -43.09
CA HIS B 340 16.68 -20.94 -44.49
C HIS B 340 15.36 -20.55 -45.14
N ILE B 341 15.41 -20.31 -46.45
CA ILE B 341 14.19 -20.02 -47.18
C ILE B 341 13.20 -21.17 -46.96
N GLY B 342 12.01 -20.84 -46.45
CA GLY B 342 10.98 -21.82 -46.16
C GLY B 342 10.72 -22.00 -44.67
N ASP B 343 11.70 -21.62 -43.83
CA ASP B 343 11.54 -21.68 -42.37
C ASP B 343 10.39 -20.79 -41.93
N TRP B 344 9.58 -21.28 -41.00
CA TRP B 344 8.58 -20.44 -40.35
C TRP B 344 9.09 -20.00 -39.00
N VAL B 345 8.74 -18.77 -38.60
CA VAL B 345 9.00 -18.28 -37.25
C VAL B 345 7.68 -17.69 -36.75
N TYR B 346 7.55 -17.47 -35.44
CA TYR B 346 6.42 -16.67 -34.94
C TYR B 346 6.86 -15.65 -33.90
N PHE B 347 6.06 -14.60 -33.78
CA PHE B 347 6.31 -13.50 -32.87
C PHE B 347 5.24 -13.53 -31.78
N PRO B 348 5.65 -13.77 -30.53
CA PRO B 348 4.73 -13.85 -29.41
C PRO B 348 4.04 -12.52 -29.10
N SER B 349 2.89 -12.58 -28.46
CA SER B 349 2.21 -11.39 -27.95
C SER B 349 2.07 -10.32 -29.03
N TRP B 350 1.46 -10.72 -30.14
CA TRP B 350 1.36 -9.85 -31.31
C TRP B 350 -0.09 -9.52 -31.67
N GLY B 351 -0.90 -9.24 -30.64
CA GLY B 351 -2.32 -8.97 -30.83
C GLY B 351 -2.75 -7.52 -30.69
N ALA B 352 -1.85 -6.65 -30.23
CA ALA B 352 -2.22 -5.26 -29.96
C ALA B 352 -1.62 -4.28 -31.00
N TYR B 353 -2.51 -3.60 -31.73
CA TYR B 353 -2.12 -2.66 -32.80
C TYR B 353 -1.27 -3.36 -33.85
N THR B 354 -1.73 -4.54 -34.26
CA THR B 354 -0.98 -5.34 -35.23
C THR B 354 -1.84 -5.54 -36.49
N ASN B 355 -2.81 -6.47 -36.43
CA ASN B 355 -3.70 -6.71 -37.56
C ASN B 355 -4.58 -5.52 -37.96
N VAL B 356 -4.92 -4.67 -37.00
CA VAL B 356 -5.77 -3.50 -37.28
C VAL B 356 -5.09 -2.46 -38.19
N LEU B 357 -3.77 -2.54 -38.28
CA LEU B 357 -3.00 -1.51 -38.99
C LEU B 357 -2.39 -1.98 -40.32
N THR B 358 -2.88 -3.10 -40.83
CA THR B 358 -2.46 -3.65 -42.11
C THR B 358 -2.75 -2.70 -43.28
N THR B 359 -1.82 -2.62 -44.23
CA THR B 359 -2.07 -1.96 -45.52
C THR B 359 -1.84 -2.99 -46.63
N SER B 360 -2.27 -2.69 -47.85
CA SER B 360 -1.97 -3.53 -49.00
C SER B 360 -0.85 -2.92 -49.86
N PHE B 361 0.03 -2.16 -49.20
CA PHE B 361 1.14 -1.51 -49.90
C PHE B 361 2.03 -2.57 -50.57
N ASN B 362 2.42 -2.29 -51.81
CA ASN B 362 3.20 -3.21 -52.66
C ASN B 362 2.43 -4.46 -53.09
N GLY B 363 1.14 -4.53 -52.77
CA GLY B 363 0.34 -5.73 -53.05
C GLY B 363 0.53 -6.83 -52.01
N PHE B 364 1.18 -6.49 -50.90
CA PHE B 364 1.31 -7.43 -49.77
C PHE B 364 0.23 -7.17 -48.70
N GLY B 365 0.44 -7.66 -47.49
CA GLY B 365 -0.49 -7.36 -46.39
C GLY B 365 -1.55 -8.41 -46.08
N GLU B 366 -1.65 -9.45 -46.90
CA GLU B 366 -2.66 -10.48 -46.69
C GLU B 366 -2.20 -11.43 -45.59
N TYR B 367 -3.15 -11.96 -44.82
CA TYR B 367 -2.84 -12.89 -43.74
C TYR B 367 -4.06 -13.77 -43.47
N ASP B 368 -3.83 -14.92 -42.87
CA ASP B 368 -4.92 -15.77 -42.37
C ASP B 368 -5.03 -15.66 -40.84
N VAL B 369 -6.12 -16.18 -40.28
CA VAL B 369 -6.26 -16.26 -38.83
C VAL B 369 -6.75 -17.66 -38.47
N TYR B 370 -6.09 -18.27 -37.49
CA TYR B 370 -6.52 -19.55 -36.92
C TYR B 370 -6.83 -19.34 -35.45
N TYR B 371 -7.97 -19.88 -35.01
CA TYR B 371 -8.37 -19.78 -33.62
C TYR B 371 -8.13 -21.10 -32.91
N ILE B 372 -7.57 -21.02 -31.71
CA ILE B 372 -7.30 -22.21 -30.91
C ILE B 372 -8.00 -22.15 -29.56
N MET C 1 47.12 8.98 -47.40
CA MET C 1 46.70 9.44 -46.04
C MET C 1 47.04 8.43 -44.94
N ASN C 2 47.00 7.14 -45.30
CA ASN C 2 47.45 6.07 -44.41
C ASN C 2 48.85 6.26 -43.91
N SER C 3 49.77 6.56 -44.83
CA SER C 3 51.17 6.69 -44.51
C SER C 3 51.37 7.95 -43.67
N VAL C 4 50.61 9.01 -43.94
CA VAL C 4 50.70 10.25 -43.15
C VAL C 4 50.27 10.00 -41.70
N VAL C 5 49.14 9.31 -41.52
CA VAL C 5 48.60 9.08 -40.19
C VAL C 5 49.46 8.07 -39.42
N ASN C 6 49.87 6.99 -40.08
CA ASN C 6 50.86 6.09 -39.49
C ASN C 6 52.16 6.78 -39.08
N ASN C 7 52.65 7.71 -39.90
CA ASN C 7 53.88 8.41 -39.53
C ASN C 7 53.65 9.28 -38.30
N ILE C 8 52.48 9.90 -38.20
CA ILE C 8 52.15 10.69 -37.00
C ILE C 8 52.14 9.82 -35.75
N LEU C 9 51.53 8.64 -35.86
CA LEU C 9 51.54 7.67 -34.76
C LEU C 9 52.95 7.20 -34.39
N LYS C 10 53.80 6.94 -35.39
CA LYS C 10 55.21 6.59 -35.17
C LYS C 10 55.91 7.70 -34.38
N ALA C 11 55.69 8.95 -34.78
CA ALA C 11 56.29 10.12 -34.17
C ALA C 11 55.77 10.43 -32.76
N HIS C 12 54.54 10.05 -32.47
CA HIS C 12 53.95 10.34 -31.16
C HIS C 12 53.55 9.05 -30.50
N PRO C 13 54.56 8.30 -30.04
CA PRO C 13 54.20 6.95 -29.60
C PRO C 13 53.35 6.97 -28.34
N GLN C 15 50.73 8.91 -27.91
CA GLN C 15 49.38 9.41 -28.30
C GLN C 15 48.27 8.59 -27.65
N THR C 16 47.37 9.24 -26.94
CA THR C 16 46.21 8.52 -26.39
C THR C 16 44.88 9.07 -26.86
N LYS C 17 44.81 10.39 -27.01
CA LYS C 17 43.60 11.04 -27.48
C LYS C 17 43.35 10.76 -28.95
N SER C 18 42.08 10.83 -29.36
CA SER C 18 41.76 10.88 -30.78
C SER C 18 42.37 12.18 -31.32
N PHE C 19 42.58 12.24 -32.63
CA PHE C 19 43.23 13.43 -33.21
C PHE C 19 42.79 13.71 -34.64
N TYR C 20 42.67 15.00 -34.95
CA TYR C 20 42.41 15.44 -36.31
C TYR C 20 43.73 15.62 -37.04
N VAL C 21 43.80 15.15 -38.29
CA VAL C 21 44.93 15.47 -39.17
C VAL C 21 44.40 16.44 -40.21
N SER C 22 44.91 17.67 -40.16
CA SER C 22 44.34 18.76 -40.97
C SER C 22 45.32 19.26 -42.00
N SER C 23 44.84 19.50 -43.21
CA SER C 23 45.67 19.93 -44.33
C SER C 23 45.25 21.29 -44.90
N PRO C 24 45.95 22.37 -44.52
CA PRO C 24 45.69 23.70 -45.07
C PRO C 24 45.82 23.73 -46.60
N LYS C 25 46.70 22.87 -47.15
CA LYS C 25 46.88 22.83 -48.60
C LYS C 25 45.62 22.38 -49.34
N ILE C 26 44.89 21.40 -48.77
CA ILE C 26 43.62 20.98 -49.35
C ILE C 26 42.69 22.18 -49.51
N VAL C 27 42.63 23.01 -48.47
CA VAL C 27 41.72 24.15 -48.46
C VAL C 27 42.16 25.24 -49.43
N GLU C 28 43.47 25.51 -49.50
CA GLU C 28 44.02 26.44 -50.50
C GLU C 28 43.64 26.02 -51.92
N ASP C 29 43.71 24.71 -52.17
CA ASP C 29 43.35 24.19 -53.49
C ASP C 29 41.87 24.33 -53.78
N LEU C 30 41.04 24.15 -52.76
CA LEU C 30 39.59 24.30 -52.89
C LEU C 30 39.20 25.76 -53.09
N ILE C 31 39.97 26.67 -52.47
CA ILE C 31 39.78 28.11 -52.68
C ILE C 31 40.08 28.46 -54.15
N ASP C 32 41.15 27.89 -54.69
CA ASP C 32 41.49 28.09 -56.09
C ASP C 32 40.40 27.51 -57.00
N GLN C 33 39.86 26.37 -56.59
CA GLN C 33 38.77 25.73 -57.33
C GLN C 33 37.47 26.53 -57.25
N TRP C 34 37.19 27.12 -56.08
CA TRP C 34 36.01 27.98 -55.90
C TRP C 34 36.04 29.14 -56.90
N THR C 35 37.21 29.76 -57.03
CA THR C 35 37.42 30.87 -57.96
C THR C 35 37.12 30.47 -59.41
N ILE C 36 37.49 29.26 -59.77
CA ILE C 36 37.22 28.72 -61.12
C ILE C 36 35.74 28.36 -61.28
N LEU C 37 35.14 27.77 -60.25
CA LEU C 37 33.73 27.32 -60.30
C LEU C 37 32.74 28.49 -60.28
N PHE C 38 33.07 29.51 -59.50
CA PHE C 38 32.19 30.66 -59.31
C PHE C 38 32.95 31.96 -59.50
N PRO C 39 33.28 32.30 -60.76
CA PRO C 39 34.08 33.49 -61.03
C PRO C 39 33.49 34.79 -60.48
N ARG C 40 32.16 34.86 -60.32
CA ARG C 40 31.53 36.08 -59.87
C ARG C 40 31.25 36.12 -58.38
N VAL C 41 31.51 35.01 -57.66
CA VAL C 41 31.02 34.89 -56.28
C VAL C 41 32.13 34.95 -55.23
N THR C 42 32.13 35.99 -54.42
CA THR C 42 33.07 36.12 -53.30
C THR C 42 32.60 35.27 -52.13
N PRO C 43 33.42 34.28 -51.70
CA PRO C 43 33.05 33.46 -50.55
C PRO C 43 33.29 34.16 -49.21
N HIS C 44 32.28 34.11 -48.34
CA HIS C 44 32.38 34.49 -46.93
C HIS C 44 32.30 33.20 -46.11
N TYR C 45 33.46 32.67 -45.73
CA TYR C 45 33.51 31.36 -45.07
C TYR C 45 32.67 31.35 -43.78
N ALA C 46 31.82 30.32 -43.63
CA ALA C 46 30.99 30.15 -42.46
C ALA C 46 31.80 29.56 -41.33
N VAL C 47 32.32 30.45 -40.48
CA VAL C 47 33.20 30.08 -39.37
C VAL C 47 32.61 29.01 -38.46
N LYS C 48 31.29 29.03 -38.34
CA LYS C 48 30.58 28.08 -37.47
C LYS C 48 30.82 26.60 -37.87
N CYS C 49 31.13 26.38 -39.14
CA CYS C 49 31.34 25.02 -39.66
C CYS C 49 32.62 24.39 -39.08
N ASN C 50 33.67 25.22 -38.98
CA ASN C 50 34.95 24.77 -38.43
C ASN C 50 35.78 26.00 -38.16
N ASN C 51 36.04 26.27 -36.89
CA ASN C 51 36.72 27.49 -36.46
C ASN C 51 38.18 27.26 -36.07
N ASP C 52 38.73 26.15 -36.56
CA ASP C 52 40.16 25.86 -36.43
C ASP C 52 40.99 27.09 -36.82
N GLU C 53 41.94 27.49 -35.96
CA GLU C 53 42.70 28.73 -36.18
C GLU C 53 43.56 28.73 -37.44
N VAL C 54 44.17 27.59 -37.73
CA VAL C 54 44.98 27.44 -38.94
C VAL C 54 44.10 27.53 -40.18
N LEU C 55 42.91 26.94 -40.11
CA LEU C 55 41.93 27.05 -41.19
C LEU C 55 41.55 28.52 -41.45
N LEU C 56 41.27 29.27 -40.38
CA LEU C 56 40.84 30.66 -40.51
C LEU C 56 41.97 31.52 -41.08
N LYS C 57 43.20 31.23 -40.67
CA LYS C 57 44.38 31.96 -41.15
C LYS C 57 44.63 31.67 -42.64
N THR C 58 44.42 30.41 -43.02
CA THR C 58 44.55 29.99 -44.41
C THR C 58 43.57 30.75 -45.29
N MET C 59 42.31 30.83 -44.86
CA MET C 59 41.30 31.57 -45.58
C MET C 59 41.64 33.06 -45.62
N CYS C 60 42.14 33.59 -44.50
CA CYS C 60 42.54 35.00 -44.43
C CYS C 60 43.58 35.33 -45.48
N ASP C 61 44.61 34.48 -45.55
CA ASP C 61 45.75 34.72 -46.45
C ASP C 61 45.41 34.54 -47.93
N LYS C 62 44.36 33.78 -48.19
CA LYS C 62 43.86 33.54 -49.55
C LYS C 62 42.75 34.53 -49.95
N ASN C 63 42.54 35.56 -49.14
CA ASN C 63 41.55 36.61 -49.47
C ASN C 63 40.11 36.16 -49.47
N VAL C 64 39.82 35.10 -48.71
CA VAL C 64 38.44 34.70 -48.43
C VAL C 64 37.91 35.59 -47.32
N ASN C 65 36.63 35.95 -47.41
CA ASN C 65 35.98 36.74 -46.38
C ASN C 65 35.25 35.84 -45.38
N PHE C 66 34.47 36.43 -44.46
CA PHE C 66 33.92 35.62 -43.37
C PHE C 66 32.45 35.90 -43.07
N ASP C 67 31.74 34.83 -42.74
CA ASP C 67 30.37 34.90 -42.26
C ASP C 67 30.44 34.48 -40.78
N CYS C 68 30.18 35.44 -39.88
CA CYS C 68 30.21 35.17 -38.45
C CYS C 68 28.81 35.18 -37.88
N ALA C 69 28.56 34.29 -36.92
CA ALA C 69 27.19 34.12 -36.39
C ALA C 69 26.99 34.80 -35.03
N SER C 70 28.08 35.23 -34.40
CA SER C 70 28.04 35.75 -33.03
C SER C 70 29.24 36.65 -32.77
N SER C 71 29.20 37.36 -31.63
CA SER C 71 30.33 38.18 -31.23
C SER C 71 31.56 37.33 -31.00
N SER C 72 31.38 36.13 -30.46
CA SER C 72 32.52 35.25 -30.23
C SER C 72 33.26 34.89 -31.54
N GLU C 73 32.48 34.63 -32.60
CA GLU C 73 33.06 34.33 -33.91
C GLU C 73 33.73 35.56 -34.53
N ILE C 74 33.08 36.72 -34.35
CA ILE C 74 33.70 37.98 -34.78
C ILE C 74 35.07 38.16 -34.12
N LYS C 75 35.12 37.98 -32.80
CA LYS C 75 36.37 38.08 -32.05
C LYS C 75 37.44 37.15 -32.58
N LYS C 76 37.07 35.90 -32.84
CA LYS C 76 38.03 34.90 -33.36
C LYS C 76 38.63 35.34 -34.69
N VAL C 77 37.79 35.86 -35.58
CA VAL C 77 38.21 36.25 -36.93
C VAL C 77 39.12 37.47 -36.85
N ILE C 78 38.74 38.44 -36.02
CA ILE C 78 39.53 39.66 -35.80
C ILE C 78 40.91 39.31 -35.21
N GLN C 79 40.92 38.38 -34.24
CA GLN C 79 42.18 37.96 -33.60
C GLN C 79 43.16 37.30 -34.59
N ILE C 80 42.64 36.68 -35.64
CA ILE C 80 43.44 36.09 -36.73
C ILE C 80 44.17 37.19 -37.53
N GLY C 81 43.64 38.40 -37.47
CA GLY C 81 44.20 39.55 -38.18
C GLY C 81 43.38 40.03 -39.35
N VAL C 82 42.17 39.48 -39.51
CA VAL C 82 41.28 39.86 -40.60
C VAL C 82 40.64 41.22 -40.28
N SER C 83 40.52 42.10 -41.28
CA SER C 83 39.82 43.36 -41.10
C SER C 83 38.35 43.11 -40.80
N PRO C 84 37.78 43.86 -39.82
CA PRO C 84 36.33 43.79 -39.57
C PRO C 84 35.50 44.05 -40.84
N SER C 85 36.05 44.81 -41.79
CA SER C 85 35.35 45.13 -43.05
C SER C 85 35.06 43.89 -43.91
N ARG C 86 35.77 42.79 -43.65
CA ARG C 86 35.60 41.54 -44.38
C ARG C 86 34.56 40.58 -43.78
N ILE C 87 33.89 41.01 -42.72
CA ILE C 87 32.92 40.14 -42.02
C ILE C 87 31.49 40.55 -42.35
N ILE C 88 30.64 39.55 -42.66
CA ILE C 88 29.19 39.73 -42.70
C ILE C 88 28.63 39.02 -41.47
N PHE C 89 27.89 39.76 -40.64
CA PHE C 89 27.23 39.20 -39.47
C PHE C 89 25.95 38.53 -40.00
N ALA C 90 26.12 37.34 -40.59
CA ALA C 90 25.03 36.69 -41.35
C ALA C 90 24.16 35.83 -40.45
N HIS C 91 23.66 36.43 -39.38
CA HIS C 91 22.68 35.79 -38.51
C HIS C 91 21.51 36.75 -38.42
N THR C 92 20.29 36.29 -38.72
CA THR C 92 19.17 37.23 -38.71
C THR C 92 18.69 37.60 -37.29
N MET C 93 19.17 36.90 -36.27
CA MET C 93 18.77 37.19 -34.89
C MET C 93 19.99 37.43 -34.03
N LYS C 94 20.27 38.71 -33.77
CA LYS C 94 21.52 39.11 -33.11
C LYS C 94 21.19 39.83 -31.82
N THR C 95 21.93 39.55 -30.75
CA THR C 95 21.62 40.19 -29.46
C THR C 95 21.98 41.67 -29.55
N ILE C 96 21.27 42.49 -28.77
CA ILE C 96 21.58 43.93 -28.70
C ILE C 96 23.06 44.12 -28.34
N ASP C 97 23.55 43.37 -27.36
CA ASP C 97 24.96 43.47 -26.93
C ASP C 97 25.92 43.11 -28.07
N ASP C 98 25.56 42.10 -28.87
CA ASP C 98 26.41 41.72 -30.01
C ASP C 98 26.37 42.77 -31.11
N LEU C 99 25.24 43.44 -31.27
CA LEU C 99 25.13 44.50 -32.28
C LEU C 99 25.97 45.73 -31.90
N ILE C 100 25.92 46.11 -30.63
CA ILE C 100 26.77 47.16 -30.08
C ILE C 100 28.24 46.81 -30.34
N PHE C 101 28.59 45.57 -30.01
CA PHE C 101 29.95 45.07 -30.19
C PHE C 101 30.35 45.14 -31.66
N ALA C 102 29.47 44.64 -32.53
CA ALA C 102 29.75 44.65 -33.97
C ALA C 102 29.98 46.08 -34.43
N LYS C 103 29.11 47.02 -34.00
CA LYS C 103 29.24 48.42 -34.41
C LYS C 103 30.60 48.99 -33.99
N ASP C 104 30.98 48.73 -32.75
CA ASP C 104 32.26 49.23 -32.22
C ASP C 104 33.44 48.65 -32.97
N GLN C 105 33.41 47.34 -33.21
CA GLN C 105 34.53 46.65 -33.86
C GLN C 105 34.69 46.99 -35.33
N GLY C 106 33.57 47.26 -36.01
CA GLY C 106 33.61 47.58 -37.44
C GLY C 106 32.93 46.56 -38.33
N VAL C 107 32.17 45.65 -37.72
CA VAL C 107 31.35 44.72 -38.50
C VAL C 107 30.01 45.41 -38.77
N ASP C 108 29.83 45.82 -40.03
CA ASP C 108 28.70 46.69 -40.37
C ASP C 108 27.96 46.22 -41.60
N ILE C 109 27.91 44.89 -41.79
CA ILE C 109 27.04 44.30 -42.79
C ILE C 109 26.38 43.14 -42.04
N ALA C 110 25.04 43.05 -42.13
CA ALA C 110 24.31 42.00 -41.40
C ALA C 110 23.01 41.64 -42.09
N THR C 111 22.43 40.50 -41.71
CA THR C 111 21.16 40.04 -42.27
C THR C 111 20.00 40.29 -41.31
N PHE C 112 18.78 40.29 -41.84
CA PHE C 112 17.58 40.33 -41.02
C PHE C 112 16.43 39.64 -41.72
N ASP C 113 15.40 39.33 -40.94
CA ASP C 113 14.18 38.80 -41.50
C ASP C 113 12.92 39.17 -40.69
N SER C 114 13.06 40.11 -39.74
CA SER C 114 11.92 40.53 -38.91
C SER C 114 11.95 42.04 -38.70
N SER C 115 10.79 42.61 -38.40
CA SER C 115 10.72 44.05 -38.08
C SER C 115 11.39 44.38 -36.74
N PHE C 116 11.32 43.48 -35.77
CA PHE C 116 11.92 43.70 -34.47
C PHE C 116 13.45 43.78 -34.57
N GLU C 117 14.00 43.07 -35.53
CA GLU C 117 15.45 43.11 -35.81
C GLU C 117 15.83 44.47 -36.35
N LEU C 118 14.99 45.02 -37.23
CA LEU C 118 15.20 46.38 -37.74
C LEU C 118 15.14 47.41 -36.62
N ASP C 119 14.24 47.23 -35.65
CA ASP C 119 14.15 48.10 -34.48
C ASP C 119 15.47 48.13 -33.69
N LYS C 120 16.06 46.95 -33.45
CA LYS C 120 17.38 46.85 -32.80
C LYS C 120 18.45 47.56 -33.62
N ILE C 121 18.44 47.33 -34.93
CA ILE C 121 19.42 47.96 -35.84
C ILE C 121 19.33 49.48 -35.70
N HIS C 122 18.12 50.01 -35.82
CA HIS C 122 17.88 51.44 -35.71
C HIS C 122 18.43 52.07 -34.42
N THR C 123 18.22 51.40 -33.29
CA THR C 123 18.62 51.92 -32.00
C THR C 123 20.11 51.73 -31.73
N TYR C 124 20.65 50.58 -32.12
CA TYR C 124 21.97 50.16 -31.68
C TYR C 124 23.06 50.12 -32.75
N HIS C 125 22.68 50.00 -34.02
CA HIS C 125 23.67 49.91 -35.08
C HIS C 125 23.08 50.56 -36.34
N PRO C 126 22.70 51.86 -36.24
CA PRO C 126 21.83 52.48 -37.26
C PRO C 126 22.39 52.55 -38.67
N ASN C 127 23.71 52.50 -38.82
CA ASN C 127 24.32 52.57 -40.15
C ASN C 127 24.79 51.21 -40.68
N CYS C 128 24.41 50.14 -39.99
CA CYS C 128 24.70 48.79 -40.46
C CYS C 128 24.00 48.59 -41.80
N LYS C 129 24.76 48.14 -42.80
CA LYS C 129 24.22 47.85 -44.11
C LYS C 129 23.52 46.50 -44.04
N MET C 130 22.22 46.47 -44.38
CA MET C 130 21.39 45.29 -44.14
C MET C 130 21.08 44.45 -45.38
N ILE C 131 21.05 43.13 -45.18
CA ILE C 131 20.69 42.16 -46.23
C ILE C 131 19.44 41.43 -45.77
N LEU C 132 18.36 41.53 -46.54
CA LEU C 132 17.12 40.83 -46.21
C LEU C 132 17.26 39.36 -46.60
N ARG C 133 17.12 38.47 -45.63
CA ARG C 133 17.16 37.03 -45.89
C ARG C 133 15.73 36.54 -46.17
N ILE C 134 15.52 35.97 -47.37
CA ILE C 134 14.21 35.42 -47.73
C ILE C 134 14.24 33.89 -47.61
N ARG C 135 13.08 33.29 -47.30
CA ARG C 135 13.01 31.84 -47.19
C ARG C 135 12.87 31.23 -48.57
N CYS C 136 13.78 30.32 -48.93
CA CYS C 136 13.66 29.52 -50.16
C CYS C 136 14.28 28.19 -49.86
N ASP C 137 13.46 27.16 -49.64
CA ASP C 137 13.98 25.88 -49.14
C ASP C 137 14.34 24.90 -50.24
N ASP C 138 15.40 24.12 -49.99
CA ASP C 138 15.65 22.89 -50.70
C ASP C 138 15.00 21.78 -49.85
N PRO C 139 13.91 21.17 -50.34
CA PRO C 139 13.28 20.16 -49.50
C PRO C 139 14.11 18.87 -49.31
N ASN C 140 15.15 18.70 -50.13
CA ASN C 140 16.06 17.56 -50.01
C ASN C 140 17.36 17.86 -49.27
N ALA C 141 17.49 19.10 -48.78
CA ALA C 141 18.68 19.46 -48.02
C ALA C 141 18.82 18.62 -46.75
N THR C 142 20.06 18.33 -46.36
CA THR C 142 20.33 17.49 -45.18
C THR C 142 19.77 18.12 -43.90
N VAL C 143 20.02 19.42 -43.70
CA VAL C 143 19.58 20.14 -42.52
C VAL C 143 18.68 21.31 -42.95
N GLN C 144 17.40 21.21 -42.60
CA GLN C 144 16.40 22.22 -42.99
C GLN C 144 16.54 23.49 -42.14
N LEU C 145 16.33 24.66 -42.76
CA LEU C 145 16.54 25.98 -42.10
C LEU C 145 15.35 26.95 -42.23
N GLY C 146 14.43 26.63 -43.13
CA GLY C 146 13.35 27.54 -43.55
C GLY C 146 12.28 27.87 -42.51
N ASN C 147 11.87 26.89 -41.70
CA ASN C 147 10.90 27.20 -40.64
C ASN C 147 11.40 28.27 -39.67
N LYS C 148 12.69 28.19 -39.36
CA LYS C 148 13.30 29.06 -38.37
C LYS C 148 13.74 30.42 -38.92
N PHE C 149 14.24 30.44 -40.16
CA PHE C 149 14.83 31.67 -40.69
C PHE C 149 14.30 32.05 -42.08
N GLY C 150 14.33 33.35 -42.37
CA GLY C 150 13.98 33.86 -43.69
C GLY C 150 12.59 34.45 -43.74
N ALA C 151 12.45 35.56 -44.48
CA ALA C 151 11.15 36.19 -44.65
C ALA C 151 10.30 35.42 -45.65
N ASN C 152 9.01 35.30 -45.35
CA ASN C 152 8.05 34.77 -46.29
C ASN C 152 7.79 35.80 -47.39
N GLU C 153 7.31 35.32 -48.54
CA GLU C 153 7.11 36.19 -49.69
C GLU C 153 6.17 37.36 -49.36
N ASP C 154 5.15 37.08 -48.57
CA ASP C 154 4.14 38.06 -48.24
C ASP C 154 4.60 39.12 -47.24
N GLU C 155 5.80 38.95 -46.67
CA GLU C 155 6.38 39.90 -45.72
C GLU C 155 7.40 40.84 -46.34
N ILE C 156 7.93 40.47 -47.52
CA ILE C 156 9.09 41.15 -48.11
C ILE C 156 8.89 42.66 -48.25
N ARG C 157 7.79 43.04 -48.90
CA ARG C 157 7.49 44.45 -49.14
C ARG C 157 7.42 45.24 -47.84
N HIS C 158 6.65 44.74 -46.88
CA HIS C 158 6.50 45.37 -45.56
C HIS C 158 7.86 45.57 -44.88
N LEU C 159 8.69 44.53 -44.86
CA LEU C 159 9.98 44.61 -44.22
C LEU C 159 10.90 45.63 -44.88
N LEU C 160 10.87 45.69 -46.21
CA LEU C 160 11.67 46.67 -46.95
C LEU C 160 11.18 48.08 -46.68
N GLU C 161 9.86 48.26 -46.61
CA GLU C 161 9.34 49.61 -46.34
C GLU C 161 9.57 50.04 -44.89
N TYR C 162 9.54 49.09 -43.97
CA TYR C 162 9.85 49.36 -42.57
C TYR C 162 11.30 49.84 -42.40
N ALA C 163 12.21 49.16 -43.12
CA ALA C 163 13.62 49.53 -43.08
C ALA C 163 13.84 50.96 -43.61
N LYS C 164 13.17 51.28 -44.72
CA LYS C 164 13.20 52.63 -45.31
C LYS C 164 12.72 53.68 -44.32
N GLN C 165 11.61 53.38 -43.64
CA GLN C 165 11.05 54.26 -42.64
C GLN C 165 12.02 54.54 -41.50
N LEU C 166 12.84 53.55 -41.14
CA LEU C 166 13.83 53.70 -40.06
C LEU C 166 15.20 54.20 -40.55
N ASP C 167 15.27 54.62 -41.81
CA ASP C 167 16.50 55.10 -42.44
C ASP C 167 17.58 54.00 -42.39
N ILE C 168 17.16 52.76 -42.65
CA ILE C 168 18.09 51.64 -42.66
C ILE C 168 18.39 51.28 -44.11
N GLU C 169 19.68 51.21 -44.43
CA GLU C 169 20.15 50.94 -45.79
C GLU C 169 20.11 49.44 -46.07
N VAL C 170 19.16 49.01 -46.90
CA VAL C 170 19.11 47.60 -47.34
C VAL C 170 19.91 47.49 -48.61
N ILE C 171 21.01 46.73 -48.59
CA ILE C 171 21.88 46.67 -49.77
C ILE C 171 21.77 45.38 -50.59
N GLY C 172 20.95 44.44 -50.13
CA GLY C 172 20.84 43.20 -50.87
C GLY C 172 19.90 42.18 -50.28
N ILE C 173 19.92 40.99 -50.90
CA ILE C 173 19.01 39.91 -50.56
C ILE C 173 19.84 38.65 -50.39
N SER C 174 19.56 37.88 -49.35
CA SER C 174 20.20 36.57 -49.16
C SER C 174 19.17 35.45 -49.01
N PHE C 175 19.62 34.22 -49.15
CA PHE C 175 18.83 33.03 -48.80
C PHE C 175 19.82 31.93 -48.39
N HIS C 176 19.30 30.88 -47.76
CA HIS C 176 20.07 29.66 -47.55
C HIS C 176 19.07 28.54 -47.79
N VAL C 177 19.31 27.74 -48.83
CA VAL C 177 18.34 26.70 -49.20
C VAL C 177 18.29 25.57 -48.18
N GLY C 178 19.32 25.48 -47.34
CA GLY C 178 19.43 24.39 -46.38
C GLY C 178 20.87 23.92 -46.36
N SER C 179 21.30 23.35 -45.25
CA SER C 179 22.69 22.94 -45.11
C SER C 179 22.86 21.53 -45.67
N GLY C 180 23.82 21.36 -46.58
CA GLY C 180 24.02 20.08 -47.26
C GLY C 180 23.00 19.88 -48.36
N SER C 181 23.16 20.62 -49.45
CA SER C 181 22.21 20.62 -50.55
C SER C 181 22.89 20.08 -51.80
N ARG C 182 22.17 19.22 -52.51
CA ARG C 182 22.62 18.72 -53.82
C ARG C 182 21.49 18.86 -54.85
N ASN C 183 20.68 19.91 -54.68
CA ASN C 183 19.53 20.18 -55.54
C ASN C 183 19.74 21.50 -56.28
N PRO C 184 20.21 21.45 -57.55
CA PRO C 184 20.55 22.70 -58.26
C PRO C 184 19.31 23.57 -58.54
N GLU C 185 18.15 22.93 -58.70
CA GLU C 185 16.89 23.65 -58.95
C GLU C 185 16.53 24.56 -57.80
N ALA C 186 16.80 24.11 -56.58
CA ALA C 186 16.54 24.90 -55.37
C ALA C 186 17.26 26.25 -55.44
N TYR C 187 18.52 26.21 -55.86
CA TYR C 187 19.33 27.45 -55.97
C TYR C 187 18.81 28.31 -57.12
N TYR C 188 18.45 27.65 -58.22
CA TYR C 188 17.88 28.36 -59.36
C TYR C 188 16.62 29.12 -58.93
N ARG C 189 15.69 28.44 -58.24
CA ARG C 189 14.44 29.08 -57.82
C ARG C 189 14.70 30.17 -56.79
N ALA C 190 15.66 29.94 -55.89
CA ALA C 190 15.99 30.90 -54.85
C ALA C 190 16.56 32.21 -55.44
N ILE C 191 17.38 32.06 -56.48
CA ILE C 191 18.01 33.22 -57.13
C ILE C 191 16.95 34.02 -57.89
N LYS C 192 16.01 33.30 -58.53
CA LYS C 192 14.84 33.93 -59.19
C LYS C 192 13.99 34.72 -58.19
N SER C 193 13.69 34.11 -57.04
CA SER C 193 12.95 34.78 -55.97
C SER C 193 13.73 35.98 -55.42
N SER C 194 15.05 35.85 -55.39
CA SER C 194 15.92 36.91 -54.87
C SER C 194 15.85 38.15 -55.78
N LYS C 195 15.80 37.92 -57.08
CA LYS C 195 15.65 39.02 -58.06
C LYS C 195 14.31 39.74 -57.87
N GLU C 196 13.26 38.96 -57.62
CA GLU C 196 11.94 39.54 -57.32
C GLU C 196 11.97 40.41 -56.06
N ALA C 197 12.66 39.95 -55.02
CA ALA C 197 12.82 40.73 -53.79
C ALA C 197 13.73 41.96 -53.96
N PHE C 198 14.77 41.78 -54.76
CA PHE C 198 15.69 42.85 -55.18
C PHE C 198 14.89 43.96 -55.88
N ASN C 199 13.99 43.56 -56.78
CA ASN C 199 13.13 44.51 -57.49
C ASN C 199 12.16 45.23 -56.56
N GLU C 200 11.66 44.53 -55.54
CA GLU C 200 10.80 45.14 -54.52
C GLU C 200 11.58 46.18 -53.73
N ALA C 201 12.83 45.88 -53.40
CA ALA C 201 13.70 46.80 -52.69
C ALA C 201 13.91 48.11 -53.47
N ILE C 202 14.11 47.98 -54.78
CA ILE C 202 14.25 49.14 -55.67
C ILE C 202 12.97 49.97 -55.67
N SER C 203 11.82 49.28 -55.81
CA SER C 203 10.50 49.92 -55.81
C SER C 203 10.30 50.77 -54.55
N VAL C 204 10.71 50.22 -53.42
CA VAL C 204 10.60 50.86 -52.10
C VAL C 204 11.53 52.06 -51.96
N GLY C 205 12.63 52.06 -52.71
CA GLY C 205 13.54 53.19 -52.73
C GLY C 205 14.93 52.88 -52.25
N HIS C 206 15.20 51.61 -51.92
CA HIS C 206 16.56 51.19 -51.65
C HIS C 206 17.35 51.05 -52.94
N LYS C 207 18.66 50.94 -52.80
CA LYS C 207 19.54 50.85 -53.94
C LYS C 207 20.39 49.58 -53.79
N PRO C 208 19.76 48.40 -53.81
CA PRO C 208 20.49 47.16 -53.50
C PRO C 208 21.56 46.79 -54.53
N TYR C 209 22.60 46.09 -54.10
CA TYR C 209 23.64 45.68 -55.04
C TYR C 209 24.27 44.33 -54.71
N ILE C 210 23.77 43.67 -53.67
CA ILE C 210 24.33 42.38 -53.31
C ILE C 210 23.31 41.22 -53.40
N LEU C 211 23.72 40.15 -54.08
CA LEU C 211 23.06 38.86 -53.95
C LEU C 211 23.95 37.95 -53.12
N ASP C 212 23.37 37.33 -52.10
CA ASP C 212 24.09 36.43 -51.24
C ASP C 212 23.39 35.07 -51.36
N ILE C 213 24.07 34.09 -51.97
CA ILE C 213 23.45 32.78 -52.23
C ILE C 213 23.59 31.78 -51.08
N GLY C 214 24.04 32.27 -49.92
CA GLY C 214 24.14 31.43 -48.71
C GLY C 214 25.12 30.27 -48.87
N GLY C 215 24.87 29.18 -48.16
CA GLY C 215 25.76 28.03 -48.18
C GLY C 215 25.05 26.79 -48.73
N GLY C 216 25.46 25.63 -48.22
CA GLY C 216 24.77 24.38 -48.54
C GLY C 216 25.57 23.45 -49.42
N LEU C 217 26.50 24.01 -50.20
CA LEU C 217 27.15 23.24 -51.25
C LEU C 217 28.26 22.32 -50.75
N HIS C 218 28.31 21.11 -51.30
CA HIS C 218 29.39 20.18 -51.04
C HIS C 218 30.50 20.32 -52.09
N ALA C 219 31.71 19.98 -51.69
CA ALA C 219 32.81 19.81 -52.63
C ALA C 219 32.86 18.32 -52.97
N ASP C 220 32.04 17.90 -53.93
CA ASP C 220 31.92 16.48 -54.25
C ASP C 220 32.99 16.09 -55.24
N ILE C 221 33.85 15.17 -54.86
CA ILE C 221 35.01 14.83 -55.69
C ILE C 221 34.89 13.42 -56.26
N GLU C 225 38.54 15.17 -59.44
CA GLU C 225 37.92 16.38 -60.02
C GLU C 225 36.59 16.73 -59.33
N LEU C 226 36.38 18.02 -59.05
CA LEU C 226 35.12 18.52 -58.47
C LEU C 226 34.01 18.53 -59.50
N SER C 227 32.84 18.02 -59.15
CA SER C 227 31.68 18.16 -60.02
C SER C 227 31.28 19.61 -60.12
N THR C 228 30.72 19.94 -61.27
CA THR C 228 30.15 21.25 -61.53
C THR C 228 28.64 21.12 -61.60
N MET C 230 26.28 21.58 -59.64
CA MET C 230 25.66 22.69 -58.89
C MET C 230 26.11 24.06 -59.40
N SER C 231 27.42 24.26 -59.47
CA SER C 231 28.02 25.53 -59.87
C SER C 231 27.55 25.98 -61.25
N ASP C 232 27.48 25.03 -62.18
CA ASP C 232 27.02 25.34 -63.53
C ASP C 232 25.60 25.90 -63.54
N TYR C 233 24.71 25.28 -62.76
CA TYR C 233 23.32 25.71 -62.70
C TYR C 233 23.15 27.03 -61.93
N ILE C 234 23.92 27.20 -60.87
CA ILE C 234 23.95 28.44 -60.11
C ILE C 234 24.40 29.63 -60.98
N ASN C 235 25.50 29.43 -61.71
CA ASN C 235 26.00 30.42 -62.65
C ASN C 235 25.04 30.78 -63.77
N ASP C 236 24.25 29.81 -64.22
CA ASP C 236 23.20 30.08 -65.20
C ASP C 236 22.10 30.96 -64.61
N ALA C 237 21.72 30.69 -63.37
CA ALA C 237 20.75 31.51 -62.67
C ALA C 237 21.26 32.93 -62.48
N ILE C 238 22.52 33.08 -62.08
CA ILE C 238 23.15 34.40 -61.92
C ILE C 238 23.05 35.12 -63.26
N LYS C 239 23.34 34.40 -64.34
CA LYS C 239 23.30 34.97 -65.68
C LYS C 239 21.88 35.40 -66.07
N ASP C 240 20.90 34.54 -65.81
CA ASP C 240 19.52 34.80 -66.20
C ASP C 240 18.94 35.95 -65.42
N PHE C 241 19.32 36.07 -64.15
CA PHE C 241 18.62 37.00 -63.25
C PHE C 241 19.41 38.18 -62.72
N PHE C 242 20.73 38.04 -62.65
CA PHE C 242 21.57 39.13 -62.16
C PHE C 242 22.73 39.34 -63.12
N PRO C 243 22.45 39.54 -64.42
CA PRO C 243 23.61 39.59 -65.34
C PRO C 243 24.43 40.88 -65.21
N GLU C 244 23.82 41.91 -64.62
CA GLU C 244 24.41 43.24 -64.56
C GLU C 244 25.71 43.22 -63.75
N ASP C 245 26.74 43.90 -64.24
CA ASP C 245 28.04 43.89 -63.55
C ASP C 245 28.04 44.78 -62.29
N THR C 246 27.00 45.58 -62.12
CA THR C 246 26.84 46.42 -60.93
C THR C 246 26.33 45.63 -59.72
N VAL C 247 25.95 44.38 -59.91
CA VAL C 247 25.58 43.52 -58.78
C VAL C 247 26.79 42.72 -58.34
N THR C 248 27.07 42.74 -57.04
CA THR C 248 28.13 41.92 -56.49
C THR C 248 27.54 40.68 -55.80
N ILE C 249 28.08 39.51 -56.14
CA ILE C 249 27.55 38.25 -55.62
C ILE C 249 28.48 37.70 -54.53
N VAL C 250 27.88 37.29 -53.41
CA VAL C 250 28.62 36.64 -52.33
C VAL C 250 27.96 35.31 -51.98
N ALA C 251 28.69 34.47 -51.24
CA ALA C 251 28.16 33.18 -50.75
C ALA C 251 28.62 33.02 -49.31
N GLU C 252 28.01 32.05 -48.59
CA GLU C 252 28.39 31.77 -47.21
C GLU C 252 28.72 30.28 -47.08
N PRO C 253 29.72 29.78 -47.84
CA PRO C 253 29.98 28.34 -47.79
C PRO C 253 30.70 27.95 -46.50
N GLY C 254 30.26 26.85 -45.89
CA GLY C 254 30.96 26.28 -44.77
C GLY C 254 31.55 24.94 -45.18
N ARG C 255 30.69 23.95 -45.34
CA ARG C 255 31.15 22.58 -45.59
C ARG C 255 31.96 22.43 -46.88
N PHE C 256 31.71 23.30 -47.87
CA PHE C 256 32.46 23.21 -49.12
C PHE C 256 33.96 23.20 -48.85
N PHE C 257 34.40 24.10 -47.95
CA PHE C 257 35.81 24.20 -47.62
C PHE C 257 36.24 23.30 -46.46
N ALA C 258 35.38 23.15 -45.46
CA ALA C 258 35.80 22.45 -44.23
C ALA C 258 35.76 20.92 -44.34
N GLU C 259 34.84 20.38 -45.12
CA GLU C 259 34.61 18.92 -45.10
C GLU C 259 35.90 18.13 -45.24
N HIS C 260 36.69 18.44 -46.27
CA HIS C 260 37.89 17.65 -46.60
C HIS C 260 39.18 18.12 -45.92
N TYR C 261 39.07 19.16 -45.08
CA TYR C 261 40.20 19.75 -44.37
C TYR C 261 40.89 18.73 -43.43
N SER C 262 40.10 17.88 -42.80
CA SER C 262 40.58 16.98 -41.76
C SER C 262 40.11 15.55 -41.95
N VAL C 263 40.91 14.63 -41.42
CA VAL C 263 40.44 13.29 -41.12
C VAL C 263 40.50 13.18 -39.58
N LEU C 264 39.67 12.31 -39.02
CA LEU C 264 39.69 12.08 -37.58
C LEU C 264 40.15 10.65 -37.25
N ALA C 265 41.28 10.54 -36.56
CA ALA C 265 41.82 9.25 -36.15
C ALA C 265 41.36 8.92 -34.74
N THR C 266 40.91 7.69 -34.55
CA THR C 266 40.43 7.24 -33.25
C THR C 266 40.83 5.79 -33.01
N GLN C 267 40.98 5.43 -31.74
CA GLN C 267 41.51 4.13 -31.37
C GLN C 267 40.41 3.23 -30.78
N VAL C 268 40.48 1.94 -31.12
CA VAL C 268 39.65 0.93 -30.48
C VAL C 268 40.14 0.77 -29.03
N ILE C 269 39.26 1.07 -28.08
CA ILE C 269 39.63 0.98 -26.66
C ILE C 269 38.92 -0.14 -25.92
N GLY C 270 37.87 -0.68 -26.52
CA GLY C 270 37.10 -1.79 -25.93
C GLY C 270 36.54 -2.68 -27.01
N LYS C 271 36.18 -3.92 -26.64
CA LYS C 271 35.74 -4.90 -27.63
C LYS C 271 34.85 -5.95 -26.97
N ARG C 272 33.89 -6.48 -27.73
CA ARG C 272 32.98 -7.52 -27.23
C ARG C 272 32.56 -8.29 -28.48
N VAL C 273 32.74 -9.61 -28.47
CA VAL C 273 32.31 -10.42 -29.61
C VAL C 273 31.22 -11.34 -29.12
N ARG C 274 30.03 -11.23 -29.69
CA ARG C 274 28.89 -12.01 -29.20
C ARG C 274 28.13 -12.62 -30.36
N ASP C 275 28.04 -13.94 -30.42
CA ASP C 275 27.24 -14.60 -31.49
C ASP C 275 27.57 -14.07 -32.90
N GLY C 276 28.86 -13.88 -33.17
CA GLY C 276 29.34 -13.52 -34.50
C GLY C 276 29.29 -12.04 -34.83
N LEU C 277 28.87 -11.23 -33.85
CA LEU C 277 28.83 -9.78 -34.03
C LEU C 277 29.98 -9.12 -33.26
N TYR C 278 30.70 -8.22 -33.94
CA TYR C 278 31.93 -7.66 -33.40
C TYR C 278 31.68 -6.22 -32.98
N GLU C 279 31.62 -6.00 -31.66
CA GLU C 279 31.28 -4.70 -31.12
C GLU C 279 32.55 -4.01 -30.60
N TYR C 280 32.76 -2.77 -31.04
CA TYR C 280 33.97 -2.03 -30.66
C TYR C 280 33.59 -0.69 -30.04
N PHE C 281 34.42 -0.23 -29.09
CA PHE C 281 34.26 1.07 -28.46
C PHE C 281 35.49 1.88 -28.76
N PHE C 282 35.28 3.14 -29.15
CA PHE C 282 36.36 4.03 -29.55
C PHE C 282 36.53 5.15 -28.56
N ASN C 283 37.70 5.78 -28.60
CA ASN C 283 37.93 6.96 -27.74
C ASN C 283 37.36 8.25 -28.39
N GLU C 284 36.26 8.07 -29.11
CA GLU C 284 35.49 9.18 -29.67
C GLU C 284 34.01 8.86 -29.48
N SER C 285 33.13 9.81 -29.77
CA SER C 285 31.70 9.58 -29.56
C SER C 285 30.88 10.58 -30.34
N THR C 286 29.56 10.35 -30.35
CA THR C 286 28.64 11.28 -30.98
C THR C 286 28.57 12.58 -30.19
N TYR C 287 29.01 12.53 -28.93
CA TYR C 287 29.08 13.74 -28.10
C TYR C 287 30.47 14.39 -28.21
N GLY C 288 31.36 13.75 -28.96
CA GLY C 288 32.68 14.27 -29.25
C GLY C 288 32.64 14.83 -30.67
N GLY C 289 33.33 14.17 -31.60
CA GLY C 289 33.42 14.68 -32.97
C GLY C 289 32.42 14.05 -33.94
N PHE C 290 31.55 13.19 -33.46
CA PHE C 290 30.63 12.45 -34.34
C PHE C 290 29.17 12.88 -34.25
N SER C 291 28.92 14.14 -33.91
CA SER C 291 27.54 14.64 -33.82
C SER C 291 26.77 14.53 -35.15
N ASN C 292 27.48 14.54 -36.28
CA ASN C 292 26.86 14.39 -37.62
C ASN C 292 26.10 13.07 -37.80
N VAL C 293 26.48 12.07 -36.99
CA VAL C 293 25.70 10.81 -36.95
C VAL C 293 24.27 11.10 -36.47
N ILE C 294 24.14 12.02 -35.51
CA ILE C 294 22.84 12.37 -34.94
C ILE C 294 22.12 13.39 -35.85
N PHE C 295 22.83 14.45 -36.23
CA PHE C 295 22.18 15.62 -36.84
C PHE C 295 22.15 15.63 -38.37
N GLU C 296 23.02 14.85 -39.00
CA GLU C 296 23.08 14.83 -40.46
C GLU C 296 22.90 13.41 -40.98
N LYS C 297 22.52 12.51 -40.08
CA LYS C 297 22.33 11.10 -40.40
C LYS C 297 23.51 10.48 -41.16
N SER C 298 24.72 10.82 -40.72
CA SER C 298 25.94 10.28 -41.31
C SER C 298 26.10 8.82 -40.95
N VAL C 299 26.52 8.00 -41.91
CA VAL C 299 26.85 6.60 -41.60
C VAL C 299 28.27 6.37 -42.09
N PRO C 300 29.27 6.76 -41.28
CA PRO C 300 30.65 6.79 -41.75
C PRO C 300 31.39 5.45 -41.62
N THR C 301 32.24 5.15 -42.60
CA THR C 301 33.08 3.93 -42.60
C THR C 301 34.53 4.33 -42.35
N PRO C 302 35.16 3.72 -41.33
CA PRO C 302 36.56 4.01 -41.03
C PRO C 302 37.54 3.32 -41.99
N GLN C 303 38.75 3.86 -42.08
CA GLN C 303 39.88 3.25 -42.77
C GLN C 303 40.79 2.67 -41.70
N LEU C 304 41.12 1.39 -41.84
CA LEU C 304 42.02 0.72 -40.90
C LEU C 304 43.46 1.16 -41.19
N LEU C 305 44.20 1.51 -40.15
CA LEU C 305 45.59 1.90 -40.32
C LEU C 305 46.49 0.69 -40.47
N ARG C 306 46.19 -0.37 -39.73
CA ARG C 306 46.93 -1.62 -39.80
C ARG C 306 46.68 -2.28 -41.16
N ASP C 307 47.73 -2.67 -41.84
CA ASP C 307 47.60 -3.34 -43.15
C ASP C 307 47.07 -4.76 -43.00
N VAL C 308 46.20 -5.16 -43.93
CA VAL C 308 45.66 -6.53 -43.93
C VAL C 308 45.79 -7.14 -45.32
N PRO C 309 45.88 -8.48 -45.39
CA PRO C 309 45.94 -9.18 -46.67
C PRO C 309 44.70 -8.91 -47.51
N ASP C 310 44.83 -9.01 -48.83
CA ASP C 310 43.72 -8.75 -49.75
C ASP C 310 42.56 -9.72 -49.55
N ASP C 311 42.85 -10.91 -49.02
CA ASP C 311 41.77 -11.84 -48.71
C ASP C 311 41.36 -11.90 -47.22
N GLU C 312 41.70 -10.87 -46.46
CA GLU C 312 41.23 -10.74 -45.06
C GLU C 312 39.71 -10.92 -45.01
N GLU C 313 39.25 -11.77 -44.09
CA GLU C 313 37.81 -11.95 -43.86
C GLU C 313 37.19 -10.65 -43.28
N TYR C 314 36.10 -10.14 -43.87
CA TYR C 314 35.34 -9.06 -43.21
C TYR C 314 34.26 -9.64 -42.31
N VAL C 315 34.03 -8.98 -41.16
CA VAL C 315 33.04 -9.44 -40.18
C VAL C 315 32.04 -8.32 -39.85
N PRO C 316 30.84 -8.69 -39.37
CA PRO C 316 29.86 -7.63 -39.10
C PRO C 316 30.22 -6.90 -37.81
N SER C 317 30.37 -5.58 -37.91
CA SER C 317 30.93 -4.79 -36.85
C SER C 317 29.96 -3.70 -36.43
N VAL C 318 30.03 -3.33 -35.15
CA VAL C 318 29.25 -2.22 -34.60
C VAL C 318 30.25 -1.26 -33.97
N LEU C 319 30.18 0.03 -34.35
CA LEU C 319 31.13 1.01 -33.83
C LEU C 319 30.45 1.92 -32.81
N TYR C 320 30.81 1.74 -31.53
CA TYR C 320 30.21 2.50 -30.45
C TYR C 320 31.09 3.66 -29.99
N GLY C 321 30.44 4.75 -29.53
CA GLY C 321 31.14 5.84 -28.88
C GLY C 321 31.45 5.53 -27.43
N CYS C 322 32.38 6.28 -26.83
CA CYS C 322 32.86 5.97 -25.48
C CYS C 322 31.90 6.35 -24.33
N THR C 323 30.82 7.07 -24.61
CA THR C 323 29.93 7.52 -23.52
C THR C 323 28.98 6.44 -23.01
N CYS C 324 28.40 6.68 -21.84
N CYS C 324 28.35 6.71 -21.87
CA CYS C 324 27.46 5.75 -21.23
CA CYS C 324 27.45 5.74 -21.25
C CYS C 324 26.04 5.72 -21.84
C CYS C 324 26.03 5.72 -21.85
N ASP C 325 25.83 6.50 -22.92
CA ASP C 325 24.51 6.65 -23.53
C ASP C 325 24.29 5.69 -24.71
N GLY C 326 23.12 5.04 -24.77
CA GLY C 326 22.79 4.13 -25.90
C GLY C 326 22.64 4.78 -27.27
N VAL C 327 22.41 6.10 -27.28
CA VAL C 327 22.29 6.87 -28.52
C VAL C 327 23.62 7.03 -29.23
N ASP C 328 24.69 6.87 -28.46
CA ASP C 328 26.04 7.16 -28.89
C ASP C 328 26.63 5.96 -29.61
N VAL C 329 26.20 5.80 -30.86
CA VAL C 329 26.65 4.71 -31.72
C VAL C 329 27.14 5.38 -33.00
N ILE C 330 28.43 5.19 -33.30
CA ILE C 330 29.03 5.84 -34.47
C ILE C 330 28.54 5.18 -35.76
N ASN C 331 28.49 3.85 -35.78
CA ASN C 331 27.97 3.12 -36.94
C ASN C 331 27.35 1.80 -36.47
N HIS C 332 26.04 1.66 -36.66
CA HIS C 332 25.30 0.47 -36.15
C HIS C 332 25.69 -0.82 -36.82
N ASN C 333 26.05 -0.75 -38.10
CA ASN C 333 26.41 -1.94 -38.87
C ASN C 333 27.37 -1.63 -40.00
N VAL C 334 28.57 -2.20 -39.93
CA VAL C 334 29.53 -2.02 -41.03
C VAL C 334 30.40 -3.25 -41.14
N ALA C 335 30.70 -3.67 -42.37
CA ALA C 335 31.59 -4.81 -42.57
C ALA C 335 33.03 -4.34 -42.55
N LEU C 336 33.84 -4.94 -41.69
CA LEU C 336 35.25 -4.60 -41.56
C LEU C 336 36.12 -5.82 -41.24
N PRO C 337 37.44 -5.74 -41.50
CA PRO C 337 38.36 -6.74 -40.96
C PRO C 337 38.25 -6.70 -39.44
N GLU C 338 38.48 -7.84 -38.77
CA GLU C 338 38.45 -7.88 -37.32
C GLU C 338 39.45 -6.87 -36.74
N LEU C 339 38.99 -6.09 -35.77
CA LEU C 339 39.82 -5.07 -35.13
C LEU C 339 40.21 -5.56 -33.76
N HIS C 340 41.21 -4.91 -33.16
CA HIS C 340 41.68 -5.31 -31.84
C HIS C 340 41.91 -4.07 -31.01
N ILE C 341 41.79 -4.24 -29.69
CA ILE C 341 42.05 -3.12 -28.78
C ILE C 341 43.46 -2.58 -29.06
N GLY C 342 43.55 -1.28 -29.31
CA GLY C 342 44.83 -0.65 -29.67
C GLY C 342 44.91 -0.24 -31.13
N ASP C 343 44.07 -0.84 -31.99
CA ASP C 343 44.05 -0.49 -33.41
C ASP C 343 43.59 0.95 -33.57
N TRP C 344 44.26 1.68 -34.45
CA TRP C 344 43.80 3.01 -34.86
C TRP C 344 43.08 2.90 -36.20
N VAL C 345 42.06 3.73 -36.37
CA VAL C 345 41.38 3.87 -37.64
C VAL C 345 41.23 5.37 -37.89
N TYR C 346 40.87 5.76 -39.11
CA TYR C 346 40.52 7.17 -39.32
C TYR C 346 39.31 7.32 -40.23
N PHE C 347 38.60 8.42 -40.03
CA PHE C 347 37.44 8.74 -40.83
C PHE C 347 37.77 9.90 -41.75
N PRO C 348 37.68 9.66 -43.08
CA PRO C 348 38.04 10.71 -44.04
C PRO C 348 36.99 11.82 -44.08
N SER C 349 37.41 12.97 -44.60
CA SER C 349 36.48 14.10 -44.84
C SER C 349 35.68 14.42 -43.58
N TRP C 350 36.40 14.64 -42.47
CA TRP C 350 35.78 14.81 -41.17
C TRP C 350 36.02 16.21 -40.61
N GLY C 351 35.88 17.23 -41.45
CA GLY C 351 36.18 18.59 -41.00
C GLY C 351 34.98 19.52 -40.91
N ALA C 352 33.81 19.08 -41.35
CA ALA C 352 32.62 19.94 -41.35
C ALA C 352 31.64 19.55 -40.25
N TYR C 353 31.41 20.48 -39.32
CA TYR C 353 30.50 20.28 -38.18
C TYR C 353 30.91 19.07 -37.36
N THR C 354 32.21 19.00 -37.06
CA THR C 354 32.78 17.87 -36.33
C THR C 354 33.41 18.40 -35.03
N ASN C 355 34.64 18.92 -35.10
CA ASN C 355 35.29 19.46 -33.91
C ASN C 355 34.53 20.62 -33.22
N VAL C 356 33.81 21.43 -34.00
CA VAL C 356 33.06 22.54 -33.42
C VAL C 356 31.94 22.13 -32.46
N LEU C 357 31.48 20.88 -32.58
CA LEU C 357 30.33 20.43 -31.80
C LEU C 357 30.68 19.52 -30.63
N THR C 358 31.96 19.50 -30.29
CA THR C 358 32.48 18.73 -29.15
C THR C 358 31.81 19.11 -27.82
N THR C 359 31.49 18.10 -27.01
CA THR C 359 31.14 18.31 -25.60
C THR C 359 32.12 17.56 -24.71
N SER C 360 32.12 17.90 -23.42
CA SER C 360 32.88 17.14 -22.43
C SER C 360 32.00 16.18 -21.62
N PHE C 361 30.88 15.76 -22.21
CA PHE C 361 29.95 14.83 -21.55
C PHE C 361 30.68 13.54 -21.16
N ASN C 362 30.41 13.06 -19.94
CA ASN C 362 31.09 11.89 -19.37
C ASN C 362 32.57 12.12 -19.05
N GLY C 363 33.08 13.32 -19.30
CA GLY C 363 34.50 13.62 -19.10
C GLY C 363 35.36 13.25 -20.30
N PHE C 364 34.71 12.93 -21.42
CA PHE C 364 35.43 12.70 -22.68
C PHE C 364 35.46 13.97 -23.56
N GLY C 365 35.67 13.81 -24.87
CA GLY C 365 35.63 14.96 -25.80
C GLY C 365 36.96 15.61 -26.13
N GLU C 366 38.04 15.17 -25.49
CA GLU C 366 39.35 15.76 -25.76
C GLU C 366 39.94 15.18 -27.03
N TYR C 367 40.70 16.01 -27.74
CA TYR C 367 41.37 15.60 -28.97
C TYR C 367 42.60 16.46 -29.19
N ASP C 368 43.50 15.94 -30.00
CA ASP C 368 44.66 16.70 -30.48
C ASP C 368 44.44 17.09 -31.95
N VAL C 369 45.22 18.05 -32.45
CA VAL C 369 45.20 18.39 -33.88
C VAL C 369 46.63 18.43 -34.40
N TYR C 370 46.88 17.69 -35.47
CA TYR C 370 48.18 17.72 -36.14
C TYR C 370 48.00 18.32 -37.52
N TYR C 371 48.91 19.21 -37.90
CA TYR C 371 48.81 19.83 -39.22
C TYR C 371 49.83 19.25 -40.19
N ILE C 372 49.41 19.06 -41.44
CA ILE C 372 50.32 18.55 -42.48
C ILE C 372 50.45 19.52 -43.65
N MET D 1 13.20 30.20 -7.75
CA MET D 1 12.00 30.95 -7.42
C MET D 1 11.98 32.30 -8.12
N ASN D 2 10.80 32.76 -8.52
CA ASN D 2 10.66 34.05 -9.17
C ASN D 2 11.36 35.19 -8.47
N SER D 3 11.18 35.28 -7.15
CA SER D 3 11.75 36.36 -6.38
C SER D 3 13.28 36.24 -6.33
N VAL D 4 13.77 35.02 -6.11
CA VAL D 4 15.21 34.75 -6.09
C VAL D 4 15.90 35.10 -7.42
N VAL D 5 15.33 34.61 -8.52
CA VAL D 5 15.94 34.86 -9.84
C VAL D 5 15.92 36.36 -10.12
N ASN D 6 14.83 37.01 -9.69
CA ASN D 6 14.70 38.45 -9.89
C ASN D 6 15.56 39.55 -9.19
N ASN D 7 15.76 39.59 -7.86
CA ASN D 7 17.10 39.41 -7.18
C ASN D 7 18.44 39.21 -7.84
N ILE D 8 18.69 38.04 -8.41
CA ILE D 8 19.99 37.81 -9.05
C ILE D 8 20.18 38.80 -10.21
N LEU D 9 19.17 38.93 -11.07
CA LEU D 9 19.21 39.90 -12.20
C LEU D 9 19.48 41.28 -11.72
N LYS D 10 18.71 41.69 -10.74
CA LYS D 10 18.83 42.99 -10.17
C LYS D 10 20.26 43.23 -9.71
N ALA D 11 20.84 42.25 -9.01
CA ALA D 11 22.20 42.33 -8.53
C ALA D 11 23.27 42.30 -9.62
N HIS D 12 22.88 41.89 -10.85
CA HIS D 12 23.82 41.77 -11.98
C HIS D 12 23.30 42.54 -13.17
N PRO D 13 23.37 43.87 -13.08
CA PRO D 13 22.86 44.74 -14.12
C PRO D 13 23.58 44.54 -15.46
N HIS D 14 24.79 43.99 -15.44
CA HIS D 14 25.55 43.76 -16.69
C HIS D 14 25.21 42.42 -17.36
N GLN D 15 24.34 41.63 -16.74
CA GLN D 15 24.04 40.25 -17.19
C GLN D 15 23.61 40.20 -18.65
N THR D 16 24.34 39.47 -19.47
CA THR D 16 23.93 39.27 -20.86
C THR D 16 23.79 37.80 -21.18
N LYS D 17 24.61 36.96 -20.54
CA LYS D 17 24.56 35.52 -20.75
C LYS D 17 23.40 34.90 -20.00
N SER D 18 23.00 33.71 -20.43
CA SER D 18 22.08 32.88 -19.67
C SER D 18 22.80 32.46 -18.39
N PHE D 19 22.04 32.12 -17.37
CA PHE D 19 22.65 31.70 -16.11
C PHE D 19 21.85 30.65 -15.38
N TYR D 20 22.56 29.72 -14.75
CA TYR D 20 21.97 28.75 -13.86
C TYR D 20 21.90 29.34 -12.46
N VAL D 21 20.80 29.09 -11.76
CA VAL D 21 20.69 29.46 -10.35
C VAL D 21 20.59 28.14 -9.60
N SER D 22 21.63 27.80 -8.84
CA SER D 22 21.76 26.47 -8.27
C SER D 22 21.69 26.55 -6.75
N SER D 23 21.02 25.58 -6.14
CA SER D 23 20.93 25.55 -4.68
C SER D 23 21.39 24.22 -4.07
N PRO D 24 22.56 24.26 -3.42
CA PRO D 24 23.07 23.11 -2.65
C PRO D 24 22.09 22.63 -1.59
N LYS D 25 21.30 23.54 -1.01
CA LYS D 25 20.34 23.15 0.02
C LYS D 25 19.28 22.16 -0.48
N ILE D 26 18.79 22.36 -1.70
CA ILE D 26 17.86 21.42 -2.31
C ILE D 26 18.47 20.02 -2.37
N VAL D 27 19.71 19.93 -2.81
CA VAL D 27 20.42 18.65 -2.90
C VAL D 27 20.64 18.01 -1.52
N GLU D 28 21.03 18.81 -0.54
CA GLU D 28 21.22 18.30 0.83
C GLU D 28 19.94 17.67 1.35
N ASP D 29 18.81 18.36 1.11
CA ASP D 29 17.50 17.84 1.48
C ASP D 29 17.15 16.56 0.72
N LEU D 30 17.51 16.49 -0.56
CA LEU D 30 17.26 15.29 -1.34
C LEU D 30 18.14 14.11 -0.92
N ILE D 31 19.35 14.40 -0.44
CA ILE D 31 20.23 13.37 0.12
C ILE D 31 19.57 12.78 1.37
N ASP D 32 19.00 13.64 2.21
CA ASP D 32 18.30 13.19 3.41
C ASP D 32 17.09 12.32 3.04
N GLN D 33 16.39 12.72 1.97
CA GLN D 33 15.24 11.98 1.47
C GLN D 33 15.65 10.64 0.88
N TRP D 34 16.79 10.61 0.18
CA TRP D 34 17.32 9.37 -0.36
C TRP D 34 17.48 8.34 0.75
N THR D 35 18.08 8.76 1.87
CA THR D 35 18.35 7.83 2.97
C THR D 35 17.07 7.33 3.63
N ILE D 36 16.02 8.15 3.63
CA ILE D 36 14.68 7.73 4.08
C ILE D 36 14.04 6.71 3.12
N LEU D 37 14.10 7.02 1.82
CA LEU D 37 13.47 6.17 0.79
C LEU D 37 14.20 4.83 0.65
N PHE D 38 15.53 4.87 0.80
CA PHE D 38 16.37 3.72 0.50
C PHE D 38 17.31 3.49 1.68
N PRO D 39 16.78 3.05 2.83
CA PRO D 39 17.66 2.95 3.99
C PRO D 39 18.85 1.99 3.80
N ARG D 40 18.74 1.03 2.88
CA ARG D 40 19.84 0.08 2.67
C ARG D 40 20.79 0.44 1.50
N VAL D 41 20.46 1.48 0.75
CA VAL D 41 21.19 1.75 -0.49
C VAL D 41 22.13 2.96 -0.38
N THR D 42 23.43 2.71 -0.53
CA THR D 42 24.41 3.79 -0.55
C THR D 42 24.48 4.40 -1.95
N PRO D 43 24.21 5.71 -2.07
CA PRO D 43 24.26 6.33 -3.40
C PRO D 43 25.66 6.69 -3.85
N HIS D 44 25.99 6.31 -5.07
CA HIS D 44 27.18 6.74 -5.74
C HIS D 44 26.74 7.70 -6.83
N TYR D 45 26.83 9.00 -6.55
CA TYR D 45 26.32 10.01 -7.47
C TYR D 45 27.00 9.93 -8.85
N ALA D 46 26.19 9.87 -9.91
CA ALA D 46 26.70 9.80 -11.27
C ALA D 46 27.16 11.19 -11.71
N VAL D 47 28.48 11.40 -11.61
CA VAL D 47 29.12 12.69 -11.90
C VAL D 47 28.75 13.23 -13.31
N LYS D 48 28.56 12.33 -14.26
CA LYS D 48 28.29 12.71 -15.66
C LYS D 48 27.00 13.54 -15.82
N CYS D 49 26.09 13.38 -14.87
CA CYS D 49 24.79 14.05 -14.90
C CYS D 49 24.92 15.57 -14.73
N ASN D 50 25.79 15.96 -13.80
CA ASN D 50 26.07 17.35 -13.51
C ASN D 50 27.35 17.36 -12.67
N ASN D 51 28.42 17.91 -13.24
CA ASN D 51 29.73 17.93 -12.60
C ASN D 51 30.09 19.28 -11.95
N ASP D 52 29.08 20.11 -11.71
CA ASP D 52 29.27 21.39 -11.03
C ASP D 52 30.04 21.20 -9.72
N GLU D 53 31.08 22.01 -9.53
CA GLU D 53 32.00 21.81 -8.39
C GLU D 53 31.31 21.94 -7.02
N VAL D 54 30.40 22.91 -6.90
CA VAL D 54 29.65 23.10 -5.64
C VAL D 54 28.75 21.89 -5.37
N LEU D 55 28.18 21.33 -6.43
CA LEU D 55 27.35 20.13 -6.30
C LEU D 55 28.16 18.95 -5.78
N LEU D 56 29.33 18.72 -6.40
CA LEU D 56 30.21 17.62 -5.99
C LEU D 56 30.71 17.77 -4.55
N LYS D 57 31.02 19.00 -4.15
CA LYS D 57 31.41 19.29 -2.77
C LYS D 57 30.26 19.00 -1.81
N THR D 58 29.06 19.45 -2.17
CA THR D 58 27.88 19.18 -1.37
C THR D 58 27.71 17.66 -1.17
N MET D 59 27.82 16.89 -2.25
CA MET D 59 27.80 15.43 -2.18
C MET D 59 28.86 14.87 -1.19
N CYS D 60 30.10 15.33 -1.38
CA CYS D 60 31.24 14.92 -0.57
C CYS D 60 30.94 15.12 0.92
N ASP D 61 30.52 16.34 1.26
CA ASP D 61 30.27 16.70 2.65
C ASP D 61 29.09 15.96 3.27
N LYS D 62 28.15 15.52 2.44
CA LYS D 62 27.00 14.75 2.94
C LYS D 62 27.25 13.25 2.93
N ASN D 63 28.51 12.86 2.68
CA ASN D 63 28.91 11.45 2.70
C ASN D 63 28.27 10.61 1.59
N VAL D 64 27.98 11.26 0.47
CA VAL D 64 27.54 10.58 -0.74
C VAL D 64 28.80 10.09 -1.45
N ASN D 65 28.74 8.91 -2.06
CA ASN D 65 29.86 8.40 -2.84
C ASN D 65 29.70 8.74 -4.33
N PHE D 66 30.57 8.18 -5.17
CA PHE D 66 30.65 8.63 -6.57
C PHE D 66 30.76 7.53 -7.61
N ASP D 67 30.06 7.75 -8.72
CA ASP D 67 30.13 6.92 -9.92
C ASP D 67 30.87 7.77 -10.95
N CYS D 68 32.08 7.37 -11.30
CA CYS D 68 32.89 8.10 -12.28
C CYS D 68 33.00 7.33 -13.61
N ALA D 69 32.89 8.03 -14.73
CA ALA D 69 32.82 7.40 -16.04
C ALA D 69 34.15 7.43 -16.80
N SER D 70 35.11 8.22 -16.31
CA SER D 70 36.38 8.45 -17.01
C SER D 70 37.42 8.96 -16.05
N SER D 71 38.66 9.07 -16.54
CA SER D 71 39.73 9.65 -15.75
C SER D 71 39.44 11.12 -15.37
N SER D 72 38.85 11.88 -16.30
CA SER D 72 38.47 13.28 -16.01
C SER D 72 37.53 13.39 -14.82
N GLU D 73 36.60 12.46 -14.74
CA GLU D 73 35.61 12.47 -13.66
C GLU D 73 36.21 12.03 -12.35
N ILE D 74 37.13 11.07 -12.40
CA ILE D 74 37.86 10.65 -11.21
C ILE D 74 38.65 11.85 -10.66
N LYS D 75 39.40 12.51 -11.54
CA LYS D 75 40.13 13.74 -11.20
C LYS D 75 39.28 14.79 -10.49
N LYS D 76 38.07 15.06 -11.01
CA LYS D 76 37.15 16.05 -10.42
C LYS D 76 36.80 15.72 -8.99
N VAL D 77 36.62 14.42 -8.73
CA VAL D 77 36.24 13.96 -7.41
C VAL D 77 37.41 13.93 -6.43
N ILE D 78 38.54 13.38 -6.88
CA ILE D 78 39.76 13.33 -6.06
C ILE D 78 40.19 14.73 -5.66
N GLN D 79 40.09 15.66 -6.61
CA GLN D 79 40.52 17.04 -6.41
C GLN D 79 39.82 17.72 -5.26
N ILE D 80 38.61 17.30 -4.95
CA ILE D 80 37.94 17.94 -3.83
C ILE D 80 38.14 17.20 -2.51
N GLY D 81 39.09 16.27 -2.49
CA GLY D 81 39.50 15.59 -1.27
C GLY D 81 38.71 14.34 -0.92
N VAL D 82 37.92 13.83 -1.86
CA VAL D 82 37.18 12.59 -1.62
C VAL D 82 38.15 11.42 -1.70
N SER D 83 38.08 10.50 -0.74
CA SER D 83 38.89 9.28 -0.77
C SER D 83 38.60 8.46 -2.04
N PRO D 84 39.65 7.92 -2.69
CA PRO D 84 39.39 7.02 -3.82
C PRO D 84 38.54 5.80 -3.45
N SER D 85 38.46 5.46 -2.16
CA SER D 85 37.64 4.33 -1.70
C SER D 85 36.14 4.57 -1.92
N ARG D 86 35.77 5.83 -2.15
CA ARG D 86 34.37 6.20 -2.37
C ARG D 86 33.98 6.24 -3.84
N ILE D 87 34.90 5.89 -4.72
CA ILE D 87 34.64 5.92 -6.17
C ILE D 87 34.44 4.53 -6.75
N ILE D 88 33.36 4.35 -7.52
CA ILE D 88 33.22 3.21 -8.41
C ILE D 88 33.41 3.71 -9.85
N PHE D 89 34.35 3.09 -10.58
CA PHE D 89 34.57 3.40 -11.98
C PHE D 89 33.52 2.61 -12.74
N ALA D 90 32.31 3.16 -12.80
CA ALA D 90 31.14 2.41 -13.25
C ALA D 90 30.90 2.56 -14.75
N HIS D 91 31.92 2.27 -15.54
CA HIS D 91 31.81 2.25 -16.97
C HIS D 91 32.38 0.92 -17.42
N THR D 92 31.62 0.17 -18.21
CA THR D 92 32.09 -1.18 -18.56
C THR D 92 33.17 -1.17 -19.63
N MET D 93 33.38 -0.02 -20.27
CA MET D 93 34.41 0.11 -21.31
C MET D 93 35.38 1.23 -20.97
N LYS D 94 36.54 0.86 -20.41
CA LYS D 94 37.51 1.84 -19.88
C LYS D 94 38.79 1.73 -20.68
N THR D 95 39.39 2.87 -21.05
CA THR D 95 40.65 2.84 -21.80
C THR D 95 41.76 2.27 -20.92
N ILE D 96 42.74 1.62 -21.54
CA ILE D 96 43.94 1.14 -20.82
C ILE D 96 44.54 2.28 -19.98
N ASP D 97 44.71 3.45 -20.60
CA ASP D 97 45.32 4.58 -19.90
C ASP D 97 44.48 5.09 -18.73
N ASP D 98 43.16 4.98 -18.84
CA ASP D 98 42.27 5.33 -17.71
C ASP D 98 42.35 4.31 -16.57
N LEU D 99 42.53 3.04 -16.91
CA LEU D 99 42.71 1.99 -15.90
C LEU D 99 44.04 2.15 -15.17
N ILE D 100 45.07 2.52 -15.93
CA ILE D 100 46.37 2.84 -15.36
C ILE D 100 46.23 4.03 -14.41
N PHE D 101 45.49 5.06 -14.83
CA PHE D 101 45.24 6.20 -13.96
C PHE D 101 44.49 5.79 -12.69
N ALA D 102 43.42 5.01 -12.86
CA ALA D 102 42.60 4.54 -11.73
C ALA D 102 43.47 3.81 -10.72
N LYS D 103 44.35 2.94 -11.22
CA LYS D 103 45.28 2.19 -10.36
C LYS D 103 46.23 3.11 -9.58
N ASP D 104 46.76 4.13 -10.27
CA ASP D 104 47.60 5.13 -9.62
C ASP D 104 46.83 5.81 -8.48
N GLN D 105 45.57 6.15 -8.75
CA GLN D 105 44.76 6.92 -7.80
C GLN D 105 44.17 6.12 -6.65
N GLY D 106 44.10 4.80 -6.78
CA GLY D 106 43.45 3.96 -5.77
C GLY D 106 41.96 3.75 -6.02
N VAL D 107 41.54 4.00 -7.26
CA VAL D 107 40.15 3.69 -7.66
C VAL D 107 40.13 2.22 -8.05
N ASP D 108 39.61 1.39 -7.14
CA ASP D 108 39.84 -0.05 -7.21
C ASP D 108 38.55 -0.88 -7.29
N ILE D 109 37.45 -0.25 -7.72
CA ILE D 109 36.20 -0.93 -7.99
C ILE D 109 35.73 -0.43 -9.37
N ALA D 110 35.39 -1.36 -10.25
CA ALA D 110 34.91 -1.00 -11.60
C ALA D 110 33.92 -2.05 -12.09
N THR D 111 33.26 -1.75 -13.22
CA THR D 111 32.32 -2.69 -13.83
C THR D 111 32.87 -3.27 -15.15
N PHE D 112 32.24 -4.32 -15.63
CA PHE D 112 32.60 -4.92 -16.91
C PHE D 112 31.42 -5.69 -17.48
N ASP D 113 31.48 -6.00 -18.77
CA ASP D 113 30.45 -6.84 -19.40
C ASP D 113 31.03 -7.63 -20.58
N SER D 114 32.36 -7.74 -20.66
CA SER D 114 33.00 -8.46 -21.77
C SER D 114 34.28 -9.15 -21.32
N SER D 115 34.69 -10.19 -22.03
CA SER D 115 35.92 -10.90 -21.70
C SER D 115 37.15 -10.04 -21.98
N PHE D 116 37.09 -9.21 -23.03
CA PHE D 116 38.23 -8.33 -23.35
C PHE D 116 38.47 -7.27 -22.28
N GLU D 117 37.41 -6.86 -21.59
CA GLU D 117 37.57 -5.94 -20.45
C GLU D 117 38.31 -6.62 -19.32
N LEU D 118 38.01 -7.91 -19.11
CA LEU D 118 38.70 -8.69 -18.09
C LEU D 118 40.17 -8.85 -18.43
N ASP D 119 40.48 -9.02 -19.72
CA ASP D 119 41.88 -9.09 -20.17
C ASP D 119 42.63 -7.82 -19.80
N LYS D 120 41.99 -6.67 -20.03
CA LYS D 120 42.56 -5.36 -19.68
C LYS D 120 42.82 -5.23 -18.18
N ILE D 121 41.82 -5.60 -17.37
CA ILE D 121 41.95 -5.58 -15.91
C ILE D 121 43.11 -6.46 -15.46
N HIS D 122 43.13 -7.69 -15.98
CA HIS D 122 44.23 -8.61 -15.66
C HIS D 122 45.59 -7.99 -15.93
N THR D 123 45.75 -7.34 -17.08
CA THR D 123 47.05 -6.81 -17.48
C THR D 123 47.42 -5.50 -16.77
N TYR D 124 46.45 -4.62 -16.60
CA TYR D 124 46.71 -3.23 -16.19
C TYR D 124 46.23 -2.83 -14.80
N HIS D 125 45.27 -3.56 -14.24
CA HIS D 125 44.76 -3.23 -12.90
C HIS D 125 44.28 -4.52 -12.22
N PRO D 126 45.20 -5.49 -12.01
CA PRO D 126 44.82 -6.85 -11.58
C PRO D 126 44.14 -6.92 -10.22
N ASN D 127 44.33 -5.90 -9.37
CA ASN D 127 43.67 -5.84 -8.06
C ASN D 127 42.33 -5.12 -8.04
N CYS D 128 41.87 -4.70 -9.20
CA CYS D 128 40.58 -4.03 -9.31
C CYS D 128 39.46 -5.04 -8.99
N LYS D 129 38.60 -4.67 -8.04
CA LYS D 129 37.46 -5.50 -7.66
C LYS D 129 36.31 -5.23 -8.61
N MET D 130 35.84 -6.29 -9.28
CA MET D 130 34.97 -6.12 -10.43
C MET D 130 33.49 -6.36 -10.16
N ILE D 131 32.64 -5.59 -10.83
CA ILE D 131 31.20 -5.78 -10.73
C ILE D 131 30.69 -6.10 -12.14
N LEU D 132 30.09 -7.28 -12.30
CA LEU D 132 29.51 -7.66 -13.59
C LEU D 132 28.20 -6.93 -13.81
N ARG D 133 28.14 -6.14 -14.87
CA ARG D 133 26.90 -5.48 -15.26
C ARG D 133 26.10 -6.38 -16.20
N ILE D 134 24.87 -6.68 -15.81
CA ILE D 134 23.97 -7.48 -16.64
C ILE D 134 22.94 -6.58 -17.32
N ARG D 135 22.49 -6.99 -18.51
CA ARG D 135 21.49 -6.24 -19.22
C ARG D 135 20.09 -6.56 -18.67
N CYS D 136 19.38 -5.51 -18.22
CA CYS D 136 17.98 -5.65 -17.81
C CYS D 136 17.25 -4.36 -18.15
N ASP D 137 16.42 -4.36 -19.19
CA ASP D 137 15.93 -3.07 -19.73
C ASP D 137 14.59 -2.65 -19.13
N ASP D 138 14.40 -1.33 -19.02
CA ASP D 138 13.08 -0.76 -18.83
C ASP D 138 12.70 -0.29 -20.23
N PRO D 139 11.76 -0.97 -20.88
CA PRO D 139 11.43 -0.57 -22.25
C PRO D 139 10.79 0.82 -22.33
N ASN D 140 10.35 1.36 -21.19
CA ASN D 140 9.73 2.69 -21.13
C ASN D 140 10.68 3.81 -20.67
N ALA D 141 11.94 3.49 -20.35
CA ALA D 141 12.93 4.51 -19.92
C ALA D 141 13.17 5.51 -21.04
N THR D 142 13.42 6.76 -20.63
CA THR D 142 13.63 7.84 -21.59
C THR D 142 14.83 7.58 -22.50
N VAL D 143 15.96 7.19 -21.90
CA VAL D 143 17.17 6.92 -22.67
C VAL D 143 17.55 5.45 -22.49
N GLN D 144 17.48 4.70 -23.58
CA GLN D 144 17.78 3.27 -23.57
C GLN D 144 19.29 3.02 -23.57
N LEU D 145 19.72 1.99 -22.83
CA LEU D 145 21.13 1.67 -22.62
C LEU D 145 21.48 0.21 -22.93
N GLY D 146 20.46 -0.66 -23.04
CA GLY D 146 20.66 -2.12 -23.09
C GLY D 146 21.36 -2.62 -24.35
N ASN D 147 21.06 -1.98 -25.48
CA ASN D 147 21.71 -2.31 -26.73
C ASN D 147 23.24 -2.25 -26.61
N LYS D 148 23.72 -1.30 -25.82
CA LYS D 148 25.14 -0.97 -25.82
C LYS D 148 25.89 -1.57 -24.62
N PHE D 149 25.19 -1.77 -23.51
CA PHE D 149 25.84 -2.18 -22.25
C PHE D 149 25.11 -3.30 -21.54
N GLY D 150 25.88 -4.15 -20.86
CA GLY D 150 25.31 -5.22 -20.04
C GLY D 150 25.42 -6.58 -20.69
N ALA D 151 25.81 -7.58 -19.89
CA ALA D 151 25.93 -8.94 -20.37
C ALA D 151 24.55 -9.55 -20.56
N ASN D 152 24.41 -10.35 -21.61
CA ASN D 152 23.21 -11.16 -21.83
C ASN D 152 23.19 -12.32 -20.87
N GLU D 153 21.99 -12.79 -20.54
CA GLU D 153 21.83 -13.90 -19.59
C GLU D 153 22.73 -15.07 -19.95
N ASP D 154 22.81 -15.41 -21.24
CA ASP D 154 23.54 -16.60 -21.66
C ASP D 154 25.06 -16.46 -21.61
N GLU D 155 25.59 -15.28 -21.32
CA GLU D 155 27.04 -15.14 -21.26
C GLU D 155 27.54 -14.89 -19.83
N ILE D 156 26.62 -14.86 -18.88
CA ILE D 156 26.91 -14.57 -17.48
C ILE D 156 27.86 -15.60 -16.85
N ARG D 157 27.56 -16.88 -17.01
CA ARG D 157 28.42 -17.92 -16.44
C ARG D 157 29.83 -17.85 -17.03
N HIS D 158 29.89 -17.80 -18.36
CA HIS D 158 31.17 -17.76 -19.06
C HIS D 158 32.05 -16.59 -18.57
N LEU D 159 31.46 -15.41 -18.44
CA LEU D 159 32.18 -14.21 -17.97
C LEU D 159 32.70 -14.35 -16.54
N LEU D 160 31.90 -14.96 -15.67
CA LEU D 160 32.30 -15.20 -14.29
C LEU D 160 33.42 -16.24 -14.23
N GLU D 161 33.32 -17.26 -15.08
CA GLU D 161 34.36 -18.28 -15.19
C GLU D 161 35.67 -17.71 -15.72
N TYR D 162 35.55 -16.83 -16.72
CA TYR D 162 36.73 -16.19 -17.30
C TYR D 162 37.46 -15.31 -16.26
N ALA D 163 36.69 -14.60 -15.43
CA ALA D 163 37.27 -13.75 -14.39
C ALA D 163 37.99 -14.59 -13.33
N LYS D 164 37.38 -15.71 -12.94
CA LYS D 164 38.01 -16.62 -11.99
C LYS D 164 39.32 -17.18 -12.54
N GLN D 165 39.29 -17.58 -13.80
CA GLN D 165 40.46 -18.10 -14.49
C GLN D 165 41.64 -17.12 -14.48
N LEU D 166 41.33 -15.82 -14.49
CA LEU D 166 42.34 -14.76 -14.50
C LEU D 166 42.68 -14.23 -13.11
N ASP D 167 42.17 -14.90 -12.07
CA ASP D 167 42.31 -14.44 -10.67
C ASP D 167 41.82 -13.01 -10.41
N ILE D 168 40.72 -12.67 -11.07
CA ILE D 168 40.03 -11.40 -10.86
C ILE D 168 38.84 -11.58 -9.92
N GLU D 169 38.77 -10.74 -8.89
CA GLU D 169 37.76 -10.84 -7.85
C GLU D 169 36.49 -10.14 -8.35
N VAL D 170 35.42 -10.92 -8.55
CA VAL D 170 34.10 -10.36 -8.86
C VAL D 170 33.35 -10.22 -7.54
N ILE D 171 33.04 -8.98 -7.17
CA ILE D 171 32.47 -8.70 -5.85
C ILE D 171 30.99 -8.37 -5.91
N GLY D 172 30.42 -8.33 -7.11
CA GLY D 172 29.02 -7.94 -7.21
C GLY D 172 28.43 -7.95 -8.58
N ILE D 173 27.15 -7.60 -8.65
CA ILE D 173 26.39 -7.54 -9.90
C ILE D 173 25.74 -6.16 -10.01
N SER D 174 25.77 -5.55 -11.19
CA SER D 174 25.06 -4.29 -11.40
C SER D 174 24.13 -4.36 -12.60
N PHE D 175 23.21 -3.41 -12.70
CA PHE D 175 22.42 -3.21 -13.91
C PHE D 175 22.06 -1.75 -13.99
N HIS D 176 21.61 -1.34 -15.16
CA HIS D 176 21.00 -0.02 -15.30
C HIS D 176 19.79 -0.20 -16.22
N VAL D 177 18.60 0.04 -15.69
CA VAL D 177 17.39 -0.24 -16.48
C VAL D 177 17.23 0.75 -17.65
N GLY D 178 17.95 1.86 -17.58
CA GLY D 178 17.82 2.93 -18.55
C GLY D 178 17.69 4.26 -17.83
N SER D 179 18.13 5.33 -18.48
CA SER D 179 18.13 6.64 -17.82
C SER D 179 16.74 7.27 -17.92
N GLY D 180 16.24 7.79 -16.82
CA GLY D 180 14.91 8.36 -16.78
C GLY D 180 13.87 7.26 -16.79
N SER D 181 13.86 6.46 -15.72
CA SER D 181 12.94 5.34 -15.60
C SER D 181 11.85 5.65 -14.58
N ARG D 182 10.60 5.35 -14.92
CA ARG D 182 9.49 5.51 -13.99
C ARG D 182 8.70 4.20 -13.88
N ASN D 183 9.39 3.09 -14.17
CA ASN D 183 8.78 1.74 -14.23
C ASN D 183 9.33 0.89 -13.07
N PRO D 184 8.54 0.78 -11.97
CA PRO D 184 9.06 -0.03 -10.85
C PRO D 184 9.22 -1.53 -11.14
N GLU D 185 8.40 -2.09 -12.03
CA GLU D 185 8.48 -3.51 -12.37
C GLU D 185 9.84 -3.84 -13.00
N ALA D 186 10.39 -2.89 -13.77
CA ALA D 186 11.71 -3.07 -14.37
C ALA D 186 12.81 -3.27 -13.34
N TYR D 187 12.76 -2.51 -12.26
CA TYR D 187 13.71 -2.67 -11.17
C TYR D 187 13.50 -4.00 -10.44
N TYR D 188 12.24 -4.37 -10.22
CA TYR D 188 11.91 -5.64 -9.58
C TYR D 188 12.50 -6.81 -10.36
N ARG D 189 12.24 -6.85 -11.67
CA ARG D 189 12.78 -7.91 -12.51
C ARG D 189 14.30 -7.90 -12.60
N ALA D 190 14.89 -6.71 -12.64
CA ALA D 190 16.35 -6.57 -12.69
C ALA D 190 17.04 -7.10 -11.42
N ILE D 191 16.44 -6.81 -10.26
CA ILE D 191 16.95 -7.29 -8.97
C ILE D 191 16.82 -8.81 -8.87
N LYS D 192 15.73 -9.36 -9.37
CA LYS D 192 15.56 -10.82 -9.46
C LYS D 192 16.64 -11.48 -10.34
N SER D 193 16.84 -10.94 -11.55
CA SER D 193 17.92 -11.38 -12.44
C SER D 193 19.29 -11.23 -11.78
N SER D 194 19.45 -10.18 -10.98
CA SER D 194 20.71 -9.93 -10.30
C SER D 194 21.02 -11.02 -9.26
N LYS D 195 19.99 -11.48 -8.56
CA LYS D 195 20.16 -12.57 -7.61
C LYS D 195 20.58 -13.87 -8.30
N GLU D 196 19.99 -14.14 -9.46
CA GLU D 196 20.37 -15.30 -10.27
C GLU D 196 21.84 -15.23 -10.71
N ALA D 197 22.29 -14.05 -11.14
CA ALA D 197 23.69 -13.84 -11.52
C ALA D 197 24.65 -13.96 -10.32
N PHE D 198 24.21 -13.43 -9.18
CA PHE D 198 24.95 -13.50 -7.90
C PHE D 198 25.14 -14.95 -7.52
N ASN D 199 24.10 -15.75 -7.70
CA ASN D 199 24.17 -17.19 -7.44
C ASN D 199 25.11 -17.93 -8.38
N GLU D 200 25.18 -17.50 -9.64
CA GLU D 200 26.15 -18.07 -10.58
C GLU D 200 27.56 -17.72 -10.15
N ALA D 201 27.74 -16.50 -9.64
CA ALA D 201 29.05 -16.06 -9.18
C ALA D 201 29.52 -16.91 -8.02
N ILE D 202 28.61 -17.20 -7.09
CA ILE D 202 28.93 -18.12 -5.96
C ILE D 202 29.29 -19.52 -6.45
N SER D 203 28.50 -20.05 -7.39
CA SER D 203 28.73 -21.38 -7.96
C SER D 203 30.10 -21.47 -8.62
N VAL D 204 30.52 -20.37 -9.27
CA VAL D 204 31.79 -20.31 -9.96
C VAL D 204 32.97 -20.24 -8.98
N GLY D 205 32.72 -19.70 -7.79
CA GLY D 205 33.79 -19.65 -6.78
C GLY D 205 34.07 -18.25 -6.26
N HIS D 206 33.38 -17.26 -6.82
CA HIS D 206 33.51 -15.88 -6.33
C HIS D 206 32.75 -15.74 -4.99
N LYS D 207 33.06 -14.66 -4.27
CA LYS D 207 32.37 -14.31 -3.03
C LYS D 207 31.74 -12.93 -3.14
N PRO D 208 30.72 -12.77 -3.99
CA PRO D 208 30.12 -11.46 -4.22
C PRO D 208 29.38 -10.94 -2.96
N TYR D 209 29.36 -9.62 -2.80
CA TYR D 209 28.68 -8.99 -1.67
C TYR D 209 28.03 -7.65 -2.02
N ILE D 210 28.09 -7.24 -3.29
CA ILE D 210 27.50 -5.96 -3.72
C ILE D 210 26.39 -6.17 -4.74
N LEU D 211 25.26 -5.53 -4.50
CA LEU D 211 24.24 -5.32 -5.53
C LEU D 211 24.23 -3.85 -5.87
N ASP D 212 24.35 -3.53 -7.17
CA ASP D 212 24.37 -2.16 -7.63
C ASP D 212 23.16 -1.98 -8.53
N ILE D 213 22.15 -1.25 -8.06
CA ILE D 213 20.88 -1.12 -8.79
C ILE D 213 20.90 0.00 -9.84
N GLY D 214 22.09 0.56 -10.11
CA GLY D 214 22.26 1.52 -11.20
C GLY D 214 21.50 2.82 -10.94
N GLY D 215 21.12 3.52 -12.00
CA GLY D 215 20.41 4.80 -11.82
C GLY D 215 19.03 4.81 -12.43
N GLY D 216 18.63 5.97 -12.96
CA GLY D 216 17.36 6.08 -13.69
C GLY D 216 16.23 6.80 -12.96
N LEU D 217 16.27 6.83 -11.62
CA LEU D 217 15.16 7.33 -10.82
C LEU D 217 15.01 8.84 -10.81
N HIS D 218 13.78 9.30 -10.95
CA HIS D 218 13.46 10.72 -10.75
C HIS D 218 13.09 10.97 -9.30
N ALA D 219 13.38 12.17 -8.82
CA ALA D 219 12.82 12.64 -7.57
C ALA D 219 11.53 13.35 -7.90
N ASP D 220 10.43 12.61 -7.94
CA ASP D 220 9.18 13.24 -8.38
C ASP D 220 8.43 13.83 -7.20
N ILE D 221 8.24 15.14 -7.23
CA ILE D 221 7.73 15.88 -6.09
C ILE D 221 6.35 16.46 -6.40
N ASP D 222 5.44 16.40 -5.42
CA ASP D 222 4.09 16.94 -5.57
C ASP D 222 3.57 17.47 -4.24
N GLY D 224 4.32 19.13 -1.81
CA GLY D 224 5.80 19.10 -1.88
C GLY D 224 6.42 17.91 -1.16
N GLU D 225 5.86 16.71 -1.38
CA GLU D 225 6.45 15.45 -0.88
C GLU D 225 6.90 14.57 -2.05
N LEU D 226 7.93 13.76 -1.82
CA LEU D 226 8.41 12.79 -2.81
C LEU D 226 7.47 11.61 -2.89
N SER D 227 7.15 11.15 -4.10
CA SER D 227 6.44 9.89 -4.27
C SER D 227 7.31 8.72 -3.77
N THR D 228 6.72 7.84 -2.97
CA THR D 228 7.46 6.72 -2.39
C THR D 228 7.18 5.41 -3.13
N TYR D 229 6.20 5.43 -4.05
CA TYR D 229 5.74 4.18 -4.64
C TYR D 229 6.92 3.42 -5.28
N MET D 230 7.72 4.12 -6.09
CA MET D 230 8.92 3.56 -6.76
C MET D 230 9.89 2.88 -5.79
N SER D 231 10.31 3.61 -4.76
CA SER D 231 11.27 3.10 -3.78
C SER D 231 10.73 1.92 -2.98
N ASP D 232 9.46 1.99 -2.58
CA ASP D 232 8.80 0.92 -1.88
C ASP D 232 8.84 -0.36 -2.68
N TYR D 233 8.66 -0.23 -3.99
CA TYR D 233 8.60 -1.40 -4.86
C TYR D 233 9.98 -2.00 -5.04
N ILE D 234 10.99 -1.14 -5.13
CA ILE D 234 12.38 -1.54 -5.20
C ILE D 234 12.84 -2.23 -3.90
N ASN D 235 12.53 -1.59 -2.76
CA ASN D 235 12.85 -2.17 -1.45
C ASN D 235 12.24 -3.55 -1.19
N ASP D 236 11.04 -3.78 -1.72
CA ASP D 236 10.40 -5.10 -1.64
C ASP D 236 11.23 -6.11 -2.40
N ALA D 237 11.71 -5.73 -3.59
CA ALA D 237 12.57 -6.60 -4.38
C ALA D 237 13.85 -6.93 -3.62
N ILE D 238 14.41 -5.93 -2.95
CA ILE D 238 15.63 -6.12 -2.16
C ILE D 238 15.35 -7.12 -1.04
N LYS D 239 14.23 -6.94 -0.36
CA LYS D 239 13.83 -7.83 0.74
C LYS D 239 13.54 -9.23 0.24
N ASP D 240 12.87 -9.32 -0.92
CA ASP D 240 12.54 -10.60 -1.54
C ASP D 240 13.77 -11.39 -1.96
N PHE D 241 14.77 -10.71 -2.53
CA PHE D 241 15.92 -11.40 -3.14
C PHE D 241 17.26 -11.24 -2.44
N PHE D 242 17.44 -10.13 -1.72
CA PHE D 242 18.69 -9.86 -1.00
C PHE D 242 18.44 -9.52 0.47
N PRO D 243 17.71 -10.40 1.21
CA PRO D 243 17.38 -10.06 2.60
C PRO D 243 18.57 -10.07 3.54
N GLU D 244 19.63 -10.82 3.18
CA GLU D 244 20.79 -10.97 4.04
C GLU D 244 21.51 -9.64 4.32
N ASP D 245 21.86 -9.44 5.59
CA ASP D 245 22.64 -8.28 6.01
C ASP D 245 24.08 -8.29 5.50
N THR D 246 24.54 -9.41 4.94
CA THR D 246 25.91 -9.49 4.44
C THR D 246 26.08 -8.85 3.06
N VAL D 247 24.98 -8.46 2.43
CA VAL D 247 25.01 -7.85 1.10
C VAL D 247 24.97 -6.34 1.28
N THR D 248 25.87 -5.66 0.60
CA THR D 248 25.88 -4.20 0.57
C THR D 248 25.18 -3.77 -0.70
N ILE D 249 24.26 -2.82 -0.58
CA ILE D 249 23.55 -2.37 -1.78
C ILE D 249 23.94 -0.93 -2.10
N VAL D 250 24.25 -0.68 -3.37
CA VAL D 250 24.58 0.66 -3.85
C VAL D 250 23.70 1.02 -5.05
N ALA D 251 23.67 2.32 -5.39
CA ALA D 251 23.00 2.78 -6.60
C ALA D 251 23.90 3.79 -7.28
N GLU D 252 23.56 4.14 -8.52
CA GLU D 252 24.31 5.15 -9.27
C GLU D 252 23.36 6.25 -9.78
N PRO D 253 22.65 6.96 -8.86
CA PRO D 253 21.71 7.98 -9.29
C PRO D 253 22.39 9.22 -9.84
N GLY D 254 21.86 9.77 -10.94
CA GLY D 254 22.35 11.08 -11.41
C GLY D 254 21.24 12.09 -11.26
N ARG D 255 20.21 11.93 -12.10
CA ARG D 255 19.12 12.89 -12.17
C ARG D 255 18.32 13.03 -10.87
N PHE D 256 18.26 11.97 -10.05
CA PHE D 256 17.52 12.05 -8.79
C PHE D 256 17.98 13.27 -7.97
N PHE D 257 19.28 13.49 -7.92
CA PHE D 257 19.85 14.64 -7.21
C PHE D 257 20.03 15.89 -8.08
N ALA D 258 20.39 15.69 -9.34
CA ALA D 258 20.78 16.82 -10.19
C ALA D 258 19.60 17.61 -10.77
N GLU D 259 18.50 16.94 -11.10
CA GLU D 259 17.37 17.59 -11.80
C GLU D 259 16.93 18.92 -11.16
N HIS D 260 16.63 18.88 -9.87
CA HIS D 260 16.07 20.03 -9.15
C HIS D 260 17.11 20.98 -8.58
N TYR D 261 18.38 20.68 -8.82
CA TYR D 261 19.49 21.49 -8.32
C TYR D 261 19.50 22.91 -8.89
N SER D 262 19.15 23.05 -10.17
CA SER D 262 19.27 24.34 -10.87
C SER D 262 18.00 24.73 -11.60
N VAL D 263 17.82 26.04 -11.80
CA VAL D 263 16.92 26.52 -12.85
C VAL D 263 17.81 27.25 -13.87
N LEU D 264 17.37 27.32 -15.11
CA LEU D 264 18.16 28.00 -16.14
C LEU D 264 17.41 29.23 -16.65
N ALA D 265 17.99 30.41 -16.41
CA ALA D 265 17.38 31.66 -16.83
C ALA D 265 18.00 32.10 -18.17
N THR D 266 17.14 32.53 -19.08
CA THR D 266 17.55 32.91 -20.43
C THR D 266 16.69 34.10 -20.92
N GLN D 267 17.26 34.91 -21.81
CA GLN D 267 16.64 36.17 -22.20
C GLN D 267 16.14 36.10 -23.63
N VAL D 268 15.00 36.74 -23.88
CA VAL D 268 14.48 36.92 -25.22
C VAL D 268 15.38 37.94 -25.91
N ILE D 269 16.05 37.52 -26.97
CA ILE D 269 16.94 38.42 -27.68
C ILE D 269 16.44 38.80 -29.07
N GLY D 270 15.42 38.07 -29.53
CA GLY D 270 14.88 38.24 -30.88
C GLY D 270 13.42 37.86 -30.91
N LYS D 271 12.69 38.46 -31.86
CA LYS D 271 11.23 38.29 -31.92
C LYS D 271 10.70 38.47 -33.34
N ARG D 272 9.67 37.70 -33.70
CA ARG D 272 9.04 37.80 -35.01
C ARG D 272 7.57 37.45 -34.79
N VAL D 273 6.66 38.29 -35.28
CA VAL D 273 5.23 37.99 -35.15
C VAL D 273 4.60 37.87 -36.53
N ARG D 274 4.07 36.69 -36.82
CA ARG D 274 3.56 36.39 -38.16
C ARG D 274 2.23 35.69 -38.06
N ASP D 275 1.20 36.35 -38.58
CA ASP D 275 -0.14 35.77 -38.63
C ASP D 275 -0.53 35.16 -37.29
N GLY D 276 -0.33 35.91 -36.21
CA GLY D 276 -0.80 35.49 -34.90
C GLY D 276 0.09 34.51 -34.15
N LEU D 277 1.23 34.15 -34.76
CA LEU D 277 2.20 33.25 -34.14
C LEU D 277 3.38 34.08 -33.66
N TYR D 278 3.76 33.89 -32.39
CA TYR D 278 4.80 34.71 -31.74
C TYR D 278 6.06 33.88 -31.62
N GLU D 279 7.04 34.24 -32.44
CA GLU D 279 8.29 33.48 -32.49
C GLU D 279 9.37 34.23 -31.70
N TYR D 280 10.05 33.53 -30.79
CA TYR D 280 11.07 34.18 -29.98
C TYR D 280 12.40 33.48 -30.09
N PHE D 281 13.47 34.26 -30.02
CA PHE D 281 14.81 33.71 -29.99
C PHE D 281 15.48 34.04 -28.66
N PHE D 282 16.12 33.04 -28.08
CA PHE D 282 16.71 33.17 -26.75
C PHE D 282 18.23 33.08 -26.81
N ASN D 283 18.90 33.54 -25.76
CA ASN D 283 20.36 33.42 -25.70
C ASN D 283 20.80 32.06 -25.16
N GLU D 284 19.99 31.04 -25.48
CA GLU D 284 20.28 29.65 -25.18
C GLU D 284 19.88 28.84 -26.40
N SER D 285 20.21 27.55 -26.39
CA SER D 285 19.92 26.70 -27.53
C SER D 285 20.00 25.24 -27.13
N THR D 286 19.56 24.38 -28.06
CA THR D 286 19.65 22.94 -27.88
C THR D 286 21.11 22.50 -27.95
N TYR D 287 21.98 23.35 -28.51
CA TYR D 287 23.41 23.13 -28.51
C TYR D 287 24.11 23.72 -27.27
N GLY D 288 23.33 24.46 -26.47
CA GLY D 288 23.79 24.96 -25.18
C GLY D 288 23.25 24.07 -24.06
N GLY D 289 22.34 24.61 -23.26
CA GLY D 289 21.77 23.90 -22.11
C GLY D 289 20.52 23.07 -22.40
N PHE D 290 20.03 23.10 -23.63
CA PHE D 290 18.75 22.44 -23.94
C PHE D 290 18.88 21.17 -24.77
N SER D 291 19.99 20.46 -24.61
CA SER D 291 20.19 19.20 -25.37
C SER D 291 19.11 18.15 -25.05
N ASN D 292 18.50 18.23 -23.88
CA ASN D 292 17.42 17.31 -23.49
C ASN D 292 16.18 17.40 -24.38
N VAL D 293 16.01 18.55 -25.06
CA VAL D 293 14.96 18.68 -26.11
C VAL D 293 15.19 17.64 -27.22
N ILE D 294 16.46 17.38 -27.54
CA ILE D 294 16.83 16.42 -28.56
C ILE D 294 16.89 14.99 -28.01
N PHE D 295 17.64 14.79 -26.93
CA PHE D 295 17.97 13.44 -26.46
C PHE D 295 16.99 12.83 -25.46
N GLU D 296 16.19 13.67 -24.82
CA GLU D 296 15.19 13.17 -23.87
C GLU D 296 13.77 13.56 -24.24
N LYS D 297 13.59 14.14 -25.42
CA LYS D 297 12.27 14.57 -25.89
C LYS D 297 11.60 15.57 -24.92
N SER D 298 12.40 16.42 -24.29
CA SER D 298 11.87 17.39 -23.34
C SER D 298 11.03 18.45 -24.06
N VAL D 299 9.90 18.81 -23.47
CA VAL D 299 9.07 19.91 -23.97
C VAL D 299 8.86 20.91 -22.81
N PRO D 300 9.87 21.77 -22.57
CA PRO D 300 9.89 22.60 -21.37
C PRO D 300 9.12 23.90 -21.51
N THR D 301 8.43 24.31 -20.43
CA THR D 301 7.65 25.53 -20.39
C THR D 301 8.36 26.49 -19.43
N PRO D 302 8.67 27.71 -19.90
CA PRO D 302 9.37 28.67 -19.07
C PRO D 302 8.46 29.42 -18.12
N GLN D 303 9.03 29.95 -17.03
CA GLN D 303 8.35 30.88 -16.13
C GLN D 303 8.80 32.29 -16.47
N LEU D 304 7.83 33.19 -16.63
CA LEU D 304 8.14 34.61 -16.85
C LEU D 304 8.58 35.28 -15.55
N LEU D 305 9.65 36.06 -15.61
CA LEU D 305 10.08 36.79 -14.42
C LEU D 305 9.29 38.08 -14.29
N ARG D 306 8.81 38.60 -15.43
CA ARG D 306 7.97 39.80 -15.43
C ARG D 306 6.56 39.46 -14.96
N ASP D 307 6.07 40.25 -14.00
CA ASP D 307 4.74 40.06 -13.44
C ASP D 307 3.67 40.44 -14.48
N VAL D 308 2.68 39.56 -14.64
CA VAL D 308 1.51 39.87 -15.48
C VAL D 308 0.20 39.73 -14.70
N PRO D 309 -0.85 40.46 -15.13
CA PRO D 309 -2.18 40.37 -14.50
C PRO D 309 -2.76 38.97 -14.65
N ASP D 310 -3.73 38.63 -13.80
CA ASP D 310 -4.39 37.32 -13.84
C ASP D 310 -5.12 37.07 -15.15
N ASP D 311 -5.60 38.14 -15.76
CA ASP D 311 -6.36 38.08 -17.01
C ASP D 311 -5.50 38.32 -18.26
N GLU D 312 -4.18 38.17 -18.14
CA GLU D 312 -3.30 38.40 -19.29
C GLU D 312 -3.64 37.38 -20.38
N GLU D 313 -3.84 37.89 -21.60
CA GLU D 313 -4.00 37.05 -22.80
C GLU D 313 -2.77 36.16 -23.02
N TYR D 314 -2.98 34.86 -23.25
CA TYR D 314 -1.87 33.98 -23.68
C TYR D 314 -1.92 33.87 -25.19
N VAL D 315 -0.76 33.78 -25.83
CA VAL D 315 -0.67 33.73 -27.29
C VAL D 315 0.18 32.52 -27.72
N PRO D 316 -0.04 32.00 -28.95
CA PRO D 316 0.71 30.83 -29.38
C PRO D 316 2.16 31.24 -29.65
N SER D 317 3.08 30.57 -28.98
CA SER D 317 4.47 30.98 -29.00
C SER D 317 5.38 29.85 -29.47
N VAL D 318 6.49 30.22 -30.09
CA VAL D 318 7.52 29.25 -30.51
C VAL D 318 8.85 29.74 -29.90
N LEU D 319 9.55 28.85 -29.20
CA LEU D 319 10.78 29.24 -28.51
C LEU D 319 11.96 28.66 -29.28
N TYR D 320 12.69 29.53 -29.97
CA TYR D 320 13.82 29.13 -30.80
C TYR D 320 15.13 29.30 -30.06
N GLY D 321 16.07 28.40 -30.33
CA GLY D 321 17.44 28.56 -29.87
C GLY D 321 18.20 29.56 -30.73
N CYS D 322 19.33 30.04 -30.21
CA CYS D 322 20.07 31.12 -30.85
C CYS D 322 20.93 30.70 -32.06
N THR D 323 21.12 29.39 -32.30
CA THR D 323 22.00 28.96 -33.40
C THR D 323 21.33 29.04 -34.78
N CYS D 324 22.13 28.94 -35.83
N CYS D 324 22.14 28.90 -35.83
CA CYS D 324 21.61 29.01 -37.20
CA CYS D 324 21.63 28.98 -37.20
C CYS D 324 20.98 27.68 -37.68
C CYS D 324 20.87 27.72 -37.62
N ASP D 325 20.90 26.70 -36.78
CA ASP D 325 20.31 25.39 -37.10
C ASP D 325 18.78 25.31 -36.94
N GLY D 326 18.11 24.75 -37.96
CA GLY D 326 16.66 24.52 -37.89
C GLY D 326 16.21 23.53 -36.83
N VAL D 327 17.09 22.63 -36.42
CA VAL D 327 16.77 21.63 -35.39
C VAL D 327 16.72 22.27 -34.02
N ASP D 328 17.34 23.45 -33.91
CA ASP D 328 17.52 24.10 -32.64
C ASP D 328 16.27 24.89 -32.26
N VAL D 329 15.28 24.15 -31.75
CA VAL D 329 14.01 24.71 -31.33
C VAL D 329 13.78 24.20 -29.90
N ILE D 330 13.69 25.14 -28.96
CA ILE D 330 13.53 24.80 -27.55
C ILE D 330 12.12 24.25 -27.28
N ASN D 331 11.12 24.90 -27.88
CA ASN D 331 9.73 24.45 -27.75
C ASN D 331 8.94 24.89 -28.98
N HIS D 332 8.41 23.93 -29.75
CA HIS D 332 7.72 24.24 -31.01
C HIS D 332 6.41 25.00 -30.85
N ASN D 333 5.72 24.76 -29.73
CA ASN D 333 4.42 25.38 -29.49
C ASN D 333 4.12 25.45 -28.01
N VAL D 334 3.94 26.66 -27.48
CA VAL D 334 3.56 26.81 -26.08
C VAL D 334 2.76 28.09 -25.91
N ALA D 335 1.70 28.03 -25.10
CA ALA D 335 0.90 29.23 -24.83
C ALA D 335 1.54 30.05 -23.69
N LEU D 336 1.82 31.32 -23.96
CA LEU D 336 2.46 32.21 -22.99
C LEU D 336 1.93 33.63 -23.13
N PRO D 337 2.07 34.45 -22.08
CA PRO D 337 1.83 35.87 -22.24
C PRO D 337 2.80 36.38 -23.28
N GLU D 338 2.43 37.43 -24.00
CA GLU D 338 3.35 38.00 -25.00
C GLU D 338 4.65 38.42 -24.32
N LEU D 339 5.77 38.08 -24.96
CA LEU D 339 7.08 38.44 -24.48
C LEU D 339 7.68 39.53 -25.36
N HIS D 340 8.72 40.18 -24.83
CA HIS D 340 9.37 41.30 -25.49
C HIS D 340 10.86 41.09 -25.44
N ILE D 341 11.56 41.56 -26.45
CA ILE D 341 13.03 41.53 -26.46
C ILE D 341 13.51 42.17 -25.15
N GLY D 342 14.32 41.44 -24.40
CA GLY D 342 14.79 41.91 -23.10
C GLY D 342 14.18 41.17 -21.92
N ASP D 343 13.03 40.52 -22.14
CA ASP D 343 12.38 39.71 -21.10
C ASP D 343 13.26 38.53 -20.68
N TRP D 344 13.32 38.26 -19.38
CA TRP D 344 13.99 37.07 -18.86
C TRP D 344 12.95 36.05 -18.44
N VAL D 345 13.24 34.79 -18.75
CA VAL D 345 12.40 33.68 -18.30
C VAL D 345 13.32 32.68 -17.64
N TYR D 346 12.76 31.71 -16.93
CA TYR D 346 13.60 30.63 -16.42
C TYR D 346 12.87 29.28 -16.51
N PHE D 347 13.67 28.23 -16.64
CA PHE D 347 13.16 26.88 -16.81
C PHE D 347 13.48 26.12 -15.53
N PRO D 348 12.42 25.68 -14.82
CA PRO D 348 12.60 24.97 -13.55
C PRO D 348 13.25 23.62 -13.75
N SER D 349 13.84 23.09 -12.67
CA SER D 349 14.40 21.72 -12.65
C SER D 349 15.27 21.42 -13.86
N TRP D 350 16.27 22.27 -14.08
CA TRP D 350 17.10 22.21 -15.27
C TRP D 350 18.55 21.89 -14.90
N GLY D 351 18.71 20.91 -14.01
CA GLY D 351 20.03 20.52 -13.50
C GLY D 351 20.56 19.18 -13.98
N ALA D 352 19.75 18.37 -14.65
CA ALA D 352 20.20 17.05 -15.07
C ALA D 352 20.45 16.98 -16.57
N TYR D 353 21.68 16.65 -16.99
CA TYR D 353 22.06 16.57 -18.42
C TYR D 353 21.77 17.87 -19.16
N THR D 354 22.16 18.97 -18.53
CA THR D 354 21.93 20.30 -19.08
C THR D 354 23.28 20.99 -19.32
N ASN D 355 23.86 21.57 -18.27
CA ASN D 355 25.14 22.28 -18.42
C ASN D 355 26.30 21.38 -18.87
N VAL D 356 26.25 20.09 -18.50
CA VAL D 356 27.33 19.17 -18.90
C VAL D 356 27.41 18.93 -20.41
N LEU D 357 26.32 19.21 -21.13
CA LEU D 357 26.23 18.89 -22.56
C LEU D 357 26.35 20.13 -23.46
N THR D 358 26.82 21.24 -22.87
CA THR D 358 27.08 22.48 -23.58
C THR D 358 28.10 22.31 -24.70
N THR D 359 27.83 22.95 -25.84
CA THR D 359 28.83 23.09 -26.90
C THR D 359 29.04 24.58 -27.14
N SER D 360 30.12 24.91 -27.84
CA SER D 360 30.31 26.29 -28.30
C SER D 360 29.95 26.50 -29.78
N PHE D 361 29.05 25.65 -30.30
CA PHE D 361 28.59 25.74 -31.68
C PHE D 361 28.03 27.14 -31.99
N ASN D 362 28.42 27.69 -33.14
CA ASN D 362 28.08 29.06 -33.55
C ASN D 362 28.71 30.18 -32.70
N GLY D 363 29.54 29.80 -31.75
CA GLY D 363 30.18 30.77 -30.85
C GLY D 363 29.28 31.15 -29.68
N PHE D 364 28.22 30.37 -29.47
CA PHE D 364 27.36 30.55 -28.30
C PHE D 364 27.72 29.55 -27.18
N GLY D 365 26.80 29.25 -26.29
CA GLY D 365 27.02 28.19 -25.29
C GLY D 365 27.64 28.69 -23.98
N GLU D 366 27.87 29.99 -23.85
CA GLU D 366 28.36 30.56 -22.59
C GLU D 366 27.23 30.75 -21.58
N TYR D 367 27.56 30.64 -20.30
CA TYR D 367 26.58 30.83 -19.22
C TYR D 367 27.29 31.15 -17.93
N ASP D 368 26.57 31.80 -17.03
CA ASP D 368 27.05 32.02 -15.67
C ASP D 368 26.33 31.08 -14.71
N VAL D 369 26.88 30.93 -13.51
CA VAL D 369 26.26 30.11 -12.48
C VAL D 369 26.26 30.92 -11.18
N TYR D 370 25.08 31.03 -10.58
CA TYR D 370 24.92 31.71 -9.30
C TYR D 370 24.37 30.74 -8.27
N TYR D 371 24.91 30.80 -7.06
CA TYR D 371 24.49 29.88 -6.01
C TYR D 371 23.67 30.55 -4.95
N ILE D 372 22.64 29.85 -4.52
CA ILE D 372 21.77 30.37 -3.46
C ILE D 372 21.81 29.50 -2.22
N MET E 1 -34.93 3.13 10.06
CA MET E 1 -35.18 2.03 11.04
C MET E 1 -36.12 2.46 12.15
N ASN E 2 -35.94 3.69 12.65
CA ASN E 2 -36.83 4.26 13.65
C ASN E 2 -38.27 4.28 13.15
N SER E 3 -38.45 4.66 11.89
CA SER E 3 -39.76 4.72 11.29
C SER E 3 -40.35 3.30 11.06
N VAL E 4 -39.52 2.35 10.57
CA VAL E 4 -39.95 0.97 10.33
C VAL E 4 -40.43 0.30 11.64
N VAL E 5 -39.62 0.43 12.69
CA VAL E 5 -39.96 -0.17 13.97
C VAL E 5 -41.22 0.47 14.58
N ASN E 6 -41.33 1.80 14.50
CA ASN E 6 -42.56 2.47 14.93
C ASN E 6 -43.76 1.96 14.14
N ASN E 7 -43.57 1.72 12.85
CA ASN E 7 -44.68 1.23 12.02
C ASN E 7 -45.11 -0.18 12.44
N ILE E 8 -44.14 -1.03 12.74
CA ILE E 8 -44.43 -2.37 13.24
C ILE E 8 -45.23 -2.30 14.54
N LEU E 9 -44.84 -1.40 15.45
CA LEU E 9 -45.56 -1.22 16.70
C LEU E 9 -47.00 -0.73 16.50
N LYS E 10 -47.21 0.15 15.50
CA LYS E 10 -48.57 0.64 15.19
C LYS E 10 -49.43 -0.44 14.54
N ALA E 11 -48.79 -1.27 13.71
CA ALA E 11 -49.49 -2.35 13.01
C ALA E 11 -49.78 -3.53 13.94
N HIS E 12 -48.99 -3.66 14.99
CA HIS E 12 -49.11 -4.75 15.97
C HIS E 12 -49.24 -4.18 17.38
N PRO E 13 -50.38 -3.55 17.69
CA PRO E 13 -50.49 -3.01 19.03
C PRO E 13 -50.69 -4.10 20.10
N GLN E 15 -48.34 -6.09 20.56
CA GLN E 15 -46.96 -6.61 20.72
C GLN E 15 -46.51 -6.50 22.18
N THR E 16 -46.01 -7.59 22.73
CA THR E 16 -45.62 -7.63 24.15
C THR E 16 -44.14 -8.01 24.30
N LYS E 17 -43.76 -9.14 23.71
CA LYS E 17 -42.38 -9.66 23.81
C LYS E 17 -41.40 -8.71 23.11
N SER E 18 -40.13 -8.75 23.50
CA SER E 18 -39.11 -8.06 22.73
C SER E 18 -39.09 -8.68 21.33
N PHE E 19 -38.57 -7.97 20.33
CA PHE E 19 -38.56 -8.53 18.98
C PHE E 19 -37.39 -8.06 18.13
N TYR E 20 -36.87 -8.97 17.31
CA TYR E 20 -35.88 -8.59 16.30
C TYR E 20 -36.58 -8.10 15.05
N VAL E 21 -36.00 -7.07 14.43
CA VAL E 21 -36.41 -6.66 13.08
C VAL E 21 -35.21 -6.93 12.18
N SER E 22 -35.40 -7.86 11.25
CA SER E 22 -34.30 -8.37 10.42
C SER E 22 -34.46 -8.04 8.96
N SER E 23 -33.35 -7.67 8.32
CA SER E 23 -33.40 -7.21 6.92
C SER E 23 -32.47 -8.04 6.02
N PRO E 24 -33.04 -9.01 5.29
CA PRO E 24 -32.25 -9.78 4.30
C PRO E 24 -31.52 -8.88 3.28
N LYS E 25 -32.12 -7.74 2.91
CA LYS E 25 -31.49 -6.85 1.92
C LYS E 25 -30.15 -6.30 2.41
N ILE E 26 -30.06 -6.00 3.70
CA ILE E 26 -28.82 -5.54 4.30
C ILE E 26 -27.70 -6.55 4.03
N VAL E 27 -28.01 -7.83 4.26
CA VAL E 27 -27.05 -8.92 4.11
C VAL E 27 -26.69 -9.12 2.64
N GLU E 28 -27.70 -9.04 1.77
CA GLU E 28 -27.48 -9.16 0.32
C GLU E 28 -26.50 -8.09 -0.16
N ASP E 29 -26.71 -6.85 0.30
CA ASP E 29 -25.79 -5.75 0.01
C ASP E 29 -24.37 -6.01 0.56
N LEU E 30 -24.28 -6.58 1.77
CA LEU E 30 -22.96 -6.90 2.34
C LEU E 30 -22.25 -8.05 1.61
N ILE E 31 -23.03 -9.01 1.08
CA ILE E 31 -22.48 -10.07 0.25
C ILE E 31 -21.84 -9.48 -1.02
N ASP E 32 -22.56 -8.56 -1.67
CA ASP E 32 -22.02 -7.86 -2.86
C ASP E 32 -20.75 -7.10 -2.50
N GLN E 33 -20.73 -6.50 -1.32
CA GLN E 33 -19.55 -5.79 -0.86
C GLN E 33 -18.38 -6.75 -0.59
N TRP E 34 -18.69 -7.91 0.00
CA TRP E 34 -17.66 -8.93 0.23
C TRP E 34 -16.95 -9.25 -1.07
N THR E 35 -17.73 -9.46 -2.13
CA THR E 35 -17.17 -9.88 -3.41
C THR E 35 -16.21 -8.81 -3.98
N ILE E 36 -16.48 -7.54 -3.69
CA ILE E 36 -15.59 -6.45 -4.09
C ILE E 36 -14.34 -6.35 -3.19
N LEU E 37 -14.54 -6.45 -1.88
CA LEU E 37 -13.45 -6.33 -0.92
C LEU E 37 -12.48 -7.50 -0.99
N PHE E 38 -13.01 -8.68 -1.28
CA PHE E 38 -12.25 -9.93 -1.28
C PHE E 38 -12.48 -10.70 -2.58
N PRO E 39 -11.97 -10.16 -3.71
CA PRO E 39 -12.26 -10.77 -5.01
C PRO E 39 -11.83 -12.24 -5.13
N ARG E 40 -10.89 -12.69 -4.30
CA ARG E 40 -10.36 -14.06 -4.38
C ARG E 40 -10.90 -15.01 -3.30
N VAL E 41 -11.69 -14.48 -2.39
CA VAL E 41 -12.07 -15.24 -1.18
C VAL E 41 -13.54 -15.64 -1.18
N THR E 42 -13.80 -16.95 -1.14
CA THR E 42 -15.15 -17.48 -1.07
C THR E 42 -15.57 -17.55 0.40
N PRO E 43 -16.67 -16.87 0.76
CA PRO E 43 -17.09 -16.91 2.15
C PRO E 43 -17.91 -18.15 2.51
N HIS E 44 -17.53 -18.78 3.62
CA HIS E 44 -18.32 -19.85 4.24
C HIS E 44 -18.91 -19.29 5.52
N TYR E 45 -20.18 -18.89 5.46
CA TYR E 45 -20.82 -18.20 6.59
C TYR E 45 -20.84 -19.10 7.84
N ALA E 46 -20.40 -18.55 8.97
CA ALA E 46 -20.40 -19.26 10.26
C ALA E 46 -21.81 -19.26 10.84
N VAL E 47 -22.51 -20.37 10.59
CA VAL E 47 -23.91 -20.55 10.99
C VAL E 47 -24.12 -20.25 12.49
N LYS E 48 -23.12 -20.61 13.30
CA LYS E 48 -23.19 -20.43 14.74
C LYS E 48 -23.45 -18.99 15.17
N CYS E 49 -23.06 -18.04 14.33
CA CYS E 49 -23.19 -16.62 14.68
C CYS E 49 -24.65 -16.16 14.72
N ASN E 50 -25.43 -16.70 13.77
CA ASN E 50 -26.85 -16.41 13.65
C ASN E 50 -27.43 -17.42 12.69
N ASN E 51 -28.27 -18.29 13.22
CA ASN E 51 -28.83 -19.39 12.44
C ASN E 51 -30.26 -19.16 11.96
N ASP E 52 -30.71 -17.92 12.01
CA ASP E 52 -32.02 -17.52 11.52
C ASP E 52 -32.25 -18.10 10.11
N GLU E 53 -33.40 -18.76 9.93
CA GLU E 53 -33.69 -19.49 8.68
C GLU E 53 -33.66 -18.58 7.45
N VAL E 54 -34.24 -17.39 7.59
CA VAL E 54 -34.30 -16.44 6.46
C VAL E 54 -32.90 -15.97 6.08
N LEU E 55 -32.06 -15.75 7.10
CA LEU E 55 -30.66 -15.40 6.88
C LEU E 55 -29.93 -16.49 6.10
N LEU E 56 -30.11 -17.75 6.53
CA LEU E 56 -29.43 -18.86 5.88
C LEU E 56 -29.92 -19.02 4.42
N LYS E 57 -31.21 -18.82 4.19
CA LYS E 57 -31.78 -18.87 2.84
C LYS E 57 -31.19 -17.77 1.96
N THR E 58 -31.04 -16.58 2.52
CA THR E 58 -30.45 -15.44 1.82
C THR E 58 -29.02 -15.76 1.39
N MET E 59 -28.24 -16.32 2.32
CA MET E 59 -26.89 -16.84 2.04
C MET E 59 -26.91 -17.83 0.88
N CYS E 60 -27.78 -18.81 0.98
CA CYS E 60 -27.90 -19.86 -0.03
C CYS E 60 -28.14 -19.27 -1.43
N ASP E 61 -29.10 -18.35 -1.50
CA ASP E 61 -29.50 -17.76 -2.78
C ASP E 61 -28.44 -16.85 -3.39
N LYS E 62 -27.58 -16.32 -2.52
CA LYS E 62 -26.51 -15.43 -2.96
C LYS E 62 -25.21 -16.19 -3.20
N ASN E 63 -25.28 -17.52 -3.23
CA ASN E 63 -24.14 -18.41 -3.52
C ASN E 63 -23.02 -18.31 -2.49
N VAL E 64 -23.39 -17.96 -1.27
CA VAL E 64 -22.47 -18.00 -0.15
C VAL E 64 -22.47 -19.43 0.38
N ASN E 65 -21.31 -19.92 0.81
CA ASN E 65 -21.21 -21.25 1.38
C ASN E 65 -21.32 -21.23 2.89
N PHE E 66 -21.03 -22.38 3.54
CA PHE E 66 -21.34 -22.51 4.97
C PHE E 66 -20.23 -23.15 5.78
N ASP E 67 -20.06 -22.63 7.00
CA ASP E 67 -19.16 -23.21 8.00
C ASP E 67 -20.10 -23.73 9.08
N CYS E 68 -20.14 -25.06 9.22
CA CYS E 68 -21.01 -25.69 10.22
C CYS E 68 -20.20 -26.29 11.36
N ALA E 69 -20.66 -26.12 12.60
CA ALA E 69 -19.88 -26.53 13.78
C ALA E 69 -20.31 -27.86 14.38
N SER E 70 -21.47 -28.36 13.95
CA SER E 70 -22.08 -29.53 14.57
C SER E 70 -23.08 -30.16 13.59
N SER E 71 -23.57 -31.35 13.94
CA SER E 71 -24.59 -32.01 13.13
C SER E 71 -25.86 -31.20 13.04
N SER E 72 -26.28 -30.57 14.14
CA SER E 72 -27.49 -29.73 14.13
C SER E 72 -27.37 -28.61 13.09
N GLU E 73 -26.20 -27.99 13.00
CA GLU E 73 -26.00 -26.90 12.04
C GLU E 73 -25.96 -27.41 10.60
N ILE E 74 -25.34 -28.57 10.41
CA ILE E 74 -25.35 -29.21 9.08
C ILE E 74 -26.81 -29.47 8.65
N LYS E 75 -27.61 -29.99 9.57
CA LYS E 75 -29.04 -30.22 9.31
C LYS E 75 -29.77 -28.95 8.87
N LYS E 76 -29.50 -27.86 9.56
CA LYS E 76 -30.13 -26.55 9.26
C LYS E 76 -29.86 -26.11 7.83
N VAL E 77 -28.63 -26.36 7.38
CA VAL E 77 -28.18 -25.95 6.06
C VAL E 77 -28.73 -26.88 4.98
N ILE E 78 -28.60 -28.18 5.20
CA ILE E 78 -29.13 -29.18 4.27
C ILE E 78 -30.64 -29.05 4.06
N GLN E 79 -31.36 -28.75 5.15
CA GLN E 79 -32.83 -28.61 5.10
C GLN E 79 -33.31 -27.51 4.15
N ILE E 80 -32.51 -26.49 3.94
CA ILE E 80 -32.91 -25.42 3.02
C ILE E 80 -32.47 -25.65 1.58
N GLY E 81 -31.89 -26.83 1.33
CA GLY E 81 -31.58 -27.29 -0.02
C GLY E 81 -30.17 -27.02 -0.51
N VAL E 82 -29.29 -26.60 0.40
CA VAL E 82 -27.90 -26.34 0.05
C VAL E 82 -27.18 -27.66 -0.20
N SER E 83 -26.43 -27.76 -1.29
CA SER E 83 -25.62 -28.95 -1.54
C SER E 83 -24.59 -29.15 -0.42
N PRO E 84 -24.37 -30.41 0.00
CA PRO E 84 -23.36 -30.72 1.04
C PRO E 84 -21.95 -30.32 0.61
N SER E 85 -21.73 -30.18 -0.72
CA SER E 85 -20.45 -29.76 -1.26
C SER E 85 -20.09 -28.33 -0.83
N ARG E 86 -21.09 -27.56 -0.40
CA ARG E 86 -20.89 -26.16 0.01
C ARG E 86 -20.63 -25.99 1.52
N ILE E 87 -20.56 -27.09 2.24
CA ILE E 87 -20.35 -27.05 3.69
C ILE E 87 -18.94 -27.51 4.04
N ILE E 88 -18.29 -26.74 4.92
CA ILE E 88 -17.08 -27.17 5.61
C ILE E 88 -17.45 -27.42 7.07
N PHE E 89 -17.14 -28.62 7.55
CA PHE E 89 -17.33 -28.95 8.96
C PHE E 89 -16.15 -28.35 9.72
N ALA E 90 -16.23 -27.04 10.00
CA ALA E 90 -15.05 -26.30 10.49
C ALA E 90 -14.93 -26.26 12.01
N HIS E 91 -14.89 -27.45 12.62
CA HIS E 91 -14.67 -27.59 14.05
C HIS E 91 -13.63 -28.67 14.17
N THR E 92 -12.57 -28.39 14.91
CA THR E 92 -11.47 -29.35 14.95
C THR E 92 -11.77 -30.53 15.86
N MET E 93 -12.83 -30.42 16.67
CA MET E 93 -13.21 -31.50 17.61
C MET E 93 -14.65 -31.92 17.35
N LYS E 94 -14.84 -33.06 16.68
CA LYS E 94 -16.16 -33.46 16.20
C LYS E 94 -16.50 -34.81 16.80
N THR E 95 -17.74 -35.00 17.26
CA THR E 95 -18.09 -36.30 17.84
C THR E 95 -18.08 -37.36 16.75
N ILE E 96 -17.77 -38.60 17.16
CA ILE E 96 -17.85 -39.74 16.26
C ILE E 96 -19.22 -39.80 15.57
N ASP E 97 -20.30 -39.62 16.34
CA ASP E 97 -21.65 -39.68 15.76
C ASP E 97 -21.93 -38.54 14.79
N ASP E 98 -21.30 -37.39 15.03
CA ASP E 98 -21.42 -36.28 14.08
C ASP E 98 -20.62 -36.53 12.79
N LEU E 99 -19.48 -37.20 12.91
CA LEU E 99 -18.69 -37.58 11.74
C LEU E 99 -19.45 -38.62 10.91
N ILE E 100 -20.07 -39.57 11.59
CA ILE E 100 -20.94 -40.56 10.94
C ILE E 100 -22.06 -39.86 10.16
N PHE E 101 -22.67 -38.86 10.79
CA PHE E 101 -23.72 -38.07 10.16
C PHE E 101 -23.21 -37.28 8.96
N ALA E 102 -22.04 -36.64 9.11
CA ALA E 102 -21.42 -35.88 8.02
C ALA E 102 -21.16 -36.77 6.80
N LYS E 103 -20.66 -37.97 7.06
CA LYS E 103 -20.44 -38.96 6.00
C LYS E 103 -21.74 -39.36 5.31
N ASP E 104 -22.80 -39.63 6.07
CA ASP E 104 -24.13 -39.87 5.54
C ASP E 104 -24.57 -38.72 4.62
N GLN E 105 -24.36 -37.50 5.08
CA GLN E 105 -24.92 -36.33 4.39
C GLN E 105 -24.09 -35.84 3.21
N GLY E 106 -22.84 -36.29 3.13
CA GLY E 106 -21.93 -35.85 2.07
C GLY E 106 -21.10 -34.61 2.44
N VAL E 107 -21.04 -34.31 3.74
CA VAL E 107 -20.16 -33.25 4.23
C VAL E 107 -18.77 -33.85 4.35
N ASP E 108 -17.92 -33.51 3.37
CA ASP E 108 -16.68 -34.25 3.15
C ASP E 108 -15.41 -33.37 3.26
N ILE E 109 -15.53 -32.21 3.90
CA ILE E 109 -14.37 -31.37 4.20
C ILE E 109 -14.51 -30.96 5.66
N ALA E 110 -13.44 -31.09 6.43
CA ALA E 110 -13.45 -30.75 7.87
C ALA E 110 -12.06 -30.30 8.32
N THR E 111 -12.00 -29.69 9.50
CA THR E 111 -10.73 -29.28 10.07
C THR E 111 -10.27 -30.22 11.18
N PHE E 112 -9.00 -30.12 11.53
CA PHE E 112 -8.42 -30.87 12.67
C PHE E 112 -7.22 -30.14 13.24
N ASP E 113 -6.86 -30.47 14.47
CA ASP E 113 -5.64 -29.95 15.06
C ASP E 113 -4.96 -30.95 16.01
N SER E 114 -5.37 -32.22 15.94
CA SER E 114 -4.85 -33.26 16.85
C SER E 114 -4.74 -34.61 16.16
N SER E 115 -3.82 -35.44 16.65
CA SER E 115 -3.66 -36.78 16.11
C SER E 115 -4.88 -37.65 16.43
N PHE E 116 -5.51 -37.46 17.59
CA PHE E 116 -6.69 -38.28 17.91
C PHE E 116 -7.88 -37.96 16.99
N GLU E 117 -7.91 -36.74 16.47
CA GLU E 117 -8.96 -36.37 15.51
C GLU E 117 -8.75 -37.13 14.18
N LEU E 118 -7.49 -37.25 13.77
CA LEU E 118 -7.14 -38.02 12.57
C LEU E 118 -7.49 -39.50 12.74
N ASP E 119 -7.30 -40.02 13.95
CA ASP E 119 -7.72 -41.40 14.26
C ASP E 119 -9.23 -41.57 14.05
N LYS E 120 -10.01 -40.59 14.51
CA LYS E 120 -11.46 -40.62 14.34
C LYS E 120 -11.81 -40.61 12.87
N ILE E 121 -11.13 -39.75 12.11
CA ILE E 121 -11.39 -39.62 10.66
C ILE E 121 -11.10 -40.94 9.96
N HIS E 122 -9.95 -41.50 10.25
CA HIS E 122 -9.55 -42.78 9.67
C HIS E 122 -10.59 -43.89 9.88
N THR E 123 -11.13 -43.96 11.10
CA THR E 123 -12.09 -45.01 11.46
C THR E 123 -13.49 -44.74 10.93
N TYR E 124 -13.93 -43.48 10.98
CA TYR E 124 -15.34 -43.16 10.73
C TYR E 124 -15.69 -42.40 9.45
N HIS E 125 -14.73 -41.66 8.92
CA HIS E 125 -14.98 -40.84 7.73
C HIS E 125 -13.70 -40.75 6.91
N PRO E 126 -13.19 -41.91 6.44
CA PRO E 126 -11.85 -41.97 5.88
C PRO E 126 -11.67 -41.17 4.59
N ASN E 127 -12.79 -40.89 3.91
CA ASN E 127 -12.77 -40.14 2.66
C ASN E 127 -12.78 -38.61 2.86
N CYS E 128 -13.01 -38.18 4.09
CA CYS E 128 -13.08 -36.75 4.42
C CYS E 128 -11.76 -36.05 4.09
N LYS E 129 -11.85 -34.94 3.35
CA LYS E 129 -10.68 -34.12 3.04
C LYS E 129 -10.44 -33.19 4.23
N MET E 130 -9.20 -33.12 4.70
CA MET E 130 -8.92 -32.42 5.97
C MET E 130 -8.14 -31.13 5.81
N ILE E 131 -8.49 -30.14 6.62
CA ILE E 131 -7.79 -28.87 6.65
C ILE E 131 -7.15 -28.75 8.03
N LEU E 132 -5.82 -28.59 8.06
CA LEU E 132 -5.12 -28.44 9.33
C LEU E 132 -5.35 -27.01 9.84
N ARG E 133 -5.92 -26.88 11.04
CA ARG E 133 -6.03 -25.58 11.67
C ARG E 133 -4.81 -25.28 12.54
N ILE E 134 -4.11 -24.20 12.20
CA ILE E 134 -2.95 -23.75 12.98
C ILE E 134 -3.29 -22.56 13.88
N ARG E 135 -2.59 -22.47 14.99
CA ARG E 135 -2.83 -21.38 15.94
C ARG E 135 -2.08 -20.14 15.51
N CYS E 136 -2.77 -19.02 15.38
CA CYS E 136 -2.16 -17.73 15.07
C CYS E 136 -3.02 -16.63 15.66
N ASP E 137 -2.66 -16.13 16.84
CA ASP E 137 -3.58 -15.26 17.59
C ASP E 137 -3.47 -13.79 17.25
N ASP E 138 -4.61 -13.12 17.27
CA ASP E 138 -4.63 -11.67 17.36
C ASP E 138 -4.77 -11.37 18.85
N PRO E 139 -3.72 -10.79 19.48
CA PRO E 139 -3.81 -10.54 20.91
C PRO E 139 -4.83 -9.47 21.29
N ASN E 140 -5.32 -8.69 20.32
CA ASN E 140 -6.35 -7.68 20.58
C ASN E 140 -7.78 -8.09 20.21
N ALA E 141 -7.97 -9.34 19.79
CA ALA E 141 -9.30 -9.78 19.40
C ALA E 141 -10.23 -9.81 20.61
N THR E 142 -11.50 -9.54 20.37
CA THR E 142 -12.49 -9.50 21.46
C THR E 142 -12.62 -10.84 22.18
N VAL E 143 -12.73 -11.93 21.40
CA VAL E 143 -12.84 -13.27 21.97
C VAL E 143 -11.65 -14.13 21.52
N GLN E 144 -10.78 -14.48 22.48
CA GLN E 144 -9.60 -15.31 22.20
C GLN E 144 -9.97 -16.78 21.95
N LEU E 145 -9.28 -17.40 21.00
CA LEU E 145 -9.59 -18.78 20.59
C LEU E 145 -8.35 -19.66 20.62
N GLY E 146 -7.16 -19.02 20.64
CA GLY E 146 -5.89 -19.72 20.50
C GLY E 146 -5.55 -20.81 21.52
N ASN E 147 -5.82 -20.57 22.80
CA ASN E 147 -5.54 -21.61 23.81
C ASN E 147 -6.25 -22.96 23.54
N LYS E 148 -7.49 -22.90 23.07
CA LYS E 148 -8.32 -24.07 22.92
C LYS E 148 -8.17 -24.76 21.57
N PHE E 149 -7.92 -23.99 20.51
CA PHE E 149 -7.88 -24.53 19.16
C PHE E 149 -6.65 -24.15 18.35
N GLY E 150 -6.26 -25.03 17.45
CA GLY E 150 -5.17 -24.77 16.50
C GLY E 150 -3.88 -25.46 16.91
N ALA E 151 -3.18 -26.04 15.94
CA ALA E 151 -1.90 -26.71 16.18
C ALA E 151 -0.79 -25.69 16.41
N ASN E 152 0.09 -26.00 17.36
CA ASN E 152 1.29 -25.20 17.56
C ASN E 152 2.29 -25.44 16.44
N GLU E 153 3.19 -24.47 16.23
CA GLU E 153 4.13 -24.53 15.11
C GLU E 153 4.96 -25.82 15.16
N ASP E 154 5.32 -26.25 16.36
CA ASP E 154 6.22 -27.37 16.53
C ASP E 154 5.53 -28.73 16.30
N GLU E 155 4.20 -28.75 16.16
CA GLU E 155 3.51 -30.00 15.91
C GLU E 155 2.94 -30.15 14.49
N ILE E 156 3.13 -29.12 13.68
CA ILE E 156 2.60 -29.10 12.30
C ILE E 156 3.13 -30.27 11.45
N ARG E 157 4.46 -30.43 11.42
CA ARG E 157 5.07 -31.49 10.63
C ARG E 157 4.55 -32.87 11.05
N HIS E 158 4.55 -33.13 12.36
CA HIS E 158 4.13 -34.41 12.89
C HIS E 158 2.68 -34.75 12.54
N LEU E 159 1.79 -33.76 12.67
CA LEU E 159 0.39 -33.95 12.32
C LEU E 159 0.18 -34.25 10.83
N LEU E 160 0.94 -33.55 9.98
CA LEU E 160 0.87 -33.77 8.53
C LEU E 160 1.39 -35.15 8.16
N GLU E 161 2.49 -35.55 8.82
CA GLU E 161 3.04 -36.90 8.65
C GLU E 161 2.07 -37.98 9.10
N TYR E 162 1.43 -37.75 10.25
CA TYR E 162 0.48 -38.69 10.81
C TYR E 162 -0.71 -38.88 9.87
N ALA E 163 -1.20 -37.78 9.30
CA ALA E 163 -2.31 -37.85 8.35
C ALA E 163 -1.91 -38.70 7.13
N LYS E 164 -0.71 -38.46 6.62
CA LYS E 164 -0.19 -39.19 5.45
C LYS E 164 -0.09 -40.70 5.72
N GLN E 165 0.40 -41.02 6.92
CA GLN E 165 0.50 -42.41 7.38
C GLN E 165 -0.84 -43.12 7.37
N LEU E 166 -1.89 -42.38 7.70
CA LEU E 166 -3.25 -42.91 7.79
C LEU E 166 -4.01 -42.81 6.47
N ASP E 167 -3.32 -42.38 5.42
CA ASP E 167 -3.93 -42.24 4.08
C ASP E 167 -5.06 -41.21 4.09
N ILE E 168 -4.88 -40.18 4.92
CA ILE E 168 -5.83 -39.05 5.01
C ILE E 168 -5.31 -37.90 4.16
N GLU E 169 -6.18 -37.38 3.30
CA GLU E 169 -5.87 -36.29 2.39
C GLU E 169 -5.96 -34.95 3.14
N VAL E 170 -4.84 -34.26 3.28
CA VAL E 170 -4.85 -32.89 3.81
C VAL E 170 -4.84 -31.94 2.61
N ILE E 171 -5.91 -31.17 2.44
CA ILE E 171 -6.06 -30.32 1.27
C ILE E 171 -5.87 -28.84 1.57
N GLY E 172 -5.54 -28.49 2.81
CA GLY E 172 -5.35 -27.08 3.11
C GLY E 172 -5.01 -26.72 4.54
N ILE E 173 -4.91 -25.41 4.77
CA ILE E 173 -4.52 -24.86 6.06
C ILE E 173 -5.52 -23.78 6.44
N SER E 174 -5.97 -23.79 7.70
CA SER E 174 -6.86 -22.74 8.20
C SER E 174 -6.32 -22.11 9.47
N PHE E 175 -6.84 -20.92 9.81
CA PHE E 175 -6.55 -20.34 11.10
C PHE E 175 -7.75 -19.51 11.48
N HIS E 176 -7.85 -19.18 12.77
CA HIS E 176 -8.78 -18.17 13.23
C HIS E 176 -8.06 -17.29 14.24
N VAL E 177 -7.87 -16.02 13.88
CA VAL E 177 -7.08 -15.12 14.75
C VAL E 177 -7.80 -14.79 16.07
N GLY E 178 -9.12 -14.95 16.08
CA GLY E 178 -9.91 -14.60 17.26
C GLY E 178 -11.16 -13.92 16.76
N SER E 179 -12.24 -14.07 17.51
CA SER E 179 -13.52 -13.49 17.12
C SER E 179 -13.53 -11.99 17.46
N GLY E 180 -13.89 -11.16 16.50
CA GLY E 180 -13.92 -9.70 16.71
C GLY E 180 -12.52 -9.12 16.61
N SER E 181 -11.96 -9.15 15.42
CA SER E 181 -10.59 -8.72 15.17
C SER E 181 -10.55 -7.45 14.35
N ARG E 182 -9.78 -6.48 14.83
CA ARG E 182 -9.55 -5.23 14.10
C ARG E 182 -8.04 -4.98 13.95
N ASN E 183 -7.29 -6.09 13.85
CA ASN E 183 -5.83 -6.06 13.77
C ASN E 183 -5.37 -6.65 12.44
N PRO E 184 -5.12 -5.77 11.43
CA PRO E 184 -4.77 -6.30 10.10
C PRO E 184 -3.46 -7.09 10.09
N GLU E 185 -2.52 -6.73 10.95
CA GLU E 185 -1.21 -7.42 11.03
C GLU E 185 -1.36 -8.87 11.45
N ALA E 186 -2.36 -9.13 12.31
CA ALA E 186 -2.61 -10.49 12.78
C ALA E 186 -2.93 -11.42 11.63
N TYR E 187 -3.71 -10.93 10.66
CA TYR E 187 -4.06 -11.73 9.48
C TYR E 187 -2.87 -11.89 8.54
N TYR E 188 -2.09 -10.83 8.38
CA TYR E 188 -0.88 -10.91 7.54
C TYR E 188 0.05 -12.00 8.06
N ARG E 189 0.33 -11.96 9.37
CA ARG E 189 1.22 -12.95 9.98
C ARG E 189 0.66 -14.37 9.91
N ALA E 190 -0.66 -14.49 10.06
CA ALA E 190 -1.33 -15.79 10.00
C ALA E 190 -1.25 -16.39 8.61
N ILE E 191 -1.40 -15.54 7.59
CA ILE E 191 -1.33 -15.99 6.20
C ILE E 191 0.10 -16.40 5.85
N LYS E 192 1.08 -15.64 6.36
CA LYS E 192 2.49 -16.02 6.27
C LYS E 192 2.77 -17.38 6.90
N SER E 193 2.29 -17.60 8.11
CA SER E 193 2.45 -18.87 8.82
C SER E 193 1.74 -20.01 8.10
N SER E 194 0.60 -19.70 7.47
CA SER E 194 -0.14 -20.70 6.71
C SER E 194 0.63 -21.18 5.49
N LYS E 195 1.31 -20.26 4.80
CA LYS E 195 2.14 -20.62 3.65
C LYS E 195 3.30 -21.54 4.08
N GLU E 196 3.86 -21.29 5.25
CA GLU E 196 4.91 -22.17 5.79
C GLU E 196 4.37 -23.56 6.10
N ALA E 197 3.14 -23.62 6.62
CA ALA E 197 2.49 -24.91 6.89
C ALA E 197 2.11 -25.62 5.57
N PHE E 198 1.70 -24.84 4.58
CA PHE E 198 1.40 -25.33 3.24
C PHE E 198 2.62 -26.04 2.65
N ASN E 199 3.76 -25.37 2.77
CA ASN E 199 5.05 -25.90 2.30
C ASN E 199 5.44 -27.20 3.03
N GLU E 200 5.17 -27.27 4.33
CA GLU E 200 5.38 -28.50 5.10
C GLU E 200 4.51 -29.62 4.57
N ALA E 201 3.25 -29.30 4.29
CA ALA E 201 2.29 -30.27 3.76
C ALA E 201 2.78 -30.86 2.44
N ILE E 202 3.26 -29.99 1.56
CA ILE E 202 3.85 -30.40 0.28
C ILE E 202 5.08 -31.29 0.48
N SER E 203 5.95 -30.89 1.39
CA SER E 203 7.16 -31.66 1.73
C SER E 203 6.83 -33.08 2.22
N VAL E 204 5.73 -33.20 2.96
CA VAL E 204 5.26 -34.48 3.47
C VAL E 204 4.61 -35.37 2.38
N GLY E 205 4.13 -34.75 1.30
CA GLY E 205 3.57 -35.51 0.19
C GLY E 205 2.10 -35.20 -0.07
N HIS E 206 1.53 -34.28 0.70
CA HIS E 206 0.15 -33.83 0.45
C HIS E 206 0.14 -32.89 -0.75
N LYS E 207 -1.04 -32.68 -1.32
CA LYS E 207 -1.21 -31.72 -2.41
C LYS E 207 -2.26 -30.68 -2.00
N PRO E 208 -1.92 -29.82 -1.03
CA PRO E 208 -2.92 -28.86 -0.54
C PRO E 208 -3.23 -27.76 -1.56
N TYR E 209 -4.45 -27.21 -1.47
CA TYR E 209 -4.85 -26.14 -2.39
C TYR E 209 -5.79 -25.12 -1.78
N ILE E 210 -6.16 -25.31 -0.52
CA ILE E 210 -7.09 -24.38 0.14
C ILE E 210 -6.38 -23.59 1.24
N LEU E 211 -6.51 -22.26 1.18
CA LEU E 211 -6.21 -21.40 2.33
C LEU E 211 -7.54 -20.94 2.94
N ASP E 212 -7.74 -21.16 4.24
CA ASP E 212 -8.96 -20.74 4.92
C ASP E 212 -8.56 -19.71 6.00
N ILE E 213 -8.92 -18.44 5.80
CA ILE E 213 -8.46 -17.37 6.68
C ILE E 213 -9.38 -17.16 7.87
N GLY E 214 -10.35 -18.07 8.04
CA GLY E 214 -11.22 -18.06 9.22
C GLY E 214 -12.15 -16.85 9.30
N GLY E 215 -12.53 -16.47 10.52
CA GLY E 215 -13.48 -15.37 10.73
C GLY E 215 -12.84 -14.18 11.44
N GLY E 216 -13.65 -13.43 12.18
CA GLY E 216 -13.13 -12.37 13.03
C GLY E 216 -13.44 -10.96 12.57
N LEU E 217 -13.66 -10.78 11.27
CA LEU E 217 -13.78 -9.43 10.70
C LEU E 217 -15.13 -8.78 10.98
N HIS E 218 -15.11 -7.47 11.25
CA HIS E 218 -16.34 -6.68 11.35
C HIS E 218 -16.66 -6.00 10.04
N ALA E 219 -17.94 -5.72 9.81
CA ALA E 219 -18.34 -4.83 8.75
C ALA E 219 -18.46 -3.43 9.37
N ASP E 220 -17.32 -2.74 9.47
CA ASP E 220 -17.28 -1.42 10.13
C ASP E 220 -17.64 -0.32 9.13
N ILE E 221 -18.78 0.33 9.38
CA ILE E 221 -19.37 1.27 8.44
C ILE E 221 -19.40 2.66 9.08
N ASP E 222 -19.03 3.68 8.33
CA ASP E 222 -19.01 5.04 8.86
C ASP E 222 -19.62 5.99 7.83
N GLY E 224 -21.86 6.11 5.64
CA GLY E 224 -22.26 4.75 5.22
C GLY E 224 -21.25 4.04 4.33
N GLU E 225 -19.96 4.23 4.63
CA GLU E 225 -18.90 3.60 3.86
C GLU E 225 -18.31 2.46 4.71
N LEU E 226 -18.16 1.29 4.09
CA LEU E 226 -17.47 0.16 4.70
C LEU E 226 -15.97 0.38 4.64
N SER E 227 -15.27 0.19 5.76
CA SER E 227 -13.82 0.39 5.79
C SER E 227 -13.09 -0.81 5.21
N THR E 228 -11.99 -0.53 4.51
CA THR E 228 -11.14 -1.56 3.92
C THR E 228 -9.81 -1.74 4.64
N TYR E 229 -9.71 -1.29 5.88
CA TYR E 229 -8.45 -1.42 6.65
C TYR E 229 -8.02 -2.87 6.85
N MET E 230 -8.98 -3.79 6.93
CA MET E 230 -8.66 -5.20 7.10
C MET E 230 -8.46 -5.89 5.76
N SER E 231 -9.42 -5.68 4.86
CA SER E 231 -9.44 -6.38 3.58
C SER E 231 -8.24 -6.08 2.71
N ASP E 232 -7.83 -4.81 2.64
CA ASP E 232 -6.65 -4.44 1.85
C ASP E 232 -5.39 -5.19 2.30
N TYR E 233 -5.19 -5.26 3.62
CA TYR E 233 -3.99 -5.90 4.14
C TYR E 233 -4.04 -7.42 4.01
N ILE E 234 -5.23 -8.00 4.17
CA ILE E 234 -5.44 -9.41 3.92
C ILE E 234 -5.13 -9.74 2.44
N ASN E 235 -5.63 -8.92 1.53
CA ASN E 235 -5.36 -9.10 0.10
C ASN E 235 -3.87 -8.95 -0.28
N ASP E 236 -3.17 -8.06 0.44
CA ASP E 236 -1.71 -7.91 0.27
C ASP E 236 -0.98 -9.18 0.70
N ALA E 237 -1.45 -9.80 1.79
CA ALA E 237 -0.88 -11.05 2.27
C ALA E 237 -1.14 -12.19 1.30
N ILE E 238 -2.35 -12.22 0.73
CA ILE E 238 -2.71 -13.23 -0.28
C ILE E 238 -1.84 -13.07 -1.52
N LYS E 239 -1.64 -11.84 -1.96
CA LYS E 239 -0.74 -11.57 -3.09
C LYS E 239 0.68 -12.07 -2.81
N ASP E 240 1.19 -11.72 -1.63
CA ASP E 240 2.57 -12.03 -1.25
C ASP E 240 2.85 -13.53 -1.11
N PHE E 241 1.90 -14.26 -0.50
CA PHE E 241 2.13 -15.66 -0.07
C PHE E 241 1.35 -16.72 -0.87
N PHE E 242 0.20 -16.32 -1.42
CA PHE E 242 -0.61 -17.21 -2.24
C PHE E 242 -0.99 -16.56 -3.58
N PRO E 243 0.00 -16.06 -4.35
CA PRO E 243 -0.31 -15.40 -5.64
C PRO E 243 -0.91 -16.30 -6.72
N GLU E 244 -0.76 -17.61 -6.57
CA GLU E 244 -1.11 -18.56 -7.64
C GLU E 244 -2.60 -18.81 -7.81
N ASP E 245 -2.99 -18.86 -9.07
CA ASP E 245 -4.36 -19.13 -9.48
C ASP E 245 -4.85 -20.52 -9.02
N THR E 246 -3.92 -21.42 -8.72
CA THR E 246 -4.27 -22.79 -8.32
C THR E 246 -4.72 -22.96 -6.86
N VAL E 247 -4.54 -21.92 -6.06
CA VAL E 247 -4.97 -21.93 -4.66
C VAL E 247 -6.42 -21.47 -4.60
N THR E 248 -7.24 -22.15 -3.80
CA THR E 248 -8.58 -21.68 -3.50
C THR E 248 -8.54 -21.03 -2.13
N ILE E 249 -9.08 -19.81 -2.02
CA ILE E 249 -9.08 -19.14 -0.75
C ILE E 249 -10.51 -19.03 -0.24
N VAL E 250 -10.70 -19.40 1.01
CA VAL E 250 -12.02 -19.28 1.64
C VAL E 250 -11.87 -18.54 2.98
N ALA E 251 -13.01 -18.12 3.54
CA ALA E 251 -13.05 -17.53 4.88
C ALA E 251 -14.27 -18.07 5.61
N GLU E 252 -14.32 -17.86 6.92
CA GLU E 252 -15.44 -18.34 7.73
C GLU E 252 -16.07 -17.16 8.50
N PRO E 253 -16.55 -16.14 7.77
CA PRO E 253 -17.06 -14.96 8.47
C PRO E 253 -18.41 -15.24 9.15
N GLY E 254 -18.58 -14.81 10.40
CA GLY E 254 -19.88 -14.86 11.04
C GLY E 254 -20.39 -13.43 11.16
N ARG E 255 -19.77 -12.67 12.06
CA ARG E 255 -20.29 -11.34 12.40
C ARG E 255 -20.27 -10.32 11.27
N PHE E 256 -19.37 -10.53 10.29
CA PHE E 256 -19.31 -9.59 9.16
C PHE E 256 -20.69 -9.45 8.53
N PHE E 257 -21.40 -10.57 8.36
CA PHE E 257 -22.73 -10.56 7.75
C PHE E 257 -23.86 -10.43 8.75
N ALA E 258 -23.69 -11.03 9.92
CA ALA E 258 -24.81 -11.14 10.88
C ALA E 258 -25.03 -9.86 11.70
N GLU E 259 -23.95 -9.14 12.01
CA GLU E 259 -24.03 -8.01 12.94
C GLU E 259 -25.18 -7.06 12.59
N HIS E 260 -25.20 -6.59 11.34
CA HIS E 260 -26.15 -5.53 10.92
C HIS E 260 -27.48 -6.08 10.39
N TYR E 261 -27.63 -7.40 10.41
CA TYR E 261 -28.85 -8.05 9.91
C TYR E 261 -30.10 -7.63 10.69
N SER E 262 -29.94 -7.44 11.99
CA SER E 262 -31.08 -7.20 12.89
C SER E 262 -30.86 -6.04 13.84
N VAL E 263 -31.98 -5.46 14.29
CA VAL E 263 -32.00 -4.64 15.50
C VAL E 263 -32.88 -5.38 16.51
N LEU E 264 -32.72 -5.07 17.78
CA LEU E 264 -33.54 -5.72 18.81
C LEU E 264 -34.34 -4.69 19.60
N ALA E 265 -35.67 -4.77 19.48
CA ALA E 265 -36.54 -3.83 20.17
C ALA E 265 -36.99 -4.41 21.52
N THR E 266 -36.92 -3.60 22.57
CA THR E 266 -37.30 -4.05 23.90
C THR E 266 -38.02 -2.92 24.65
N GLN E 267 -38.90 -3.30 25.57
CA GLN E 267 -39.74 -2.33 26.26
C GLN E 267 -39.31 -2.10 27.71
N VAL E 268 -39.48 -0.86 28.18
CA VAL E 268 -39.30 -0.56 29.59
C VAL E 268 -40.49 -1.13 30.35
N ILE E 269 -40.21 -2.06 31.26
CA ILE E 269 -41.27 -2.72 32.05
C ILE E 269 -41.26 -2.32 33.52
N GLY E 270 -40.16 -1.72 33.98
CA GLY E 270 -40.06 -1.28 35.37
C GLY E 270 -39.10 -0.11 35.50
N LYS E 271 -39.21 0.62 36.59
CA LYS E 271 -38.48 1.88 36.74
C LYS E 271 -38.28 2.18 38.20
N ARG E 272 -37.16 2.80 38.50
CA ARG E 272 -36.84 3.21 39.87
C ARG E 272 -35.95 4.43 39.74
N VAL E 273 -36.29 5.52 40.43
CA VAL E 273 -35.47 6.72 40.40
C VAL E 273 -34.98 7.03 41.82
N ARG E 274 -33.66 7.02 42.01
CA ARG E 274 -33.08 7.23 43.33
C ARG E 274 -31.96 8.24 43.24
N ASP E 275 -32.11 9.35 43.97
CA ASP E 275 -31.09 10.40 44.04
C ASP E 275 -30.54 10.74 42.66
N GLY E 276 -31.42 10.96 41.71
CA GLY E 276 -31.05 11.44 40.38
C GLY E 276 -30.54 10.38 39.42
N LEU E 277 -30.52 9.12 39.85
CA LEU E 277 -30.14 8.00 39.01
C LEU E 277 -31.40 7.25 38.53
N TYR E 278 -31.55 7.11 37.22
CA TYR E 278 -32.74 6.55 36.60
C TYR E 278 -32.48 5.09 36.21
N GLU E 279 -33.14 4.19 36.93
CA GLU E 279 -32.93 2.75 36.74
C GLU E 279 -34.12 2.13 36.00
N TYR E 280 -33.84 1.39 34.94
CA TYR E 280 -34.92 0.83 34.12
C TYR E 280 -34.74 -0.66 33.98
N PHE E 281 -35.86 -1.37 33.89
CA PHE E 281 -35.85 -2.81 33.66
C PHE E 281 -36.56 -3.09 32.36
N PHE E 282 -35.95 -3.92 31.54
CA PHE E 282 -36.44 -4.22 30.19
C PHE E 282 -36.97 -5.63 30.10
N ASN E 283 -37.83 -5.90 29.11
CA ASN E 283 -38.25 -7.28 28.87
C ASN E 283 -37.23 -8.07 28.06
N GLU E 284 -35.95 -7.80 28.33
CA GLU E 284 -34.83 -8.54 27.76
C GLU E 284 -33.76 -8.69 28.84
N SER E 285 -32.71 -9.43 28.56
CA SER E 285 -31.68 -9.64 29.57
C SER E 285 -30.38 -10.17 28.97
N THR E 286 -29.33 -10.17 29.79
CA THR E 286 -28.07 -10.77 29.38
C THR E 286 -28.21 -12.29 29.22
N TYR E 287 -29.29 -12.86 29.78
CA TYR E 287 -29.61 -14.28 29.56
C TYR E 287 -30.57 -14.48 28.37
N GLY E 288 -30.98 -13.36 27.78
CA GLY E 288 -31.84 -13.38 26.60
C GLY E 288 -30.96 -13.04 25.41
N GLY E 289 -31.18 -11.87 24.82
CA GLY E 289 -30.44 -11.47 23.63
C GLY E 289 -29.17 -10.67 23.90
N PHE E 290 -28.87 -10.39 25.18
CA PHE E 290 -27.74 -9.52 25.52
C PHE E 290 -26.51 -10.21 26.11
N SER E 291 -26.27 -11.45 25.72
CA SER E 291 -25.09 -12.16 26.25
C SER E 291 -23.76 -11.50 25.87
N ASN E 292 -23.74 -10.75 24.77
CA ASN E 292 -22.54 -10.02 24.36
C ASN E 292 -22.04 -9.00 25.40
N VAL E 293 -22.95 -8.56 26.28
CA VAL E 293 -22.56 -7.68 27.38
C VAL E 293 -21.57 -8.42 28.30
N ILE E 294 -21.78 -9.71 28.47
CA ILE E 294 -20.94 -10.55 29.32
C ILE E 294 -19.70 -11.02 28.56
N PHE E 295 -19.91 -11.59 27.37
CA PHE E 295 -18.85 -12.33 26.65
C PHE E 295 -18.01 -11.48 25.72
N GLU E 296 -18.54 -10.35 25.26
CA GLU E 296 -17.79 -9.49 24.35
C GLU E 296 -17.59 -8.09 24.92
N LYS E 297 -17.93 -7.93 26.20
CA LYS E 297 -17.87 -6.64 26.92
C LYS E 297 -18.55 -5.50 26.13
N SER E 298 -19.71 -5.82 25.54
CA SER E 298 -20.51 -4.82 24.84
C SER E 298 -21.11 -3.83 25.82
N VAL E 299 -21.10 -2.55 25.45
CA VAL E 299 -21.76 -1.50 26.25
C VAL E 299 -22.70 -0.78 25.28
N PRO E 300 -23.88 -1.36 25.03
CA PRO E 300 -24.73 -0.87 23.94
C PRO E 300 -25.63 0.28 24.36
N THR E 301 -25.80 1.28 23.47
CA THR E 301 -26.71 2.39 23.70
C THR E 301 -27.97 2.20 22.85
N PRO E 302 -29.17 2.25 23.48
CA PRO E 302 -30.40 2.09 22.71
C PRO E 302 -30.85 3.38 22.02
N GLN E 303 -31.69 3.22 21.00
CA GLN E 303 -32.35 4.34 20.33
C GLN E 303 -33.79 4.41 20.81
N LEU E 304 -34.26 5.59 21.19
CA LEU E 304 -35.66 5.76 21.61
C LEU E 304 -36.58 5.76 20.40
N LEU E 305 -37.71 5.08 20.52
CA LEU E 305 -38.72 5.11 19.46
C LEU E 305 -39.66 6.32 19.60
N ARG E 306 -39.81 6.81 20.83
CA ARG E 306 -40.59 8.02 21.09
C ARG E 306 -39.76 9.25 20.71
N ASP E 307 -40.33 10.17 19.93
CA ASP E 307 -39.61 11.37 19.51
C ASP E 307 -39.49 12.36 20.66
N VAL E 308 -38.30 12.98 20.81
CA VAL E 308 -38.06 13.98 21.85
C VAL E 308 -37.47 15.24 21.21
N PRO E 309 -37.67 16.41 21.83
CA PRO E 309 -37.06 17.61 21.25
C PRO E 309 -35.53 17.53 21.26
N ASP E 310 -34.90 18.22 20.32
CA ASP E 310 -33.44 18.27 20.21
C ASP E 310 -32.78 18.65 21.53
N ASP E 311 -33.47 19.44 22.35
CA ASP E 311 -32.89 19.96 23.57
C ASP E 311 -33.32 19.20 24.82
N GLU E 312 -33.95 18.03 24.63
CA GLU E 312 -34.35 17.14 25.74
C GLU E 312 -33.18 16.93 26.73
N GLU E 313 -33.46 17.05 28.02
CA GLU E 313 -32.46 16.80 29.08
C GLU E 313 -32.10 15.31 29.09
N TYR E 314 -30.80 14.99 29.02
CA TYR E 314 -30.36 13.59 29.25
C TYR E 314 -30.09 13.39 30.73
N VAL E 315 -30.42 12.19 31.23
CA VAL E 315 -30.24 11.86 32.63
C VAL E 315 -29.41 10.59 32.77
N PRO E 316 -28.70 10.44 33.90
CA PRO E 316 -27.88 9.24 34.04
C PRO E 316 -28.78 8.02 34.27
N SER E 317 -28.62 7.02 33.40
CA SER E 317 -29.52 5.87 33.34
C SER E 317 -28.77 4.55 33.51
N VAL E 318 -29.45 3.58 34.12
CA VAL E 318 -28.93 2.24 34.26
C VAL E 318 -29.93 1.31 33.61
N LEU E 319 -29.46 0.45 32.70
CA LEU E 319 -30.33 -0.46 31.97
C LEU E 319 -30.17 -1.90 32.49
N TYR E 320 -31.20 -2.36 33.21
CA TYR E 320 -31.22 -3.68 33.81
C TYR E 320 -31.97 -4.70 32.97
N GLY E 321 -31.47 -5.92 32.95
CA GLY E 321 -32.20 -7.03 32.36
C GLY E 321 -33.27 -7.50 33.33
N CYS E 322 -34.21 -8.28 32.82
CA CYS E 322 -35.42 -8.68 33.59
C CYS E 322 -35.23 -9.81 34.60
N THR E 323 -34.07 -10.48 34.60
CA THR E 323 -33.88 -11.63 35.50
C THR E 323 -33.59 -11.24 36.97
N CYS E 324 -33.69 -12.20 37.89
N CYS E 324 -33.68 -12.25 37.83
CA CYS E 324 -33.37 -11.94 39.30
CA CYS E 324 -33.34 -12.21 39.27
C CYS E 324 -31.86 -11.91 39.63
C CYS E 324 -31.90 -11.76 39.55
N ASP E 325 -31.01 -12.00 38.61
CA ASP E 325 -29.55 -11.98 38.82
C ASP E 325 -28.91 -10.60 38.79
N GLY E 326 -27.97 -10.34 39.71
CA GLY E 326 -27.24 -9.05 39.73
C GLY E 326 -26.28 -8.79 38.56
N VAL E 327 -25.87 -9.85 37.88
CA VAL E 327 -24.89 -9.76 36.79
C VAL E 327 -25.61 -9.30 35.52
N ASP E 328 -26.93 -9.43 35.54
CA ASP E 328 -27.77 -9.17 34.39
C ASP E 328 -28.07 -7.67 34.29
N VAL E 329 -27.08 -6.94 33.80
CA VAL E 329 -27.15 -5.50 33.62
C VAL E 329 -26.80 -5.25 32.17
N ILE E 330 -27.73 -4.67 31.40
CA ILE E 330 -27.50 -4.43 29.97
C ILE E 330 -26.49 -3.29 29.78
N ASN E 331 -26.67 -2.23 30.55
CA ASN E 331 -25.76 -1.08 30.51
C ASN E 331 -25.70 -0.41 31.88
N HIS E 332 -24.51 -0.45 32.51
CA HIS E 332 -24.35 0.08 33.87
C HIS E 332 -24.56 1.57 33.96
N ASN E 333 -24.18 2.31 32.92
CA ASN E 333 -24.28 3.78 32.94
C ASN E 333 -24.37 4.32 31.53
N VAL E 334 -25.48 5.01 31.24
CA VAL E 334 -25.63 5.63 29.93
C VAL E 334 -26.52 6.87 30.06
N ALA E 335 -26.17 7.95 29.39
CA ALA E 335 -26.99 9.15 29.40
C ALA E 335 -28.08 9.02 28.34
N LEU E 336 -29.33 9.20 28.74
CA LEU E 336 -30.48 9.08 27.85
C LEU E 336 -31.56 10.07 28.28
N PRO E 337 -32.49 10.44 27.36
CA PRO E 337 -33.70 11.09 27.81
C PRO E 337 -34.42 10.22 28.83
N GLU E 338 -35.18 10.84 29.74
CA GLU E 338 -35.97 10.08 30.70
C GLU E 338 -36.90 9.14 29.94
N LEU E 339 -36.96 7.88 30.41
CA LEU E 339 -37.83 6.87 29.84
C LEU E 339 -38.98 6.60 30.80
N HIS E 340 -40.03 5.96 30.29
CA HIS E 340 -41.23 5.67 31.06
C HIS E 340 -41.65 4.23 30.83
N ILE E 341 -42.27 3.63 31.84
CA ILE E 341 -42.79 2.28 31.68
C ILE E 341 -43.71 2.28 30.46
N GLY E 342 -43.46 1.38 29.52
CA GLY E 342 -44.20 1.36 28.26
C GLY E 342 -43.42 1.85 27.07
N ASP E 343 -42.35 2.62 27.32
CA ASP E 343 -41.47 3.09 26.23
C ASP E 343 -40.80 1.91 25.52
N TRP E 344 -40.70 2.00 24.20
CA TRP E 344 -39.92 1.03 23.44
C TRP E 344 -38.59 1.66 23.00
N VAL E 345 -37.54 0.85 22.99
CA VAL E 345 -36.26 1.28 22.45
C VAL E 345 -35.77 0.17 21.53
N TYR E 346 -34.79 0.45 20.68
CA TYR E 346 -34.14 -0.63 19.98
C TYR E 346 -32.62 -0.47 19.99
N PHE E 347 -31.92 -1.60 19.90
CA PHE E 347 -30.48 -1.63 19.87
C PHE E 347 -30.05 -1.95 18.45
N PRO E 348 -29.31 -1.02 17.82
CA PRO E 348 -28.89 -1.28 16.43
C PRO E 348 -27.85 -2.39 16.33
N SER E 349 -27.70 -2.94 15.12
CA SER E 349 -26.65 -3.90 14.80
C SER E 349 -26.59 -5.01 15.85
N TRP E 350 -27.73 -5.67 16.05
CA TRP E 350 -27.86 -6.67 17.11
C TRP E 350 -28.11 -8.08 16.57
N GLY E 351 -27.36 -8.45 15.53
CA GLY E 351 -27.58 -9.73 14.86
C GLY E 351 -26.50 -10.79 15.05
N ALA E 352 -25.38 -10.43 15.70
CA ALA E 352 -24.25 -11.35 15.81
C ALA E 352 -24.08 -11.84 17.24
N TYR E 353 -24.22 -13.15 17.43
CA TYR E 353 -24.13 -13.76 18.77
C TYR E 353 -25.15 -13.15 19.73
N THR E 354 -26.39 -13.03 19.26
CA THR E 354 -27.45 -12.41 20.03
C THR E 354 -28.59 -13.42 20.23
N ASN E 355 -29.43 -13.59 19.20
CA ASN E 355 -30.53 -14.56 19.29
C ASN E 355 -30.08 -16.02 19.48
N VAL E 356 -28.89 -16.39 18.98
CA VAL E 356 -28.41 -17.77 19.09
C VAL E 356 -28.08 -18.19 20.53
N LEU E 357 -27.88 -17.19 21.40
CA LEU E 357 -27.46 -17.46 22.77
C LEU E 357 -28.54 -17.26 23.82
N THR E 358 -29.79 -17.19 23.38
CA THR E 358 -30.93 -17.03 24.28
C THR E 358 -31.06 -18.25 25.22
N THR E 359 -31.41 -17.98 26.48
CA THR E 359 -31.85 -19.02 27.43
C THR E 359 -33.27 -18.72 27.90
N SER E 360 -33.89 -19.69 28.56
CA SER E 360 -35.18 -19.43 29.20
C SER E 360 -35.06 -19.27 30.72
N PHE E 361 -33.90 -18.82 31.19
CA PHE E 361 -33.65 -18.61 32.60
C PHE E 361 -34.70 -17.67 33.17
N ASN E 362 -35.20 -18.03 34.34
CA ASN E 362 -36.27 -17.27 35.05
C ASN E 362 -37.65 -17.32 34.35
N GLY E 363 -37.75 -18.03 33.24
CA GLY E 363 -39.00 -18.07 32.47
C GLY E 363 -39.13 -16.95 31.45
N PHE E 364 -38.04 -16.21 31.26
CA PHE E 364 -38.00 -15.16 30.21
C PHE E 364 -37.32 -15.69 28.94
N GLY E 365 -36.81 -14.79 28.08
CA GLY E 365 -36.05 -15.23 26.90
C GLY E 365 -36.89 -15.39 25.63
N GLU E 366 -38.20 -15.19 25.71
CA GLU E 366 -39.04 -15.24 24.50
C GLU E 366 -38.92 -13.96 23.67
N TYR E 367 -39.01 -14.10 22.36
CA TYR E 367 -38.96 -12.94 21.46
C TYR E 367 -39.69 -13.26 20.16
N ASP E 368 -40.07 -12.21 19.44
CA ASP E 368 -40.60 -12.37 18.08
C ASP E 368 -39.57 -11.92 17.04
N VAL E 369 -39.83 -12.24 15.78
CA VAL E 369 -38.97 -11.77 14.71
C VAL E 369 -39.84 -11.23 13.58
N TYR E 370 -39.57 -9.99 13.17
CA TYR E 370 -40.22 -9.39 12.00
C TYR E 370 -39.18 -9.22 10.91
N TYR E 371 -39.50 -9.66 9.70
CA TYR E 371 -38.64 -9.47 8.54
C TYR E 371 -39.14 -8.32 7.68
N ILE E 372 -38.21 -7.50 7.21
CA ILE E 372 -38.54 -6.38 6.35
C ILE E 372 -37.75 -6.49 5.05
N MET F 1 -23.90 -44.02 43.19
CA MET F 1 -24.13 -43.24 41.92
C MET F 1 -23.30 -43.78 40.77
N ASN F 2 -22.07 -44.17 41.06
CA ASN F 2 -21.20 -44.70 40.03
C ASN F 2 -21.83 -45.94 39.39
N SER F 3 -22.38 -46.84 40.20
CA SER F 3 -23.01 -48.03 39.63
C SER F 3 -24.33 -47.68 38.94
N VAL F 4 -25.07 -46.74 39.51
CA VAL F 4 -26.31 -46.25 38.88
C VAL F 4 -26.06 -45.73 37.45
N VAL F 5 -25.08 -44.84 37.30
CA VAL F 5 -24.86 -44.26 35.97
C VAL F 5 -24.30 -45.30 34.99
N ASN F 6 -23.40 -46.15 35.48
CA ASN F 6 -22.92 -47.28 34.67
C ASN F 6 -24.03 -48.21 34.22
N ASN F 7 -25.00 -48.46 35.11
CA ASN F 7 -26.17 -49.27 34.78
C ASN F 7 -26.99 -48.65 33.64
N ILE F 8 -27.21 -47.34 33.72
CA ILE F 8 -27.92 -46.58 32.69
C ILE F 8 -27.20 -46.73 31.35
N LEU F 9 -25.89 -46.55 31.35
CA LEU F 9 -25.09 -46.63 30.13
C LEU F 9 -25.20 -48.02 29.49
N LYS F 10 -25.14 -49.06 30.32
CA LYS F 10 -25.25 -50.43 29.84
C LYS F 10 -26.65 -50.71 29.31
N ALA F 11 -27.66 -50.11 29.94
CA ALA F 11 -29.04 -50.27 29.49
C ALA F 11 -29.36 -49.49 28.21
N HIS F 12 -28.62 -48.41 27.99
CA HIS F 12 -28.86 -47.54 26.84
C HIS F 12 -27.60 -47.45 26.02
N PRO F 13 -27.29 -48.51 25.28
CA PRO F 13 -26.03 -48.59 24.53
C PRO F 13 -26.05 -47.68 23.30
N GLN F 15 -26.79 -44.32 23.77
CA GLN F 15 -26.69 -42.99 24.41
C GLN F 15 -25.57 -42.15 23.79
N THR F 16 -25.92 -41.00 23.24
CA THR F 16 -24.92 -40.09 22.67
C THR F 16 -24.88 -38.76 23.44
N LYS F 17 -26.05 -38.21 23.77
CA LYS F 17 -26.13 -36.90 24.47
C LYS F 17 -25.62 -37.03 25.90
N SER F 18 -25.15 -35.92 26.47
CA SER F 18 -24.95 -35.84 27.90
C SER F 18 -26.31 -36.02 28.57
N PHE F 19 -26.32 -36.43 29.82
CA PHE F 19 -27.59 -36.69 30.50
C PHE F 19 -27.52 -36.41 31.99
N TYR F 20 -28.61 -35.86 32.52
CA TYR F 20 -28.77 -35.70 33.96
C TYR F 20 -29.37 -36.98 34.52
N VAL F 21 -28.88 -37.37 35.69
CA VAL F 21 -29.51 -38.45 36.47
C VAL F 21 -30.06 -37.81 37.72
N SER F 22 -31.39 -37.80 37.83
CA SER F 22 -32.08 -37.02 38.86
C SER F 22 -32.82 -37.92 39.82
N SER F 23 -32.81 -37.54 41.10
CA SER F 23 -33.31 -38.38 42.16
C SER F 23 -34.29 -37.62 43.04
N PRO F 24 -35.60 -37.82 42.79
CA PRO F 24 -36.61 -37.20 43.65
C PRO F 24 -36.47 -37.53 45.12
N LYS F 25 -36.03 -38.76 45.44
CA LYS F 25 -35.88 -39.16 46.83
C LYS F 25 -34.88 -38.28 47.60
N ILE F 26 -33.78 -37.87 46.96
CA ILE F 26 -32.83 -36.94 47.59
C ILE F 26 -33.53 -35.67 48.04
N VAL F 27 -34.34 -35.10 47.15
CA VAL F 27 -35.08 -33.88 47.44
C VAL F 27 -36.11 -34.11 48.55
N GLU F 28 -36.83 -35.24 48.50
CA GLU F 28 -37.79 -35.58 49.56
C GLU F 28 -37.13 -35.61 50.94
N ASP F 29 -35.92 -36.19 51.00
CA ASP F 29 -35.14 -36.25 52.23
C ASP F 29 -34.69 -34.88 52.71
N LEU F 30 -34.31 -34.04 51.76
CA LEU F 30 -33.90 -32.69 52.07
C LEU F 30 -35.06 -31.82 52.51
N ILE F 31 -36.25 -32.07 51.97
CA ILE F 31 -37.46 -31.39 52.44
C ILE F 31 -37.77 -31.75 53.91
N ASP F 32 -37.63 -33.04 54.25
CA ASP F 32 -37.78 -33.46 55.63
C ASP F 32 -36.74 -32.83 56.53
N GLN F 33 -35.52 -32.68 56.01
CA GLN F 33 -34.43 -32.05 56.74
C GLN F 33 -34.69 -30.57 56.94
N TRP F 34 -35.17 -29.89 55.90
CA TRP F 34 -35.59 -28.50 56.05
C TRP F 34 -36.55 -28.31 57.23
N THR F 35 -37.55 -29.17 57.32
CA THR F 35 -38.57 -29.10 58.39
C THR F 35 -37.92 -29.19 59.77
N ILE F 36 -36.87 -30.01 59.86
CA ILE F 36 -36.09 -30.15 61.09
C ILE F 36 -35.23 -28.91 61.37
N LEU F 37 -34.48 -28.47 60.35
CA LEU F 37 -33.55 -27.34 60.47
C LEU F 37 -34.27 -26.03 60.73
N PHE F 38 -35.41 -25.86 60.07
CA PHE F 38 -36.16 -24.60 60.12
C PHE F 38 -37.61 -24.86 60.46
N PRO F 39 -37.89 -25.25 61.72
CA PRO F 39 -39.27 -25.63 62.03
C PRO F 39 -40.31 -24.53 61.84
N ARG F 40 -39.89 -23.27 61.86
CA ARG F 40 -40.83 -22.14 61.71
C ARG F 40 -40.95 -21.64 60.28
N VAL F 41 -40.08 -22.10 59.40
CA VAL F 41 -39.95 -21.47 58.07
C VAL F 41 -40.57 -22.31 56.96
N THR F 42 -41.58 -21.77 56.29
CA THR F 42 -42.21 -22.43 55.17
C THR F 42 -41.40 -22.13 53.89
N PRO F 43 -40.90 -23.18 53.22
CA PRO F 43 -40.10 -22.92 52.01
C PRO F 43 -40.96 -22.65 50.75
N HIS F 44 -40.64 -21.56 50.05
CA HIS F 44 -41.18 -21.30 48.73
C HIS F 44 -40.07 -21.56 47.72
N TYR F 45 -40.07 -22.75 47.13
CA TYR F 45 -38.98 -23.18 46.22
C TYR F 45 -38.81 -22.21 45.04
N ALA F 46 -37.58 -21.75 44.82
CA ALA F 46 -37.28 -20.85 43.69
C ALA F 46 -37.18 -21.66 42.40
N VAL F 47 -38.31 -21.71 41.68
CA VAL F 47 -38.44 -22.47 40.43
C VAL F 47 -37.31 -22.18 39.44
N LYS F 48 -36.83 -20.94 39.41
CA LYS F 48 -35.79 -20.53 38.47
C LYS F 48 -34.51 -21.35 38.57
N CYS F 49 -34.25 -21.90 39.75
CA CYS F 49 -33.03 -22.65 39.99
C CYS F 49 -33.00 -23.97 39.24
N ASN F 50 -34.17 -24.61 39.14
CA ASN F 50 -34.33 -25.85 38.39
C ASN F 50 -35.82 -26.08 38.25
N ASN F 51 -36.31 -26.04 37.02
CA ASN F 51 -37.74 -26.16 36.75
C ASN F 51 -38.14 -27.54 36.20
N ASP F 52 -37.25 -28.53 36.37
CA ASP F 52 -37.57 -29.92 36.02
C ASP F 52 -38.98 -30.29 36.56
N GLU F 53 -39.83 -30.84 35.69
CA GLU F 53 -41.23 -31.12 36.06
C GLU F 53 -41.37 -32.12 37.20
N VAL F 54 -40.52 -33.15 37.20
CA VAL F 54 -40.53 -34.15 38.27
C VAL F 54 -40.15 -33.50 39.62
N LEU F 55 -39.16 -32.60 39.58
CA LEU F 55 -38.77 -31.90 40.77
C LEU F 55 -39.91 -31.04 41.31
N LEU F 56 -40.59 -30.31 40.41
CA LEU F 56 -41.70 -29.45 40.81
C LEU F 56 -42.87 -30.26 41.40
N LYS F 57 -43.14 -31.42 40.81
CA LYS F 57 -44.16 -32.35 41.32
C LYS F 57 -43.80 -32.89 42.70
N THR F 58 -42.53 -33.27 42.86
CA THR F 58 -42.01 -33.72 44.15
C THR F 58 -42.23 -32.66 45.24
N MET F 59 -41.91 -31.42 44.91
CA MET F 59 -42.11 -30.28 45.82
C MET F 59 -43.60 -30.16 46.19
N CYS F 60 -44.45 -30.22 45.16
CA CYS F 60 -45.91 -30.07 45.31
C CYS F 60 -46.46 -31.06 46.34
N ASP F 61 -46.08 -32.32 46.17
CA ASP F 61 -46.56 -33.41 46.97
C ASP F 61 -46.06 -33.39 48.42
N LYS F 62 -44.90 -32.76 48.65
CA LYS F 62 -44.37 -32.62 50.01
C LYS F 62 -44.78 -31.31 50.66
N ASN F 63 -45.76 -30.64 50.07
CA ASN F 63 -46.36 -29.41 50.63
C ASN F 63 -45.40 -28.23 50.71
N VAL F 64 -44.43 -28.24 49.79
CA VAL F 64 -43.52 -27.11 49.61
C VAL F 64 -44.26 -26.09 48.74
N ASN F 65 -44.04 -24.81 49.02
CA ASN F 65 -44.64 -23.76 48.20
C ASN F 65 -43.67 -23.26 47.14
N PHE F 66 -44.03 -22.18 46.44
CA PHE F 66 -43.22 -21.76 45.28
C PHE F 66 -42.96 -20.28 45.21
N ASP F 67 -41.75 -19.96 44.73
CA ASP F 67 -41.34 -18.59 44.41
C ASP F 67 -41.22 -18.56 42.89
N CYS F 68 -42.09 -17.81 42.23
CA CYS F 68 -42.09 -17.72 40.78
C CYS F 68 -41.63 -16.33 40.32
N ALA F 69 -40.84 -16.28 39.26
CA ALA F 69 -40.22 -15.02 38.83
C ALA F 69 -40.91 -14.35 37.63
N SER F 70 -41.82 -15.07 36.98
CA SER F 70 -42.44 -14.61 35.73
C SER F 70 -43.75 -15.35 35.54
N SER F 71 -44.54 -14.90 34.57
CA SER F 71 -45.80 -15.57 34.26
C SER F 71 -45.53 -16.98 33.72
N SER F 72 -44.43 -17.17 32.98
CA SER F 72 -44.10 -18.50 32.48
C SER F 72 -43.88 -19.50 33.63
N GLU F 73 -43.22 -19.05 34.70
CA GLU F 73 -42.98 -19.91 35.86
C GLU F 73 -44.27 -20.15 36.65
N ILE F 74 -45.14 -19.15 36.71
CA ILE F 74 -46.45 -19.33 37.34
C ILE F 74 -47.19 -20.44 36.60
N LYS F 75 -47.22 -20.32 35.27
CA LYS F 75 -47.89 -21.28 34.40
C LYS F 75 -47.36 -22.69 34.61
N LYS F 76 -46.04 -22.83 34.73
CA LYS F 76 -45.43 -24.16 34.97
C LYS F 76 -45.98 -24.80 36.25
N VAL F 77 -45.98 -24.01 37.33
CA VAL F 77 -46.40 -24.47 38.65
C VAL F 77 -47.90 -24.82 38.69
N ILE F 78 -48.73 -23.95 38.10
CA ILE F 78 -50.17 -24.22 38.06
C ILE F 78 -50.46 -25.50 37.25
N GLN F 79 -49.68 -25.73 36.20
CA GLN F 79 -49.83 -26.94 35.35
C GLN F 79 -49.53 -28.25 36.11
N ILE F 80 -48.63 -28.17 37.08
CA ILE F 80 -48.28 -29.28 37.97
C ILE F 80 -49.48 -29.63 38.88
N GLY F 81 -50.40 -28.69 39.05
CA GLY F 81 -51.61 -28.90 39.86
C GLY F 81 -51.59 -28.16 41.18
N VAL F 82 -50.60 -27.29 41.36
CA VAL F 82 -50.43 -26.49 42.58
C VAL F 82 -51.43 -25.32 42.59
N SER F 83 -52.05 -25.06 43.74
CA SER F 83 -52.90 -23.89 43.87
C SER F 83 -52.08 -22.59 43.72
N PRO F 84 -52.57 -21.63 42.92
CA PRO F 84 -51.94 -20.32 42.84
C PRO F 84 -51.82 -19.64 44.21
N SER F 85 -52.66 -20.05 45.18
CA SER F 85 -52.57 -19.52 46.54
C SER F 85 -51.22 -19.82 47.22
N ARG F 86 -50.51 -20.84 46.70
CA ARG F 86 -49.20 -21.26 47.22
C ARG F 86 -48.00 -20.61 46.53
N ILE F 87 -48.25 -19.61 45.68
CA ILE F 87 -47.16 -18.96 44.93
C ILE F 87 -46.92 -17.56 45.48
N ILE F 88 -45.64 -17.21 45.65
CA ILE F 88 -45.28 -15.80 45.86
C ILE F 88 -44.60 -15.33 44.58
N PHE F 89 -45.10 -14.25 44.01
CA PHE F 89 -44.49 -13.64 42.82
C PHE F 89 -43.30 -12.82 43.32
N ALA F 90 -42.19 -13.50 43.60
CA ALA F 90 -41.06 -12.89 44.30
C ALA F 90 -40.07 -12.21 43.34
N HIS F 91 -40.60 -11.32 42.52
CA HIS F 91 -39.76 -10.52 41.63
C HIS F 91 -40.21 -9.09 41.83
N THR F 92 -39.27 -8.20 42.13
CA THR F 92 -39.68 -6.82 42.41
C THR F 92 -40.07 -6.03 41.17
N MET F 93 -39.75 -6.55 39.98
CA MET F 93 -40.05 -5.85 38.72
C MET F 93 -40.85 -6.78 37.81
N LYS F 94 -42.16 -6.55 37.74
CA LYS F 94 -43.06 -7.46 37.05
C LYS F 94 -43.73 -6.71 35.92
N THR F 95 -43.85 -7.35 34.74
CA THR F 95 -44.54 -6.68 33.65
C THR F 95 -46.02 -6.53 33.98
N ILE F 96 -46.63 -5.48 33.43
CA ILE F 96 -48.07 -5.23 33.57
C ILE F 96 -48.85 -6.46 33.16
N ASP F 97 -48.51 -7.06 32.01
CA ASP F 97 -49.28 -8.22 31.58
C ASP F 97 -49.09 -9.41 32.51
N ASP F 98 -47.91 -9.54 33.10
CA ASP F 98 -47.68 -10.59 34.09
C ASP F 98 -48.52 -10.37 35.36
N LEU F 99 -48.71 -9.11 35.73
CA LEU F 99 -49.51 -8.78 36.90
C LEU F 99 -51.00 -9.03 36.66
N ILE F 100 -51.47 -8.66 35.46
CA ILE F 100 -52.86 -8.96 35.05
C ILE F 100 -53.11 -10.47 35.12
N PHE F 101 -52.16 -11.23 34.58
CA PHE F 101 -52.22 -12.69 34.57
C PHE F 101 -52.22 -13.23 36.00
N ALA F 102 -51.30 -12.73 36.82
CA ALA F 102 -51.23 -13.12 38.22
C ALA F 102 -52.56 -12.91 38.93
N LYS F 103 -53.15 -11.74 38.73
CA LYS F 103 -54.43 -11.39 39.33
C LYS F 103 -55.51 -12.37 38.90
N ASP F 104 -55.55 -12.63 37.59
CA ASP F 104 -56.56 -13.51 37.02
C ASP F 104 -56.45 -14.90 37.63
N GLN F 105 -55.22 -15.41 37.71
CA GLN F 105 -55.01 -16.78 38.17
C GLN F 105 -55.16 -17.00 39.68
N GLY F 106 -54.83 -15.98 40.47
CA GLY F 106 -54.91 -16.06 41.91
C GLY F 106 -53.56 -15.98 42.61
N VAL F 107 -52.54 -15.53 41.87
CA VAL F 107 -51.26 -15.24 42.51
C VAL F 107 -51.33 -13.81 43.03
N ASP F 108 -51.51 -13.70 44.35
CA ASP F 108 -51.82 -12.40 44.94
C ASP F 108 -50.91 -12.04 46.12
N ILE F 109 -49.68 -12.54 46.09
CA ILE F 109 -48.63 -12.10 47.00
C ILE F 109 -47.41 -11.83 46.12
N ALA F 110 -46.83 -10.64 46.25
CA ALA F 110 -45.67 -10.27 45.43
C ALA F 110 -44.75 -9.31 46.16
N THR F 111 -43.54 -9.15 45.64
CA THR F 111 -42.56 -8.24 46.25
C THR F 111 -42.44 -6.95 45.44
N PHE F 112 -41.90 -5.91 46.07
CA PHE F 112 -41.64 -4.64 45.39
C PHE F 112 -40.48 -3.93 46.07
N ASP F 113 -39.91 -2.96 45.35
CA ASP F 113 -38.84 -2.14 45.91
C ASP F 113 -38.79 -0.74 45.30
N SER F 114 -39.85 -0.34 44.60
CA SER F 114 -39.91 0.98 43.97
C SER F 114 -41.33 1.53 43.97
N SER F 115 -41.45 2.86 43.92
CA SER F 115 -42.77 3.49 43.88
C SER F 115 -43.50 3.24 42.55
N PHE F 116 -42.75 3.13 41.45
CA PHE F 116 -43.34 2.81 40.13
C PHE F 116 -43.97 1.43 40.11
N GLU F 117 -43.38 0.51 40.87
CA GLU F 117 -43.96 -0.82 41.00
C GLU F 117 -45.30 -0.76 41.75
N LEU F 118 -45.35 0.07 42.80
CA LEU F 118 -46.61 0.30 43.53
C LEU F 118 -47.70 0.92 42.65
N ASP F 119 -47.30 1.84 41.77
CA ASP F 119 -48.23 2.43 40.77
C ASP F 119 -48.84 1.36 39.87
N LYS F 120 -48.02 0.43 39.39
CA LYS F 120 -48.48 -0.69 38.55
C LYS F 120 -49.46 -1.58 39.33
N ILE F 121 -49.11 -1.91 40.57
CA ILE F 121 -49.97 -2.73 41.41
C ILE F 121 -51.33 -2.04 41.61
N HIS F 122 -51.31 -0.76 41.93
CA HIS F 122 -52.53 -0.01 42.18
C HIS F 122 -53.45 -0.08 40.97
N THR F 123 -52.87 0.03 39.78
CA THR F 123 -53.65 0.03 38.55
C THR F 123 -54.11 -1.35 38.13
N TYR F 124 -53.21 -2.33 38.20
CA TYR F 124 -53.42 -3.64 37.56
C TYR F 124 -53.66 -4.82 38.50
N HIS F 125 -53.33 -4.66 39.77
CA HIS F 125 -53.47 -5.76 40.72
C HIS F 125 -53.67 -5.19 42.13
N PRO F 126 -54.69 -4.33 42.30
CA PRO F 126 -54.82 -3.44 43.47
C PRO F 126 -54.92 -4.14 44.83
N ASN F 127 -55.39 -5.39 44.85
CA ASN F 127 -55.52 -6.13 46.10
C ASN F 127 -54.41 -7.16 46.33
N CYS F 128 -53.37 -7.11 45.49
CA CYS F 128 -52.20 -7.97 45.68
C CYS F 128 -51.57 -7.62 47.03
N LYS F 129 -51.26 -8.62 47.82
CA LYS F 129 -50.63 -8.40 49.11
C LYS F 129 -49.13 -8.24 48.90
N MET F 130 -48.56 -7.14 49.37
CA MET F 130 -47.22 -6.80 48.98
C MET F 130 -46.17 -7.03 50.06
N ILE F 131 -44.98 -7.43 49.64
CA ILE F 131 -43.85 -7.63 50.54
C ILE F 131 -42.74 -6.68 50.10
N LEU F 132 -42.32 -5.80 50.99
CA LEU F 132 -41.22 -4.89 50.68
C LEU F 132 -39.92 -5.66 50.76
N ARG F 133 -39.17 -5.67 49.66
CA ARG F 133 -37.84 -6.25 49.69
C ARG F 133 -36.80 -5.18 50.04
N ILE F 134 -36.07 -5.39 51.13
CA ILE F 134 -34.99 -4.47 51.52
C ILE F 134 -33.63 -5.03 51.09
N ARG F 135 -32.69 -4.14 50.79
CA ARG F 135 -31.32 -4.54 50.46
C ARG F 135 -30.53 -4.83 51.74
N CYS F 136 -29.97 -6.03 51.81
CA CYS F 136 -29.10 -6.43 52.92
C CYS F 136 -28.07 -7.43 52.42
N ASP F 137 -26.88 -6.98 52.02
CA ASP F 137 -25.97 -7.89 51.29
C ASP F 137 -25.13 -8.77 52.17
N ASP F 138 -24.83 -9.98 51.68
CA ASP F 138 -23.72 -10.76 52.20
C ASP F 138 -22.54 -10.42 51.28
N PRO F 139 -21.51 -9.72 51.80
CA PRO F 139 -20.40 -9.42 50.89
C PRO F 139 -19.60 -10.63 50.40
N ASN F 140 -19.77 -11.78 51.06
CA ASN F 140 -19.09 -13.00 50.68
C ASN F 140 -19.93 -13.99 49.87
N ALA F 141 -21.15 -13.59 49.51
CA ALA F 141 -22.01 -14.43 48.70
C ALA F 141 -21.42 -14.64 47.32
N THR F 142 -21.68 -15.81 46.73
CA THR F 142 -21.16 -16.13 45.39
C THR F 142 -21.69 -15.17 44.30
N VAL F 143 -23.01 -14.96 44.27
CA VAL F 143 -23.62 -14.09 43.27
C VAL F 143 -24.29 -12.91 43.98
N GLN F 144 -23.78 -11.70 43.75
CA GLN F 144 -24.29 -10.50 44.40
C GLN F 144 -25.59 -10.04 43.75
N LEU F 145 -26.52 -9.53 44.56
CA LEU F 145 -27.87 -9.15 44.10
C LEU F 145 -28.26 -7.70 44.48
N GLY F 146 -27.46 -7.13 45.38
CA GLY F 146 -27.75 -5.86 46.05
C GLY F 146 -27.85 -4.62 45.17
N ASN F 147 -26.94 -4.45 44.21
CA ASN F 147 -27.00 -3.29 43.28
C ASN F 147 -28.37 -3.18 42.59
N LYS F 148 -28.91 -4.33 42.20
CA LYS F 148 -30.04 -4.37 41.30
C LYS F 148 -31.39 -4.38 42.02
N PHE F 149 -31.44 -4.98 43.20
CA PHE F 149 -32.72 -5.20 43.90
C PHE F 149 -32.69 -4.82 45.36
N GLY F 150 -33.85 -4.43 45.89
CA GLY F 150 -33.96 -4.14 47.31
C GLY F 150 -33.93 -2.65 47.60
N ALA F 151 -34.82 -2.23 48.49
CA ALA F 151 -34.89 -0.83 48.89
C ALA F 151 -33.75 -0.49 49.86
N ASN F 152 -33.16 0.69 49.67
CA ASN F 152 -32.16 1.21 50.60
C ASN F 152 -32.86 1.62 51.89
N GLU F 153 -32.10 1.62 53.00
CA GLU F 153 -32.67 1.98 54.32
C GLU F 153 -33.39 3.34 54.29
N ASP F 154 -32.81 4.29 53.58
CA ASP F 154 -33.34 5.65 53.52
C ASP F 154 -34.65 5.80 52.77
N GLU F 155 -35.06 4.78 52.01
CA GLU F 155 -36.33 4.91 51.30
C GLU F 155 -37.44 4.00 51.81
N ILE F 156 -37.14 3.21 52.84
CA ILE F 156 -38.11 2.27 53.41
C ILE F 156 -39.42 2.94 53.87
N ARG F 157 -39.31 3.98 54.70
CA ARG F 157 -40.51 4.65 55.19
C ARG F 157 -41.32 5.27 54.06
N HIS F 158 -40.62 5.96 53.16
CA HIS F 158 -41.26 6.56 52.00
C HIS F 158 -42.09 5.56 51.20
N LEU F 159 -41.50 4.41 50.89
CA LEU F 159 -42.16 3.37 50.09
C LEU F 159 -43.36 2.80 50.81
N LEU F 160 -43.22 2.61 52.13
CA LEU F 160 -44.32 2.13 52.95
C LEU F 160 -45.47 3.13 53.02
N GLU F 161 -45.14 4.42 53.14
CA GLU F 161 -46.17 5.46 53.14
C GLU F 161 -46.88 5.55 51.79
N TYR F 162 -46.09 5.44 50.72
CA TYR F 162 -46.61 5.49 49.36
C TYR F 162 -47.61 4.37 49.11
N ALA F 163 -47.26 3.16 49.57
CA ALA F 163 -48.17 2.03 49.49
C ALA F 163 -49.49 2.30 50.22
N LYS F 164 -49.39 2.86 51.43
CA LYS F 164 -50.57 3.16 52.25
C LYS F 164 -51.47 4.18 51.54
N GLN F 165 -50.84 5.16 50.90
CA GLN F 165 -51.55 6.19 50.14
C GLN F 165 -52.32 5.63 48.94
N LEU F 166 -51.81 4.53 48.36
CA LEU F 166 -52.47 3.88 47.22
C LEU F 166 -53.41 2.76 47.66
N ASP F 167 -53.67 2.68 48.98
CA ASP F 167 -54.49 1.60 49.53
C ASP F 167 -53.94 0.20 49.21
N ILE F 168 -52.60 0.09 49.20
CA ILE F 168 -51.94 -1.20 48.97
C ILE F 168 -51.55 -1.84 50.32
N GLU F 169 -51.96 -3.09 50.50
CA GLU F 169 -51.68 -3.82 51.72
C GLU F 169 -50.25 -4.38 51.71
N VAL F 170 -49.39 -3.85 52.57
CA VAL F 170 -48.06 -4.41 52.77
C VAL F 170 -48.15 -5.37 53.93
N ILE F 171 -47.89 -6.64 53.65
CA ILE F 171 -48.04 -7.70 54.65
C ILE F 171 -46.70 -8.19 55.20
N GLY F 172 -45.60 -7.63 54.72
CA GLY F 172 -44.32 -8.02 55.27
C GLY F 172 -43.08 -7.50 54.57
N ILE F 173 -41.95 -8.11 54.94
CA ILE F 173 -40.63 -7.67 54.54
C ILE F 173 -39.83 -8.88 54.05
N SER F 174 -39.06 -8.68 52.98
CA SER F 174 -38.16 -9.72 52.49
C SER F 174 -36.77 -9.16 52.23
N PHE F 175 -35.80 -10.06 52.11
CA PHE F 175 -34.45 -9.69 51.68
C PHE F 175 -33.88 -10.91 50.99
N HIS F 176 -32.82 -10.68 50.23
CA HIS F 176 -32.01 -11.77 49.75
C HIS F 176 -30.55 -11.32 49.91
N VAL F 177 -29.80 -12.06 50.72
CA VAL F 177 -28.42 -11.65 51.01
C VAL F 177 -27.48 -11.85 49.82
N GLY F 178 -27.89 -12.70 48.87
CA GLY F 178 -27.06 -13.05 47.71
C GLY F 178 -27.15 -14.54 47.50
N SER F 179 -26.96 -14.96 46.26
CA SER F 179 -27.06 -16.37 45.92
C SER F 179 -25.75 -17.09 46.29
N GLY F 180 -25.85 -18.17 47.04
CA GLY F 180 -24.68 -18.91 47.47
C GLY F 180 -23.98 -18.22 48.63
N SER F 181 -24.60 -18.29 49.81
CA SER F 181 -24.11 -17.61 51.00
C SER F 181 -23.74 -18.63 52.07
N ARG F 182 -22.57 -18.44 52.66
CA ARG F 182 -22.13 -19.24 53.80
C ARG F 182 -21.75 -18.35 54.98
N ASN F 183 -22.43 -17.20 55.07
CA ASN F 183 -22.16 -16.19 56.07
C ASN F 183 -23.38 -16.02 56.99
N PRO F 184 -23.38 -16.72 58.15
CA PRO F 184 -24.54 -16.64 59.04
C PRO F 184 -24.81 -15.25 59.63
N GLU F 185 -23.76 -14.45 59.83
CA GLU F 185 -23.92 -13.07 60.32
C GLU F 185 -24.73 -12.18 59.35
N ALA F 186 -24.60 -12.44 58.06
CA ALA F 186 -25.35 -11.69 57.05
C ALA F 186 -26.87 -11.87 57.22
N TYR F 187 -27.29 -13.10 57.53
CA TYR F 187 -28.71 -13.39 57.78
C TYR F 187 -29.17 -12.77 59.08
N TYR F 188 -28.33 -12.84 60.11
CA TYR F 188 -28.67 -12.23 61.40
C TYR F 188 -28.91 -10.72 61.26
N ARG F 189 -27.98 -10.03 60.61
CA ARG F 189 -28.09 -8.58 60.37
C ARG F 189 -29.31 -8.25 59.51
N ALA F 190 -29.57 -9.10 58.52
CA ALA F 190 -30.70 -8.92 57.58
C ALA F 190 -32.03 -9.05 58.30
N ILE F 191 -32.11 -10.04 59.19
CA ILE F 191 -33.34 -10.29 59.97
C ILE F 191 -33.56 -9.15 60.96
N LYS F 192 -32.48 -8.67 61.58
CA LYS F 192 -32.57 -7.49 62.45
C LYS F 192 -33.08 -6.26 61.68
N SER F 193 -32.51 -6.01 60.49
CA SER F 193 -32.94 -4.89 59.65
C SER F 193 -34.38 -5.04 59.21
N SER F 194 -34.80 -6.30 59.02
CA SER F 194 -36.19 -6.61 58.64
C SER F 194 -37.18 -6.26 59.73
N LYS F 195 -36.80 -6.52 60.98
CA LYS F 195 -37.65 -6.15 62.11
C LYS F 195 -37.76 -4.63 62.22
N GLU F 196 -36.67 -3.92 61.97
CA GLU F 196 -36.73 -2.45 61.92
C GLU F 196 -37.72 -1.95 60.85
N ALA F 197 -37.71 -2.60 59.69
CA ALA F 197 -38.61 -2.24 58.58
C ALA F 197 -40.05 -2.62 58.91
N PHE F 198 -40.21 -3.73 59.62
CA PHE F 198 -41.51 -4.24 60.08
C PHE F 198 -42.16 -3.20 60.98
N ASN F 199 -41.38 -2.66 61.90
CA ASN F 199 -41.83 -1.61 62.81
C ASN F 199 -42.17 -0.29 62.10
N GLU F 200 -41.44 0.01 61.03
CA GLU F 200 -41.77 1.16 60.20
C GLU F 200 -43.11 0.96 59.55
N ALA F 201 -43.34 -0.24 59.01
CA ALA F 201 -44.62 -0.59 58.37
C ALA F 201 -45.80 -0.44 59.34
N ILE F 202 -45.62 -0.93 60.56
CA ILE F 202 -46.60 -0.75 61.63
C ILE F 202 -46.85 0.73 61.91
N SER F 203 -45.77 1.49 62.04
CA SER F 203 -45.84 2.93 62.38
C SER F 203 -46.61 3.72 61.31
N VAL F 204 -46.55 3.22 60.07
CA VAL F 204 -47.18 3.86 58.93
C VAL F 204 -48.67 3.46 58.84
N GLY F 205 -49.04 2.32 59.41
CA GLY F 205 -50.44 1.90 59.45
C GLY F 205 -50.73 0.56 58.80
N HIS F 206 -49.68 -0.10 58.30
CA HIS F 206 -49.80 -1.45 57.80
C HIS F 206 -49.83 -2.41 58.99
N LYS F 207 -50.30 -3.63 58.72
CA LYS F 207 -50.40 -4.68 59.73
C LYS F 207 -49.64 -5.93 59.24
N PRO F 208 -48.31 -5.81 59.11
CA PRO F 208 -47.49 -6.87 58.54
C PRO F 208 -47.43 -8.12 59.40
N TYR F 209 -47.23 -9.27 58.75
CA TYR F 209 -47.14 -10.52 59.49
C TYR F 209 -46.21 -11.55 58.85
N ILE F 210 -45.55 -11.18 57.75
CA ILE F 210 -44.65 -12.11 57.05
C ILE F 210 -43.20 -11.61 57.07
N LEU F 211 -42.28 -12.50 57.45
CA LEU F 211 -40.87 -12.30 57.23
C LEU F 211 -40.44 -13.33 56.17
N ASP F 212 -39.78 -12.83 55.13
CA ASP F 212 -39.28 -13.66 54.04
C ASP F 212 -37.77 -13.54 53.99
N ILE F 213 -37.08 -14.63 54.36
CA ILE F 213 -35.62 -14.59 54.51
C ILE F 213 -34.88 -14.86 53.18
N GLY F 214 -35.64 -14.95 52.09
CA GLY F 214 -35.03 -15.10 50.76
C GLY F 214 -34.33 -16.44 50.60
N GLY F 215 -33.30 -16.47 49.74
CA GLY F 215 -32.58 -17.72 49.50
C GLY F 215 -31.12 -17.67 49.87
N GLY F 216 -30.32 -18.44 49.14
CA GLY F 216 -28.87 -18.31 49.25
C GLY F 216 -28.20 -19.48 49.97
N LEU F 217 -28.97 -20.24 50.74
CA LEU F 217 -28.39 -21.30 51.56
C LEU F 217 -28.03 -22.57 50.77
N HIS F 218 -26.88 -23.15 51.11
CA HIS F 218 -26.49 -24.46 50.59
C HIS F 218 -26.89 -25.58 51.56
N ALA F 219 -27.19 -26.75 51.00
CA ALA F 219 -27.30 -27.96 51.77
C ALA F 219 -25.88 -28.57 51.80
N ASP F 220 -25.06 -28.09 52.73
CA ASP F 220 -23.68 -28.56 52.85
C ASP F 220 -23.60 -29.81 53.70
N ILE F 221 -23.22 -30.92 53.08
CA ILE F 221 -23.23 -32.21 53.75
C ILE F 221 -21.78 -32.68 54.00
N GLY F 224 -22.49 -37.00 55.23
CA GLY F 224 -23.61 -37.81 55.68
C GLY F 224 -24.64 -36.98 56.42
N GLU F 225 -24.21 -35.88 57.00
CA GLU F 225 -25.08 -35.04 57.83
C GLU F 225 -25.03 -33.62 57.31
N LEU F 226 -26.17 -32.94 57.30
CA LEU F 226 -26.24 -31.54 56.89
C LEU F 226 -25.68 -30.67 58.00
N SER F 227 -24.85 -29.70 57.66
CA SER F 227 -24.40 -28.74 58.64
C SER F 227 -25.55 -27.83 59.09
N THR F 228 -25.47 -27.39 60.33
CA THR F 228 -26.43 -26.46 60.88
C THR F 228 -25.71 -25.14 61.17
N MET F 230 -25.65 -22.52 59.53
CA MET F 230 -26.46 -21.38 59.08
C MET F 230 -27.82 -21.37 59.77
N SER F 231 -28.48 -22.54 59.76
CA SER F 231 -29.82 -22.67 60.34
C SER F 231 -29.89 -22.27 61.80
N ASP F 232 -28.89 -22.64 62.59
CA ASP F 232 -28.91 -22.35 64.03
C ASP F 232 -28.90 -20.85 64.26
N TYR F 233 -28.08 -20.15 63.47
CA TYR F 233 -27.94 -18.72 63.62
C TYR F 233 -29.13 -17.92 63.05
N ILE F 234 -29.70 -18.40 61.94
CA ILE F 234 -30.97 -17.87 61.43
C ILE F 234 -32.09 -18.03 62.48
N ASN F 235 -32.17 -19.23 63.07
CA ASN F 235 -33.17 -19.54 64.09
C ASN F 235 -33.01 -18.67 65.35
N ASP F 236 -31.77 -18.34 65.71
CA ASP F 236 -31.49 -17.42 66.82
C ASP F 236 -32.00 -16.01 66.51
N ALA F 237 -31.76 -15.56 65.28
CA ALA F 237 -32.19 -14.23 64.85
C ALA F 237 -33.71 -14.17 64.85
N ILE F 238 -34.34 -15.25 64.41
CA ILE F 238 -35.80 -15.33 64.36
C ILE F 238 -36.34 -15.21 65.80
N LYS F 239 -35.72 -15.92 66.74
CA LYS F 239 -36.07 -15.80 68.15
C LYS F 239 -35.89 -14.37 68.64
N ASP F 240 -34.70 -13.82 68.42
CA ASP F 240 -34.33 -12.50 68.95
C ASP F 240 -35.27 -11.39 68.47
N PHE F 241 -35.67 -11.47 67.20
CA PHE F 241 -36.40 -10.37 66.56
C PHE F 241 -37.84 -10.66 66.18
N PHE F 242 -38.18 -11.91 65.89
CA PHE F 242 -39.56 -12.23 65.50
C PHE F 242 -40.08 -13.37 66.37
N PRO F 243 -40.01 -13.20 67.70
CA PRO F 243 -40.43 -14.30 68.58
C PRO F 243 -41.94 -14.59 68.49
N GLU F 244 -42.71 -13.57 68.11
CA GLU F 244 -44.17 -13.63 68.17
C GLU F 244 -44.76 -14.70 67.24
N ASP F 245 -45.65 -15.51 67.81
CA ASP F 245 -46.41 -16.51 67.04
C ASP F 245 -47.37 -15.90 65.98
N THR F 246 -47.65 -14.60 66.07
CA THR F 246 -48.46 -13.97 65.03
C THR F 246 -47.71 -13.79 63.69
N VAL F 247 -46.39 -14.06 63.69
CA VAL F 247 -45.57 -13.85 62.49
C VAL F 247 -45.34 -15.17 61.74
N THR F 248 -45.61 -15.14 60.43
CA THR F 248 -45.33 -16.25 59.52
C THR F 248 -43.96 -16.02 58.89
N ILE F 249 -43.10 -17.05 58.91
CA ILE F 249 -41.79 -16.93 58.27
C ILE F 249 -41.73 -17.83 57.03
N VAL F 250 -41.28 -17.26 55.92
CA VAL F 250 -41.12 -18.01 54.67
C VAL F 250 -39.67 -17.83 54.19
N ALA F 251 -39.25 -18.67 53.25
CA ALA F 251 -37.95 -18.50 52.62
C ALA F 251 -38.11 -18.73 51.13
N GLU F 252 -37.10 -18.40 50.34
CA GLU F 252 -37.14 -18.63 48.89
C GLU F 252 -35.93 -19.46 48.46
N PRO F 253 -35.78 -20.67 49.03
CA PRO F 253 -34.59 -21.48 48.70
C PRO F 253 -34.65 -22.03 47.26
N GLY F 254 -33.54 -21.92 46.52
CA GLY F 254 -33.42 -22.61 45.24
C GLY F 254 -32.39 -23.73 45.37
N ARG F 255 -31.12 -23.35 45.54
CA ARG F 255 -30.02 -24.31 45.48
C ARG F 255 -30.03 -25.30 46.66
N PHE F 256 -30.64 -24.93 47.79
CA PHE F 256 -30.69 -25.85 48.93
C PHE F 256 -31.30 -27.19 48.48
N PHE F 257 -32.36 -27.12 47.69
CA PHE F 257 -33.02 -28.34 47.20
C PHE F 257 -32.50 -28.85 45.86
N ALA F 258 -32.16 -27.94 44.96
CA ALA F 258 -31.84 -28.32 43.59
C ALA F 258 -30.43 -28.88 43.44
N GLU F 259 -29.49 -28.39 44.25
CA GLU F 259 -28.07 -28.71 44.02
C GLU F 259 -27.83 -30.21 43.87
N HIS F 260 -28.31 -30.98 44.86
CA HIS F 260 -28.00 -32.42 44.95
C HIS F 260 -28.99 -33.32 44.21
N TYR F 261 -29.99 -32.68 43.58
CA TYR F 261 -31.02 -33.38 42.84
C TYR F 261 -30.45 -34.22 41.69
N SER F 262 -29.43 -33.71 41.04
CA SER F 262 -28.94 -34.31 39.80
C SER F 262 -27.42 -34.44 39.75
N VAL F 263 -26.95 -35.38 38.96
CA VAL F 263 -25.55 -35.38 38.50
C VAL F 263 -25.59 -35.22 36.99
N LEU F 264 -24.54 -34.66 36.39
CA LEU F 264 -24.50 -34.53 34.93
C LEU F 264 -23.41 -35.42 34.33
N ALA F 265 -23.82 -36.40 33.52
CA ALA F 265 -22.92 -37.31 32.83
C ALA F 265 -22.59 -36.79 31.44
N THR F 266 -21.32 -36.84 31.09
CA THR F 266 -20.86 -36.32 29.80
C THR F 266 -19.67 -37.16 29.31
N GLN F 267 -19.51 -37.22 28.00
CA GLN F 267 -18.53 -38.12 27.39
C GLN F 267 -17.36 -37.35 26.78
N VAL F 268 -16.18 -37.95 26.84
CA VAL F 268 -15.00 -37.44 26.16
C VAL F 268 -15.20 -37.72 24.68
N ILE F 269 -15.26 -36.66 23.89
CA ILE F 269 -15.45 -36.80 22.44
C ILE F 269 -14.20 -36.42 21.64
N GLY F 270 -13.25 -35.73 22.28
CA GLY F 270 -12.02 -35.31 21.63
C GLY F 270 -10.87 -35.29 22.62
N LYS F 271 -9.65 -35.33 22.09
CA LYS F 271 -8.46 -35.42 22.93
C LYS F 271 -7.24 -34.87 22.18
N ARG F 272 -6.32 -34.29 22.92
CA ARG F 272 -5.07 -33.78 22.39
C ARG F 272 -4.09 -33.87 23.56
N VAL F 273 -2.93 -34.46 23.31
CA VAL F 273 -1.91 -34.54 24.35
C VAL F 273 -0.67 -33.79 23.86
N ARG F 274 -0.31 -32.72 24.56
CA ARG F 274 0.80 -31.87 24.13
C ARG F 274 1.73 -31.60 25.28
N ASP F 275 2.97 -32.04 25.13
CA ASP F 275 4.02 -31.76 26.11
C ASP F 275 3.57 -32.10 27.53
N GLY F 276 2.96 -33.27 27.71
CA GLY F 276 2.58 -33.74 29.03
C GLY F 276 1.27 -33.23 29.57
N LEU F 277 0.59 -32.39 28.78
CA LEU F 277 -0.71 -31.85 29.18
C LEU F 277 -1.80 -32.58 28.40
N TYR F 278 -2.82 -33.04 29.10
CA TYR F 278 -3.89 -33.85 28.49
C TYR F 278 -5.13 -33.01 28.37
N GLU F 279 -5.48 -32.69 27.13
CA GLU F 279 -6.61 -31.81 26.85
C GLU F 279 -7.80 -32.60 26.32
N TYR F 280 -8.96 -32.44 26.94
CA TYR F 280 -10.14 -33.23 26.57
C TYR F 280 -11.29 -32.33 26.18
N PHE F 281 -12.07 -32.79 25.21
CA PHE F 281 -13.29 -32.09 24.82
C PHE F 281 -14.48 -32.99 25.12
N PHE F 282 -15.51 -32.41 25.72
CA PHE F 282 -16.70 -33.17 26.14
C PHE F 282 -17.92 -32.76 25.31
N ASN F 283 -18.96 -33.59 25.32
CA ASN F 283 -20.22 -33.20 24.68
C ASN F 283 -21.10 -32.32 25.57
N GLU F 284 -20.45 -31.48 26.38
CA GLU F 284 -21.12 -30.49 27.22
C GLU F 284 -20.31 -29.21 27.12
N SER F 285 -20.83 -28.11 27.65
CA SER F 285 -20.12 -26.84 27.54
C SER F 285 -20.63 -25.86 28.57
N THR F 286 -19.88 -24.77 28.74
CA THR F 286 -20.32 -23.66 29.57
C THR F 286 -21.56 -22.98 28.97
N TYR F 287 -21.85 -23.26 27.70
CA TYR F 287 -23.08 -22.75 27.06
C TYR F 287 -24.22 -23.77 27.11
N GLY F 288 -23.92 -24.94 27.68
CA GLY F 288 -24.90 -26.00 27.96
C GLY F 288 -25.17 -26.02 29.45
N GLY F 289 -24.69 -27.07 30.12
CA GLY F 289 -24.98 -27.26 31.55
C GLY F 289 -23.93 -26.68 32.51
N PHE F 290 -22.87 -26.10 31.99
CA PHE F 290 -21.77 -25.62 32.85
C PHE F 290 -21.64 -24.10 32.97
N SER F 291 -22.77 -23.38 32.87
CA SER F 291 -22.71 -21.92 32.97
C SER F 291 -22.20 -21.44 34.33
N ASN F 292 -22.34 -22.27 35.36
CA ASN F 292 -21.82 -21.97 36.70
C ASN F 292 -20.30 -21.78 36.75
N VAL F 293 -19.58 -22.35 35.78
CA VAL F 293 -18.14 -22.10 35.66
C VAL F 293 -17.93 -20.60 35.37
N ILE F 294 -18.82 -20.02 34.57
CA ILE F 294 -18.73 -18.59 34.22
C ILE F 294 -19.28 -17.73 35.37
N PHE F 295 -20.49 -18.03 35.79
CA PHE F 295 -21.26 -17.12 36.66
C PHE F 295 -21.09 -17.34 38.15
N GLU F 296 -20.64 -18.52 38.54
CA GLU F 296 -20.44 -18.81 39.97
C GLU F 296 -19.00 -19.21 40.29
N LYS F 297 -18.12 -19.04 39.31
CA LYS F 297 -16.71 -19.42 39.40
C LYS F 297 -16.53 -20.87 39.90
N SER F 298 -17.37 -21.76 39.36
CA SER F 298 -17.28 -23.17 39.69
C SER F 298 -16.01 -23.76 39.09
N VAL F 299 -15.35 -24.63 39.85
CA VAL F 299 -14.20 -25.40 39.38
C VAL F 299 -14.46 -26.89 39.69
N PRO F 300 -15.29 -27.54 38.85
CA PRO F 300 -15.80 -28.88 39.15
C PRO F 300 -14.86 -30.01 38.75
N THR F 301 -14.79 -31.04 39.61
CA THR F 301 -13.99 -32.23 39.31
C THR F 301 -14.93 -33.38 38.96
N PRO F 302 -14.70 -34.03 37.82
CA PRO F 302 -15.57 -35.14 37.47
C PRO F 302 -15.16 -36.45 38.17
N GLN F 303 -16.12 -37.37 38.22
CA GLN F 303 -15.92 -38.75 38.65
C GLN F 303 -15.85 -39.63 37.40
N LEU F 304 -14.80 -40.44 37.27
CA LEU F 304 -14.71 -41.38 36.14
C LEU F 304 -15.64 -42.55 36.36
N LEU F 305 -16.23 -43.04 35.28
CA LEU F 305 -17.13 -44.18 35.38
C LEU F 305 -16.40 -45.49 35.18
N ARG F 306 -15.32 -45.43 34.39
CA ARG F 306 -14.40 -46.54 34.23
C ARG F 306 -13.57 -46.72 35.52
N ASP F 307 -13.59 -47.93 36.05
CA ASP F 307 -12.79 -48.24 37.25
C ASP F 307 -11.28 -48.27 36.91
N VAL F 308 -10.49 -47.72 37.83
CA VAL F 308 -9.02 -47.66 37.70
C VAL F 308 -8.38 -48.21 38.97
N PRO F 309 -7.14 -48.76 38.87
CA PRO F 309 -6.45 -49.23 40.09
C PRO F 309 -6.16 -48.11 41.09
N ASP F 310 -6.08 -48.44 42.38
CA ASP F 310 -5.67 -47.48 43.42
C ASP F 310 -4.34 -46.83 43.04
N ASP F 311 -3.59 -47.56 42.23
CA ASP F 311 -2.25 -47.23 41.73
C ASP F 311 -2.20 -46.25 40.55
N GLU F 312 -3.35 -46.01 39.92
CA GLU F 312 -3.42 -45.24 38.68
C GLU F 312 -2.68 -43.91 38.79
N GLU F 313 -1.83 -43.66 37.80
CA GLU F 313 -1.14 -42.37 37.63
C GLU F 313 -2.14 -41.27 37.26
N TYR F 314 -2.13 -40.15 38.00
CA TYR F 314 -2.91 -38.97 37.60
C TYR F 314 -2.06 -38.06 36.72
N VAL F 315 -2.69 -37.47 35.72
CA VAL F 315 -2.00 -36.59 34.78
C VAL F 315 -2.65 -35.20 34.75
N PRO F 316 -1.88 -34.16 34.37
CA PRO F 316 -2.53 -32.83 34.35
C PRO F 316 -3.48 -32.71 33.16
N SER F 317 -4.72 -32.37 33.46
CA SER F 317 -5.82 -32.45 32.50
C SER F 317 -6.51 -31.09 32.36
N VAL F 318 -6.98 -30.81 31.15
CA VAL F 318 -7.78 -29.60 30.89
C VAL F 318 -9.11 -30.09 30.30
N LEU F 319 -10.22 -29.62 30.87
CA LEU F 319 -11.53 -30.08 30.43
C LEU F 319 -12.21 -28.95 29.64
N TYR F 320 -12.32 -29.16 28.34
CA TYR F 320 -12.89 -28.17 27.41
C TYR F 320 -14.32 -28.49 27.05
N GLY F 321 -15.14 -27.44 26.93
CA GLY F 321 -16.49 -27.58 26.38
C GLY F 321 -16.44 -27.73 24.86
N CYS F 322 -17.56 -28.17 24.29
CA CYS F 322 -17.57 -28.52 22.87
C CYS F 322 -17.71 -27.34 21.89
N THR F 323 -17.99 -26.13 22.38
CA THR F 323 -18.19 -25.01 21.44
C THR F 323 -16.88 -24.43 20.86
N CYS F 324 -17.01 -23.60 19.82
N CYS F 324 -17.05 -23.57 19.86
CA CYS F 324 -15.85 -22.98 19.18
CA CYS F 324 -16.00 -22.85 19.15
C CYS F 324 -15.24 -21.81 19.97
C CYS F 324 -15.22 -21.88 20.03
N ASP F 325 -15.82 -21.51 21.15
CA ASP F 325 -15.38 -20.37 21.96
C ASP F 325 -14.27 -20.70 22.95
N GLY F 326 -13.25 -19.84 23.05
CA GLY F 326 -12.13 -20.06 23.99
C GLY F 326 -12.48 -19.87 25.46
N VAL F 327 -13.60 -19.21 25.74
CA VAL F 327 -14.09 -19.00 27.11
C VAL F 327 -14.69 -20.31 27.67
N ASP F 328 -15.05 -21.20 26.76
CA ASP F 328 -15.82 -22.38 27.08
C ASP F 328 -14.85 -23.48 27.55
N VAL F 329 -14.42 -23.33 28.80
CA VAL F 329 -13.49 -24.27 29.41
C VAL F 329 -14.15 -24.70 30.72
N ILE F 330 -14.44 -26.00 30.82
CA ILE F 330 -15.09 -26.53 32.02
C ILE F 330 -14.17 -26.50 33.24
N ASN F 331 -12.93 -26.93 33.06
CA ASN F 331 -11.96 -26.90 34.15
C ASN F 331 -10.58 -26.69 33.53
N HIS F 332 -9.95 -25.57 33.86
CA HIS F 332 -8.64 -25.24 33.28
C HIS F 332 -7.51 -26.20 33.67
N ASN F 333 -7.57 -26.76 34.88
CA ASN F 333 -6.50 -27.63 35.38
C ASN F 333 -7.04 -28.55 36.45
N VAL F 334 -6.99 -29.85 36.19
CA VAL F 334 -7.41 -30.82 37.20
C VAL F 334 -6.58 -32.08 37.02
N ALA F 335 -6.14 -32.68 38.13
CA ALA F 335 -5.41 -33.96 38.09
C ALA F 335 -6.41 -35.11 37.96
N LEU F 336 -6.24 -35.94 36.94
CA LEU F 336 -7.13 -37.06 36.67
C LEU F 336 -6.38 -38.25 36.08
N PRO F 337 -6.93 -39.48 36.23
CA PRO F 337 -6.37 -40.59 35.47
C PRO F 337 -6.51 -40.24 33.98
N GLU F 338 -5.63 -40.78 33.14
CA GLU F 338 -5.74 -40.57 31.70
C GLU F 338 -7.11 -41.04 31.20
N LEU F 339 -7.76 -40.17 30.43
CA LEU F 339 -9.05 -40.45 29.82
C LEU F 339 -8.86 -40.76 28.33
N HIS F 340 -9.86 -41.41 27.74
CA HIS F 340 -9.84 -41.78 26.35
C HIS F 340 -11.14 -41.35 25.70
N ILE F 341 -11.08 -41.10 24.39
CA ILE F 341 -12.30 -40.78 23.66
C ILE F 341 -13.30 -41.92 23.86
N GLY F 342 -14.49 -41.59 24.34
CA GLY F 342 -15.51 -42.60 24.63
C GLY F 342 -15.78 -42.81 26.12
N ASP F 343 -14.82 -42.43 26.97
CA ASP F 343 -14.99 -42.46 28.42
C ASP F 343 -16.14 -41.55 28.83
N TRP F 344 -16.92 -42.01 29.78
CA TRP F 344 -17.93 -41.17 30.42
C TRP F 344 -17.44 -40.77 31.79
N VAL F 345 -17.82 -39.55 32.19
CA VAL F 345 -17.61 -39.06 33.54
C VAL F 345 -18.93 -38.44 34.00
N TYR F 346 -19.05 -38.20 35.29
CA TYR F 346 -20.15 -37.38 35.77
C TYR F 346 -19.71 -36.40 36.82
N PHE F 347 -20.48 -35.33 36.92
CA PHE F 347 -20.24 -34.25 37.84
C PHE F 347 -21.33 -34.30 38.89
N PRO F 348 -20.93 -34.58 40.15
CA PRO F 348 -21.85 -34.65 41.29
C PRO F 348 -22.52 -33.30 41.54
N SER F 349 -23.70 -33.34 42.16
CA SER F 349 -24.40 -32.15 42.68
C SER F 349 -24.52 -31.06 41.60
N TRP F 350 -25.11 -31.45 40.47
CA TRP F 350 -25.16 -30.58 39.30
C TRP F 350 -26.61 -30.25 38.94
N GLY F 351 -27.43 -29.94 39.96
CA GLY F 351 -28.83 -29.60 39.70
C GLY F 351 -29.25 -28.14 39.91
N ALA F 352 -28.34 -27.29 40.39
CA ALA F 352 -28.67 -25.90 40.69
C ALA F 352 -28.07 -24.92 39.66
N TYR F 353 -28.96 -24.22 38.94
CA TYR F 353 -28.57 -23.30 37.87
C TYR F 353 -27.72 -23.99 36.80
N THR F 354 -28.16 -25.18 36.41
CA THR F 354 -27.43 -25.97 35.43
C THR F 354 -28.30 -26.15 34.18
N ASN F 355 -29.26 -27.08 34.24
CA ASN F 355 -30.12 -27.33 33.07
C ASN F 355 -30.96 -26.12 32.65
N VAL F 356 -31.31 -25.24 33.60
CA VAL F 356 -32.14 -24.08 33.28
C VAL F 356 -31.44 -23.05 32.39
N LEU F 357 -30.12 -23.13 32.35
CA LEU F 357 -29.33 -22.12 31.67
C LEU F 357 -28.76 -22.60 30.33
N THR F 358 -29.27 -23.74 29.85
CA THR F 358 -28.87 -24.31 28.56
C THR F 358 -29.13 -23.34 27.38
N THR F 359 -28.18 -23.25 26.46
CA THR F 359 -28.42 -22.60 25.14
C THR F 359 -28.17 -23.61 24.02
N SER F 360 -28.61 -23.29 22.80
CA SER F 360 -28.29 -24.14 21.67
C SER F 360 -27.16 -23.54 20.83
N PHE F 361 -26.29 -22.77 21.48
CA PHE F 361 -25.15 -22.15 20.80
C PHE F 361 -24.28 -23.23 20.12
N ASN F 362 -23.89 -22.95 18.87
CA ASN F 362 -23.13 -23.88 18.04
C ASN F 362 -23.91 -25.12 17.58
N GLY F 363 -25.18 -25.21 17.94
CA GLY F 363 -26.00 -26.38 17.62
C GLY F 363 -25.82 -27.49 18.65
N PHE F 364 -25.18 -27.16 19.78
CA PHE F 364 -25.06 -28.11 20.91
C PHE F 364 -26.16 -27.84 21.96
N GLY F 365 -25.96 -28.33 23.19
CA GLY F 365 -26.89 -28.01 24.28
C GLY F 365 -27.94 -29.06 24.58
N GLU F 366 -28.01 -30.11 23.76
CA GLU F 366 -29.01 -31.16 23.95
C GLU F 366 -28.59 -32.07 25.09
N TYR F 367 -29.57 -32.56 25.84
CA TYR F 367 -29.33 -33.52 26.92
C TYR F 367 -30.56 -34.39 27.15
N ASP F 368 -30.33 -35.54 27.74
CA ASP F 368 -31.42 -36.40 28.22
C ASP F 368 -31.53 -36.31 29.75
N VAL F 369 -32.63 -36.83 30.29
CA VAL F 369 -32.81 -36.90 31.73
C VAL F 369 -33.34 -38.28 32.11
N TYR F 370 -32.66 -38.92 33.07
CA TYR F 370 -33.07 -40.22 33.61
C TYR F 370 -33.42 -40.02 35.07
N TYR F 371 -34.57 -40.54 35.48
CA TYR F 371 -34.97 -40.42 36.87
C TYR F 371 -34.73 -41.73 37.59
N ILE F 372 -34.18 -41.65 38.80
CA ILE F 372 -33.91 -42.85 39.61
C ILE F 372 -34.65 -42.74 40.93
N MET G 1 -13.94 9.92 63.22
CA MET G 1 -14.47 11.26 63.63
C MET G 1 -14.17 12.31 62.56
N ASN G 2 -15.24 12.97 62.12
CA ASN G 2 -15.11 14.24 61.42
C ASN G 2 -14.24 15.24 62.16
N SER G 3 -14.32 15.23 63.49
CA SER G 3 -13.48 16.14 64.29
C SER G 3 -12.03 15.79 64.11
N VAL G 4 -11.72 14.50 64.21
CA VAL G 4 -10.35 14.02 64.05
C VAL G 4 -9.74 14.53 62.73
N VAL G 5 -10.43 14.34 61.62
CA VAL G 5 -9.90 14.74 60.32
C VAL G 5 -9.85 16.27 60.15
N ASN G 6 -10.94 16.95 60.48
CA ASN G 6 -10.96 18.42 60.46
C ASN G 6 -9.82 19.01 61.29
N ASN G 7 -9.48 18.37 62.41
CA ASN G 7 -8.35 18.83 63.22
C ASN G 7 -7.00 18.69 62.54
N ILE G 8 -6.77 17.58 61.84
CA ILE G 8 -5.55 17.41 61.05
C ILE G 8 -5.45 18.57 60.03
N LEU G 9 -6.57 18.91 59.40
CA LEU G 9 -6.59 19.96 58.39
C LEU G 9 -6.35 21.34 58.99
N LYS G 10 -6.80 21.55 60.22
CA LYS G 10 -6.52 22.78 60.97
C LYS G 10 -5.06 22.87 61.35
N ALA G 11 -4.48 21.75 61.79
CA ALA G 11 -3.08 21.69 62.18
C ALA G 11 -2.15 21.72 60.97
N HIS G 12 -2.69 21.34 59.82
CA HIS G 12 -1.92 21.28 58.58
C HIS G 12 -2.62 22.05 57.46
N PRO G 13 -2.61 23.40 57.54
CA PRO G 13 -3.21 24.16 56.46
C PRO G 13 -2.43 23.96 55.16
N GLN G 15 -1.75 21.16 53.83
CA GLN G 15 -1.92 19.74 53.43
C GLN G 15 -2.33 19.63 51.98
N THR G 16 -1.57 18.87 51.19
CA THR G 16 -1.98 18.62 49.81
C THR G 16 -2.12 17.15 49.47
N LYS G 17 -1.23 16.31 50.00
CA LYS G 17 -1.31 14.86 49.76
C LYS G 17 -2.47 14.23 50.53
N SER G 18 -2.94 13.09 50.06
CA SER G 18 -3.85 12.28 50.85
C SER G 18 -3.12 11.84 52.11
N PHE G 19 -3.88 11.45 53.13
CA PHE G 19 -3.25 11.07 54.40
C PHE G 19 -4.06 10.05 55.16
N TYR G 20 -3.35 9.14 55.84
CA TYR G 20 -3.95 8.18 56.73
C TYR G 20 -3.96 8.81 58.12
N VAL G 21 -5.07 8.65 58.85
CA VAL G 21 -5.09 8.99 60.27
C VAL G 21 -5.19 7.66 61.03
N SER G 22 -4.16 7.33 61.80
CA SER G 22 -4.02 6.01 62.41
C SER G 22 -4.12 6.07 63.93
N SER G 23 -4.78 5.08 64.52
CA SER G 23 -5.07 5.07 65.95
C SER G 23 -4.56 3.79 66.61
N PRO G 24 -3.38 3.86 67.25
CA PRO G 24 -2.88 2.71 68.00
C PRO G 24 -3.86 2.22 69.06
N LYS G 25 -4.66 3.12 69.66
CA LYS G 25 -5.60 2.75 70.73
C LYS G 25 -6.63 1.73 70.24
N ILE G 26 -7.11 1.94 69.01
CA ILE G 26 -8.03 1.01 68.36
C ILE G 26 -7.45 -0.40 68.34
N VAL G 27 -6.18 -0.51 67.98
CA VAL G 27 -5.52 -1.81 67.83
C VAL G 27 -5.29 -2.47 69.20
N GLU G 28 -4.88 -1.68 70.17
CA GLU G 28 -4.74 -2.15 71.56
C GLU G 28 -6.03 -2.78 72.09
N ASP G 29 -7.16 -2.10 71.87
CA ASP G 29 -8.47 -2.59 72.27
C ASP G 29 -8.85 -3.88 71.53
N LEU G 30 -8.51 -3.95 70.24
CA LEU G 30 -8.74 -5.17 69.47
C LEU G 30 -7.85 -6.32 69.93
N ILE G 31 -6.63 -6.00 70.36
CA ILE G 31 -5.75 -7.02 70.94
C ILE G 31 -6.40 -7.56 72.23
N ASP G 32 -6.94 -6.66 73.06
CA ASP G 32 -7.66 -7.07 74.27
C ASP G 32 -8.90 -7.91 73.93
N GLN G 33 -9.59 -7.56 72.84
CA GLN G 33 -10.74 -8.34 72.35
C GLN G 33 -10.32 -9.73 71.85
N TRP G 34 -9.24 -9.78 71.08
CA TRP G 34 -8.67 -11.05 70.61
C TRP G 34 -8.49 -12.03 71.78
N THR G 35 -7.87 -11.56 72.87
CA THR G 35 -7.63 -12.39 74.06
C THR G 35 -8.93 -12.93 74.63
N ILE G 36 -9.99 -12.12 74.64
CA ILE G 36 -11.31 -12.52 75.16
C ILE G 36 -11.96 -13.55 74.23
N LEU G 37 -11.89 -13.30 72.92
CA LEU G 37 -12.61 -14.11 71.95
C LEU G 37 -11.88 -15.44 71.71
N PHE G 38 -10.56 -15.41 71.77
CA PHE G 38 -9.75 -16.58 71.55
C PHE G 38 -8.78 -16.74 72.71
N PRO G 39 -9.28 -17.17 73.88
CA PRO G 39 -8.36 -17.29 75.02
C PRO G 39 -7.21 -18.32 74.83
N ARG G 40 -7.35 -19.29 73.92
CA ARG G 40 -6.27 -20.29 73.69
C ARG G 40 -5.35 -19.94 72.50
N VAL G 41 -5.64 -18.86 71.78
CA VAL G 41 -4.95 -18.62 70.50
C VAL G 41 -3.98 -17.41 70.53
N THR G 42 -2.69 -17.69 70.40
CA THR G 42 -1.70 -16.61 70.37
C THR G 42 -1.61 -16.05 68.94
N PRO G 43 -1.86 -14.74 68.76
CA PRO G 43 -1.79 -14.17 67.42
C PRO G 43 -0.38 -13.83 66.94
N HIS G 44 -0.05 -14.26 65.73
CA HIS G 44 1.13 -13.79 65.05
C HIS G 44 0.66 -12.85 63.96
N TYR G 45 0.76 -11.54 64.22
CA TYR G 45 0.28 -10.53 63.28
C TYR G 45 0.94 -10.62 61.90
N ALA G 46 0.10 -10.69 60.87
CA ALA G 46 0.58 -10.78 59.49
C ALA G 46 1.06 -9.40 59.02
N VAL G 47 2.36 -9.19 59.17
CA VAL G 47 3.02 -7.92 58.85
C VAL G 47 2.67 -7.40 57.44
N LYS G 48 2.53 -8.32 56.48
CA LYS G 48 2.23 -7.97 55.09
C LYS G 48 0.95 -7.14 54.90
N CYS G 49 0.00 -7.28 55.81
CA CYS G 49 -1.27 -6.58 55.76
C CYS G 49 -1.13 -5.06 55.97
N ASN G 50 -0.27 -4.70 56.92
CA ASN G 50 0.05 -3.32 57.23
C ASN G 50 1.34 -3.29 58.05
N ASN G 51 2.38 -2.73 57.46
CA ASN G 51 3.73 -2.73 58.04
C ASN G 51 4.11 -1.39 58.68
N ASP G 52 3.10 -0.54 58.90
CA ASP G 52 3.29 0.73 59.59
C ASP G 52 4.09 0.56 60.90
N GLU G 53 5.14 1.35 61.05
CA GLU G 53 6.10 1.23 62.15
C GLU G 53 5.44 1.37 63.53
N VAL G 54 4.52 2.33 63.65
CA VAL G 54 3.79 2.53 64.90
C VAL G 54 2.88 1.35 65.23
N LEU G 55 2.25 0.77 64.20
CA LEU G 55 1.41 -0.41 64.37
C LEU G 55 2.22 -1.59 64.87
N LEU G 56 3.39 -1.81 64.27
CA LEU G 56 4.24 -2.94 64.68
C LEU G 56 4.76 -2.79 66.10
N LYS G 57 5.16 -1.57 66.47
CA LYS G 57 5.57 -1.27 67.84
C LYS G 57 4.44 -1.52 68.82
N THR G 58 3.23 -1.14 68.42
CA THR G 58 2.04 -1.35 69.26
C THR G 58 1.84 -2.86 69.51
N MET G 59 1.94 -3.64 68.44
CA MET G 59 1.88 -5.11 68.52
C MET G 59 2.93 -5.66 69.48
N CYS G 60 4.17 -5.23 69.30
CA CYS G 60 5.30 -5.66 70.12
C CYS G 60 5.01 -5.44 71.61
N ASP G 61 4.57 -4.23 71.93
CA ASP G 61 4.33 -3.86 73.33
C ASP G 61 3.14 -4.57 73.95
N LYS G 62 2.24 -5.07 73.10
CA LYS G 62 1.05 -5.78 73.58
C LYS G 62 1.27 -7.29 73.63
N ASN G 63 2.52 -7.70 73.43
CA ASN G 63 2.91 -9.11 73.41
C ASN G 63 2.28 -9.94 72.31
N VAL G 64 1.99 -9.29 71.18
CA VAL G 64 1.56 -10.01 69.99
C VAL G 64 2.84 -10.48 69.29
N ASN G 65 2.77 -11.66 68.70
CA ASN G 65 3.88 -12.18 67.92
C ASN G 65 3.70 -11.84 66.43
N PHE G 66 4.55 -12.39 65.57
CA PHE G 66 4.62 -11.93 64.17
C PHE G 66 4.70 -13.06 63.17
N ASP G 67 3.97 -12.87 62.07
CA ASP G 67 4.04 -13.69 60.88
C ASP G 67 4.75 -12.84 59.80
N CYS G 68 5.97 -13.24 59.44
CA CYS G 68 6.77 -12.53 58.44
C CYS G 68 6.85 -13.34 57.16
N ALA G 69 6.77 -12.65 56.02
CA ALA G 69 6.68 -13.32 54.74
C ALA G 69 8.00 -13.34 53.95
N SER G 70 8.98 -12.57 54.41
CA SER G 70 10.21 -12.35 53.68
C SER G 70 11.28 -11.83 54.63
N SER G 71 12.51 -11.76 54.13
CA SER G 71 13.60 -11.20 54.91
C SER G 71 13.35 -9.74 55.25
N SER G 72 12.73 -8.98 54.33
CA SER G 72 12.46 -7.57 54.58
C SER G 72 11.52 -7.40 55.76
N GLU G 73 10.52 -8.27 55.86
CA GLU G 73 9.54 -8.21 56.96
C GLU G 73 10.16 -8.65 58.27
N ILE G 74 10.99 -9.67 58.23
CA ILE G 74 11.80 -10.08 59.40
C ILE G 74 12.61 -8.90 59.94
N LYS G 75 13.33 -8.21 59.05
CA LYS G 75 14.08 -6.99 59.41
C LYS G 75 13.25 -5.94 60.12
N LYS G 76 12.03 -5.68 59.60
CA LYS G 76 11.17 -4.66 60.17
C LYS G 76 10.83 -4.98 61.61
N VAL G 77 10.63 -6.27 61.89
CA VAL G 77 10.24 -6.73 63.22
C VAL G 77 11.43 -6.78 64.18
N ILE G 78 12.55 -7.35 63.71
CA ILE G 78 13.79 -7.40 64.47
C ILE G 78 14.24 -5.99 64.85
N GLN G 79 14.15 -5.06 63.90
CA GLN G 79 14.56 -3.67 64.12
C GLN G 79 13.88 -2.97 65.26
N ILE G 80 12.66 -3.36 65.60
CA ILE G 80 11.99 -2.67 66.70
C ILE G 80 12.20 -3.37 68.04
N GLY G 81 13.12 -4.33 68.08
CA GLY G 81 13.56 -4.96 69.31
C GLY G 81 12.76 -6.20 69.69
N VAL G 82 12.01 -6.74 68.73
CA VAL G 82 11.27 -7.98 68.96
C VAL G 82 12.22 -9.16 68.87
N SER G 83 12.12 -10.08 69.82
CA SER G 83 12.91 -11.29 69.81
C SER G 83 12.59 -12.17 68.59
N PRO G 84 13.63 -12.71 67.93
CA PRO G 84 13.37 -13.64 66.81
C PRO G 84 12.53 -14.86 67.19
N SER G 85 12.49 -15.20 68.48
CA SER G 85 11.68 -16.32 68.97
C SER G 85 10.18 -16.07 68.77
N ARG G 86 9.80 -14.82 68.53
CA ARG G 86 8.40 -14.46 68.34
C ARG G 86 7.98 -14.33 66.88
N ILE G 87 8.87 -14.71 65.97
CA ILE G 87 8.55 -14.69 64.55
C ILE G 87 8.34 -16.10 64.00
N ILE G 88 7.25 -16.29 63.24
CA ILE G 88 7.10 -17.45 62.40
C ILE G 88 7.28 -16.99 60.95
N PHE G 89 8.20 -17.62 60.23
CA PHE G 89 8.41 -17.33 58.81
C PHE G 89 7.32 -18.09 58.05
N ALA G 90 6.12 -17.54 58.04
CA ALA G 90 4.95 -18.29 57.55
C ALA G 90 4.72 -18.11 56.05
N HIS G 91 5.76 -18.40 55.27
CA HIS G 91 5.64 -18.46 53.82
C HIS G 91 6.18 -19.81 53.40
N THR G 92 5.40 -20.58 52.63
CA THR G 92 5.84 -21.93 52.28
C THR G 92 6.90 -21.97 51.19
N MET G 93 7.14 -20.83 50.53
CA MET G 93 8.15 -20.74 49.48
C MET G 93 9.13 -19.62 49.79
N LYS G 94 10.28 -20.01 50.34
CA LYS G 94 11.26 -19.05 50.82
C LYS G 94 12.55 -19.19 50.01
N THR G 95 13.14 -18.05 49.61
CA THR G 95 14.39 -18.10 48.87
C THR G 95 15.52 -18.62 49.77
N ILE G 96 16.49 -19.30 49.16
CA ILE G 96 17.69 -19.77 49.87
C ILE G 96 18.33 -18.61 50.66
N ASP G 97 18.49 -17.47 50.02
CA ASP G 97 19.10 -16.31 50.64
C ASP G 97 18.32 -15.84 51.87
N ASP G 98 16.99 -15.91 51.78
CA ASP G 98 16.12 -15.57 52.92
C ASP G 98 16.19 -16.58 54.05
N LEU G 99 16.37 -17.86 53.71
CA LEU G 99 16.57 -18.92 54.73
C LEU G 99 17.91 -18.73 55.44
N ILE G 100 18.94 -18.42 54.65
CA ILE G 100 20.26 -18.08 55.20
C ILE G 100 20.12 -16.90 56.19
N PHE G 101 19.36 -15.89 55.81
CA PHE G 101 19.17 -14.71 56.64
C PHE G 101 18.43 -15.09 57.92
N ALA G 102 17.35 -15.84 57.77
CA ALA G 102 16.55 -16.29 58.92
C ALA G 102 17.42 -17.04 59.94
N LYS G 103 18.25 -17.94 59.42
CA LYS G 103 19.20 -18.70 60.26
C LYS G 103 20.17 -17.77 61.00
N ASP G 104 20.70 -16.76 60.31
CA ASP G 104 21.58 -15.79 60.94
C ASP G 104 20.84 -15.09 62.10
N GLN G 105 19.59 -14.72 61.86
CA GLN G 105 18.83 -13.92 62.81
C GLN G 105 18.21 -14.71 63.96
N GLY G 106 18.10 -16.02 63.77
CA GLY G 106 17.47 -16.89 64.78
C GLY G 106 15.97 -17.05 64.59
N VAL G 107 15.50 -16.77 63.38
CA VAL G 107 14.11 -17.08 63.00
C VAL G 107 14.08 -18.55 62.59
N ASP G 108 13.57 -19.37 63.50
CA ASP G 108 13.74 -20.82 63.45
C ASP G 108 12.41 -21.58 63.42
N ILE G 109 11.32 -20.90 63.04
CA ILE G 109 10.05 -21.57 62.78
C ILE G 109 9.58 -21.11 61.40
N ALA G 110 9.24 -22.06 60.54
CA ALA G 110 8.75 -21.73 59.20
C ALA G 110 7.73 -22.77 58.73
N THR G 111 6.99 -22.42 57.69
CA THR G 111 6.03 -23.37 57.10
C THR G 111 6.58 -23.97 55.80
N PHE G 112 5.93 -25.03 55.31
CA PHE G 112 6.29 -25.64 54.03
C PHE G 112 5.12 -26.43 53.49
N ASP G 113 5.15 -26.72 52.19
CA ASP G 113 4.11 -27.54 51.56
C ASP G 113 4.66 -28.39 50.40
N SER G 114 5.99 -28.48 50.27
CA SER G 114 6.60 -29.27 49.19
C SER G 114 7.89 -29.96 49.66
N SER G 115 8.25 -31.04 48.98
CA SER G 115 9.50 -31.75 49.27
C SER G 115 10.75 -30.93 48.92
N PHE G 116 10.68 -30.11 47.86
CA PHE G 116 11.81 -29.25 47.48
C PHE G 116 12.10 -28.18 48.55
N GLU G 117 11.05 -27.72 49.24
CA GLU G 117 11.24 -26.78 50.34
C GLU G 117 11.98 -27.45 51.51
N LEU G 118 11.65 -28.72 51.76
CA LEU G 118 12.38 -29.50 52.78
C LEU G 118 13.86 -29.69 52.41
N ASP G 119 14.14 -29.91 51.13
CA ASP G 119 15.52 -30.00 50.65
C ASP G 119 16.28 -28.72 50.99
N LYS G 120 15.64 -27.57 50.78
CA LYS G 120 16.24 -26.27 51.08
C LYS G 120 16.50 -26.10 52.58
N ILE G 121 15.52 -26.49 53.39
CA ILE G 121 15.69 -26.46 54.86
C ILE G 121 16.85 -27.32 55.29
N HIS G 122 16.89 -28.56 54.79
CA HIS G 122 17.97 -29.49 55.09
C HIS G 122 19.36 -28.88 54.83
N THR G 123 19.51 -28.26 53.66
CA THR G 123 20.79 -27.72 53.22
C THR G 123 21.13 -26.41 53.91
N TYR G 124 20.14 -25.53 54.09
CA TYR G 124 20.40 -24.13 54.48
C TYR G 124 19.99 -23.71 55.88
N HIS G 125 19.02 -24.39 56.47
CA HIS G 125 18.56 -24.02 57.80
C HIS G 125 18.09 -25.30 58.53
N PRO G 126 19.00 -26.28 58.72
CA PRO G 126 18.61 -27.63 59.18
C PRO G 126 17.90 -27.67 60.52
N ASN G 127 18.15 -26.68 61.37
CA ASN G 127 17.53 -26.62 62.69
C ASN G 127 16.20 -25.84 62.70
N CYS G 128 15.70 -25.49 61.53
CA CYS G 128 14.43 -24.76 61.44
C CYS G 128 13.31 -25.74 61.76
N LYS G 129 12.46 -25.38 62.72
CA LYS G 129 11.31 -26.18 63.08
C LYS G 129 10.16 -25.91 62.11
N MET G 130 9.62 -26.97 61.53
CA MET G 130 8.74 -26.81 60.38
C MET G 130 7.27 -27.05 60.71
N ILE G 131 6.41 -26.28 60.06
CA ILE G 131 4.96 -26.43 60.20
C ILE G 131 4.42 -26.74 58.80
N LEU G 132 3.77 -27.88 58.68
CA LEU G 132 3.21 -28.31 57.41
C LEU G 132 1.89 -27.56 57.18
N ARG G 133 1.82 -26.85 56.07
CA ARG G 133 0.60 -26.15 55.67
C ARG G 133 -0.23 -27.04 54.75
N ILE G 134 -1.45 -27.33 55.15
CA ILE G 134 -2.36 -28.14 54.35
C ILE G 134 -3.39 -27.24 53.67
N ARG G 135 -3.86 -27.66 52.49
CA ARG G 135 -4.87 -26.91 51.76
C ARG G 135 -6.26 -27.23 52.33
N CYS G 136 -6.97 -26.21 52.78
CA CYS G 136 -8.38 -26.33 53.23
C CYS G 136 -9.08 -25.03 52.90
N ASP G 137 -9.87 -25.00 51.84
CA ASP G 137 -10.38 -23.70 51.33
C ASP G 137 -11.73 -23.30 51.91
N ASP G 138 -11.92 -22.00 52.05
CA ASP G 138 -13.22 -21.38 52.22
C ASP G 138 -13.64 -20.95 50.81
N PRO G 139 -14.60 -21.65 50.20
CA PRO G 139 -14.95 -21.28 48.82
C PRO G 139 -15.65 -19.92 48.72
N ASN G 140 -16.04 -19.34 49.85
CA ASN G 140 -16.62 -18.00 49.89
C ASN G 140 -15.66 -16.90 50.37
N ALA G 141 -14.39 -17.24 50.56
CA ALA G 141 -13.37 -16.25 50.94
C ALA G 141 -13.14 -15.22 49.85
N THR G 142 -12.86 -13.99 50.26
CA THR G 142 -12.66 -12.87 49.32
C THR G 142 -11.47 -13.13 48.39
N VAL G 143 -10.30 -13.45 48.98
CA VAL G 143 -9.13 -13.77 48.18
C VAL G 143 -8.76 -15.25 48.35
N GLN G 144 -8.82 -16.01 47.26
CA GLN G 144 -8.52 -17.46 47.27
C GLN G 144 -7.02 -17.75 47.30
N LEU G 145 -6.61 -18.75 48.10
CA LEU G 145 -5.18 -19.09 48.30
C LEU G 145 -4.82 -20.54 47.97
N GLY G 146 -5.83 -21.41 47.87
CA GLY G 146 -5.67 -22.87 47.84
C GLY G 146 -4.92 -23.44 46.64
N ASN G 147 -5.25 -22.95 45.45
CA ASN G 147 -4.52 -23.32 44.24
C ASN G 147 -3.00 -23.19 44.41
N LYS G 148 -2.57 -22.07 44.99
CA LYS G 148 -1.17 -21.71 45.08
C LYS G 148 -0.42 -22.31 46.28
N PHE G 149 -1.12 -22.49 47.41
CA PHE G 149 -0.45 -22.89 48.65
C PHE G 149 -1.16 -24.02 49.38
N GLY G 150 -0.40 -24.85 50.09
CA GLY G 150 -0.96 -25.89 50.93
C GLY G 150 -0.86 -27.27 50.31
N ALA G 151 -0.52 -28.25 51.13
CA ALA G 151 -0.44 -29.63 50.67
C ALA G 151 -1.82 -30.23 50.48
N ASN G 152 -1.97 -31.00 49.42
CA ASN G 152 -3.17 -31.81 49.24
C ASN G 152 -3.17 -32.97 50.23
N GLU G 153 -4.37 -33.43 50.58
CA GLU G 153 -4.53 -34.54 51.50
C GLU G 153 -3.63 -35.74 51.13
N ASP G 154 -3.54 -36.06 49.84
CA ASP G 154 -2.78 -37.23 49.40
C ASP G 154 -1.25 -37.07 49.44
N GLU G 155 -0.78 -35.86 49.75
CA GLU G 155 0.65 -35.59 49.86
C GLU G 155 1.14 -35.58 51.28
N ILE G 156 0.20 -35.52 52.23
CA ILE G 156 0.57 -35.25 53.63
C ILE G 156 1.50 -36.30 54.24
N ARG G 157 1.17 -37.58 54.09
CA ARG G 157 2.04 -38.63 54.62
C ARG G 157 3.44 -38.59 54.02
N HIS G 158 3.51 -38.50 52.69
CA HIS G 158 4.80 -38.46 51.99
C HIS G 158 5.65 -37.31 52.51
N LEU G 159 5.06 -36.11 52.61
CA LEU G 159 5.77 -34.92 53.09
C LEU G 159 6.32 -35.09 54.49
N LEU G 160 5.52 -35.68 55.37
CA LEU G 160 5.93 -35.90 56.76
C LEU G 160 7.04 -36.95 56.86
N GLU G 161 6.96 -37.96 56.00
CA GLU G 161 8.00 -39.00 55.92
C GLU G 161 9.27 -38.42 55.35
N TYR G 162 9.15 -37.57 54.33
CA TYR G 162 10.30 -36.90 53.72
C TYR G 162 11.06 -36.04 54.73
N ALA G 163 10.31 -35.29 55.56
CA ALA G 163 10.91 -34.48 56.62
C ALA G 163 11.70 -35.33 57.63
N LYS G 164 11.07 -36.44 58.04
CA LYS G 164 11.69 -37.36 59.00
C LYS G 164 12.99 -37.96 58.44
N GLN G 165 12.96 -38.34 57.17
CA GLN G 165 14.11 -38.90 56.46
C GLN G 165 15.26 -37.89 56.44
N LEU G 166 14.94 -36.60 56.47
CA LEU G 166 15.96 -35.54 56.44
C LEU G 166 16.31 -34.97 57.81
N ASP G 167 15.84 -35.60 58.88
CA ASP G 167 16.08 -35.15 60.26
C ASP G 167 15.54 -33.72 60.48
N ILE G 168 14.45 -33.40 59.78
CA ILE G 168 13.76 -32.13 59.96
C ILE G 168 12.62 -32.33 60.97
N GLU G 169 12.59 -31.50 61.99
CA GLU G 169 11.53 -31.54 63.01
C GLU G 169 10.26 -30.83 62.54
N VAL G 170 9.17 -31.57 62.39
CA VAL G 170 7.86 -31.00 62.09
C VAL G 170 7.11 -30.81 63.40
N ILE G 171 6.83 -29.56 63.77
CA ILE G 171 6.28 -29.23 65.09
C ILE G 171 4.79 -28.88 65.07
N GLY G 172 4.19 -28.86 63.88
CA GLY G 172 2.79 -28.47 63.78
C GLY G 172 2.20 -28.50 62.40
N ILE G 173 0.93 -28.08 62.34
CA ILE G 173 0.14 -28.04 61.11
C ILE G 173 -0.49 -26.66 61.02
N SER G 174 -0.49 -26.08 59.82
CA SER G 174 -1.18 -24.82 59.57
C SER G 174 -2.11 -24.92 58.38
N PHE G 175 -3.03 -23.98 58.29
CA PHE G 175 -3.85 -23.78 57.10
C PHE G 175 -4.19 -22.30 57.00
N HIS G 176 -4.65 -21.89 55.83
CA HIS G 176 -5.27 -20.59 55.65
C HIS G 176 -6.45 -20.82 54.73
N VAL G 177 -7.67 -20.60 55.24
CA VAL G 177 -8.88 -20.88 54.44
C VAL G 177 -9.09 -19.89 53.29
N GLY G 178 -8.38 -18.77 53.35
CA GLY G 178 -8.51 -17.72 52.36
C GLY G 178 -8.57 -16.39 53.08
N SER G 179 -8.14 -15.33 52.42
CA SER G 179 -8.10 -14.03 53.05
C SER G 179 -9.49 -13.39 52.91
N GLY G 180 -10.03 -12.90 54.03
CA GLY G 180 -11.38 -12.34 54.08
C GLY G 180 -12.43 -13.43 54.09
N SER G 181 -12.52 -14.16 55.20
CA SER G 181 -13.44 -15.28 55.35
C SER G 181 -14.51 -14.95 56.39
N ARG G 182 -15.75 -15.27 56.06
CA ARG G 182 -16.88 -15.13 56.98
C ARG G 182 -17.67 -16.44 57.03
N ASN G 183 -16.96 -17.55 56.82
CA ASN G 183 -17.54 -18.89 56.74
C ASN G 183 -17.01 -19.71 57.92
N PRO G 184 -17.76 -19.80 59.03
CA PRO G 184 -17.27 -20.57 60.18
C PRO G 184 -17.04 -22.07 59.92
N GLU G 185 -17.87 -22.68 59.06
CA GLU G 185 -17.72 -24.09 58.70
C GLU G 185 -16.34 -24.39 58.10
N ALA G 186 -15.84 -23.46 57.27
CA ALA G 186 -14.53 -23.59 56.64
C ALA G 186 -13.44 -23.82 57.69
N TYR G 187 -13.50 -23.05 58.78
CA TYR G 187 -12.50 -23.21 59.85
C TYR G 187 -12.70 -24.51 60.62
N TYR G 188 -13.95 -24.85 60.88
CA TYR G 188 -14.27 -26.08 61.59
C TYR G 188 -13.73 -27.29 60.83
N ARG G 189 -14.00 -27.35 59.52
CA ARG G 189 -13.49 -28.43 58.66
C ARG G 189 -11.97 -28.45 58.55
N ALA G 190 -11.37 -27.26 58.54
CA ALA G 190 -9.92 -27.14 58.42
C ALA G 190 -9.25 -27.60 59.71
N ILE G 191 -9.82 -27.26 60.86
CA ILE G 191 -9.29 -27.74 62.16
C ILE G 191 -9.42 -29.26 62.30
N LYS G 192 -10.54 -29.82 61.84
CA LYS G 192 -10.71 -31.27 61.77
C LYS G 192 -9.64 -31.94 60.90
N SER G 193 -9.42 -31.39 59.70
CA SER G 193 -8.40 -31.87 58.78
C SER G 193 -7.00 -31.71 59.36
N SER G 194 -6.79 -30.65 60.15
CA SER G 194 -5.51 -30.44 60.80
C SER G 194 -5.23 -31.53 61.84
N LYS G 195 -6.27 -31.95 62.57
CA LYS G 195 -6.10 -33.02 63.56
C LYS G 195 -5.67 -34.32 62.87
N GLU G 196 -6.26 -34.59 61.71
CA GLU G 196 -5.91 -35.77 60.93
C GLU G 196 -4.47 -35.74 60.43
N ALA G 197 -4.02 -34.54 60.03
CA ALA G 197 -2.63 -34.34 59.65
C ALA G 197 -1.68 -34.48 60.85
N PHE G 198 -2.09 -33.92 61.99
CA PHE G 198 -1.39 -34.04 63.26
C PHE G 198 -1.20 -35.50 63.63
N ASN G 199 -2.26 -36.30 63.50
CA ASN G 199 -2.20 -37.74 63.74
C ASN G 199 -1.27 -38.49 62.78
N GLU G 200 -1.21 -38.05 61.52
CA GLU G 200 -0.27 -38.64 60.57
C GLU G 200 1.15 -38.31 60.99
N ALA G 201 1.38 -37.09 61.45
CA ALA G 201 2.70 -36.64 61.90
C ALA G 201 3.22 -37.49 63.05
N ILE G 202 2.36 -37.71 64.04
CA ILE G 202 2.69 -38.59 65.17
C ILE G 202 2.98 -40.01 64.68
N SER G 203 2.12 -40.53 63.79
CA SER G 203 2.28 -41.89 63.26
C SER G 203 3.66 -42.07 62.63
N VAL G 204 4.09 -41.02 61.93
CA VAL G 204 5.39 -40.99 61.27
C VAL G 204 6.55 -40.87 62.27
N GLY G 205 6.30 -40.28 63.43
CA GLY G 205 7.32 -40.20 64.48
C GLY G 205 7.74 -38.80 64.89
N HIS G 206 7.10 -37.80 64.29
CA HIS G 206 7.27 -36.43 64.75
C HIS G 206 6.49 -36.25 66.04
N LYS G 207 6.79 -35.14 66.73
CA LYS G 207 6.11 -34.82 67.97
C LYS G 207 5.51 -33.42 67.88
N PRO G 208 4.45 -33.27 67.05
CA PRO G 208 3.88 -31.94 66.79
C PRO G 208 3.17 -31.39 68.02
N TYR G 209 3.18 -30.06 68.17
CA TYR G 209 2.55 -29.40 69.31
C TYR G 209 1.90 -28.08 68.92
N ILE G 210 1.92 -27.73 67.65
CA ILE G 210 1.31 -26.48 67.22
C ILE G 210 0.19 -26.68 66.20
N LEU G 211 -0.93 -26.03 66.48
CA LEU G 211 -1.96 -25.82 65.46
C LEU G 211 -1.96 -24.35 65.11
N ASP G 212 -1.90 -24.04 63.81
CA ASP G 212 -1.88 -22.66 63.34
C ASP G 212 -3.09 -22.49 62.44
N ILE G 213 -4.06 -21.69 62.88
CA ILE G 213 -5.33 -21.60 62.15
C ILE G 213 -5.30 -20.50 61.09
N GLY G 214 -4.12 -19.91 60.85
CA GLY G 214 -3.95 -18.96 59.74
C GLY G 214 -4.68 -17.64 59.98
N GLY G 215 -5.05 -16.96 58.90
CA GLY G 215 -5.71 -15.65 59.04
C GLY G 215 -7.12 -15.67 58.46
N GLY G 216 -7.54 -14.55 57.90
CA GLY G 216 -8.83 -14.49 57.18
C GLY G 216 -9.95 -13.79 57.92
N LEU G 217 -9.87 -13.70 59.24
CA LEU G 217 -10.94 -13.18 60.06
C LEU G 217 -11.06 -11.66 60.02
N HIS G 218 -12.31 -11.21 59.92
CA HIS G 218 -12.66 -9.80 60.05
C HIS G 218 -13.00 -9.48 61.49
N ALA G 219 -12.69 -8.26 61.93
CA ALA G 219 -13.22 -7.74 63.16
C ALA G 219 -14.51 -7.04 62.79
N ASP G 220 -15.61 -7.77 62.76
CA ASP G 220 -16.88 -7.19 62.33
C ASP G 220 -17.60 -6.56 63.50
N ILE G 221 -17.81 -5.25 63.40
CA ILE G 221 -18.37 -4.47 64.49
C ILE G 221 -19.78 -3.96 64.13
N ASP G 222 -20.75 -4.26 64.99
CA ASP G 222 -22.14 -3.83 64.78
C ASP G 222 -22.66 -3.24 66.08
N GLU G 223 -22.91 -1.92 66.07
CA GLU G 223 -23.37 -1.23 67.28
C GLU G 223 -22.23 -1.19 68.30
N GLY G 224 -21.01 -0.94 67.83
CA GLY G 224 -19.83 -0.93 68.69
C GLY G 224 -19.53 -2.25 69.37
N GLU G 225 -20.25 -3.31 68.97
CA GLU G 225 -20.08 -4.64 69.55
C GLU G 225 -19.41 -5.55 68.53
N LEU G 226 -18.43 -6.33 68.97
CA LEU G 226 -17.67 -7.20 68.08
C LEU G 226 -18.36 -8.56 67.99
N SER G 227 -18.65 -8.99 66.77
CA SER G 227 -19.35 -10.24 66.54
C SER G 227 -18.49 -11.45 66.94
N THR G 228 -19.16 -12.53 67.36
CA THR G 228 -18.52 -13.81 67.67
C THR G 228 -19.06 -14.93 66.77
N MET G 230 -17.78 -16.22 64.31
CA MET G 230 -16.62 -16.98 63.85
C MET G 230 -15.91 -17.60 65.04
N SER G 231 -15.59 -16.76 66.03
CA SER G 231 -14.71 -17.19 67.13
C SER G 231 -15.32 -18.32 67.95
N ASP G 232 -16.64 -18.23 68.16
CA ASP G 232 -17.32 -19.24 68.95
C ASP G 232 -17.20 -20.59 68.28
N TYR G 233 -17.34 -20.57 66.96
CA TYR G 233 -17.30 -21.79 66.19
C TYR G 233 -15.87 -22.35 66.09
N ILE G 234 -14.90 -21.46 65.97
CA ILE G 234 -13.49 -21.86 65.96
C ILE G 234 -13.09 -22.46 67.30
N ASN G 235 -13.53 -21.84 68.40
CA ASN G 235 -13.21 -22.34 69.73
C ASN G 235 -13.86 -23.69 69.99
N ASP G 236 -15.04 -23.89 69.42
CA ASP G 236 -15.69 -25.18 69.53
C ASP G 236 -14.93 -26.26 68.77
N ALA G 237 -14.41 -25.95 67.59
CA ALA G 237 -13.62 -26.92 66.83
C ALA G 237 -12.33 -27.26 67.60
N ILE G 238 -11.72 -26.25 68.21
CA ILE G 238 -10.54 -26.45 69.05
C ILE G 238 -10.88 -27.34 70.24
N ASP G 240 -13.13 -29.66 70.43
CA ASP G 240 -13.54 -30.89 69.75
C ASP G 240 -12.36 -31.74 69.31
N PHE G 241 -11.33 -31.09 68.76
CA PHE G 241 -10.21 -31.80 68.11
C PHE G 241 -8.84 -31.56 68.72
N PHE G 242 -8.67 -30.45 69.44
CA PHE G 242 -7.40 -30.15 70.13
C PHE G 242 -7.65 -29.74 71.60
N PRO G 243 -8.35 -30.58 72.37
CA PRO G 243 -8.70 -30.17 73.75
C PRO G 243 -7.50 -30.13 74.73
N GLU G 244 -6.47 -30.94 74.47
CA GLU G 244 -5.30 -31.09 75.35
C GLU G 244 -4.51 -29.80 75.55
N THR G 246 -1.61 -29.11 76.20
CA THR G 246 -0.31 -29.49 75.61
C THR G 246 -0.06 -28.95 74.20
N VAL G 247 -1.13 -28.76 73.42
CA VAL G 247 -1.03 -28.23 72.07
C VAL G 247 -1.04 -26.72 72.19
N THR G 248 -0.11 -26.07 71.50
CA THR G 248 -0.12 -24.62 71.40
C THR G 248 -0.92 -24.26 70.15
N ILE G 249 -1.88 -23.36 70.31
CA ILE G 249 -2.62 -22.86 69.16
C ILE G 249 -2.17 -21.44 68.83
N VAL G 250 -1.87 -21.21 67.55
CA VAL G 250 -1.56 -19.86 67.09
C VAL G 250 -2.45 -19.49 65.90
N ALA G 251 -2.40 -18.22 65.51
CA ALA G 251 -3.09 -17.75 64.32
C ALA G 251 -2.24 -16.72 63.61
N GLU G 252 -2.63 -16.38 62.39
CA GLU G 252 -1.90 -15.39 61.60
C GLU G 252 -2.84 -14.27 61.12
N PRO G 253 -3.47 -13.55 62.07
CA PRO G 253 -4.39 -12.48 61.67
C PRO G 253 -3.69 -11.26 61.08
N GLY G 254 -4.21 -10.74 59.96
CA GLY G 254 -3.74 -9.49 59.38
C GLY G 254 -4.86 -8.48 59.52
N ARG G 255 -5.90 -8.66 58.70
CA ARG G 255 -7.00 -7.67 58.60
C ARG G 255 -7.79 -7.50 59.90
N PHE G 256 -7.81 -8.53 60.75
CA PHE G 256 -8.54 -8.40 62.00
C PHE G 256 -8.07 -7.17 62.78
N PHE G 257 -6.75 -6.97 62.84
CA PHE G 257 -6.19 -5.83 63.58
C PHE G 257 -5.98 -4.61 62.73
N ALA G 258 -5.59 -4.82 61.47
CA ALA G 258 -5.22 -3.72 60.59
C ALA G 258 -6.39 -2.91 60.02
N GLU G 259 -7.52 -3.57 59.75
CA GLU G 259 -8.63 -2.91 59.04
C GLU G 259 -9.01 -1.55 59.65
N HIS G 260 -9.32 -1.56 60.94
CA HIS G 260 -9.84 -0.39 61.65
C HIS G 260 -8.79 0.57 62.20
N TYR G 261 -7.54 0.25 61.92
CA TYR G 261 -6.42 1.05 62.42
C TYR G 261 -6.40 2.45 61.81
N SER G 262 -6.81 2.58 60.54
CA SER G 262 -6.67 3.83 59.81
C SER G 262 -7.94 4.28 59.10
N VAL G 263 -8.05 5.58 58.91
CA VAL G 263 -8.94 6.12 57.87
C VAL G 263 -8.06 6.83 56.81
N LEU G 264 -8.51 6.84 55.57
CA LEU G 264 -7.76 7.53 54.51
C LEU G 264 -8.54 8.75 54.00
N ALA G 265 -7.97 9.94 54.20
CA ALA G 265 -8.59 11.17 53.72
C ALA G 265 -7.98 11.53 52.36
N THR G 266 -8.83 11.96 51.44
CA THR G 266 -8.40 12.31 50.09
C THR G 266 -9.24 13.49 49.61
N GLN G 267 -8.65 14.31 48.73
CA GLN G 267 -9.28 15.57 48.32
C GLN G 267 -9.78 15.51 46.88
N VAL G 268 -10.94 16.12 46.62
CA VAL G 268 -11.42 16.30 45.25
C VAL G 268 -10.48 17.29 44.55
N ILE G 269 -9.82 16.83 43.49
CA ILE G 269 -8.90 17.71 42.74
C ILE G 269 -9.40 18.10 41.36
N GLY G 270 -10.41 17.38 40.87
CA GLY G 270 -10.98 17.61 39.55
C GLY G 270 -12.44 17.22 39.52
N LYS G 271 -13.18 17.76 38.56
CA LYS G 271 -14.65 17.59 38.52
C LYS G 271 -15.17 17.77 37.10
N ARG G 272 -16.23 17.03 36.77
CA ARG G 272 -16.87 17.11 35.45
C ARG G 272 -18.34 16.79 35.72
N VAL G 273 -19.26 17.62 35.23
CA VAL G 273 -20.68 17.32 35.37
C VAL G 273 -21.26 17.19 33.97
N ARG G 274 -21.74 16.00 33.64
CA ARG G 274 -22.25 15.72 32.29
C ARG G 274 -23.57 15.01 32.40
N ASP G 275 -24.62 15.63 31.85
CA ASP G 275 -25.95 15.02 31.80
C ASP G 275 -26.38 14.43 33.16
N GLY G 276 -26.23 15.23 34.20
CA GLY G 276 -26.72 14.86 35.54
C GLY G 276 -25.84 13.89 36.31
N LEU G 277 -24.69 13.52 35.74
CA LEU G 277 -23.74 12.62 36.39
C LEU G 277 -22.55 13.45 36.87
N TYR G 278 -22.20 13.30 38.14
CA TYR G 278 -21.15 14.11 38.78
C TYR G 278 -19.89 13.29 38.92
N GLU G 279 -18.87 13.66 38.15
CA GLU G 279 -17.65 12.89 38.08
C GLU G 279 -16.53 13.62 38.82
N TYR G 280 -15.88 12.93 39.75
CA TYR G 280 -14.84 13.57 40.55
C TYR G 280 -13.54 12.81 40.45
N PHE G 281 -12.44 13.56 40.56
CA PHE G 281 -11.11 12.97 40.55
C PHE G 281 -10.46 13.32 41.87
N PHE G 282 -9.84 12.32 42.49
CA PHE G 282 -9.24 12.49 43.81
C PHE G 282 -7.74 12.38 43.73
N ASN G 283 -7.05 12.86 44.76
CA ASN G 283 -5.60 12.69 44.79
C ASN G 283 -5.17 11.34 45.39
N GLU G 284 -5.98 10.32 45.10
CA GLU G 284 -5.68 8.94 45.44
C GLU G 284 -6.08 8.10 44.24
N SER G 285 -5.73 6.82 44.26
CA SER G 285 -6.08 5.95 43.16
C SER G 285 -6.03 4.47 43.53
N THR G 286 -6.53 3.65 42.62
CA THR G 286 -6.43 2.19 42.77
C THR G 286 -4.96 1.73 42.70
N TYR G 287 -4.09 2.60 42.17
CA TYR G 287 -2.65 2.34 42.18
C TYR G 287 -1.96 2.98 43.39
N GLY G 288 -2.73 3.71 44.20
CA GLY G 288 -2.26 4.25 45.47
C GLY G 288 -2.81 3.38 46.60
N GLY G 289 -3.72 3.93 47.38
CA GLY G 289 -4.27 3.23 48.54
C GLY G 289 -5.54 2.43 48.28
N PHE G 290 -6.02 2.41 47.05
CA PHE G 290 -7.32 1.76 46.75
C PHE G 290 -7.23 0.47 45.93
N SER G 291 -6.12 -0.26 46.09
CA SER G 291 -5.94 -1.53 45.37
C SER G 291 -7.00 -2.58 45.70
N ASN G 292 -7.61 -2.46 46.89
CA ASN G 292 -8.69 -3.35 47.30
C ASN G 292 -9.93 -3.25 46.41
N VAL G 293 -10.09 -2.12 45.72
CA VAL G 293 -11.17 -1.99 44.72
C VAL G 293 -10.98 -3.03 43.59
N ILE G 294 -9.72 -3.24 43.22
CA ILE G 294 -9.36 -4.22 42.21
C ILE G 294 -9.33 -5.64 42.78
N PHE G 295 -8.63 -5.84 43.90
CA PHE G 295 -8.27 -7.18 44.39
C PHE G 295 -9.24 -7.82 45.37
N GLU G 296 -10.06 -7.00 46.01
CA GLU G 296 -11.02 -7.50 46.96
C GLU G 296 -12.44 -7.04 46.65
N LYS G 297 -12.64 -6.52 45.43
CA LYS G 297 -13.96 -6.05 44.98
C LYS G 297 -14.61 -5.06 45.95
N SER G 298 -13.80 -4.19 46.57
CA SER G 298 -14.32 -3.22 47.52
C SER G 298 -15.11 -2.15 46.77
N VAL G 299 -16.27 -1.77 47.33
CA VAL G 299 -17.05 -0.65 46.77
C VAL G 299 -17.24 0.36 47.88
N PRO G 300 -16.23 1.21 48.10
CA PRO G 300 -16.25 2.05 49.30
C PRO G 300 -17.01 3.36 49.15
N THR G 301 -17.72 3.73 50.22
CA THR G 301 -18.45 4.99 50.32
C THR G 301 -17.69 5.92 51.25
N PRO G 302 -17.34 7.12 50.75
CA PRO G 302 -16.64 8.07 51.59
C PRO G 302 -17.56 8.88 52.50
N GLN G 303 -16.93 9.52 53.49
CA GLN G 303 -17.62 10.41 54.41
C GLN G 303 -17.20 11.82 54.02
N LEU G 304 -18.19 12.66 53.72
CA LEU G 304 -17.90 14.06 53.39
C LEU G 304 -17.52 14.82 54.65
N LEU G 305 -16.40 15.53 54.62
CA LEU G 305 -15.96 16.28 55.80
C LEU G 305 -16.79 17.55 56.01
N ARG G 306 -17.16 18.18 54.91
CA ARG G 306 -17.99 19.37 54.95
C ARG G 306 -19.40 19.04 55.41
N ASP G 307 -19.87 19.79 56.40
CA ASP G 307 -21.22 19.67 56.93
C ASP G 307 -22.23 20.04 55.85
N VAL G 308 -23.29 19.24 55.69
CA VAL G 308 -24.40 19.60 54.80
C VAL G 308 -25.72 19.54 55.58
N PRO G 309 -26.75 20.28 55.12
CA PRO G 309 -28.04 20.17 55.81
C PRO G 309 -28.69 18.81 55.67
N ASP G 310 -29.64 18.52 56.56
CA ASP G 310 -30.32 17.22 56.59
C ASP G 310 -31.10 16.92 55.31
N ASP G 311 -31.51 17.96 54.59
CA ASP G 311 -32.25 17.81 53.34
C ASP G 311 -31.41 18.08 52.08
N GLU G 312 -30.09 18.06 52.21
CA GLU G 312 -29.19 18.22 51.06
C GLU G 312 -29.59 17.19 50.00
N GLU G 313 -29.75 17.61 48.75
CA GLU G 313 -29.99 16.67 47.64
C GLU G 313 -28.75 15.79 47.40
N TYR G 314 -28.94 14.48 47.26
CA TYR G 314 -27.85 13.59 46.80
C TYR G 314 -27.91 13.44 45.29
N VAL G 315 -26.74 13.34 44.66
CA VAL G 315 -26.64 13.26 43.21
C VAL G 315 -25.79 12.04 42.80
N PRO G 316 -26.04 11.50 41.59
CA PRO G 316 -25.29 10.29 41.20
C PRO G 316 -23.85 10.68 40.92
N SER G 317 -22.93 10.02 41.63
CA SER G 317 -21.52 10.43 41.63
C SER G 317 -20.62 9.29 41.17
N VAL G 318 -19.50 9.65 40.53
CA VAL G 318 -18.49 8.66 40.14
C VAL G 318 -17.17 9.13 40.72
N LEU G 319 -16.48 8.23 41.42
CA LEU G 319 -15.25 8.60 42.10
C LEU G 319 -14.07 8.00 41.35
N TYR G 320 -13.33 8.85 40.67
CA TYR G 320 -12.19 8.42 39.85
C TYR G 320 -10.86 8.60 40.60
N GLY G 321 -9.92 7.69 40.38
CA GLY G 321 -8.55 7.88 40.85
C GLY G 321 -7.81 8.84 39.95
N CYS G 322 -6.66 9.31 40.42
CA CYS G 322 -5.89 10.33 39.70
C CYS G 322 -5.05 9.86 38.50
N THR G 323 -4.86 8.55 38.31
CA THR G 323 -4.00 8.09 37.20
C THR G 323 -4.68 8.21 35.82
N CYS G 324 -3.90 8.08 34.75
N CYS G 324 -3.91 8.02 34.75
CA CYS G 324 -4.44 8.15 33.38
CA CYS G 324 -4.44 8.10 33.40
C CYS G 324 -5.11 6.83 32.90
C CYS G 324 -5.32 6.91 33.01
N ASP G 325 -5.19 5.82 33.77
CA ASP G 325 -5.79 4.52 33.43
C ASP G 325 -7.31 4.48 33.66
N GLY G 326 -8.06 3.93 32.70
CA GLY G 326 -9.52 3.77 32.84
C GLY G 326 -9.95 2.75 33.88
N VAL G 327 -9.05 1.83 34.25
CA VAL G 327 -9.33 0.85 35.30
C VAL G 327 -9.38 1.49 36.68
N ASP G 328 -8.75 2.66 36.79
CA ASP G 328 -8.56 3.34 38.05
C ASP G 328 -9.80 4.12 38.42
N VAL G 329 -10.79 3.41 38.93
CA VAL G 329 -12.05 3.98 39.37
C VAL G 329 -12.27 3.51 40.80
N ILE G 330 -12.38 4.46 41.72
CA ILE G 330 -12.52 4.14 43.15
C ILE G 330 -13.94 3.62 43.41
N ASN G 331 -14.92 4.28 42.82
CA ASN G 331 -16.32 3.88 42.95
C ASN G 331 -17.11 4.32 41.70
N HIS G 332 -17.67 3.34 40.97
CA HIS G 332 -18.36 3.61 39.71
C HIS G 332 -19.66 4.37 39.85
N ASN G 333 -20.36 4.16 40.98
CA ASN G 333 -21.66 4.81 41.22
C ASN G 333 -21.93 4.90 42.69
N VAL G 334 -22.09 6.12 43.17
CA VAL G 334 -22.43 6.30 44.58
C VAL G 334 -23.23 7.58 44.74
N ALA G 335 -24.28 7.54 45.55
CA ALA G 335 -25.07 8.74 45.79
C ALA G 335 -24.42 9.58 46.89
N LEU G 336 -24.14 10.86 46.61
CA LEU G 336 -23.51 11.76 47.59
C LEU G 336 -24.01 13.19 47.40
N PRO G 337 -23.87 14.05 48.43
CA PRO G 337 -24.08 15.48 48.23
C PRO G 337 -23.12 15.96 47.14
N GLU G 338 -23.49 16.98 46.36
CA GLU G 338 -22.57 17.52 45.37
C GLU G 338 -21.27 17.96 46.06
N LEU G 339 -20.14 17.56 45.46
CA LEU G 339 -18.83 17.90 45.99
C LEU G 339 -18.20 18.98 45.11
N HIS G 340 -17.21 19.69 45.67
CA HIS G 340 -16.49 20.73 44.92
C HIS G 340 -15.00 20.50 45.01
N ILE G 341 -14.25 20.99 44.02
CA ILE G 341 -12.80 20.88 44.07
C ILE G 341 -12.31 21.56 45.36
N GLY G 342 -11.52 20.85 46.15
CA GLY G 342 -11.06 21.33 47.44
C GLY G 342 -11.70 20.59 48.59
N ASP G 343 -12.84 19.94 48.34
CA ASP G 343 -13.52 19.13 49.35
C ASP G 343 -12.66 17.94 49.75
N TRP G 344 -12.58 17.70 51.05
CA TRP G 344 -11.95 16.49 51.58
C TRP G 344 -13.02 15.48 51.94
N VAL G 345 -12.75 14.22 51.62
CA VAL G 345 -13.57 13.13 52.10
C VAL G 345 -12.65 12.15 52.80
N TYR G 346 -13.23 11.19 53.49
CA TYR G 346 -12.42 10.13 54.10
C TYR G 346 -13.14 8.78 54.08
N PHE G 347 -12.33 7.73 54.02
CA PHE G 347 -12.81 6.37 53.95
C PHE G 347 -12.46 5.66 55.26
N PRO G 348 -13.49 5.32 56.07
CA PRO G 348 -13.27 4.59 57.32
C PRO G 348 -12.69 3.21 57.09
N SER G 349 -12.11 2.62 58.15
CA SER G 349 -11.63 1.24 58.12
C SER G 349 -10.76 0.93 56.90
N TRP G 350 -9.74 1.77 56.70
CA TRP G 350 -8.89 1.71 55.52
C TRP G 350 -7.44 1.37 55.86
N GLY G 351 -7.27 0.40 56.76
CA GLY G 351 -5.93 0.00 57.20
C GLY G 351 -5.43 -1.35 56.73
N ALA G 352 -6.30 -2.14 56.11
CA ALA G 352 -5.92 -3.50 55.69
C ALA G 352 -5.65 -3.58 54.18
N TYR G 353 -4.42 -3.92 53.79
CA TYR G 353 -4.03 -4.06 52.35
C TYR G 353 -4.30 -2.76 51.60
N THR G 354 -3.91 -1.65 52.23
CA THR G 354 -4.13 -0.34 51.65
C THR G 354 -2.77 0.34 51.38
N ASN G 355 -2.19 0.94 52.42
CA ASN G 355 -0.87 1.59 52.28
C ASN G 355 0.25 0.66 51.83
N VAL G 356 0.18 -0.63 52.16
CA VAL G 356 1.27 -1.56 51.81
C VAL G 356 1.35 -1.83 50.29
N LEU G 357 0.28 -1.51 49.57
CA LEU G 357 0.19 -1.82 48.15
C LEU G 357 0.33 -0.61 47.22
N THR G 358 0.77 0.51 47.79
CA THR G 358 0.97 1.74 47.02
C THR G 358 2.02 1.54 45.93
N THR G 359 1.80 2.19 44.78
CA THR G 359 2.80 2.31 43.72
C THR G 359 3.03 3.78 43.45
N SER G 360 4.07 4.08 42.69
CA SER G 360 4.28 5.46 42.26
C SER G 360 3.89 5.64 40.78
N PHE G 361 2.94 4.83 40.33
CA PHE G 361 2.51 4.89 38.93
C PHE G 361 2.02 6.29 38.62
N ASN G 362 2.41 6.82 37.46
CA ASN G 362 2.11 8.21 37.02
C ASN G 362 2.78 9.32 37.84
N GLY G 363 3.62 8.95 38.82
CA GLY G 363 4.22 9.95 39.71
C GLY G 363 3.31 10.31 40.87
N PHE G 364 2.23 9.55 41.05
CA PHE G 364 1.34 9.74 42.19
C PHE G 364 1.71 8.75 43.31
N GLY G 365 0.79 8.51 44.24
CA GLY G 365 1.03 7.49 45.29
C GLY G 365 1.67 8.00 46.59
N GLU G 366 1.87 9.31 46.70
CA GLU G 366 2.41 9.90 47.93
C GLU G 366 1.30 10.13 48.94
N TYR G 367 1.61 9.96 50.22
CA TYR G 367 0.64 10.16 51.29
C TYR G 367 1.36 10.51 52.57
N ASP G 368 0.64 11.17 53.46
CA ASP G 368 1.13 11.45 54.82
C ASP G 368 0.46 10.49 55.80
N VAL G 369 1.05 10.31 56.97
CA VAL G 369 0.43 9.49 58.01
C VAL G 369 0.43 10.31 59.30
N TYR G 370 -0.74 10.45 59.90
CA TYR G 370 -0.89 11.15 61.17
C TYR G 370 -1.38 10.19 62.23
N TYR G 371 -0.85 10.32 63.44
CA TYR G 371 -1.21 9.41 64.52
C TYR G 371 -1.97 10.16 65.59
N ILE G 372 -3.03 9.52 66.09
CA ILE G 372 -3.76 10.08 67.23
C ILE G 372 -3.83 9.10 68.39
N MET H 1 25.17 -10.62 26.98
CA MET H 1 24.37 -11.79 27.45
C MET H 1 23.93 -11.50 28.90
N ASN H 2 22.75 -11.99 29.23
CA ASN H 2 22.36 -12.13 30.63
C ASN H 2 23.26 -13.12 31.33
N SER H 3 23.65 -14.19 30.62
CA SER H 3 24.58 -15.17 31.18
C SER H 3 25.92 -14.52 31.58
N VAL H 4 26.43 -13.61 30.76
CA VAL H 4 27.66 -12.89 31.15
C VAL H 4 27.44 -11.90 32.30
N VAL H 5 26.24 -11.32 32.41
CA VAL H 5 25.91 -10.50 33.59
C VAL H 5 25.95 -11.36 34.86
N ASN H 6 25.33 -12.54 34.82
CA ASN H 6 25.33 -13.48 35.95
C ASN H 6 26.73 -13.93 36.32
N ASN H 7 27.58 -14.13 35.30
CA ASN H 7 28.97 -14.52 35.49
C ASN H 7 29.74 -13.41 36.19
N ILE H 8 29.52 -12.17 35.75
CA ILE H 8 30.11 -11.00 36.38
C ILE H 8 29.61 -10.74 37.81
N LEU H 9 28.38 -11.17 38.10
CA LEU H 9 27.72 -10.84 39.39
C LEU H 9 27.00 -12.06 39.99
N GLN H 15 24.48 -12.24 42.81
CA GLN H 15 23.16 -11.73 42.39
C GLN H 15 22.01 -12.53 43.00
N THR H 16 21.11 -11.86 43.72
CA THR H 16 19.97 -12.55 44.29
C THR H 16 18.65 -11.96 43.85
N LYS H 17 18.59 -10.64 43.67
CA LYS H 17 17.37 -9.97 43.21
C LYS H 17 17.13 -10.27 41.73
N SER H 18 15.86 -10.17 41.31
CA SER H 18 15.53 -10.11 39.89
C SER H 18 16.18 -8.84 39.34
N PHE H 19 16.39 -8.80 38.03
CA PHE H 19 17.06 -7.64 37.46
C PHE H 19 16.61 -7.37 36.03
N TYR H 20 16.46 -6.08 35.73
CA TYR H 20 16.23 -5.63 34.37
C TYR H 20 17.56 -5.48 33.64
N VAL H 21 17.62 -5.96 32.40
CA VAL H 21 18.78 -5.67 31.54
C VAL H 21 18.26 -4.73 30.46
N SER H 22 18.75 -3.49 30.49
CA SER H 22 18.19 -2.41 29.69
C SER H 22 19.19 -1.89 28.65
N SER H 23 18.72 -1.66 27.44
CA SER H 23 19.59 -1.22 26.33
C SER H 23 19.18 0.14 25.76
N PRO H 24 19.93 1.20 26.10
CA PRO H 24 19.65 2.50 25.51
C PRO H 24 19.80 2.53 23.99
N LYS H 25 20.67 1.69 23.43
CA LYS H 25 20.84 1.70 21.98
C LYS H 25 19.58 1.22 21.24
N ILE H 26 18.87 0.25 21.83
CA ILE H 26 17.58 -0.16 21.27
C ILE H 26 16.62 1.03 21.15
N VAL H 27 16.54 1.84 22.20
CA VAL H 27 15.63 2.99 22.18
C VAL H 27 16.12 4.08 21.23
N GLU H 28 17.43 4.31 21.18
CA GLU H 28 18.01 5.25 20.19
C GLU H 28 17.61 4.85 18.77
N ASP H 29 17.72 3.55 18.47
CA ASP H 29 17.33 3.04 17.16
C ASP H 29 15.83 3.19 16.87
N LEU H 30 14.98 3.02 17.89
CA LEU H 30 13.53 3.16 17.73
C LEU H 30 13.13 4.62 17.56
N ILE H 31 13.89 5.51 18.19
CA ILE H 31 13.71 6.96 18.02
C ILE H 31 13.96 7.32 16.56
N ASP H 32 15.04 6.75 16.00
CA ASP H 32 15.33 6.93 14.58
C ASP H 32 14.23 6.35 13.70
N GLN H 33 13.72 5.19 14.09
CA GLN H 33 12.63 4.55 13.35
C GLN H 33 11.33 5.33 13.45
N TRP H 34 11.08 5.92 14.62
CA TRP H 34 9.92 6.80 14.78
C TRP H 34 9.94 7.94 13.78
N THR H 35 11.09 8.60 13.66
CA THR H 35 11.25 9.70 12.71
C THR H 35 10.96 9.25 11.27
N ILE H 36 11.32 8.01 10.93
CA ILE H 36 11.12 7.47 9.59
C ILE H 36 9.64 7.10 9.39
N LEU H 37 9.05 6.42 10.37
CA LEU H 37 7.62 6.08 10.33
C LEU H 37 6.71 7.30 10.32
N PHE H 38 7.08 8.32 11.10
CA PHE H 38 6.21 9.48 11.31
C PHE H 38 6.99 10.78 11.14
N PRO H 39 7.33 11.14 9.89
CA PRO H 39 8.17 12.32 9.67
C PRO H 39 7.55 13.63 10.15
N ARG H 40 6.21 13.67 10.24
CA ARG H 40 5.54 14.91 10.64
C ARG H 40 5.28 14.99 12.15
N VAL H 41 5.51 13.90 12.87
CA VAL H 41 5.02 13.81 14.24
C VAL H 41 6.14 13.88 15.27
N THR H 42 6.09 14.90 16.12
CA THR H 42 7.08 15.02 17.20
C THR H 42 6.65 14.18 18.40
N PRO H 43 7.49 13.21 18.81
CA PRO H 43 7.11 12.39 19.98
C PRO H 43 7.34 13.10 21.33
N HIS H 44 6.33 13.05 22.19
CA HIS H 44 6.44 13.43 23.59
C HIS H 44 6.31 12.16 24.39
N TYR H 45 7.47 11.62 24.81
CA TYR H 45 7.48 10.31 25.46
C TYR H 45 6.66 10.33 26.75
N ALA H 46 5.81 9.31 26.92
CA ALA H 46 4.96 9.21 28.10
C ALA H 46 5.78 8.62 29.25
N VAL H 47 6.34 9.51 30.07
CA VAL H 47 7.23 9.12 31.19
C VAL H 47 6.60 8.04 32.09
N LYS H 48 5.28 8.07 32.22
CA LYS H 48 4.58 7.13 33.09
C LYS H 48 4.83 5.67 32.70
N CYS H 49 5.14 5.42 31.44
CA CYS H 49 5.32 4.06 30.94
C CYS H 49 6.59 3.43 31.52
N ASN H 50 7.65 4.24 31.60
CA ASN H 50 8.92 3.80 32.15
C ASN H 50 9.77 5.02 32.44
N ASN H 51 10.04 5.27 33.72
CA ASN H 51 10.71 6.50 34.13
C ASN H 51 12.18 6.26 34.50
N ASP H 52 12.74 5.15 34.02
CA ASP H 52 14.17 4.84 34.21
C ASP H 52 15.03 6.04 33.78
N GLU H 53 15.98 6.45 34.64
CA GLU H 53 16.72 7.70 34.38
C GLU H 53 17.59 7.66 33.13
N VAL H 54 18.17 6.51 32.84
CA VAL H 54 18.99 6.34 31.63
C VAL H 54 18.09 6.42 30.38
N LEU H 55 16.90 5.85 30.45
CA LEU H 55 15.94 5.95 29.35
C LEU H 55 15.58 7.41 29.06
N LEU H 56 15.30 8.16 30.12
CA LEU H 56 14.89 9.57 30.01
C LEU H 56 16.04 10.42 29.48
N LYS H 57 17.26 10.14 29.93
CA LYS H 57 18.44 10.82 29.41
C LYS H 57 18.62 10.54 27.92
N THR H 58 18.44 9.27 27.53
CA THR H 58 18.59 8.84 26.15
C THR H 58 17.63 9.61 25.26
N MET H 59 16.38 9.71 25.69
CA MET H 59 15.35 10.46 24.95
C MET H 59 15.70 11.94 24.90
N CYS H 60 16.16 12.49 26.02
CA CYS H 60 16.59 13.90 26.09
C CYS H 60 17.62 14.22 25.01
N ASP H 61 18.68 13.39 24.95
CA ASP H 61 19.79 13.59 24.03
C ASP H 61 19.43 13.39 22.56
N LYS H 62 18.38 12.61 22.31
CA LYS H 62 17.88 12.33 20.96
C LYS H 62 16.77 13.34 20.55
N ASN H 63 16.58 14.37 21.37
CA ASN H 63 15.63 15.44 21.07
C ASN H 63 14.16 15.05 21.06
N VAL H 64 13.86 13.99 21.81
CA VAL H 64 12.49 13.57 22.06
C VAL H 64 11.96 14.47 23.18
N ASN H 65 10.69 14.86 23.08
CA ASN H 65 10.07 15.68 24.12
C ASN H 65 9.32 14.77 25.11
N PHE H 66 8.55 15.36 26.01
CA PHE H 66 7.97 14.57 27.12
C PHE H 66 6.52 14.87 27.42
N ASP H 67 5.79 13.82 27.75
CA ASP H 67 4.43 13.88 28.26
C ASP H 67 4.52 13.51 29.74
N CYS H 68 4.26 14.48 30.63
CA CYS H 68 4.28 14.26 32.08
C CYS H 68 2.86 14.30 32.64
N ALA H 69 2.57 13.40 33.58
CA ALA H 69 1.21 13.23 34.11
C ALA H 69 1.02 13.91 35.46
N SER H 70 2.14 14.33 36.08
CA SER H 70 2.07 14.89 37.44
C SER H 70 3.26 15.79 37.72
N SER H 71 3.22 16.50 38.85
CA SER H 71 4.36 17.32 39.27
C SER H 71 5.61 16.46 39.46
N SER H 72 5.43 15.26 40.02
CA SER H 72 6.57 14.38 40.26
C SER H 72 7.29 13.99 38.96
N GLU H 73 6.51 13.72 37.91
CA GLU H 73 7.10 13.41 36.61
C GLU H 73 7.76 14.63 35.97
N ILE H 74 7.15 15.79 36.14
CA ILE H 74 7.77 17.04 35.67
C ILE H 74 9.15 17.23 36.32
N LYS H 75 9.19 17.11 37.64
CA LYS H 75 10.45 17.19 38.39
C LYS H 75 11.51 16.21 37.88
N LYS H 76 11.13 14.96 37.66
CA LYS H 76 12.02 13.93 37.13
C LYS H 76 12.68 14.34 35.82
N VAL H 77 11.86 14.84 34.90
CA VAL H 77 12.32 15.21 33.55
C VAL H 77 13.22 16.44 33.61
N ILE H 78 12.81 17.44 34.37
CA ILE H 78 13.61 18.65 34.54
C ILE H 78 14.98 18.32 35.18
N GLN H 79 14.97 17.46 36.18
CA GLN H 79 16.22 17.07 36.88
C GLN H 79 17.21 16.36 35.94
N ILE H 80 16.69 15.73 34.89
CA ILE H 80 17.48 15.12 33.82
C ILE H 80 18.24 16.20 33.03
N GLY H 81 17.67 17.41 33.02
CA GLY H 81 18.28 18.52 32.29
C GLY H 81 17.47 19.00 31.10
N VAL H 82 16.28 18.43 30.94
CA VAL H 82 15.39 18.78 29.83
C VAL H 82 14.77 20.16 30.13
N SER H 83 14.70 21.02 29.10
CA SER H 83 14.01 22.30 29.25
C SER H 83 12.54 22.09 29.59
N PRO H 84 12.00 22.89 30.54
CA PRO H 84 10.55 22.84 30.80
C PRO H 84 9.70 23.04 29.53
N SER H 85 10.24 23.78 28.56
CA SER H 85 9.53 24.08 27.30
C SER H 85 9.23 22.84 26.45
N ARG H 86 9.94 21.74 26.74
CA ARG H 86 9.80 20.47 26.01
C ARG H 86 8.74 19.53 26.60
N ILE H 87 8.06 19.98 27.66
CA ILE H 87 7.08 19.14 28.37
C ILE H 87 5.66 19.55 28.05
N ILE H 88 4.81 18.56 27.78
CA ILE H 88 3.35 18.76 27.76
C ILE H 88 2.77 18.05 29.00
N PHE H 89 1.99 18.78 29.78
CA PHE H 89 1.34 18.24 30.96
C PHE H 89 0.06 17.58 30.45
N ALA H 90 0.20 16.37 29.89
CA ALA H 90 -0.88 15.76 29.12
C ALA H 90 -1.81 14.93 30.01
N HIS H 91 -2.25 15.53 31.11
CA HIS H 91 -3.25 14.91 31.98
C HIS H 91 -4.41 15.89 32.08
N THR H 92 -5.63 15.45 31.79
CA THR H 92 -6.74 16.40 31.78
C THR H 92 -7.22 16.81 33.18
N MET H 93 -6.78 16.12 34.23
CA MET H 93 -7.19 16.43 35.60
C MET H 93 -5.94 16.69 36.46
N LYS H 94 -5.62 17.96 36.68
CA LYS H 94 -4.37 18.35 37.34
C LYS H 94 -4.68 19.09 38.63
N THR H 95 -3.97 18.76 39.70
CA THR H 95 -4.23 19.42 40.99
C THR H 95 -3.85 20.90 40.88
N ILE H 96 -4.55 21.74 41.63
CA ILE H 96 -4.22 23.16 41.69
C ILE H 96 -2.73 23.35 42.01
N ASP H 97 -2.23 22.61 42.99
CA ASP H 97 -0.83 22.76 43.41
C ASP H 97 0.18 22.31 42.34
N ASP H 98 -0.22 21.32 41.53
CA ASP H 98 0.60 20.90 40.39
C ASP H 98 0.59 21.92 39.27
N LEU H 99 -0.54 22.61 39.11
CA LEU H 99 -0.64 23.67 38.11
C LEU H 99 0.20 24.89 38.48
N ILE H 100 0.18 25.26 39.75
CA ILE H 100 1.00 26.37 40.25
C ILE H 100 2.47 25.99 40.04
N PHE H 101 2.81 24.75 40.39
CA PHE H 101 4.16 24.22 40.19
C PHE H 101 4.54 24.27 38.71
N ALA H 102 3.67 23.75 37.86
CA ALA H 102 3.92 23.76 36.41
C ALA H 102 4.19 25.18 35.90
N LYS H 103 3.34 26.12 36.32
CA LYS H 103 3.45 27.50 35.87
C LYS H 103 4.81 28.08 36.28
N ASP H 104 5.19 27.84 37.53
CA ASP H 104 6.48 28.34 38.04
C ASP H 104 7.69 27.71 37.32
N GLN H 105 7.64 26.40 37.10
CA GLN H 105 8.74 25.68 36.45
C GLN H 105 8.91 26.01 34.97
N GLY H 106 7.80 26.30 34.30
CA GLY H 106 7.81 26.61 32.88
C GLY H 106 7.12 25.59 31.99
N VAL H 107 6.33 24.69 32.58
CA VAL H 107 5.51 23.76 31.81
C VAL H 107 4.18 24.46 31.56
N ASP H 108 3.98 24.85 30.31
CA ASP H 108 2.87 25.73 29.97
C ASP H 108 2.10 25.27 28.73
N ILE H 109 2.07 23.95 28.53
CA ILE H 109 1.17 23.32 27.57
C ILE H 109 0.50 22.18 28.33
N ALA H 110 -0.82 22.11 28.28
CA ALA H 110 -1.57 21.09 29.04
C ALA H 110 -2.88 20.73 28.34
N THR H 111 -3.44 19.59 28.72
CA THR H 111 -4.72 19.15 28.14
C THR H 111 -5.85 19.39 29.13
N PHE H 112 -7.08 19.35 28.63
CA PHE H 112 -8.27 19.48 29.46
C PHE H 112 -9.44 18.80 28.76
N ASP H 113 -10.47 18.50 29.53
CA ASP H 113 -11.71 17.96 28.98
C ASP H 113 -12.94 18.38 29.77
N SER H 114 -12.78 19.32 30.72
CA SER H 114 -13.91 19.77 31.55
C SER H 114 -13.89 21.28 31.76
N SER H 115 -15.05 21.85 32.05
CA SER H 115 -15.13 23.30 32.35
C SER H 115 -14.44 23.64 33.67
N PHE H 116 -14.52 22.76 34.65
CA PHE H 116 -13.86 22.97 35.95
C PHE H 116 -12.35 22.99 35.83
N GLU H 117 -11.82 22.25 34.85
CA GLU H 117 -10.38 22.31 34.58
C GLU H 117 -9.99 23.69 34.05
N LEU H 118 -10.84 24.25 33.19
CA LEU H 118 -10.60 25.59 32.67
C LEU H 118 -10.67 26.65 33.76
N ASP H 119 -11.57 26.46 34.73
CA ASP H 119 -11.65 27.36 35.90
C ASP H 119 -10.33 27.38 36.66
N LYS H 120 -9.73 26.21 36.86
CA LYS H 120 -8.42 26.09 37.53
C LYS H 120 -7.31 26.75 36.73
N ILE H 121 -7.32 26.54 35.41
CA ILE H 121 -6.34 27.19 34.54
C ILE H 121 -6.42 28.70 34.66
N HIS H 122 -7.64 29.22 34.50
CA HIS H 122 -7.88 30.66 34.57
C HIS H 122 -7.30 31.29 35.84
N THR H 123 -7.51 30.63 36.99
CA THR H 123 -7.09 31.17 38.27
C THR H 123 -5.60 30.98 38.55
N TYR H 124 -5.08 29.81 38.18
CA TYR H 124 -3.75 29.40 38.64
C TYR H 124 -2.65 29.33 37.57
N HIS H 125 -3.05 29.23 36.30
CA HIS H 125 -2.07 29.09 35.21
C HIS H 125 -2.67 29.72 33.94
N PRO H 126 -3.02 31.01 34.01
CA PRO H 126 -3.91 31.62 33.01
C PRO H 126 -3.35 31.70 31.60
N ASN H 127 -2.03 31.62 31.47
CA ASN H 127 -1.42 31.66 30.15
C ASN H 127 -0.99 30.30 29.62
N CYS H 128 -1.36 29.23 30.32
CA CYS H 128 -1.07 27.88 29.84
C CYS H 128 -1.77 27.67 28.50
N LYS H 129 -1.04 27.16 27.51
CA LYS H 129 -1.60 26.87 26.20
C LYS H 129 -2.31 25.53 26.28
N MET H 130 -3.58 25.51 25.90
CA MET H 130 -4.47 24.39 26.17
C MET H 130 -4.67 23.50 24.94
N ILE H 131 -4.80 22.20 25.18
CA ILE H 131 -5.17 21.24 24.15
C ILE H 131 -6.43 20.52 24.64
N LEU H 132 -7.50 20.61 23.85
CA LEU H 132 -8.74 19.95 24.21
C LEU H 132 -8.64 18.46 23.86
N ARG H 133 -8.79 17.59 24.86
CA ARG H 133 -8.81 16.16 24.61
C ARG H 133 -10.24 15.69 24.35
N ILE H 134 -10.44 15.08 23.18
CA ILE H 134 -11.75 14.53 22.83
C ILE H 134 -11.77 13.01 22.98
N ARG H 135 -12.91 12.44 23.32
CA ARG H 135 -13.03 11.00 23.44
C ARG H 135 -13.17 10.38 22.05
N CYS H 136 -12.25 9.45 21.73
CA CYS H 136 -12.35 8.65 20.50
C CYS H 136 -11.78 7.28 20.79
N ASP H 137 -12.60 6.26 20.95
CA ASP H 137 -12.11 4.97 21.50
C ASP H 137 -11.71 3.97 20.43
N ASP H 138 -10.68 3.16 20.73
CA ASP H 138 -10.45 1.93 20.01
C ASP H 138 -11.07 0.84 20.88
N PRO H 139 -12.17 0.23 20.41
CA PRO H 139 -12.82 -0.78 21.25
C PRO H 139 -11.98 -2.07 21.45
N ASN H 140 -10.96 -2.26 20.64
CA ASN H 140 -10.06 -3.40 20.76
C ASN H 140 -8.75 -3.11 21.49
N ALA H 141 -8.60 -1.88 21.97
CA ALA H 141 -7.39 -1.52 22.72
C ALA H 141 -7.29 -2.32 24.02
N THR H 142 -6.05 -2.62 24.41
CA THR H 142 -5.79 -3.44 25.60
C THR H 142 -6.32 -2.75 26.87
N VAL H 143 -6.04 -1.46 26.99
CA VAL H 143 -6.43 -0.70 28.18
C VAL H 143 -7.36 0.44 27.74
N GLN H 144 -8.63 0.38 28.15
CA GLN H 144 -9.62 1.38 27.75
C GLN H 144 -9.49 2.66 28.58
N LEU H 145 -9.70 3.81 27.93
CA LEU H 145 -9.49 5.13 28.57
C LEU H 145 -10.67 6.08 28.42
N GLY H 146 -11.58 5.79 27.48
CA GLY H 146 -12.63 6.74 27.08
C GLY H 146 -13.68 7.03 28.13
N ASN H 147 -14.07 6.00 28.86
CA ASN H 147 -14.97 6.09 30.01
C ASN H 147 -14.59 7.28 30.93
N LYS H 148 -13.28 7.39 31.17
CA LYS H 148 -12.74 8.30 32.19
C LYS H 148 -12.27 9.66 31.64
N PHE H 149 -11.76 9.67 30.41
CA PHE H 149 -11.11 10.86 29.86
C PHE H 149 -11.64 11.23 28.47
N GLY H 150 -11.63 12.53 28.17
CA GLY H 150 -12.01 13.03 26.85
C GLY H 150 -13.40 13.58 26.78
N ALA H 151 -13.55 14.72 26.10
CA ALA H 151 -14.85 15.37 25.93
C ALA H 151 -15.68 14.59 24.92
N ASN H 152 -16.98 14.49 25.19
CA ASN H 152 -17.92 13.93 24.26
C ASN H 152 -18.16 14.93 23.12
N GLU H 153 -18.58 14.43 21.95
CA GLU H 153 -18.83 15.31 20.81
C GLU H 153 -19.75 16.47 21.15
N ASP H 154 -20.80 16.21 21.95
CA ASP H 154 -21.78 17.24 22.21
C ASP H 154 -21.34 18.33 23.18
N GLU H 155 -20.16 18.20 23.78
CA GLU H 155 -19.69 19.26 24.67
C GLU H 155 -18.51 20.06 24.13
N ILE H 156 -18.03 19.67 22.95
CA ILE H 156 -16.83 20.28 22.37
C ILE H 156 -17.01 21.80 22.16
N ARG H 157 -18.12 22.18 21.53
CA ARG H 157 -18.42 23.61 21.25
C ARG H 157 -18.44 24.42 22.56
N HIS H 158 -19.21 23.93 23.53
CA HIS H 158 -19.34 24.58 24.85
C HIS H 158 -17.99 24.77 25.54
N LEU H 159 -17.16 23.73 25.57
CA LEU H 159 -15.84 23.83 26.21
C LEU H 159 -14.92 24.84 25.54
N LEU H 160 -14.91 24.86 24.20
CA LEU H 160 -14.13 25.84 23.44
C LEU H 160 -14.63 27.26 23.69
N GLU H 161 -15.95 27.43 23.77
CA GLU H 161 -16.54 28.73 24.09
C GLU H 161 -16.19 29.19 25.50
N TYR H 162 -16.26 28.25 26.44
CA TYR H 162 -15.94 28.51 27.83
C TYR H 162 -14.48 28.97 27.98
N ALA H 163 -13.58 28.32 27.25
CA ALA H 163 -12.16 28.68 27.27
C ALA H 163 -11.94 30.10 26.74
N LYS H 164 -12.62 30.43 25.63
CA LYS H 164 -12.57 31.75 25.04
C LYS H 164 -13.03 32.83 26.03
N GLN H 165 -14.17 32.56 26.68
CA GLN H 165 -14.74 33.44 27.71
C GLN H 165 -13.75 33.72 28.84
N LEU H 166 -12.89 32.75 29.15
CA LEU H 166 -11.91 32.90 30.22
C LEU H 166 -10.55 33.38 29.73
N ASP H 167 -10.47 33.77 28.46
CA ASP H 167 -9.22 34.24 27.86
C ASP H 167 -8.15 33.15 27.89
N ILE H 168 -8.57 31.92 27.66
CA ILE H 168 -7.65 30.79 27.64
C ILE H 168 -7.37 30.39 26.19
N GLU H 169 -6.09 30.33 25.85
CA GLU H 169 -5.64 30.03 24.50
C GLU H 169 -5.72 28.52 24.25
N VAL H 170 -6.66 28.09 23.40
CA VAL H 170 -6.73 26.68 23.00
C VAL H 170 -5.95 26.52 21.71
N ILE H 171 -4.88 25.73 21.73
CA ILE H 171 -3.94 25.66 20.62
C ILE H 171 -4.08 24.39 19.78
N GLY H 172 -4.91 23.46 20.24
CA GLY H 172 -5.03 22.20 19.53
C GLY H 172 -6.00 21.20 20.11
N ILE H 173 -6.00 20.02 19.50
CA ILE H 173 -6.92 18.94 19.87
C ILE H 173 -6.10 17.67 20.07
N SER H 174 -6.40 16.90 21.11
CA SER H 174 -5.77 15.59 21.29
C SER H 174 -6.81 14.49 21.49
N PHE H 175 -6.36 13.25 21.41
CA PHE H 175 -7.16 12.09 21.78
C PHE H 175 -6.17 10.99 22.20
N HIS H 176 -6.69 9.98 22.88
CA HIS H 176 -5.97 8.73 23.09
C HIS H 176 -7.00 7.61 22.87
N VAL H 177 -6.76 6.78 21.85
CA VAL H 177 -7.72 5.72 21.49
C VAL H 177 -7.75 4.59 22.53
N GLY H 178 -6.72 4.54 23.36
CA GLY H 178 -6.56 3.48 24.36
C GLY H 178 -5.13 3.00 24.34
N SER H 179 -4.67 2.46 25.47
CA SER H 179 -3.29 2.03 25.58
C SER H 179 -3.18 0.61 25.01
N GLY H 180 -2.24 0.41 24.10
CA GLY H 180 -2.05 -0.92 23.48
C GLY H 180 -3.06 -1.12 22.37
N SER H 181 -2.91 -0.32 21.30
CA SER H 181 -3.86 -0.33 20.20
C SER H 181 -3.20 -0.88 18.95
N ARG H 182 -3.91 -1.78 18.28
CA ARG H 182 -3.46 -2.31 16.98
C ARG H 182 -4.55 -2.15 15.90
N ASN H 183 -5.39 -1.14 16.09
CA ASN H 183 -6.53 -0.89 15.21
C ASN H 183 -6.31 0.42 14.45
N PRO H 184 -5.88 0.35 13.18
CA PRO H 184 -5.59 1.63 12.49
C PRO H 184 -6.84 2.47 12.20
N GLU H 185 -7.99 1.83 12.05
CA GLU H 185 -9.23 2.57 11.75
C GLU H 185 -9.62 3.49 12.91
N ALA H 186 -9.27 3.07 14.14
CA ALA H 186 -9.53 3.90 15.32
C ALA H 186 -8.82 5.25 15.21
N TYR H 187 -7.55 5.21 14.84
CA TYR H 187 -6.74 6.42 14.68
C TYR H 187 -7.27 7.27 13.54
N TYR H 188 -7.67 6.60 12.47
CA TYR H 188 -8.24 7.30 11.32
C TYR H 188 -9.48 8.10 11.72
N ARG H 189 -10.40 7.43 12.41
CA ARG H 189 -11.65 8.07 12.82
C ARG H 189 -11.38 9.17 13.84
N ALA H 190 -10.39 8.97 14.70
CA ALA H 190 -10.07 9.94 15.74
C ALA H 190 -9.49 11.22 15.13
N ILE H 191 -8.66 11.07 14.10
CA ILE H 191 -8.06 12.23 13.42
C ILE H 191 -9.13 13.01 12.65
N LYS H 192 -10.07 12.26 12.04
CA LYS H 192 -11.23 12.87 11.39
C LYS H 192 -12.06 13.67 12.40
N SER H 193 -12.33 13.09 13.57
CA SER H 193 -13.07 13.78 14.63
C SER H 193 -12.30 15.00 15.14
N SER H 194 -10.96 14.87 15.17
CA SER H 194 -10.10 15.94 15.65
C SER H 194 -10.14 17.15 14.72
N LYS H 195 -10.18 16.90 13.41
CA LYS H 195 -10.34 18.01 12.44
C LYS H 195 -11.67 18.74 12.62
N GLU H 196 -12.74 17.98 12.89
CA GLU H 196 -14.02 18.60 13.14
C GLU H 196 -13.99 19.48 14.39
N ALA H 197 -13.31 19.01 15.43
CA ALA H 197 -13.13 19.80 16.67
C ALA H 197 -12.21 21.02 16.46
N PHE H 198 -11.15 20.82 15.69
CA PHE H 198 -10.24 21.86 15.24
C PHE H 198 -11.05 22.97 14.56
N ASN H 199 -11.93 22.57 13.65
CA ASN H 199 -12.79 23.52 12.94
C ASN H 199 -13.76 24.27 13.85
N GLU H 200 -14.28 23.57 14.87
CA GLU H 200 -15.11 24.21 15.90
C GLU H 200 -14.32 25.26 16.66
N ALA H 201 -13.07 24.93 16.98
CA ALA H 201 -12.19 25.86 17.68
C ALA H 201 -11.96 27.15 16.88
N ILE H 202 -11.76 26.99 15.56
CA ILE H 202 -11.60 28.14 14.67
C ILE H 202 -12.89 28.99 14.65
N SER H 203 -14.04 28.31 14.55
CA SER H 203 -15.33 28.97 14.53
C SER H 203 -15.56 29.83 15.78
N VAL H 204 -15.08 29.31 16.92
CA VAL H 204 -15.22 29.96 18.22
C VAL H 204 -14.30 31.18 18.35
N GLY H 205 -13.20 31.18 17.61
CA GLY H 205 -12.26 32.30 17.63
C GLY H 205 -10.86 31.95 18.09
N HIS H 206 -10.64 30.66 18.37
CA HIS H 206 -9.28 30.19 18.67
C HIS H 206 -8.49 30.07 17.40
N LYS H 207 -7.17 30.01 17.53
CA LYS H 207 -6.30 29.83 16.38
C LYS H 207 -5.45 28.57 16.60
N PRO H 208 -6.09 27.38 16.57
CA PRO H 208 -5.35 26.15 16.87
C PRO H 208 -4.34 25.76 15.79
N TYR H 209 -3.30 25.05 16.19
CA TYR H 209 -2.28 24.60 15.23
C TYR H 209 -1.66 23.27 15.62
N ILE H 210 -2.16 22.63 16.68
CA ILE H 210 -1.60 21.34 17.09
C ILE H 210 -2.62 20.21 17.01
N LEU H 211 -2.21 19.11 16.39
CA LEU H 211 -2.92 17.83 16.50
C LEU H 211 -2.06 16.92 17.35
N ASP H 212 -2.64 16.34 18.40
CA ASP H 212 -1.94 15.42 19.27
C ASP H 212 -2.61 14.05 19.14
N ILE H 213 -1.94 13.08 18.54
CA ILE H 213 -2.57 11.79 18.27
C ILE H 213 -2.45 10.80 19.43
N GLY H 214 -1.95 11.28 20.58
CA GLY H 214 -1.87 10.47 21.80
C GLY H 214 -0.92 9.29 21.68
N GLY H 215 -1.21 8.22 22.41
CA GLY H 215 -0.33 7.06 22.44
C GLY H 215 -1.01 5.79 21.94
N GLY H 216 -0.56 4.65 22.45
CA GLY H 216 -1.23 3.38 22.16
C GLY H 216 -0.47 2.44 21.24
N LEU H 217 0.48 2.97 20.47
CA LEU H 217 1.12 2.20 19.42
C LEU H 217 2.21 1.27 19.91
N HIS H 218 2.26 0.08 19.31
CA HIS H 218 3.32 -0.87 19.60
C HIS H 218 4.40 -0.74 18.54
N ALA H 219 5.65 -1.00 18.93
CA ALA H 219 6.72 -1.19 17.97
C ALA H 219 6.76 -2.66 17.60
N ASP H 220 5.92 -3.05 16.64
CA ASP H 220 5.82 -4.48 16.29
C ASP H 220 6.87 -4.87 15.27
N ILE H 221 7.73 -5.80 15.65
CA ILE H 221 8.89 -6.15 14.84
C ILE H 221 8.74 -7.54 14.20
N GLY H 224 13.19 -8.67 11.03
CA GLY H 224 13.71 -7.60 11.92
C GLY H 224 13.40 -6.19 11.43
N GLU H 225 12.20 -5.99 10.90
CA GLU H 225 11.78 -4.65 10.46
C GLU H 225 10.52 -4.26 11.24
N LEU H 226 10.37 -2.97 11.55
CA LEU H 226 9.10 -2.48 12.12
C LEU H 226 7.97 -2.52 11.09
N SER H 227 6.84 -3.06 11.50
CA SER H 227 5.65 -3.05 10.67
C SER H 227 5.19 -1.59 10.44
N THR H 228 4.71 -1.32 9.24
CA THR H 228 4.29 0.03 8.88
C THR H 228 2.78 0.11 8.75
N MET H 230 0.20 0.43 10.82
CA MET H 230 -0.42 1.49 11.61
C MET H 230 0.01 2.88 11.13
N SER H 231 1.32 3.05 10.97
CA SER H 231 1.89 4.35 10.64
C SER H 231 1.39 4.84 9.28
N ASP H 232 1.31 3.94 8.30
CA ASP H 232 0.86 4.34 6.96
C ASP H 232 -0.58 4.83 6.99
N TYR H 233 -1.41 4.19 7.81
CA TYR H 233 -2.82 4.52 7.92
C TYR H 233 -3.00 5.84 8.66
N ILE H 234 -2.21 6.03 9.72
CA ILE H 234 -2.21 7.27 10.48
C ILE H 234 -1.76 8.44 9.60
N ASN H 235 -0.65 8.26 8.88
CA ASN H 235 -0.13 9.29 7.99
C ASN H 235 -1.10 9.63 6.86
N ASP H 236 -1.86 8.64 6.39
CA ASP H 236 -2.90 8.94 5.39
C ASP H 236 -3.98 9.84 6.00
N ALA H 237 -4.38 9.56 7.24
CA ALA H 237 -5.38 10.39 7.93
C ALA H 237 -4.90 11.83 8.09
N ILE H 238 -3.63 11.97 8.47
CA ILE H 238 -3.00 13.29 8.61
C ILE H 238 -3.05 14.02 7.28
N LYS H 239 -2.70 13.33 6.20
CA LYS H 239 -2.77 13.90 4.86
C LYS H 239 -4.18 14.31 4.51
N ASP H 240 -5.13 13.40 4.70
CA ASP H 240 -6.53 13.64 4.31
C ASP H 240 -7.12 14.84 5.05
N PHE H 241 -6.77 15.00 6.32
CA PHE H 241 -7.46 15.95 7.21
C PHE H 241 -6.62 17.11 7.71
N PHE H 242 -5.31 16.90 7.79
CA PHE H 242 -4.42 17.99 8.23
C PHE H 242 -3.27 18.19 7.25
N PRO H 243 -3.58 18.39 5.96
CA PRO H 243 -2.48 18.45 4.98
C PRO H 243 -1.56 19.66 5.14
N GLU H 244 -2.11 20.74 5.70
CA GLU H 244 -1.43 22.03 5.79
C GLU H 244 -0.17 22.02 6.63
N ASP H 245 0.85 22.73 6.16
CA ASP H 245 2.15 22.82 6.85
C ASP H 245 2.07 23.74 8.07
N THR H 246 0.97 24.46 8.22
CA THR H 246 0.79 25.31 9.39
C THR H 246 0.35 24.53 10.65
N VAL H 247 0.01 23.26 10.47
CA VAL H 247 -0.35 22.38 11.59
C VAL H 247 0.84 21.54 12.04
N THR H 248 1.12 21.58 13.34
CA THR H 248 2.17 20.77 13.95
C THR H 248 1.51 19.53 14.54
N ILE H 249 2.08 18.35 14.29
CA ILE H 249 1.52 17.11 14.84
C ILE H 249 2.45 16.60 15.93
N VAL H 250 1.88 16.19 17.06
CA VAL H 250 2.66 15.57 18.14
C VAL H 250 2.00 14.26 18.54
N ALA H 251 2.72 13.43 19.29
CA ALA H 251 2.15 12.18 19.80
C ALA H 251 2.62 11.98 21.23
N GLU H 252 1.98 11.08 21.96
CA GLU H 252 2.35 10.78 23.33
C GLU H 252 2.68 9.28 23.50
N PRO H 253 3.67 8.77 22.72
CA PRO H 253 3.92 7.34 22.81
C PRO H 253 4.65 6.95 24.10
N GLY H 254 4.22 5.85 24.71
CA GLY H 254 4.92 5.28 25.85
C GLY H 254 5.50 3.93 25.43
N ARG H 255 4.63 2.94 25.26
CA ARG H 255 5.09 1.58 25.03
C ARG H 255 5.88 1.42 23.74
N PHE H 256 5.65 2.29 22.74
CA PHE H 256 6.40 2.17 21.49
C PHE H 256 7.91 2.14 21.78
N PHE H 257 8.34 3.02 22.68
CA PHE H 257 9.76 3.12 23.03
C PHE H 257 10.20 2.22 24.19
N ALA H 258 9.33 2.09 25.19
CA ALA H 258 9.68 1.42 26.43
C ALA H 258 9.64 -0.10 26.32
N GLU H 259 8.73 -0.64 25.53
CA GLU H 259 8.47 -2.09 25.55
C GLU H 259 9.76 -2.90 25.40
N HIS H 260 10.52 -2.64 24.34
CA HIS H 260 11.72 -3.41 24.00
C HIS H 260 13.01 -2.96 24.69
N TYR H 261 12.91 -1.92 25.51
CA TYR H 261 14.08 -1.36 26.20
C TYR H 261 14.74 -2.36 27.16
N SER H 262 13.92 -3.21 27.79
CA SER H 262 14.40 -4.08 28.88
C SER H 262 13.93 -5.52 28.74
N VAL H 263 14.73 -6.45 29.29
CA VAL H 263 14.24 -7.79 29.61
C VAL H 263 14.29 -7.91 31.13
N LEU H 264 13.45 -8.77 31.69
CA LEU H 264 13.43 -8.96 33.15
C LEU H 264 13.88 -10.37 33.47
N ALA H 265 15.03 -10.48 34.13
CA ALA H 265 15.58 -11.78 34.54
C ALA H 265 15.12 -12.12 35.95
N THR H 266 14.65 -13.34 36.14
CA THR H 266 14.15 -13.79 37.44
C THR H 266 14.55 -15.25 37.69
N GLN H 267 14.69 -15.59 38.95
CA GLN H 267 15.21 -16.89 39.37
C GLN H 267 14.11 -17.79 39.95
N VAL H 268 14.18 -19.08 39.63
CA VAL H 268 13.33 -20.08 40.29
C VAL H 268 13.82 -20.23 41.74
N ILE H 269 12.94 -19.89 42.67
CA ILE H 269 13.29 -19.98 44.09
C ILE H 269 12.57 -21.12 44.82
N GLY H 270 11.50 -21.64 44.22
CA GLY H 270 10.74 -22.72 44.83
C GLY H 270 10.11 -23.62 43.79
N LYS H 271 9.77 -24.85 44.18
CA LYS H 271 9.30 -25.85 43.22
C LYS H 271 8.40 -26.86 43.90
N ARG H 272 7.46 -27.41 43.13
CA ARG H 272 6.52 -28.41 43.60
C ARG H 272 6.09 -29.19 42.36
N VAL H 273 6.21 -30.51 42.40
CA VAL H 273 5.75 -31.34 41.28
C VAL H 273 4.63 -32.25 41.78
N ARG H 274 3.46 -32.14 41.16
CA ARG H 274 2.30 -32.87 41.62
C ARG H 274 1.57 -33.48 40.43
N ASP H 275 1.53 -34.81 40.38
CA ASP H 275 0.78 -35.49 39.32
C ASP H 275 1.11 -34.93 37.93
N GLY H 276 2.41 -34.76 37.67
CA GLY H 276 2.89 -34.39 36.35
C GLY H 276 2.81 -32.91 36.02
N LEU H 277 2.36 -32.10 36.98
CA LEU H 277 2.30 -30.64 36.82
C LEU H 277 3.47 -30.02 37.59
N TYR H 278 4.23 -29.15 36.93
CA TYR H 278 5.43 -28.56 37.52
C TYR H 278 5.18 -27.11 37.92
N GLU H 279 5.16 -26.86 39.23
CA GLU H 279 4.82 -25.55 39.78
C GLU H 279 6.09 -24.86 40.29
N TYR H 280 6.34 -23.65 39.80
CA TYR H 280 7.56 -22.93 40.14
C TYR H 280 7.23 -21.60 40.78
N PHE H 281 8.10 -21.18 41.69
CA PHE H 281 7.97 -19.86 42.32
C PHE H 281 9.22 -19.08 42.00
N PHE H 282 9.01 -17.81 41.63
CA PHE H 282 10.08 -16.92 41.21
C PHE H 282 10.26 -15.79 42.18
N ASN H 283 11.43 -15.16 42.16
CA ASN H 283 11.65 -13.97 42.98
C ASN H 283 11.11 -12.71 42.33
N GLU H 284 9.97 -12.87 41.66
CA GLU H 284 9.24 -11.77 41.06
C GLU H 284 7.77 -12.05 41.25
N SER H 285 6.91 -11.06 40.98
CA SER H 285 5.48 -11.28 41.19
C SER H 285 4.64 -10.28 40.42
N THR H 286 3.32 -10.52 40.40
CA THR H 286 2.39 -9.59 39.77
C THR H 286 2.33 -8.27 40.55
N TYR H 287 2.79 -8.29 41.79
CA TYR H 287 2.91 -7.10 42.61
C TYR H 287 4.30 -6.46 42.46
N GLY H 288 5.17 -7.08 41.67
CA GLY H 288 6.49 -6.54 41.38
C GLY H 288 6.52 -6.00 39.95
N GLY H 289 7.18 -6.74 39.06
CA GLY H 289 7.30 -6.33 37.67
C GLY H 289 6.25 -6.89 36.71
N PHE H 290 5.37 -7.75 37.23
CA PHE H 290 4.42 -8.48 36.36
C PHE H 290 2.97 -8.04 36.47
N SER H 291 2.75 -6.76 36.79
CA SER H 291 1.39 -6.22 36.89
C SER H 291 0.60 -6.31 35.58
N ASN H 292 1.33 -6.32 34.45
CA ASN H 292 0.68 -6.50 33.14
C ASN H 292 -0.08 -7.81 32.98
N VAL H 293 0.27 -8.82 33.80
CA VAL H 293 -0.52 -10.04 33.86
C VAL H 293 -1.96 -9.72 34.32
N ILE H 294 -2.08 -8.81 35.28
CA ILE H 294 -3.38 -8.39 35.79
C ILE H 294 -4.06 -7.38 34.86
N PHE H 295 -3.35 -6.31 34.54
CA PHE H 295 -3.95 -5.14 33.93
C PHE H 295 -3.96 -5.14 32.40
N GLU H 296 -3.12 -5.95 31.78
CA GLU H 296 -3.09 -6.02 30.32
C GLU H 296 -3.31 -7.44 29.80
N LYS H 297 -3.68 -8.34 30.70
CA LYS H 297 -3.95 -9.76 30.38
C LYS H 297 -2.75 -10.39 29.67
N SER H 298 -1.53 -10.05 30.10
CA SER H 298 -0.32 -10.63 29.53
C SER H 298 -0.19 -12.11 29.93
N VAL H 299 0.21 -12.95 28.96
CA VAL H 299 0.54 -14.36 29.22
C VAL H 299 1.96 -14.58 28.70
N PRO H 300 2.97 -14.21 29.51
CA PRO H 300 4.33 -14.18 29.02
C PRO H 300 5.05 -15.52 29.16
N THR H 301 5.88 -15.85 28.17
CA THR H 301 6.69 -17.06 28.20
C THR H 301 8.15 -16.66 28.44
N PRO H 302 8.79 -17.24 29.47
CA PRO H 302 10.18 -16.98 29.75
C PRO H 302 11.15 -17.69 28.79
N GLN H 303 12.35 -17.13 28.66
CA GLN H 303 13.48 -17.78 27.98
C GLN H 303 14.39 -18.39 29.04
N LEU H 304 14.72 -19.68 28.89
CA LEU H 304 15.69 -20.34 29.79
C LEU H 304 17.10 -19.87 29.53
N LEU H 305 17.86 -19.60 30.58
CA LEU H 305 19.26 -19.23 30.36
C LEU H 305 20.16 -20.46 30.30
N ARG H 306 19.78 -21.50 31.03
CA ARG H 306 20.48 -22.78 30.95
C ARG H 306 20.24 -23.40 29.58
N ASP H 307 21.31 -23.77 28.87
CA ASP H 307 21.14 -24.43 27.56
C ASP H 307 20.63 -25.86 27.70
N VAL H 308 19.71 -26.24 26.81
CA VAL H 308 19.14 -27.59 26.79
C VAL H 308 19.28 -28.20 25.39
N PRO H 309 19.34 -29.54 25.28
CA PRO H 309 19.42 -30.19 23.96
C PRO H 309 18.14 -29.95 23.17
N ASP H 310 18.21 -30.06 21.84
CA ASP H 310 17.03 -29.78 21.00
C ASP H 310 15.83 -30.69 21.25
N ASP H 311 16.09 -31.93 21.67
CA ASP H 311 15.02 -32.89 21.95
C ASP H 311 14.63 -32.97 23.44
N GLU H 312 15.00 -31.94 24.21
CA GLU H 312 14.60 -31.80 25.61
C GLU H 312 13.08 -31.90 25.69
N GLU H 313 12.61 -32.71 26.63
CA GLU H 313 11.18 -32.83 26.93
C GLU H 313 10.61 -31.54 27.52
N TYR H 314 9.47 -31.06 26.99
CA TYR H 314 8.72 -29.97 27.63
C TYR H 314 7.62 -30.55 28.55
N VAL H 315 7.47 -29.93 29.71
CA VAL H 315 6.50 -30.39 30.71
C VAL H 315 5.51 -29.26 31.04
N PRO H 316 4.29 -29.60 31.47
CA PRO H 316 3.33 -28.52 31.77
C PRO H 316 3.74 -27.79 33.04
N SER H 317 3.90 -26.46 32.92
CA SER H 317 4.47 -25.66 34.01
C SER H 317 3.52 -24.56 34.44
N VAL H 318 3.58 -24.20 35.72
CA VAL H 318 2.80 -23.10 36.26
C VAL H 318 3.80 -22.13 36.89
N LEU H 319 3.74 -20.86 36.51
CA LEU H 319 4.70 -19.89 37.01
C LEU H 319 4.06 -18.96 38.03
N TYR H 320 4.46 -19.13 39.29
CA TYR H 320 3.86 -18.38 40.40
C TYR H 320 4.75 -17.23 40.85
N GLY H 321 4.10 -16.15 41.27
CA GLY H 321 4.79 -15.01 41.88
C GLY H 321 5.11 -15.34 43.33
N CYS H 322 6.06 -14.61 43.91
CA CYS H 322 6.59 -14.91 45.26
C CYS H 322 5.66 -14.50 46.42
N THR H 323 4.60 -13.74 46.15
CA THR H 323 3.75 -13.27 47.26
C THR H 323 2.77 -14.31 47.81
N CYS H 324 2.19 -14.04 48.98
N CYS H 324 2.18 -13.99 48.95
CA CYS H 324 1.24 -14.98 49.60
CA CYS H 324 1.18 -14.82 49.65
C CYS H 324 -0.17 -14.95 48.98
C CYS H 324 -0.12 -15.03 48.88
N ASP H 325 -0.36 -14.17 47.91
CA ASP H 325 -1.67 -14.02 47.27
C ASP H 325 -1.90 -15.02 46.12
N GLY H 326 -3.08 -15.64 46.09
CA GLY H 326 -3.40 -16.63 45.05
C GLY H 326 -3.61 -16.01 43.68
N VAL H 327 -3.84 -14.70 43.64
CA VAL H 327 -4.01 -13.97 42.38
C VAL H 327 -2.67 -13.79 41.66
N ASP H 328 -1.60 -13.91 42.44
CA ASP H 328 -0.26 -13.64 41.97
C ASP H 328 0.30 -14.85 41.24
N VAL H 329 -0.11 -14.98 39.98
CA VAL H 329 0.31 -16.07 39.10
C VAL H 329 0.82 -15.41 37.82
N ILE H 330 2.09 -15.63 37.52
CA ILE H 330 2.73 -15.00 36.35
C ILE H 330 2.22 -15.66 35.06
N ASN H 331 2.14 -16.99 35.05
CA ASN H 331 1.61 -17.73 33.92
C ASN H 331 0.94 -19.02 34.42
N HIS H 332 -0.39 -19.13 34.23
CA HIS H 332 -1.12 -20.32 34.71
C HIS H 332 -0.72 -21.62 34.05
N ASN H 333 -0.35 -21.58 32.77
CA ASN H 333 0.00 -22.78 32.03
C ASN H 333 0.96 -22.50 30.90
N VAL H 334 2.14 -23.10 30.94
CA VAL H 334 3.11 -22.92 29.85
C VAL H 334 3.97 -24.19 29.72
N ALA H 335 4.22 -24.61 28.48
CA ALA H 335 5.10 -25.76 28.22
C ALA H 335 6.55 -25.30 28.24
N LEU H 336 7.34 -25.90 29.15
CA LEU H 336 8.75 -25.55 29.25
C LEU H 336 9.60 -26.78 29.58
N PRO H 337 10.92 -26.70 29.31
CA PRO H 337 11.83 -27.71 29.85
C PRO H 337 11.73 -27.69 31.37
N GLU H 338 11.95 -28.82 32.03
CA GLU H 338 11.90 -28.86 33.48
C GLU H 338 12.89 -27.86 34.06
N LEU H 339 12.43 -27.06 35.02
CA LEU H 339 13.30 -26.10 35.69
C LEU H 339 13.70 -26.61 37.08
N HIS H 340 14.76 -26.02 37.63
CA HIS H 340 15.27 -26.39 38.96
C HIS H 340 15.49 -25.15 39.78
N ILE H 341 15.38 -25.28 41.10
CA ILE H 341 15.66 -24.14 41.98
C ILE H 341 17.07 -23.62 41.70
N GLY H 342 17.16 -22.32 41.41
CA GLY H 342 18.43 -21.69 41.05
C GLY H 342 18.56 -21.33 39.58
N ASP H 343 17.71 -21.92 38.73
CA ASP H 343 17.67 -21.55 37.30
C ASP H 343 17.23 -20.11 37.15
N TRP H 344 17.87 -19.40 36.24
CA TRP H 344 17.45 -18.05 35.87
C TRP H 344 16.74 -18.14 34.54
N VAL H 345 15.68 -17.34 34.40
CA VAL H 345 15.01 -17.20 33.11
C VAL H 345 14.91 -15.70 32.85
N TYR H 346 14.57 -15.31 31.64
CA TYR H 346 14.25 -13.92 31.41
C TYR H 346 13.01 -13.74 30.52
N PHE H 347 12.34 -12.62 30.71
CA PHE H 347 11.16 -12.26 29.94
C PHE H 347 11.53 -11.12 29.00
N PRO H 348 11.47 -11.39 27.68
CA PRO H 348 11.83 -10.36 26.68
C PRO H 348 10.81 -9.23 26.65
N SER H 349 11.22 -8.08 26.12
CA SER H 349 10.31 -6.96 25.86
C SER H 349 9.48 -6.62 27.11
N TRP H 350 10.20 -6.39 28.21
CA TRP H 350 9.61 -6.21 29.53
C TRP H 350 9.88 -4.82 30.11
N GLY H 351 9.74 -3.79 29.25
CA GLY H 351 10.04 -2.42 29.67
C GLY H 351 8.85 -1.46 29.78
N ALA H 352 7.68 -1.87 29.33
CA ALA H 352 6.50 -1.00 29.30
C ALA H 352 5.52 -1.38 30.42
N TYR H 353 5.29 -0.46 31.35
CA TYR H 353 4.37 -0.67 32.49
C TYR H 353 4.79 -1.90 33.31
N THR H 354 6.08 -1.99 33.61
CA THR H 354 6.66 -3.11 34.34
C THR H 354 7.30 -2.60 35.62
N ASN H 355 8.51 -2.04 35.54
CA ASN H 355 9.21 -1.53 36.73
C ASN H 355 8.47 -0.36 37.42
N VAL H 356 7.73 0.45 36.65
CA VAL H 356 7.00 1.61 37.22
C VAL H 356 5.88 1.24 38.18
N LEU H 357 5.39 0.00 38.08
CA LEU H 357 4.23 -0.40 38.85
C LEU H 357 4.60 -1.33 40.01
N THR H 358 5.88 -1.37 40.35
CA THR H 358 6.39 -2.14 41.49
C THR H 358 5.72 -1.73 42.81
N THR H 359 5.39 -2.72 43.63
CA THR H 359 5.04 -2.49 45.04
C THR H 359 6.02 -3.23 45.94
N SER H 360 6.00 -2.91 47.22
CA SER H 360 6.77 -3.64 48.19
C SER H 360 5.90 -4.60 49.02
N PHE H 361 4.77 -5.00 48.45
CA PHE H 361 3.84 -5.91 49.12
C PHE H 361 4.55 -7.22 49.52
N ASN H 362 4.33 -7.65 50.77
CA ASN H 362 4.98 -8.83 51.36
C ASN H 362 6.46 -8.63 51.67
N GLY H 363 6.98 -7.45 51.34
CA GLY H 363 8.42 -7.20 51.57
C GLY H 363 9.26 -7.57 50.37
N PHE H 364 8.59 -7.89 49.25
CA PHE H 364 9.27 -8.18 48.00
C PHE H 364 9.31 -6.93 47.09
N GLY H 365 9.54 -7.09 45.80
CA GLY H 365 9.48 -5.95 44.88
C GLY H 365 10.82 -5.29 44.57
N GLU H 366 11.90 -5.76 45.19
CA GLU H 366 13.21 -5.20 44.91
C GLU H 366 13.77 -5.77 43.61
N TYR H 367 14.55 -4.95 42.89
CA TYR H 367 15.20 -5.42 41.67
C TYR H 367 16.46 -4.58 41.41
N ASP H 368 17.37 -5.12 40.60
CA ASP H 368 18.52 -4.37 40.13
C ASP H 368 18.31 -4.01 38.66
N VAL H 369 19.12 -3.07 38.17
CA VAL H 369 19.09 -2.71 36.76
C VAL H 369 20.53 -2.71 36.24
N TYR H 370 20.75 -3.43 35.14
CA TYR H 370 22.03 -3.44 34.47
C TYR H 370 21.86 -2.85 33.08
N TYR H 371 22.77 -1.95 32.70
CA TYR H 371 22.69 -1.32 31.38
C TYR H 371 23.73 -1.90 30.44
N ILE H 372 23.30 -2.19 29.22
CA ILE H 372 24.19 -2.72 28.19
C ILE H 372 24.25 -1.77 26.99
N1 PL2 I . 11.18 0.92 -58.58
C2 PL2 I . 11.44 0.27 -57.44
C2A PL2 I . 12.10 -1.13 -57.48
C3 PL2 I . 11.11 0.87 -56.22
O3 PL2 I . 11.40 0.19 -55.09
C4 PL2 I . 10.50 2.14 -56.17
C4A PL2 I . 10.10 2.84 -54.83
C5 PL2 I . 10.26 2.77 -57.40
C6 PL2 I . 10.60 2.13 -58.58
P PL2 I . 9.52 6.60 -57.16
N PL2 I . 10.94 2.41 -53.69
CA PL2 I . 10.17 2.35 -52.45
CG PL2 I . 8.78 3.66 -50.78
OP2 PL2 I . 10.22 7.66 -56.18
OP3 PL2 I . 7.94 6.62 -56.81
OP1 PL2 I . 9.79 6.93 -58.60
OP4 PL2 I . 10.13 5.19 -56.69
C5M PL2 I . 9.62 4.17 -57.46
CB PL2 I . 9.50 3.70 -52.13
CD PL2 I . 8.14 5.02 -50.43
NE PL2 I . 7.40 4.83 -49.17
CZ PL2 I . 6.48 5.67 -48.67
NH2 PL2 I . 5.87 5.34 -47.50
NH1 PL2 I . 6.17 6.81 -49.30
N1 PL2 J . -9.14 4.80 -24.96
C2 PL2 J . -8.81 5.80 -25.80
C2A PL2 J . -9.73 7.04 -25.85
C3 PL2 J . -7.64 5.72 -26.55
O3 PL2 J . -7.31 6.76 -27.36
C4 PL2 J . -6.81 4.57 -26.47
C4A PL2 J . -5.50 4.38 -27.27
C5 PL2 J . -7.23 3.54 -25.58
C6 PL2 J . -8.39 3.69 -24.84
P PL2 J . -4.28 1.10 -24.70
N PL2 J . -4.89 5.63 -27.69
CA PL2 J . -4.45 5.53 -29.10
CG PL2 J . -2.54 4.64 -30.52
OP2 PL2 J . -2.74 1.42 -24.53
OP3 PL2 J . -4.38 0.04 -25.91
OP1 PL2 J . -4.87 0.50 -23.47
OP4 PL2 J . -5.03 2.45 -25.19
C5M PL2 J . -6.38 2.28 -25.41
CB PL2 J . -3.47 4.35 -29.33
CD PL2 J . -1.46 3.55 -30.67
NE PL2 J . -0.90 3.67 -32.03
CZ PL2 J . -0.16 2.74 -32.61
NH2 PL2 J . 0.30 2.94 -33.86
NH1 PL2 J . 0.14 1.62 -31.97
N1 PL2 K . 25.33 30.63 -43.74
C2 PL2 K . 24.34 30.56 -42.83
C2A PL2 K . 23.51 31.81 -42.46
C3 PL2 K . 24.12 29.33 -42.20
O3 PL2 K . 23.11 29.26 -41.26
C4 PL2 K . 24.88 28.17 -42.51
C4A PL2 K . 24.72 26.78 -41.86
C5 PL2 K . 25.89 28.33 -43.49
C6 PL2 K . 26.06 29.57 -44.10
P PL2 K . 27.03 24.99 -45.22
N PL2 K . 23.37 26.57 -41.30
CA PL2 K . 23.52 25.77 -40.07
CG PL2 K . 23.64 23.39 -39.24
OP2 PL2 K . 26.10 23.75 -45.58
OP3 PL2 K . 28.17 24.45 -44.18
OP1 PL2 K . 27.63 25.59 -46.44
OP4 PL2 K . 26.07 26.00 -44.40
C5M PL2 K . 26.75 27.12 -43.91
CB PL2 K . 24.10 24.36 -40.36
CD PL2 K . 24.33 22.01 -39.37
NE PL2 K . 24.20 21.38 -38.05
CZ PL2 K . 24.84 20.29 -37.66
NH2 PL2 K . 24.64 19.82 -36.44
NH1 PL2 K . 25.66 19.64 -38.49
N1 PL2 L . 25.18 4.89 -13.88
C2 PL2 L . 25.51 4.63 -15.15
C2A PL2 L . 26.53 3.52 -15.48
C3 PL2 L . 24.93 5.39 -16.17
O3 PL2 L . 25.27 5.11 -17.47
C4 PL2 L . 23.98 6.39 -15.89
C4A PL2 L . 23.30 7.29 -16.96
C5 PL2 L . 23.69 6.61 -14.51
C6 PL2 L . 24.29 5.82 -13.54
P PL2 L . 20.35 8.67 -14.14
N PL2 L . 23.19 6.67 -18.30
CA PL2 L . 23.47 7.66 -19.35
CG PL2 L . 22.07 9.28 -20.73
OP2 PL2 L . 19.05 8.55 -15.00
OP3 PL2 L . 20.89 10.17 -14.29
OP1 PL2 L . 20.11 8.35 -12.68
OP4 PL2 L . 21.45 7.68 -14.77
C5M PL2 L . 22.66 7.66 -14.08
CB PL2 L . 22.49 8.88 -19.29
CD PL2 L . 21.38 10.65 -20.74
NE PL2 L . 21.77 11.34 -21.97
CZ PL2 L . 21.28 12.53 -22.29
NH2 PL2 L . 21.68 13.12 -23.41
NH1 PL2 L . 20.40 13.14 -21.50
N1 PL2 M . -15.08 -19.88 12.10
C2 PL2 M . -14.79 -20.54 13.24
C2A PL2 M . -14.09 -21.93 13.16
C3 PL2 M . -15.11 -19.96 14.46
O3 PL2 M . -14.80 -20.63 15.60
C4 PL2 M . -15.73 -18.70 14.53
C4A PL2 M . -16.15 -18.01 15.86
C5 PL2 M . -16.01 -18.07 13.31
C6 PL2 M . -15.66 -18.67 12.11
P PL2 M . -16.64 -14.23 13.55
N PL2 M . -15.36 -18.41 17.05
CA PL2 M . -16.24 -18.48 18.24
CG PL2 M . -17.70 -17.17 19.86
OP2 PL2 M . -15.97 -13.16 14.56
OP3 PL2 M . -18.22 -14.21 13.87
OP1 PL2 M . -16.39 -13.90 12.10
OP4 PL2 M . -16.06 -15.66 13.98
C5M PL2 M . -16.68 -16.67 13.28
CB PL2 M . -16.73 -17.07 18.67
CD PL2 M . -18.13 -15.75 20.36
NE PL2 M . -18.87 -15.99 21.59
CZ PL2 M . -19.77 -15.12 22.08
NH2 PL2 M . -20.40 -15.42 23.21
NH1 PL2 M . -20.05 -14.00 21.43
N1 PL2 N . -35.40 -15.72 45.75
C2 PL2 N . -35.04 -14.74 44.90
C2A PL2 N . -35.88 -13.45 44.83
C3 PL2 N . -33.90 -14.89 44.11
O3 PL2 N . -33.53 -13.87 43.28
C4 PL2 N . -33.11 -16.06 44.17
C4A PL2 N . -31.83 -16.29 43.32
C5 PL2 N . -33.55 -17.04 45.09
C6 PL2 N . -34.69 -16.84 45.85
P PL2 N . -30.71 -19.62 45.92
N PL2 N . -31.20 -15.05 42.83
CA PL2 N . -30.64 -15.24 41.48
CG PL2 N . -28.84 -16.24 40.09
OP2 PL2 N . -29.14 -19.27 46.05
OP3 PL2 N . -30.80 -20.67 44.69
OP1 PL2 N . -31.29 -20.17 47.17
OP4 PL2 N . -31.39 -18.25 45.42
C5M PL2 N . -32.76 -18.36 45.25
CB PL2 N . -29.41 -16.15 41.51
CD PL2 N . -27.62 -17.19 40.04
NE PL2 N . -27.12 -17.10 38.65
CZ PL2 N . -26.39 -18.05 38.05
NH2 PL2 N . -26.01 -17.87 36.77
NH1 PL2 N . -26.08 -19.16 38.69
N1 PL2 O . -1.09 -15.60 57.01
C2 PL2 O . -0.71 -15.94 55.76
C2A PL2 O . 0.29 -17.10 55.57
C3 PL2 O . -1.24 -15.24 54.66
O3 PL2 O . -0.86 -15.60 53.40
C4 PL2 O . -2.17 -14.19 54.84
C4A PL2 O . -2.78 -13.35 53.70
C5 PL2 O . -2.50 -13.89 56.20
C6 PL2 O . -1.96 -14.62 57.24
P PL2 O . -5.79 -11.90 56.69
N PL2 O . -2.84 -14.06 52.38
CA PL2 O . -2.63 -13.11 51.28
CG PL2 O . -3.44 -11.12 49.95
OP2 PL2 O . -7.11 -12.01 55.81
OP3 PL2 O . -5.25 -10.38 56.55
OP1 PL2 O . -6.03 -12.24 58.13
OP4 PL2 O . -4.75 -12.86 55.98
C5M PL2 O . -3.50 -12.78 56.54
CB PL2 O . -3.72 -12.02 51.17
CD PL2 O . -4.56 -10.05 49.81
NE PL2 O . -4.29 -9.25 48.61
CZ PL2 O . -4.85 -8.05 48.43
NH2 PL2 O . -4.53 -7.37 47.34
NH1 PL2 O . -5.72 -7.56 49.31
N1 PL2 P . -0.70 9.77 26.80
C2 PL2 P . -1.65 9.68 27.75
C2A PL2 P . -2.47 10.95 28.12
C3 PL2 P . -1.87 8.45 28.37
O3 PL2 P . -2.85 8.38 29.33
C4 PL2 P . -1.12 7.29 28.03
C4A PL2 P . -1.32 5.90 28.68
C5 PL2 P . -0.15 7.46 27.01
C6 PL2 P . 0.02 8.71 26.41
P PL2 P . 0.98 4.05 25.38
N PL2 P . -2.60 5.70 29.38
CA PL2 P . -2.47 4.84 30.58
CG PL2 P . -2.48 2.35 31.05
OP2 PL2 P . 0.09 2.79 25.07
OP3 PL2 P . 2.10 3.54 26.43
OP1 PL2 P . 1.62 4.62 24.15
OP4 PL2 P . 0.03 5.10 26.12
C5M PL2 P . 0.69 6.27 26.52
CB PL2 P . -1.76 3.49 30.30
CD PL2 P . -1.64 1.05 31.17
NE PL2 P . -1.85 0.52 32.54
CZ PL2 P . -1.26 -0.59 32.97
NH2 PL2 P . -1.48 -1.02 34.22
NH1 PL2 P . -0.46 -1.30 32.17
#